data_5V12
#
_entry.id   5V12
#
_cell.length_a   104.021
_cell.length_b   195.158
_cell.length_c   110.100
_cell.angle_alpha   90.00
_cell.angle_beta   91.47
_cell.angle_gamma   90.00
#
_symmetry.space_group_name_H-M   'P 1 21 1'
#
loop_
_entity.id
_entity.type
_entity.pdbx_description
1 polymer 'Hercynylcysteine sulfoxide lyase'
2 polymer 'Hercynylcysteine sulfoxide lyase'
3 non-polymer 'FORMIC ACID'
4 non-polymer (1S)-1-carboxy-2-[2-(hydroxysulfanyl)-1H-imidazol-4-yl]-N,N,N-trimethylethan-1-aminium
5 water water
#
loop_
_entity_poly.entity_id
_entity_poly.type
_entity_poly.pdbx_seq_one_letter_code
_entity_poly.pdbx_strand_id
1 'polypeptide(L)'
;MGDRGPEFVATTVELPLQQKADAAQTVTGPLPFGNSLLKEFVLDPAYRNLNHGSFGTIPSAIQQKLRSYQTAAEARPCPF
LRYQTPVLLDESRAAVANLLKVPVETVVFVANATMGVNTVLRNIVWSADGKDEILYFDTIFGACGKTIDYVIEDKRGIVS
SRCIPLIYPAEDDDVVAAFRDAIKKSREEGKRPRLAVIDVVSSMPGVRFPFEDIVKICKEEEIISCVDGAQGIGMVDLKI
TETDPDFLISNCH(LLP)WLFTPRGCAVFYVPVRNQHLIRSTLPTSHGFVPQVGNRFNPLVPAGNKSAFVSNFEFVGTVD
NSPFFCVKDAIKWREEVLGGEERIMEYMTKLAREGGQKVAEILGTRVLENSTGTLIRCAMVNIALPFVVGEDPKAPVKLT
EKEEKDVEGLYEIPHEEANMAFKWMYNVLQDEFNTFVPMTFHRRRFWARLSAQVYLEMSDFEWAGKTLKELCERVAKGEY
KESALEVDLQGDHGLSAWSHPQFEK
;
E,G,F,H,D,A,B
2 'polypeptide(L)'
;MGDRGPEFVATTVELPLQQKADAAQTVTGPLPFGNSLLKEFVLDPAYRNLNHGSFGTIPSAIQQKLRSYQTAAEARPCPF
LRYQTPVLLDESRAAVANLLKVPVETVVFVANATMGVNTVLRNIVWSADGKDEILYFDTIFGACGKTIDYVIEDKRGIVS
SRCIPLIYPAEDDDVVAAFRDAIKKSREEGKRPRLAVIDVVSSMPGVRFPFEDIVKICKEEEIISCVDGAQGIGMVDLKI
TETDPDFLISNCH(EXA)WLFTPRGCAVFYVPVRNQHLIRSTLPTSHGFVPQVGNRFNPLVPAGNKSAFVSNFEFVGTVD
NSPFFCVKDAIKWREEVLGGEERIMEYMTKLAREGGQKVAEILGTRVLENSTGTLIRCAMVNIALPFVVGEDPKAPVKLT
EKEEKDVEGLYEIPHEEANMAFKWMYNVLQDEFNTFVPMTFHRRRFWARLSAQVYLEMSDFEWAGKTLKELCERVAKGEY
KESALEVDLQGDHGLSAWSHPQFEK
;
C
#
loop_
_chem_comp.id
_chem_comp.type
_chem_comp.name
_chem_comp.formula
8QJ non-polymer (1S)-1-carboxy-2-[2-(hydroxysulfanyl)-1H-imidazol-4-yl]-N,N,N-trimethylethan-1-aminium 'C9 H16 N3 O3 S 1'
FMT non-polymer 'FORMIC ACID' 'C H2 O2'
#
# COMPACT_ATOMS: atom_id res chain seq x y z
N GLY A 29 3.85 13.73 -3.82
CA GLY A 29 3.54 13.90 -2.41
C GLY A 29 4.71 13.59 -1.49
N PRO A 30 4.46 13.57 -0.19
CA PRO A 30 5.52 13.22 0.76
C PRO A 30 6.01 11.80 0.54
N LEU A 31 7.31 11.61 0.72
CA LEU A 31 7.84 10.25 0.67
C LEU A 31 7.59 9.54 2.00
N PRO A 32 7.33 8.24 1.97
CA PRO A 32 7.19 7.49 3.22
C PRO A 32 8.51 7.43 3.97
N PHE A 33 8.40 7.28 5.28
CA PHE A 33 9.58 7.24 6.14
C PHE A 33 9.98 5.80 6.42
N GLY A 34 11.24 5.63 6.82
CA GLY A 34 11.78 4.30 7.07
C GLY A 34 12.93 3.95 6.16
N ASN A 35 13.23 2.65 6.08
CA ASN A 35 14.39 2.20 5.29
C ASN A 35 14.23 2.48 3.80
N SER A 36 13.00 2.64 3.31
CA SER A 36 12.82 2.97 1.90
C SER A 36 13.39 4.35 1.59
N LEU A 37 13.41 5.25 2.57
CA LEU A 37 13.95 6.58 2.35
C LEU A 37 15.47 6.59 2.21
N LEU A 38 16.13 5.47 2.52
CA LEU A 38 17.57 5.37 2.26
C LEU A 38 17.89 5.48 0.77
N LYS A 39 16.90 5.26 -0.10
CA LYS A 39 17.11 5.49 -1.53
C LYS A 39 17.60 6.90 -1.80
N GLU A 40 17.09 7.88 -1.05
CA GLU A 40 17.39 9.28 -1.30
C GLU A 40 18.72 9.72 -0.72
N PHE A 41 19.39 8.89 0.07
CA PHE A 41 20.65 9.24 0.70
C PHE A 41 21.79 8.46 0.04
N VAL A 42 23.02 8.78 0.45
CA VAL A 42 24.21 8.19 -0.14
C VAL A 42 25.07 7.56 0.94
N LEU A 43 24.43 6.90 1.90
CA LEU A 43 25.14 6.14 2.92
C LEU A 43 25.59 4.80 2.37
N ASP A 44 26.67 4.28 2.93
CA ASP A 44 27.16 2.96 2.56
C ASP A 44 26.10 1.91 2.88
N PRO A 45 25.68 1.09 1.92
CA PRO A 45 24.62 0.11 2.20
C PRO A 45 25.01 -0.95 3.22
N ALA A 46 26.30 -1.14 3.47
CA ALA A 46 26.74 -2.03 4.53
C ALA A 46 26.84 -1.33 5.89
N TYR A 47 26.75 -0.01 5.92
CA TYR A 47 26.89 0.77 7.15
C TYR A 47 25.51 1.14 7.67
N ARG A 48 25.29 0.92 8.96
CA ARG A 48 24.07 1.33 9.63
C ARG A 48 24.37 2.59 10.44
N ASN A 49 23.79 3.71 10.04
CA ASN A 49 24.02 4.99 10.69
C ASN A 49 23.09 5.11 11.89
N LEU A 50 23.61 4.80 13.07
CA LEU A 50 22.89 5.00 14.32
C LEU A 50 23.31 6.28 15.02
N ASN A 51 24.21 7.04 14.39
CA ASN A 51 24.93 8.13 15.00
C ASN A 51 24.79 9.40 14.17
N HIS A 52 23.57 9.70 13.74
CA HIS A 52 23.36 10.87 12.90
C HIS A 52 23.70 12.17 13.63
N GLY A 53 23.48 12.22 14.95
CA GLY A 53 23.65 13.45 15.69
C GLY A 53 25.07 13.97 15.74
N SER A 54 26.05 13.14 15.39
CA SER A 54 27.44 13.58 15.46
C SER A 54 27.80 14.48 14.29
N PHE A 55 27.56 14.01 13.05
CA PHE A 55 27.93 14.77 11.87
C PHE A 55 26.80 14.92 10.85
N GLY A 56 25.69 14.23 11.01
CA GLY A 56 24.61 14.31 10.06
C GLY A 56 24.99 13.71 8.71
N THR A 57 24.02 13.73 7.81
CA THR A 57 24.24 13.33 6.43
C THR A 57 23.29 14.11 5.55
N ILE A 58 23.52 14.04 4.24
CA ILE A 58 22.72 14.80 3.28
C ILE A 58 22.15 13.84 2.23
N PRO A 59 20.96 14.11 1.72
CA PRO A 59 20.46 13.32 0.59
C PRO A 59 21.22 13.64 -0.68
N SER A 60 21.06 12.77 -1.68
CA SER A 60 21.78 12.95 -2.93
C SER A 60 21.36 14.23 -3.65
N ALA A 61 20.08 14.60 -3.55
CA ALA A 61 19.61 15.82 -4.20
C ALA A 61 20.28 17.06 -3.62
N ILE A 62 20.65 17.03 -2.34
CA ILE A 62 21.41 18.13 -1.77
C ILE A 62 22.88 18.01 -2.14
N GLN A 63 23.36 16.77 -2.36
CA GLN A 63 24.73 16.59 -2.81
C GLN A 63 24.95 17.21 -4.19
N GLN A 64 23.98 17.04 -5.10
CA GLN A 64 24.11 17.63 -6.43
C GLN A 64 23.94 19.14 -6.40
N LYS A 65 23.24 19.68 -5.41
CA LYS A 65 23.23 21.13 -5.23
C LYS A 65 24.59 21.63 -4.80
N LEU A 66 25.20 20.98 -3.80
CA LEU A 66 26.52 21.34 -3.32
C LEU A 66 27.53 21.40 -4.46
N ARG A 67 27.53 20.39 -5.33
CA ARG A 67 28.49 20.34 -6.42
C ARG A 67 28.18 21.36 -7.50
N SER A 68 26.90 21.72 -7.67
CA SER A 68 26.54 22.78 -8.61
C SER A 68 27.14 24.11 -8.18
N TYR A 69 27.02 24.46 -6.90
CA TYR A 69 27.64 25.70 -6.41
C TYR A 69 29.15 25.64 -6.54
N GLN A 70 29.75 24.49 -6.23
CA GLN A 70 31.19 24.32 -6.43
C GLN A 70 31.58 24.55 -7.89
N THR A 71 30.77 24.02 -8.81
CA THR A 71 31.08 24.16 -10.24
C THR A 71 30.91 25.61 -10.70
N ALA A 72 29.85 26.28 -10.24
CA ALA A 72 29.67 27.69 -10.58
C ALA A 72 30.83 28.53 -10.07
N ALA A 73 31.42 28.15 -8.94
CA ALA A 73 32.52 28.92 -8.38
C ALA A 73 33.78 28.78 -9.22
N GLU A 74 34.07 27.57 -9.71
CA GLU A 74 35.27 27.36 -10.50
C GLU A 74 35.13 27.83 -11.95
N ALA A 75 33.90 27.95 -12.44
CA ALA A 75 33.70 28.38 -13.82
C ALA A 75 34.11 29.85 -14.01
N ARG A 76 33.57 30.73 -13.19
CA ARG A 76 33.87 32.17 -13.23
C ARG A 76 34.13 32.62 -11.80
N PRO A 77 35.35 32.41 -11.28
CA PRO A 77 35.61 32.62 -9.84
C PRO A 77 35.25 34.01 -9.34
N CYS A 78 35.96 35.04 -9.80
CA CYS A 78 35.69 36.39 -9.31
C CYS A 78 34.25 36.83 -9.52
N PRO A 79 33.64 36.67 -10.69
CA PRO A 79 32.23 37.10 -10.82
C PRO A 79 31.27 36.37 -9.89
N PHE A 80 31.47 35.07 -9.68
CA PHE A 80 30.54 34.31 -8.85
C PHE A 80 30.83 34.52 -7.36
N LEU A 81 32.10 34.49 -6.96
CA LEU A 81 32.43 34.53 -5.55
C LEU A 81 32.30 35.93 -4.97
N ARG A 82 32.44 36.97 -5.78
CA ARG A 82 32.36 38.34 -5.26
C ARG A 82 30.93 38.86 -5.18
N TYR A 83 30.08 38.50 -6.15
CA TYR A 83 28.77 39.13 -6.28
C TYR A 83 27.61 38.17 -6.18
N GLN A 84 27.78 36.90 -6.53
CA GLN A 84 26.72 35.92 -6.34
C GLN A 84 26.71 35.31 -4.95
N THR A 85 27.84 35.36 -4.24
CA THR A 85 27.87 34.90 -2.85
C THR A 85 26.88 35.64 -1.96
N PRO A 86 26.85 36.97 -1.93
CA PRO A 86 25.88 37.64 -1.03
C PRO A 86 24.43 37.38 -1.41
N VAL A 87 24.14 37.21 -2.70
CA VAL A 87 22.76 36.92 -3.10
C VAL A 87 22.35 35.53 -2.61
N LEU A 88 23.24 34.54 -2.77
CA LEU A 88 22.91 33.19 -2.32
C LEU A 88 22.85 33.12 -0.80
N LEU A 89 23.73 33.84 -0.10
CA LEU A 89 23.67 33.90 1.35
C LEU A 89 22.34 34.46 1.82
N ASP A 90 21.83 35.48 1.13
CA ASP A 90 20.56 36.08 1.52
C ASP A 90 19.39 35.15 1.25
N GLU A 91 19.45 34.36 0.17
CA GLU A 91 18.37 33.43 -0.12
C GLU A 91 18.28 32.33 0.94
N SER A 92 19.42 31.86 1.45
CA SER A 92 19.40 30.87 2.52
C SER A 92 18.98 31.50 3.84
N ARG A 93 19.41 32.75 4.08
CA ARG A 93 19.00 33.44 5.30
C ARG A 93 17.49 33.64 5.34
N ALA A 94 16.88 34.00 4.21
CA ALA A 94 15.43 34.15 4.16
C ALA A 94 14.74 32.81 4.38
N ALA A 95 15.32 31.72 3.87
CA ALA A 95 14.71 30.41 4.05
C ALA A 95 14.83 29.94 5.49
N VAL A 96 16.01 30.12 6.09
CA VAL A 96 16.21 29.63 7.45
C VAL A 96 15.50 30.52 8.46
N ALA A 97 15.38 31.82 8.18
CA ALA A 97 14.65 32.69 9.09
C ALA A 97 13.14 32.48 8.99
N ASN A 98 12.64 32.13 7.80
CA ASN A 98 11.21 31.87 7.66
C ASN A 98 10.80 30.63 8.43
N LEU A 99 11.68 29.64 8.54
CA LEU A 99 11.34 28.44 9.29
C LEU A 99 11.48 28.65 10.79
N LEU A 100 12.45 29.47 11.21
CA LEU A 100 12.56 29.83 12.62
C LEU A 100 11.50 30.84 13.05
N LYS A 101 10.72 31.37 12.10
CA LYS A 101 9.71 32.40 12.38
C LYS A 101 10.35 33.62 13.05
N VAL A 102 11.49 34.04 12.53
CA VAL A 102 12.24 35.16 13.07
C VAL A 102 12.54 36.12 11.92
N PRO A 103 12.80 37.40 12.24
CA PRO A 103 13.16 38.35 11.17
C PRO A 103 14.45 37.93 10.48
N VAL A 104 14.51 38.15 9.16
CA VAL A 104 15.70 37.79 8.41
C VAL A 104 16.91 38.59 8.86
N GLU A 105 16.70 39.78 9.42
CA GLU A 105 17.79 40.64 9.90
C GLU A 105 18.43 40.09 11.16
N THR A 106 17.98 38.94 11.66
CA THR A 106 18.49 38.38 12.91
C THR A 106 19.47 37.24 12.72
N VAL A 107 19.57 36.67 11.51
CA VAL A 107 20.29 35.42 11.30
C VAL A 107 21.41 35.63 10.31
N VAL A 108 22.55 34.98 10.57
CA VAL A 108 23.68 34.90 9.66
C VAL A 108 24.21 33.47 9.73
N PHE A 109 25.22 33.18 8.90
CA PHE A 109 25.78 31.84 8.81
C PHE A 109 27.24 31.84 9.26
N VAL A 110 27.59 30.87 10.11
CA VAL A 110 28.95 30.66 10.56
C VAL A 110 29.35 29.22 10.25
N ALA A 111 30.64 28.93 10.45
CA ALA A 111 31.19 27.64 10.04
C ALA A 111 30.51 26.49 10.78
N ASN A 112 30.45 26.57 12.10
CA ASN A 112 29.86 25.50 12.91
C ASN A 112 29.45 26.09 14.26
N ALA A 113 28.85 25.24 15.09
CA ALA A 113 28.40 25.68 16.41
C ALA A 113 29.58 26.11 17.28
N THR A 114 30.68 25.37 17.20
CA THR A 114 31.89 25.77 17.91
C THR A 114 32.31 27.18 17.53
N MET A 115 32.31 27.48 16.23
CA MET A 115 32.65 28.83 15.77
C MET A 115 31.62 29.85 16.26
N GLY A 116 30.36 29.46 16.35
CA GLY A 116 29.33 30.40 16.77
C GLY A 116 29.45 30.80 18.23
N VAL A 117 29.71 29.83 19.11
CA VAL A 117 29.85 30.17 20.52
C VAL A 117 31.17 30.88 20.79
N ASN A 118 32.19 30.62 19.96
CA ASN A 118 33.43 31.38 20.07
C ASN A 118 33.21 32.83 19.67
N THR A 119 32.28 33.08 18.75
CA THR A 119 31.98 34.45 18.35
C THR A 119 31.35 35.24 19.49
N VAL A 120 30.49 34.59 20.28
CA VAL A 120 29.88 35.27 21.42
C VAL A 120 30.91 35.51 22.51
N LEU A 121 31.58 34.46 22.96
CA LEU A 121 32.47 34.56 24.11
C LEU A 121 33.64 35.51 23.85
N ARG A 122 34.16 35.52 22.62
CA ARG A 122 35.31 36.35 22.29
C ARG A 122 34.95 37.81 22.06
N ASN A 123 33.66 38.15 21.99
CA ASN A 123 33.23 39.52 21.75
C ASN A 123 32.71 40.23 22.99
N ILE A 124 32.29 39.49 24.01
CA ILE A 124 31.67 40.09 25.19
C ILE A 124 32.72 40.93 25.93
N VAL A 125 32.37 42.17 26.23
CA VAL A 125 33.22 43.04 27.03
C VAL A 125 32.85 42.83 28.49
N TRP A 126 33.79 42.30 29.26
CA TRP A 126 33.53 41.98 30.65
C TRP A 126 33.73 43.21 31.54
N SER A 127 33.07 43.20 32.70
CA SER A 127 33.09 44.37 33.57
C SER A 127 34.50 44.66 34.08
N ALA A 128 34.81 45.94 34.21
CA ALA A 128 36.15 46.37 34.59
C ALA A 128 36.52 45.93 36.01
N ASP A 129 35.55 45.66 36.86
CA ASP A 129 35.83 45.25 38.23
C ASP A 129 36.28 43.81 38.35
N GLY A 130 36.29 43.06 37.25
CA GLY A 130 36.74 41.68 37.29
C GLY A 130 35.84 40.74 38.09
N LYS A 131 34.55 41.05 38.17
CA LYS A 131 33.61 40.24 38.94
C LYS A 131 32.73 39.35 38.06
N ASP A 132 32.74 39.55 36.74
CA ASP A 132 31.87 38.79 35.86
C ASP A 132 32.22 37.31 35.90
N GLU A 133 31.19 36.47 35.81
CA GLU A 133 31.34 35.03 35.83
C GLU A 133 30.53 34.42 34.71
N ILE A 134 31.08 33.38 34.09
CA ILE A 134 30.39 32.58 33.09
C ILE A 134 29.82 31.34 33.76
N LEU A 135 28.52 31.16 33.69
CA LEU A 135 27.85 30.00 34.28
C LEU A 135 27.55 28.98 33.20
N TYR A 136 27.87 27.71 33.48
CA TYR A 136 27.58 26.63 32.55
C TYR A 136 27.36 25.36 33.36
N PHE A 137 26.79 24.36 32.69
CA PHE A 137 26.55 23.05 33.29
C PHE A 137 27.63 22.08 32.83
N ASP A 138 27.90 21.08 33.68
CA ASP A 138 29.00 20.16 33.42
C ASP A 138 28.74 19.25 32.23
N THR A 139 27.51 19.20 31.71
CA THR A 139 27.22 18.49 30.48
C THR A 139 27.53 19.31 29.23
N ILE A 140 28.29 20.40 29.38
CA ILE A 140 28.60 21.26 28.25
C ILE A 140 29.45 20.50 27.24
N PHE A 141 29.31 20.86 25.97
CA PHE A 141 30.15 20.29 24.94
C PHE A 141 31.61 20.63 25.21
N GLY A 142 32.50 19.65 25.01
CA GLY A 142 33.89 19.82 25.38
C GLY A 142 34.52 21.04 24.75
N ALA A 143 34.31 21.23 23.44
CA ALA A 143 34.87 22.39 22.76
C ALA A 143 34.34 23.70 23.35
N CYS A 144 33.05 23.74 23.68
CA CYS A 144 32.49 24.92 24.31
C CYS A 144 33.05 25.13 25.71
N GLY A 145 33.18 24.05 26.49
CA GLY A 145 33.81 24.17 27.80
C GLY A 145 35.25 24.59 27.70
N LYS A 146 36.00 24.04 26.74
CA LYS A 146 37.38 24.46 26.52
C LYS A 146 37.45 25.92 26.08
N THR A 147 36.41 26.40 25.40
CA THR A 147 36.39 27.80 24.99
C THR A 147 36.32 28.72 26.20
N ILE A 148 35.52 28.35 27.20
CA ILE A 148 35.44 29.11 28.44
C ILE A 148 36.81 29.18 29.10
N ASP A 149 37.52 28.05 29.17
CA ASP A 149 38.82 28.02 29.80
C ASP A 149 39.80 28.96 29.11
N TYR A 150 39.82 28.96 27.77
CA TYR A 150 40.75 29.82 27.06
C TYR A 150 40.36 31.30 27.19
N VAL A 151 39.07 31.60 27.09
CA VAL A 151 38.63 32.98 27.24
C VAL A 151 39.04 33.53 28.60
N ILE A 152 38.89 32.73 29.66
CA ILE A 152 39.39 33.11 30.97
C ILE A 152 40.89 33.33 30.92
N GLU A 153 41.61 32.45 30.22
CA GLU A 153 43.05 32.64 30.03
C GLU A 153 43.32 33.83 29.12
N ASP A 154 42.49 34.02 28.09
CA ASP A 154 42.73 35.11 27.14
C ASP A 154 42.45 36.47 27.77
N LYS A 155 41.44 36.55 28.63
CA LYS A 155 41.11 37.79 29.30
C LYS A 155 41.91 38.01 30.59
N ARG A 156 42.88 37.12 30.87
CA ARG A 156 43.81 37.28 31.99
C ARG A 156 43.08 37.40 33.32
N GLY A 157 41.98 36.66 33.48
CA GLY A 157 41.31 36.60 34.75
C GLY A 157 40.35 37.74 35.04
N ILE A 158 40.07 38.61 34.08
CA ILE A 158 39.02 39.60 34.28
C ILE A 158 37.65 38.94 34.30
N VAL A 159 37.56 37.69 33.82
CA VAL A 159 36.33 36.92 33.85
C VAL A 159 36.68 35.51 34.31
N SER A 160 35.77 34.90 35.06
CA SER A 160 35.93 33.53 35.54
C SER A 160 34.65 32.75 35.24
N SER A 161 34.62 31.50 35.66
CA SER A 161 33.48 30.63 35.36
C SER A 161 33.08 29.85 36.60
N ARG A 162 31.91 29.23 36.51
CA ARG A 162 31.38 28.38 37.58
C ARG A 162 30.64 27.22 36.95
N CYS A 163 31.10 26.01 37.22
CA CYS A 163 30.55 24.81 36.62
C CYS A 163 29.45 24.25 37.50
N ILE A 164 28.23 24.15 36.96
CA ILE A 164 27.08 23.60 37.67
C ILE A 164 27.05 22.09 37.39
N PRO A 165 27.40 21.25 38.35
CA PRO A 165 27.34 19.80 38.10
C PRO A 165 25.90 19.32 37.98
N LEU A 166 25.69 18.34 37.10
CA LEU A 166 24.37 17.78 36.85
C LEU A 166 24.43 16.27 36.96
N ILE A 167 23.36 15.69 37.51
CA ILE A 167 23.20 14.26 37.64
C ILE A 167 22.02 13.84 36.78
N TYR A 168 22.25 12.92 35.85
CA TYR A 168 21.18 12.42 35.00
C TYR A 168 20.82 10.98 35.36
N PRO A 169 19.53 10.61 35.23
CA PRO A 169 18.39 11.41 34.73
C PRO A 169 18.03 12.61 35.62
N ALA A 170 18.02 13.79 35.02
CA ALA A 170 17.84 15.04 35.75
C ALA A 170 16.41 15.53 35.57
N GLU A 171 15.70 15.71 36.69
CA GLU A 171 14.40 16.37 36.66
C GLU A 171 14.58 17.83 36.29
N ASP A 172 13.60 18.37 35.56
CA ASP A 172 13.70 19.75 35.09
C ASP A 172 13.78 20.73 36.26
N ASP A 173 13.01 20.49 37.32
CA ASP A 173 13.05 21.37 38.48
C ASP A 173 14.43 21.37 39.13
N ASP A 174 15.10 20.21 39.17
CA ASP A 174 16.41 20.13 39.79
C ASP A 174 17.46 20.89 39.00
N VAL A 175 17.33 20.92 37.67
CA VAL A 175 18.24 21.73 36.86
C VAL A 175 18.01 23.20 37.12
N VAL A 176 16.74 23.63 37.14
CA VAL A 176 16.41 25.02 37.41
C VAL A 176 16.87 25.41 38.81
N ALA A 177 16.64 24.54 39.80
CA ALA A 177 17.07 24.85 41.17
C ALA A 177 18.58 24.86 41.29
N ALA A 178 19.28 24.02 40.52
CA ALA A 178 20.74 24.05 40.52
C ALA A 178 21.26 25.32 39.86
N PHE A 179 20.49 25.89 38.94
CA PHE A 179 20.89 27.15 38.30
C PHE A 179 20.56 28.34 39.19
N ARG A 180 19.37 28.34 39.81
CA ARG A 180 19.01 29.40 40.74
C ARG A 180 20.03 29.50 41.87
N ASP A 181 20.45 28.35 42.40
CA ASP A 181 21.43 28.35 43.47
C ASP A 181 22.78 28.84 42.99
N ALA A 182 23.18 28.46 41.77
CA ALA A 182 24.43 28.97 41.21
C ALA A 182 24.42 30.49 41.11
N ILE A 183 23.27 31.07 40.75
CA ILE A 183 23.15 32.52 40.74
C ILE A 183 23.27 33.09 42.15
N LYS A 184 22.51 32.50 43.08
CA LYS A 184 22.55 32.96 44.47
C LYS A 184 23.95 32.80 45.06
N LYS A 185 24.61 31.69 44.78
CA LYS A 185 25.94 31.47 45.34
C LYS A 185 26.97 32.38 44.69
N SER A 186 26.83 32.66 43.38
CA SER A 186 27.79 33.52 42.70
C SER A 186 27.83 34.91 43.33
N ARG A 187 26.66 35.47 43.63
CA ARG A 187 26.61 36.79 44.24
C ARG A 187 27.14 36.79 45.66
N GLU A 188 26.94 35.69 46.40
CA GLU A 188 27.41 35.60 47.78
C GLU A 188 28.92 35.58 47.90
N GLU A 189 29.65 35.39 46.80
CA GLU A 189 31.10 35.39 46.83
C GLU A 189 31.69 36.66 46.21
N GLY A 190 30.87 37.71 46.06
CA GLY A 190 31.35 38.93 45.43
C GLY A 190 31.51 38.85 43.93
N LYS A 191 30.95 37.83 43.29
CA LYS A 191 30.97 37.69 41.85
C LYS A 191 29.63 38.11 41.25
N ARG A 192 29.65 38.37 39.95
CA ARG A 192 28.44 38.73 39.21
C ARG A 192 28.18 37.71 38.12
N PRO A 193 27.10 36.94 38.21
CA PRO A 193 26.71 36.08 37.07
C PRO A 193 26.40 36.90 35.84
N ARG A 194 27.34 36.94 34.89
CA ARG A 194 27.21 37.80 33.72
C ARG A 194 26.63 37.07 32.52
N LEU A 195 27.13 35.86 32.24
CA LEU A 195 26.77 35.13 31.03
C LEU A 195 26.56 33.66 31.38
N ALA A 196 25.50 33.07 30.82
CA ALA A 196 25.21 31.65 30.97
C ALA A 196 25.03 31.03 29.60
N VAL A 197 25.69 29.89 29.37
CA VAL A 197 25.56 29.16 28.11
C VAL A 197 24.62 27.99 28.34
N ILE A 198 23.56 27.92 27.53
CA ILE A 198 22.45 27.01 27.75
C ILE A 198 22.29 26.12 26.52
N ASP A 199 22.07 24.83 26.76
CA ASP A 199 21.85 23.87 25.68
C ASP A 199 20.37 23.77 25.38
N VAL A 200 20.03 23.63 24.10
CA VAL A 200 18.67 23.23 23.73
C VAL A 200 18.53 21.72 23.86
N VAL A 201 19.45 20.97 23.25
CA VAL A 201 19.59 19.54 23.46
C VAL A 201 21.06 19.27 23.75
N SER A 202 21.32 18.58 24.86
CA SER A 202 22.70 18.28 25.21
C SER A 202 23.30 17.26 24.26
N SER A 203 24.63 17.17 24.26
CA SER A 203 25.34 16.27 23.37
C SER A 203 25.47 14.88 23.99
N MET A 204 26.24 14.79 25.07
CA MET A 204 26.44 13.53 25.77
C MET A 204 26.07 13.68 27.25
N PRO A 205 24.91 13.14 27.65
CA PRO A 205 24.00 12.36 26.81
C PRO A 205 23.09 13.22 25.95
N GLY A 206 22.48 12.62 24.92
CA GLY A 206 21.53 13.33 24.10
C GLY A 206 20.19 13.49 24.78
N VAL A 207 19.96 14.64 25.40
CA VAL A 207 18.75 14.88 26.17
C VAL A 207 18.25 16.29 25.89
N ARG A 208 16.93 16.44 25.81
CA ARG A 208 16.31 17.75 25.69
C ARG A 208 16.49 18.51 27.00
N PHE A 209 17.08 19.67 26.92
CA PHE A 209 17.39 20.51 28.08
C PHE A 209 16.30 21.54 28.30
N PRO A 210 15.90 21.83 29.61
CA PRO A 210 14.84 22.81 29.88
C PRO A 210 15.31 24.25 29.72
N PHE A 211 15.68 24.60 28.48
CA PHE A 211 16.30 25.89 28.24
C PHE A 211 15.31 27.04 28.41
N GLU A 212 14.01 26.79 28.20
CA GLU A 212 13.02 27.85 28.32
C GLU A 212 13.02 28.44 29.73
N ASP A 213 13.04 27.57 30.75
CA ASP A 213 13.05 28.05 32.13
C ASP A 213 14.38 28.72 32.48
N ILE A 214 15.48 28.28 31.88
CA ILE A 214 16.78 28.84 32.21
C ILE A 214 16.97 30.20 31.54
N VAL A 215 16.50 30.35 30.30
CA VAL A 215 16.64 31.64 29.62
C VAL A 215 15.77 32.70 30.29
N LYS A 216 14.57 32.32 30.75
CA LYS A 216 13.72 33.28 31.43
C LYS A 216 14.36 33.76 32.73
N ILE A 217 15.01 32.85 33.47
CA ILE A 217 15.73 33.25 34.67
C ILE A 217 16.90 34.15 34.30
N CYS A 218 17.56 33.88 33.17
CA CYS A 218 18.64 34.74 32.71
C CYS A 218 18.15 36.17 32.48
N LYS A 219 16.93 36.32 31.95
CA LYS A 219 16.36 37.65 31.75
C LYS A 219 16.06 38.32 33.08
N GLU A 220 15.46 37.60 34.01
CA GLU A 220 15.11 38.17 35.31
C GLU A 220 16.36 38.60 36.07
N GLU A 221 17.42 37.79 35.99
CA GLU A 221 18.68 38.11 36.65
C GLU A 221 19.59 38.97 35.79
N GLU A 222 19.13 39.40 34.63
CA GLU A 222 19.92 40.18 33.67
C GLU A 222 21.24 39.48 33.37
N ILE A 223 21.12 38.24 32.89
CA ILE A 223 22.25 37.41 32.51
C ILE A 223 22.16 37.13 31.02
N ILE A 224 23.29 37.28 30.31
CA ILE A 224 23.33 36.97 28.88
C ILE A 224 23.03 35.49 28.69
N SER A 225 21.98 35.20 27.94
CA SER A 225 21.60 33.82 27.61
C SER A 225 22.25 33.45 26.28
N CYS A 226 23.38 32.77 26.35
CA CYS A 226 24.11 32.31 25.16
C CYS A 226 23.72 30.87 24.91
N VAL A 227 22.74 30.67 24.03
CA VAL A 227 22.08 29.38 23.87
C VAL A 227 22.83 28.54 22.86
N ASP A 228 23.45 27.45 23.33
CA ASP A 228 24.08 26.46 22.46
C ASP A 228 23.00 25.50 21.98
N GLY A 229 22.46 25.77 20.80
CA GLY A 229 21.44 24.90 20.24
C GLY A 229 21.95 24.08 19.07
N ALA A 230 23.21 23.61 19.17
CA ALA A 230 23.81 22.83 18.10
C ALA A 230 22.91 21.66 17.70
N GLN A 231 22.46 20.88 18.69
CA GLN A 231 21.42 19.86 18.46
C GLN A 231 20.07 20.56 18.50
N GLY A 232 19.74 21.21 17.39
CA GLY A 232 18.55 22.04 17.39
C GLY A 232 17.72 22.02 16.11
N ILE A 233 18.06 22.92 15.18
CA ILE A 233 17.21 23.15 14.02
C ILE A 233 17.05 21.87 13.21
N GLY A 234 15.84 21.67 12.68
CA GLY A 234 15.49 20.46 11.99
C GLY A 234 15.12 19.30 12.87
N MET A 235 15.42 19.36 14.16
CA MET A 235 15.12 18.28 15.10
C MET A 235 14.06 18.66 16.13
N VAL A 236 14.12 19.86 16.70
CA VAL A 236 13.17 20.29 17.71
C VAL A 236 12.79 21.75 17.45
N ASP A 237 11.62 22.14 17.96
CA ASP A 237 11.20 23.53 17.89
C ASP A 237 12.06 24.36 18.85
N LEU A 238 12.74 25.37 18.30
CA LEU A 238 13.59 26.23 19.10
C LEU A 238 12.82 27.35 19.78
N LYS A 239 11.56 27.57 19.40
CA LYS A 239 10.71 28.68 19.86
C LYS A 239 11.52 29.91 20.21
N ILE A 240 12.19 30.51 19.22
CA ILE A 240 13.09 31.61 19.48
C ILE A 240 12.32 32.86 19.91
N THR A 241 11.20 33.15 19.23
CA THR A 241 10.42 34.34 19.55
C THR A 241 9.89 34.29 20.98
N GLU A 242 9.35 33.14 21.39
CA GLU A 242 8.83 33.01 22.75
C GLU A 242 9.96 33.12 23.78
N THR A 243 11.04 32.36 23.59
CA THR A 243 12.12 32.35 24.57
C THR A 243 12.96 33.63 24.50
N ASP A 244 13.08 34.22 23.32
CA ASP A 244 13.82 35.46 23.11
C ASP A 244 15.23 35.41 23.72
N PRO A 245 16.11 34.55 23.22
CA PRO A 245 17.47 34.48 23.75
C PRO A 245 18.34 35.62 23.23
N ASP A 246 19.42 35.87 23.98
CA ASP A 246 20.35 36.92 23.57
C ASP A 246 21.19 36.46 22.38
N PHE A 247 21.56 35.18 22.35
CA PHE A 247 22.28 34.59 21.23
C PHE A 247 21.84 33.14 21.09
N LEU A 248 21.91 32.64 19.85
CA LEU A 248 21.58 31.25 19.60
C LEU A 248 22.35 30.76 18.39
N ILE A 249 23.01 29.61 18.54
CA ILE A 249 23.70 28.94 17.45
C ILE A 249 23.08 27.56 17.29
N SER A 250 23.08 27.06 16.05
CA SER A 250 22.48 25.75 15.77
C SER A 250 23.05 25.22 14.47
N ASN A 251 23.44 23.94 14.47
CA ASN A 251 24.06 23.33 13.31
C ASN A 251 22.99 22.87 12.33
N CYS A 252 22.96 23.48 11.15
CA CYS A 252 22.10 22.98 10.08
C CYS A 252 22.60 21.65 9.54
N HIS A 253 23.89 21.35 9.68
CA HIS A 253 24.46 20.13 9.13
C HIS A 253 24.21 18.92 10.02
N1 LLP A 254 27.70 21.79 21.27
C2 LLP A 254 26.79 20.80 21.21
C2' LLP A 254 25.71 20.67 22.33
C3 LLP A 254 26.83 19.87 20.13
O3 LLP A 254 25.89 18.84 20.06
C4 LLP A 254 27.78 19.98 19.14
C4' LLP A 254 27.77 18.90 17.93
C5 LLP A 254 28.70 20.99 19.20
C6 LLP A 254 28.67 21.91 20.26
C5' LLP A 254 29.80 21.14 18.10
OP4 LLP A 254 29.22 21.51 16.87
P LLP A 254 30.15 21.62 15.65
OP1 LLP A 254 30.93 20.31 15.48
OP2 LLP A 254 31.12 22.72 15.85
OP3 LLP A 254 29.32 21.88 14.44
N LLP A 254 23.58 19.14 11.17
CA LLP A 254 23.28 18.02 12.08
CB LLP A 254 23.40 18.47 13.53
CG LLP A 254 24.75 18.00 14.11
CD LLP A 254 24.93 18.59 15.52
CE LLP A 254 26.36 18.35 16.05
NZ LLP A 254 26.42 18.77 17.46
C LLP A 254 21.94 17.46 11.79
O LLP A 254 21.85 16.26 11.55
N TRP A 255 20.90 18.28 11.77
CA TRP A 255 19.54 17.75 11.61
C TRP A 255 18.69 18.47 10.57
N LEU A 256 19.30 19.31 9.73
CA LEU A 256 18.58 19.97 8.66
C LEU A 256 19.01 19.49 7.27
N PHE A 257 19.76 18.39 7.19
CA PHE A 257 20.18 17.79 5.93
C PHE A 257 20.99 18.77 5.07
N THR A 258 21.70 19.67 5.73
CA THR A 258 22.59 20.67 5.12
C THR A 258 24.02 20.13 5.08
N PRO A 259 24.75 20.36 3.99
CA PRO A 259 26.13 19.88 3.90
C PRO A 259 26.97 20.30 5.10
N ARG A 260 27.93 19.45 5.44
CA ARG A 260 28.73 19.61 6.63
C ARG A 260 29.48 20.94 6.63
N GLY A 261 29.52 21.58 7.79
CA GLY A 261 30.16 22.88 7.93
C GLY A 261 29.17 24.01 7.77
N CYS A 262 28.09 24.00 8.55
CA CYS A 262 27.10 25.06 8.49
C CYS A 262 26.35 25.15 9.80
N ALA A 263 26.32 26.36 10.37
CA ALA A 263 25.53 26.65 11.56
C ALA A 263 24.88 28.01 11.40
N VAL A 264 23.63 28.12 11.82
CA VAL A 264 22.88 29.37 11.74
C VAL A 264 23.06 30.12 13.05
N PHE A 265 23.55 31.36 12.94
CA PHE A 265 23.83 32.21 14.10
C PHE A 265 22.70 33.23 14.22
N TYR A 266 21.90 33.11 15.28
CA TYR A 266 20.80 34.02 15.52
C TYR A 266 21.20 35.08 16.54
N VAL A 267 21.02 36.34 16.18
CA VAL A 267 21.26 37.46 17.10
C VAL A 267 20.14 38.48 16.92
N PRO A 268 19.35 38.76 17.97
CA PRO A 268 18.39 39.86 17.87
C PRO A 268 19.11 41.18 17.66
N VAL A 269 18.43 42.10 16.98
CA VAL A 269 19.05 43.37 16.63
C VAL A 269 19.46 44.19 17.84
N ARG A 270 18.96 43.85 19.03
CA ARG A 270 19.31 44.62 20.22
C ARG A 270 20.71 44.32 20.74
N ASN A 271 21.32 43.19 20.38
CA ASN A 271 22.69 42.88 20.77
C ASN A 271 23.65 42.83 19.60
N GLN A 272 23.19 43.07 18.37
CA GLN A 272 24.08 42.93 17.22
C GLN A 272 25.31 43.83 17.36
N HIS A 273 25.20 44.93 18.11
CA HIS A 273 26.35 45.79 18.35
C HIS A 273 27.37 45.14 19.27
N LEU A 274 26.97 44.16 20.08
CA LEU A 274 27.92 43.47 20.93
C LEU A 274 28.88 42.60 20.11
N ILE A 275 28.44 42.10 18.96
CA ILE A 275 29.31 41.36 18.07
C ILE A 275 30.15 42.35 17.29
N ARG A 276 31.32 42.70 17.85
CA ARG A 276 32.16 43.71 17.23
C ARG A 276 32.86 43.16 15.99
N SER A 277 33.44 41.97 16.09
CA SER A 277 34.19 41.37 15.00
C SER A 277 33.75 39.93 14.80
N THR A 278 33.78 39.49 13.54
CA THR A 278 33.56 38.10 13.23
C THR A 278 34.80 37.28 13.62
N LEU A 279 34.66 35.97 13.53
CA LEU A 279 35.79 35.08 13.74
C LEU A 279 36.07 34.31 12.45
N PRO A 280 37.17 34.64 11.75
CA PRO A 280 38.15 35.68 12.12
C PRO A 280 37.70 37.08 11.73
N THR A 281 38.50 38.09 12.09
CA THR A 281 38.23 39.45 11.67
C THR A 281 38.53 39.61 10.19
N SER A 282 37.58 40.19 9.45
CA SER A 282 37.73 40.34 8.01
C SER A 282 37.36 41.76 7.62
N HIS A 283 36.98 41.94 6.35
CA HIS A 283 36.80 43.27 5.79
C HIS A 283 35.65 44.02 6.46
N GLY A 284 34.60 43.31 6.84
CA GLY A 284 33.41 43.95 7.38
C GLY A 284 33.56 44.56 8.76
N PHE A 285 34.73 44.46 9.38
CA PHE A 285 34.93 45.03 10.70
C PHE A 285 35.05 46.55 10.63
N VAL A 286 34.40 47.23 11.57
CA VAL A 286 34.41 48.68 11.66
C VAL A 286 35.18 49.06 12.93
N PRO A 287 36.40 49.59 12.81
CA PRO A 287 37.13 50.01 14.01
C PRO A 287 36.50 51.23 14.65
N GLN A 288 36.57 51.28 15.97
CA GLN A 288 36.01 52.41 16.74
C GLN A 288 36.78 53.69 16.47
N LYS A 302 20.37 46.45 4.35
CA LYS A 302 21.18 45.40 4.95
C LYS A 302 22.15 45.98 5.98
N SER A 303 22.02 45.53 7.22
CA SER A 303 22.80 46.10 8.32
C SER A 303 24.27 45.71 8.21
N ALA A 304 25.11 46.45 8.94
CA ALA A 304 26.53 46.13 8.97
C ALA A 304 26.80 44.78 9.62
N PHE A 305 25.97 44.41 10.60
CA PHE A 305 26.11 43.11 11.24
C PHE A 305 25.98 41.98 10.21
N VAL A 306 24.94 42.03 9.38
CA VAL A 306 24.75 41.01 8.37
C VAL A 306 25.87 41.04 7.34
N SER A 307 26.28 42.24 6.91
CA SER A 307 27.31 42.35 5.89
C SER A 307 28.66 41.85 6.38
N ASN A 308 28.95 41.98 7.67
CA ASN A 308 30.24 41.57 8.20
C ASN A 308 30.46 40.06 8.12
N PHE A 309 29.38 39.28 8.03
CA PHE A 309 29.49 37.83 7.96
C PHE A 309 29.49 37.28 6.53
N GLU A 310 29.37 38.14 5.52
CA GLU A 310 29.33 37.66 4.15
C GLU A 310 30.71 37.15 3.71
N PHE A 311 31.75 37.92 3.97
CA PHE A 311 33.11 37.59 3.55
C PHE A 311 34.01 37.58 4.77
N VAL A 312 34.25 36.38 5.32
CA VAL A 312 35.05 36.21 6.53
C VAL A 312 36.19 35.25 6.22
N GLY A 313 37.09 35.65 5.33
CA GLY A 313 38.12 34.74 4.86
C GLY A 313 37.63 33.84 3.76
N THR A 314 38.52 33.47 2.83
CA THR A 314 38.12 32.69 1.66
C THR A 314 37.85 31.25 2.07
N VAL A 315 36.60 30.81 1.90
CA VAL A 315 36.17 29.46 2.23
C VAL A 315 35.22 28.96 1.14
N ASP A 316 34.95 27.66 1.19
CA ASP A 316 33.88 27.06 0.39
C ASP A 316 32.56 27.36 1.08
N ASN A 317 31.75 28.23 0.48
CA ASN A 317 30.47 28.62 1.06
C ASN A 317 29.30 27.81 0.50
N SER A 318 29.58 26.81 -0.33
CA SER A 318 28.52 25.97 -0.87
C SER A 318 27.64 25.33 0.21
N PRO A 319 28.16 24.90 1.37
CA PRO A 319 27.23 24.44 2.42
C PRO A 319 26.23 25.51 2.84
N PHE A 320 26.67 26.76 2.96
CA PHE A 320 25.74 27.83 3.31
C PHE A 320 24.69 28.02 2.23
N PHE A 321 25.09 27.95 0.95
CA PHE A 321 24.16 28.12 -0.14
C PHE A 321 23.12 27.01 -0.20
N CYS A 322 23.42 25.84 0.35
CA CYS A 322 22.51 24.70 0.27
C CYS A 322 21.39 24.74 1.31
N VAL A 323 21.48 25.60 2.32
CA VAL A 323 20.45 25.66 3.35
C VAL A 323 19.09 25.89 2.73
N LYS A 324 19.01 26.80 1.76
CA LYS A 324 17.74 27.05 1.08
C LYS A 324 17.21 25.80 0.40
N ASP A 325 18.11 24.93 -0.10
CA ASP A 325 17.69 23.75 -0.83
C ASP A 325 17.32 22.62 0.11
N ALA A 326 18.07 22.44 1.19
CA ALA A 326 17.73 21.42 2.17
C ALA A 326 16.38 21.70 2.81
N ILE A 327 16.10 22.95 3.13
CA ILE A 327 14.79 23.32 3.70
C ILE A 327 13.69 23.06 2.68
N LYS A 328 13.92 23.46 1.42
CA LYS A 328 12.90 23.26 0.40
C LYS A 328 12.72 21.78 0.07
N TRP A 329 13.81 21.01 0.09
CA TRP A 329 13.69 19.57 -0.15
C TRP A 329 12.93 18.89 0.98
N ARG A 330 13.24 19.25 2.23
CA ARG A 330 12.51 18.70 3.37
C ARG A 330 11.04 19.07 3.35
N GLU A 331 10.68 20.18 2.69
CA GLU A 331 9.30 20.63 2.67
C GLU A 331 8.46 19.82 1.67
N GLU A 332 8.93 19.72 0.42
CA GLU A 332 8.20 19.06 -0.65
C GLU A 332 8.38 17.55 -0.64
N VAL A 333 9.63 17.09 -0.56
CA VAL A 333 9.91 15.66 -0.72
C VAL A 333 9.52 14.91 0.55
N LEU A 334 9.88 15.44 1.71
CA LEU A 334 9.67 14.73 2.97
C LEU A 334 8.38 15.13 3.68
N GLY A 335 7.70 16.18 3.23
CA GLY A 335 6.39 16.51 3.75
C GLY A 335 6.31 17.63 4.76
N GLY A 336 7.40 18.36 5.00
CA GLY A 336 7.36 19.50 5.87
C GLY A 336 8.15 19.27 7.15
N GLU A 337 8.46 20.39 7.82
CA GLU A 337 9.32 20.34 9.00
C GLU A 337 8.60 19.69 10.18
N GLU A 338 7.32 20.00 10.37
CA GLU A 338 6.59 19.48 11.52
C GLU A 338 6.47 17.96 11.45
N ARG A 339 6.27 17.42 10.25
CA ARG A 339 6.10 15.98 10.10
C ARG A 339 7.40 15.23 10.35
N ILE A 340 8.54 15.84 10.04
CA ILE A 340 9.82 15.14 10.15
C ILE A 340 10.18 14.92 11.62
N MET A 341 10.27 15.99 12.39
CA MET A 341 10.68 15.85 13.79
C MET A 341 9.65 15.12 14.63
N GLU A 342 8.38 15.14 14.24
CA GLU A 342 7.38 14.31 14.92
C GLU A 342 7.71 12.83 14.80
N TYR A 343 8.13 12.41 13.61
CA TYR A 343 8.43 10.99 13.39
C TYR A 343 9.69 10.56 14.14
N MET A 344 10.70 11.44 14.20
CA MET A 344 12.00 11.03 14.71
C MET A 344 11.98 10.82 16.22
N THR A 345 11.30 11.71 16.95
CA THR A 345 11.23 11.56 18.41
C THR A 345 10.33 10.39 18.80
N LYS A 346 9.16 10.26 18.16
CA LYS A 346 8.33 9.08 18.38
C LYS A 346 9.12 7.81 18.10
N LEU A 347 9.99 7.84 17.09
CA LEU A 347 10.86 6.70 16.82
C LEU A 347 11.93 6.56 17.89
N ALA A 348 12.43 7.67 18.41
CA ALA A 348 13.45 7.61 19.46
C ALA A 348 12.87 7.05 20.75
N ARG A 349 11.61 7.37 21.07
CA ARG A 349 10.99 6.80 22.25
C ARG A 349 10.78 5.31 22.10
N GLU A 350 9.98 4.91 21.10
CA GLU A 350 9.67 3.49 20.93
C GLU A 350 10.89 2.68 20.53
N GLY A 351 11.81 3.28 19.77
CA GLY A 351 13.05 2.58 19.44
C GLY A 351 13.97 2.45 20.63
N GLY A 352 14.12 3.54 21.40
CA GLY A 352 14.94 3.47 22.60
C GLY A 352 14.41 2.48 23.62
N GLN A 353 13.08 2.42 23.77
CA GLN A 353 12.49 1.47 24.69
C GLN A 353 12.70 0.04 24.22
N LYS A 354 12.67 -0.19 22.91
CA LYS A 354 12.95 -1.52 22.38
C LYS A 354 14.37 -1.95 22.74
N VAL A 355 15.34 -1.06 22.59
CA VAL A 355 16.72 -1.39 22.93
C VAL A 355 16.84 -1.71 24.41
N ALA A 356 16.13 -0.97 25.25
CA ALA A 356 16.19 -1.22 26.69
C ALA A 356 15.54 -2.55 27.04
N GLU A 357 14.46 -2.91 26.36
CA GLU A 357 13.84 -4.21 26.58
C GLU A 357 14.78 -5.34 26.19
N ILE A 358 15.52 -5.16 25.09
CA ILE A 358 16.42 -6.21 24.62
C ILE A 358 17.58 -6.40 25.60
N LEU A 359 18.21 -5.30 26.00
CA LEU A 359 19.30 -5.36 26.96
C LEU A 359 18.83 -5.59 28.40
N GLY A 360 17.54 -5.45 28.67
CA GLY A 360 17.04 -5.60 30.02
C GLY A 360 17.36 -4.44 30.94
N THR A 361 17.72 -3.29 30.39
CA THR A 361 18.08 -2.12 31.16
C THR A 361 17.00 -1.05 30.99
N ARG A 362 17.32 0.17 30.59
CA ARG A 362 16.37 1.27 30.65
C ARG A 362 16.85 2.41 29.77
N VAL A 363 15.91 3.25 29.38
CA VAL A 363 16.21 4.49 28.68
C VAL A 363 16.49 5.57 29.72
N LEU A 364 17.25 6.58 29.32
CA LEU A 364 17.52 7.72 30.19
C LEU A 364 16.33 8.67 30.12
N GLU A 365 15.58 8.78 31.22
CA GLU A 365 14.34 9.54 31.22
C GLU A 365 14.01 9.95 32.64
N ASN A 366 13.39 11.12 32.78
CA ASN A 366 12.94 11.61 34.08
C ASN A 366 11.46 11.26 34.27
N SER A 367 10.93 11.65 35.44
CA SER A 367 9.55 11.33 35.78
C SER A 367 8.54 12.09 34.92
N THR A 368 8.94 13.22 34.34
CA THR A 368 8.04 13.99 33.48
C THR A 368 8.06 13.49 32.04
N GLY A 369 9.05 12.71 31.66
CA GLY A 369 9.18 12.30 30.27
C GLY A 369 9.63 13.43 29.35
N THR A 370 10.52 14.30 29.85
CA THR A 370 10.95 15.47 29.11
C THR A 370 12.37 15.36 28.57
N LEU A 371 13.11 14.29 28.90
CA LEU A 371 14.46 14.14 28.38
C LEU A 371 14.44 13.72 26.92
N ILE A 372 13.61 12.73 26.58
CA ILE A 372 13.55 12.24 25.20
C ILE A 372 12.51 13.04 24.43
N ARG A 373 12.77 14.34 24.27
CA ARG A 373 11.95 15.21 23.43
C ARG A 373 12.69 15.61 22.16
N CYS A 374 13.68 14.83 21.76
CA CYS A 374 14.44 15.05 20.54
C CYS A 374 14.61 13.71 19.83
N ALA A 375 15.35 13.72 18.72
CA ALA A 375 15.54 12.51 17.93
C ALA A 375 16.62 11.59 18.49
N MET A 376 17.11 11.85 19.69
CA MET A 376 18.13 11.02 20.30
C MET A 376 17.60 10.40 21.59
N VAL A 377 18.19 9.26 21.96
CA VAL A 377 17.80 8.53 23.16
C VAL A 377 19.04 7.82 23.69
N ASN A 378 19.07 7.62 25.00
CA ASN A 378 20.19 6.98 25.68
C ASN A 378 19.68 5.75 26.42
N ILE A 379 20.38 4.64 26.26
CA ILE A 379 20.04 3.37 26.90
C ILE A 379 21.23 2.90 27.71
N ALA A 380 20.99 2.47 28.95
CA ALA A 380 22.06 2.00 29.80
C ALA A 380 22.54 0.63 29.34
N LEU A 381 23.84 0.41 29.41
CA LEU A 381 24.37 -0.89 29.05
C LEU A 381 24.38 -1.80 30.28
N PRO A 382 24.17 -3.15 30.08
CA PRO A 382 24.00 -4.08 31.22
C PRO A 382 25.33 -4.49 31.85
N PHE A 383 26.04 -3.52 32.42
CA PHE A 383 27.20 -3.80 33.27
C PHE A 383 27.48 -2.55 34.09
N VAL A 384 28.54 -2.61 34.89
CA VAL A 384 28.96 -1.49 35.73
C VAL A 384 30.47 -1.38 35.73
N VAL A 385 30.94 -0.17 36.00
CA VAL A 385 32.36 0.12 36.17
C VAL A 385 32.68 0.15 37.66
N GLY A 386 33.79 -0.46 38.04
CA GLY A 386 34.23 -0.39 39.42
C GLY A 386 34.44 1.04 39.88
N GLU A 387 34.35 1.22 41.19
CA GLU A 387 34.45 2.55 41.77
C GLU A 387 35.88 3.08 41.63
N ASP A 388 35.99 4.29 41.09
CA ASP A 388 37.29 4.96 41.01
C ASP A 388 37.71 5.39 42.41
N PRO A 389 38.80 4.84 42.97
CA PRO A 389 39.13 5.17 44.36
C PRO A 389 39.47 6.63 44.59
N LYS A 390 40.12 7.28 43.62
CA LYS A 390 40.45 8.69 43.77
C LYS A 390 39.24 9.59 43.58
N ALA A 391 38.30 9.19 42.74
CA ALA A 391 37.07 9.95 42.48
C ALA A 391 35.86 9.05 42.69
N PRO A 392 35.58 8.69 43.94
CA PRO A 392 34.43 7.81 44.21
C PRO A 392 33.12 8.52 43.92
N VAL A 393 32.17 7.77 43.38
CA VAL A 393 30.84 8.28 43.08
C VAL A 393 29.85 7.44 43.88
N LYS A 394 29.27 8.05 44.91
CA LYS A 394 28.30 7.34 45.76
C LYS A 394 26.94 7.33 45.07
N LEU A 395 26.52 6.15 44.65
CA LEU A 395 25.28 6.01 43.90
C LEU A 395 24.08 6.07 44.83
N THR A 396 22.99 6.64 44.32
CA THR A 396 21.73 6.59 45.04
C THR A 396 21.23 5.15 45.11
N GLU A 397 20.27 4.92 46.02
CA GLU A 397 19.79 3.56 46.24
C GLU A 397 19.16 2.99 44.98
N LYS A 398 18.38 3.79 44.26
CA LYS A 398 17.78 3.32 43.02
C LYS A 398 18.82 3.00 41.96
N GLU A 399 19.93 3.75 41.94
CA GLU A 399 21.00 3.46 40.99
C GLU A 399 21.69 2.14 41.34
N GLU A 400 21.87 1.86 42.64
CA GLU A 400 22.55 0.63 43.03
C GLU A 400 21.68 -0.59 42.81
N LYS A 401 20.35 -0.44 42.86
CA LYS A 401 19.47 -1.59 42.65
C LYS A 401 19.30 -1.89 41.18
N ASP A 402 19.41 -0.86 40.32
CA ASP A 402 19.37 -1.05 38.89
C ASP A 402 20.61 -1.75 38.36
N VAL A 403 21.65 -1.89 39.17
CA VAL A 403 22.92 -2.49 38.75
C VAL A 403 23.18 -3.82 39.45
N GLU A 404 22.22 -4.33 40.21
CA GLU A 404 22.43 -5.56 40.95
C GLU A 404 22.35 -6.76 40.01
N GLY A 405 23.25 -7.72 40.21
CA GLY A 405 23.39 -8.84 39.33
C GLY A 405 24.12 -8.54 38.03
N LEU A 406 24.43 -7.26 37.78
CA LEU A 406 25.14 -6.89 36.56
C LEU A 406 26.63 -7.18 36.71
N TYR A 407 27.22 -7.65 35.62
CA TYR A 407 28.67 -7.79 35.53
C TYR A 407 29.35 -6.45 35.81
N GLU A 408 30.58 -6.51 36.31
CA GLU A 408 31.30 -5.30 36.68
C GLU A 408 32.71 -5.29 36.10
N ILE A 409 33.06 -4.18 35.45
CA ILE A 409 34.41 -3.91 34.98
C ILE A 409 35.14 -3.11 36.05
N PRO A 410 36.38 -3.46 36.39
CA PRO A 410 37.16 -2.56 37.25
C PRO A 410 37.45 -1.25 36.54
N HIS A 411 37.47 -0.16 37.32
CA HIS A 411 37.64 1.17 36.74
C HIS A 411 38.93 1.30 35.95
N GLU A 412 39.98 0.58 36.37
CA GLU A 412 41.24 0.60 35.62
C GLU A 412 41.08 0.04 34.21
N GLU A 413 40.06 -0.77 33.97
CA GLU A 413 39.78 -1.32 32.66
C GLU A 413 38.63 -0.61 31.95
N ALA A 414 38.07 0.44 32.55
CA ALA A 414 36.92 1.12 31.95
C ALA A 414 37.29 1.78 30.63
N ASN A 415 38.45 2.43 30.57
CA ASN A 415 38.88 3.06 29.34
C ASN A 415 39.23 2.03 28.27
N MET A 416 39.75 0.87 28.68
CA MET A 416 40.11 -0.16 27.73
C MET A 416 38.87 -0.80 27.11
N ALA A 417 37.85 -1.04 27.91
CA ALA A 417 36.59 -1.58 27.37
C ALA A 417 35.90 -0.57 26.47
N PHE A 418 35.97 0.72 26.83
CA PHE A 418 35.34 1.76 26.02
C PHE A 418 35.95 1.83 24.63
N LYS A 419 37.28 1.76 24.53
CA LYS A 419 37.92 1.80 23.23
C LYS A 419 37.66 0.52 22.44
N TRP A 420 37.58 -0.62 23.12
CA TRP A 420 37.34 -1.89 22.44
C TRP A 420 35.96 -1.90 21.78
N MET A 421 34.94 -1.43 22.50
CA MET A 421 33.59 -1.44 21.95
C MET A 421 33.48 -0.53 20.74
N TYR A 422 34.20 0.61 20.75
CA TYR A 422 34.15 1.51 19.61
C TYR A 422 34.75 0.88 18.36
N ASN A 423 35.86 0.14 18.52
CA ASN A 423 36.48 -0.51 17.37
C ASN A 423 35.63 -1.66 16.86
N VAL A 424 35.07 -2.46 17.77
CA VAL A 424 34.29 -3.63 17.36
C VAL A 424 33.00 -3.21 16.69
N LEU A 425 32.37 -2.13 17.18
CA LEU A 425 31.09 -1.70 16.62
C LEU A 425 31.21 -1.33 15.14
N GLN A 426 32.37 -0.87 14.70
CA GLN A 426 32.58 -0.52 13.29
C GLN A 426 33.22 -1.65 12.50
N ASP A 427 34.29 -2.24 13.04
CA ASP A 427 35.03 -3.27 12.29
C ASP A 427 34.19 -4.52 12.10
N GLU A 428 33.40 -4.90 13.10
CA GLU A 428 32.62 -6.13 13.04
C GLU A 428 31.15 -5.91 12.77
N PHE A 429 30.59 -4.77 13.16
CA PHE A 429 29.16 -4.52 12.98
C PHE A 429 28.85 -3.38 12.01
N ASN A 430 29.87 -2.64 11.55
CA ASN A 430 29.70 -1.58 10.56
C ASN A 430 28.68 -0.54 11.02
N THR A 431 28.96 0.04 12.19
CA THR A 431 28.11 1.08 12.75
C THR A 431 28.94 1.82 13.80
N PHE A 432 28.38 2.94 14.28
CA PHE A 432 29.03 3.70 15.34
C PHE A 432 28.00 4.10 16.38
N VAL A 433 28.32 3.89 17.65
CA VAL A 433 27.43 4.24 18.75
C VAL A 433 28.21 4.94 19.85
N PRO A 434 28.01 6.24 20.04
CA PRO A 434 28.72 6.94 21.12
C PRO A 434 28.12 6.59 22.47
N MET A 435 28.98 6.54 23.46
CA MET A 435 28.57 6.13 24.80
C MET A 435 28.96 7.20 25.81
N THR A 436 28.02 7.51 26.71
CA THR A 436 28.23 8.49 27.75
C THR A 436 28.57 7.77 29.05
N PHE A 437 29.76 8.04 29.57
CA PHE A 437 30.18 7.49 30.87
C PHE A 437 29.67 8.41 31.97
N HIS A 438 28.72 7.90 32.76
CA HIS A 438 28.04 8.72 33.76
C HIS A 438 27.67 7.86 34.96
N ARG A 439 28.15 8.25 36.14
CA ARG A 439 27.77 7.59 37.40
C ARG A 439 28.08 6.09 37.36
N ARG A 440 29.28 5.77 36.89
CA ARG A 440 29.80 4.40 36.79
C ARG A 440 28.97 3.54 35.83
N ARG A 441 28.29 4.16 34.88
CA ARG A 441 27.55 3.44 33.85
C ARG A 441 27.89 4.01 32.48
N PHE A 442 27.78 3.17 31.46
CA PHE A 442 27.91 3.60 30.06
C PHE A 442 26.52 3.70 29.46
N TRP A 443 26.18 4.88 28.94
CA TRP A 443 24.91 5.12 28.28
C TRP A 443 25.15 5.28 26.78
N ALA A 444 24.61 4.36 26.00
CA ALA A 444 24.76 4.42 24.55
C ALA A 444 23.74 5.38 23.96
N ARG A 445 24.23 6.33 23.15
CA ARG A 445 23.37 7.34 22.54
C ARG A 445 23.03 6.90 21.12
N LEU A 446 21.76 6.59 20.89
CA LEU A 446 21.28 6.25 19.56
C LEU A 446 20.55 7.45 18.96
N SER A 447 20.82 7.72 17.69
CA SER A 447 20.23 8.86 16.98
C SER A 447 19.18 8.33 16.02
N ALA A 448 17.92 8.61 16.31
CA ALA A 448 16.84 8.32 15.37
C ALA A 448 16.98 9.20 14.14
N GLN A 449 16.44 8.73 13.03
CA GLN A 449 16.40 9.53 11.82
C GLN A 449 15.20 9.13 10.98
N VAL A 450 14.91 9.96 9.97
CA VAL A 450 13.73 9.76 9.14
C VAL A 450 13.91 8.63 8.13
N TYR A 451 15.14 8.17 7.91
CA TYR A 451 15.38 7.01 7.06
C TYR A 451 15.52 5.72 7.87
N LEU A 452 15.37 5.78 9.19
CA LEU A 452 15.39 4.60 10.04
C LEU A 452 13.96 4.22 10.45
N GLU A 453 13.83 3.01 10.97
CA GLU A 453 12.56 2.52 11.47
C GLU A 453 12.83 1.59 12.64
N MET A 454 11.77 0.94 13.13
CA MET A 454 11.87 0.14 14.35
C MET A 454 12.86 -1.01 14.17
N SER A 455 12.92 -1.59 12.98
CA SER A 455 13.83 -2.71 12.74
C SER A 455 15.29 -2.31 12.92
N ASP A 456 15.60 -1.02 12.73
CA ASP A 456 16.97 -0.56 12.95
C ASP A 456 17.31 -0.55 14.44
N PHE A 457 16.35 -0.19 15.29
CA PHE A 457 16.62 -0.16 16.73
C PHE A 457 16.58 -1.54 17.34
N GLU A 458 15.84 -2.47 16.74
CA GLU A 458 15.96 -3.87 17.14
C GLU A 458 17.34 -4.41 16.81
N TRP A 459 17.89 -4.02 15.65
CA TRP A 459 19.25 -4.42 15.29
C TRP A 459 20.27 -3.85 16.27
N ALA A 460 20.11 -2.58 16.65
CA ALA A 460 21.03 -1.98 17.61
C ALA A 460 20.96 -2.70 18.95
N GLY A 461 19.75 -3.04 19.40
CA GLY A 461 19.62 -3.74 20.67
C GLY A 461 20.32 -5.09 20.68
N LYS A 462 20.09 -5.89 19.63
CA LYS A 462 20.76 -7.18 19.53
C LYS A 462 22.26 -7.01 19.38
N THR A 463 22.69 -6.02 18.59
CA THR A 463 24.12 -5.75 18.44
C THR A 463 24.74 -5.36 19.78
N LEU A 464 24.10 -4.43 20.50
CA LEU A 464 24.63 -4.01 21.80
C LEU A 464 24.57 -5.14 22.82
N LYS A 465 23.52 -5.97 22.77
CA LYS A 465 23.43 -7.10 23.70
C LYS A 465 24.61 -8.04 23.53
N GLU A 466 24.85 -8.47 22.28
CA GLU A 466 25.98 -9.34 22.01
C GLU A 466 27.30 -8.65 22.31
N LEU A 467 27.39 -7.34 22.09
CA LEU A 467 28.61 -6.61 22.41
C LEU A 467 28.91 -6.65 23.91
N CYS A 468 27.89 -6.44 24.74
CA CYS A 468 28.12 -6.45 26.19
C CYS A 468 28.35 -7.86 26.71
N GLU A 469 27.76 -8.87 26.07
CA GLU A 469 28.06 -10.25 26.45
C GLU A 469 29.53 -10.55 26.26
N ARG A 470 30.13 -10.05 25.18
CA ARG A 470 31.55 -10.26 24.95
C ARG A 470 32.40 -9.39 25.88
N VAL A 471 31.87 -8.24 26.30
CA VAL A 471 32.54 -7.46 27.33
C VAL A 471 32.54 -8.21 28.67
N ALA A 472 31.42 -8.86 28.99
CA ALA A 472 31.34 -9.63 30.23
C ALA A 472 32.35 -10.77 30.25
N LYS A 473 32.69 -11.31 29.08
CA LYS A 473 33.69 -12.36 28.99
C LYS A 473 35.12 -11.82 28.99
N GLY A 474 35.29 -10.52 29.16
CA GLY A 474 36.63 -9.95 29.16
C GLY A 474 37.34 -10.03 27.83
N GLU A 475 36.60 -9.96 26.72
CA GLU A 475 37.22 -10.07 25.41
C GLU A 475 38.13 -8.89 25.09
N TYR A 476 37.94 -7.76 25.77
CA TYR A 476 38.73 -6.56 25.52
C TYR A 476 40.15 -6.65 26.05
N LYS A 477 40.56 -7.79 26.61
CA LYS A 477 41.90 -7.94 27.16
C LYS A 477 42.78 -8.76 26.22
N THR B 28 -20.31 44.21 55.40
CA THR B 28 -19.08 44.43 54.66
C THR B 28 -18.68 43.21 53.84
N GLY B 29 -19.12 42.03 54.28
CA GLY B 29 -18.76 40.78 53.65
C GLY B 29 -19.71 40.38 52.54
N PRO B 30 -19.49 39.19 51.98
CA PRO B 30 -20.34 38.74 50.87
C PRO B 30 -21.77 38.50 51.32
N LEU B 31 -22.70 38.61 50.36
CA LEU B 31 -24.11 38.51 50.67
C LEU B 31 -24.48 37.07 51.04
N PRO B 32 -25.46 36.89 51.92
CA PRO B 32 -25.97 35.54 52.19
C PRO B 32 -26.72 34.99 50.98
N PHE B 33 -26.77 33.66 50.91
CA PHE B 33 -27.46 32.99 49.83
C PHE B 33 -28.92 32.75 50.23
N GLY B 34 -29.70 32.22 49.29
CA GLY B 34 -31.08 31.88 49.52
C GLY B 34 -32.03 32.82 48.80
N ASN B 35 -33.31 32.74 49.19
CA ASN B 35 -34.36 33.50 48.53
C ASN B 35 -34.20 35.00 48.70
N SER B 36 -33.45 35.46 49.70
CA SER B 36 -33.21 36.89 49.85
C SER B 36 -32.41 37.44 48.68
N LEU B 37 -31.65 36.60 48.00
CA LEU B 37 -30.85 37.02 46.84
C LEU B 37 -31.69 37.19 45.58
N LEU B 38 -32.98 36.81 45.62
CA LEU B 38 -33.81 36.90 44.43
C LEU B 38 -34.00 38.34 43.97
N LYS B 39 -33.96 39.29 44.89
CA LYS B 39 -34.11 40.69 44.48
C LYS B 39 -32.91 41.21 43.71
N GLU B 40 -31.79 40.49 43.73
CA GLU B 40 -30.66 40.83 42.87
C GLU B 40 -30.80 40.27 41.46
N PHE B 41 -31.81 39.46 41.21
CA PHE B 41 -32.07 38.86 39.91
C PHE B 41 -33.33 39.45 39.30
N VAL B 42 -33.68 38.97 38.10
CA VAL B 42 -34.80 39.52 37.35
C VAL B 42 -35.79 38.41 37.00
N LEU B 43 -35.81 37.35 37.81
CA LEU B 43 -36.79 36.29 37.61
C LEU B 43 -38.17 36.75 38.07
N ASP B 44 -39.19 36.27 37.36
CA ASP B 44 -40.56 36.56 37.75
C ASP B 44 -40.85 35.94 39.12
N PRO B 45 -41.23 36.74 40.11
CA PRO B 45 -41.42 36.19 41.46
C PRO B 45 -42.52 35.15 41.54
N ALA B 46 -43.55 35.25 40.70
CA ALA B 46 -44.57 34.21 40.62
C ALA B 46 -44.06 32.95 39.92
N TYR B 47 -42.89 33.00 39.31
CA TYR B 47 -42.28 31.85 38.67
C TYR B 47 -41.16 31.29 39.55
N ARG B 48 -41.10 29.97 39.65
CA ARG B 48 -40.08 29.28 40.43
C ARG B 48 -39.09 28.64 39.47
N ASN B 49 -37.84 29.09 39.53
CA ASN B 49 -36.81 28.62 38.60
C ASN B 49 -36.13 27.40 39.22
N LEU B 50 -36.68 26.23 38.94
CA LEU B 50 -36.09 24.97 39.34
C LEU B 50 -35.21 24.36 38.25
N ASN B 51 -35.15 24.99 37.08
CA ASN B 51 -34.39 24.47 35.94
C ASN B 51 -33.45 25.55 35.41
N HIS B 52 -32.52 25.98 36.26
CA HIS B 52 -31.50 26.92 35.84
C HIS B 52 -30.50 26.30 34.88
N GLY B 53 -30.40 24.98 34.84
CA GLY B 53 -29.37 24.31 34.07
C GLY B 53 -29.59 24.29 32.56
N SER B 54 -30.79 24.65 32.10
CA SER B 54 -31.04 24.65 30.66
C SER B 54 -30.53 25.93 30.01
N PHE B 55 -31.07 27.08 30.42
CA PHE B 55 -30.74 28.36 29.82
C PHE B 55 -30.10 29.34 30.78
N GLY B 56 -30.08 29.05 32.08
CA GLY B 56 -29.50 29.94 33.06
C GLY B 56 -30.25 31.26 33.17
N THR B 57 -29.71 32.18 33.97
CA THR B 57 -30.25 33.52 34.07
C THR B 57 -29.18 34.40 34.70
N ILE B 58 -29.36 35.71 34.56
CA ILE B 58 -28.35 36.67 35.00
C ILE B 58 -28.93 37.58 36.07
N PRO B 59 -28.11 38.09 36.99
CA PRO B 59 -28.59 39.10 37.94
C PRO B 59 -28.92 40.41 37.22
N SER B 60 -29.61 41.28 37.94
CA SER B 60 -30.02 42.56 37.37
C SER B 60 -28.82 43.41 36.98
N ALA B 61 -27.70 43.28 37.71
CA ALA B 61 -26.52 44.07 37.42
C ALA B 61 -25.91 43.68 36.07
N ILE B 62 -25.88 42.38 35.76
CA ILE B 62 -25.33 41.94 34.49
C ILE B 62 -26.25 42.35 33.35
N GLN B 63 -27.57 42.30 33.57
CA GLN B 63 -28.50 42.79 32.57
C GLN B 63 -28.28 44.27 32.28
N GLN B 64 -27.91 45.05 33.31
CA GLN B 64 -27.59 46.45 33.10
C GLN B 64 -26.31 46.62 32.29
N LYS B 65 -25.28 45.83 32.62
CA LYS B 65 -24.05 45.88 31.84
C LYS B 65 -24.30 45.46 30.39
N LEU B 66 -25.10 44.42 30.18
CA LEU B 66 -25.42 43.98 28.83
C LEU B 66 -26.01 45.11 27.99
N ARG B 67 -26.87 45.92 28.60
CA ARG B 67 -27.53 46.99 27.87
C ARG B 67 -26.65 48.23 27.72
N SER B 68 -25.69 48.43 28.62
CA SER B 68 -24.77 49.54 28.44
C SER B 68 -23.87 49.32 27.23
N TYR B 69 -23.45 48.07 26.99
CA TYR B 69 -22.74 47.76 25.75
C TYR B 69 -23.64 47.96 24.54
N GLN B 70 -24.94 47.70 24.67
CA GLN B 70 -25.85 47.88 23.55
C GLN B 70 -25.94 49.35 23.14
N THR B 71 -26.13 50.25 24.11
CA THR B 71 -26.20 51.66 23.79
C THR B 71 -24.90 52.17 23.20
N ALA B 72 -23.76 51.66 23.71
CA ALA B 72 -22.47 52.08 23.18
C ALA B 72 -22.27 51.61 21.76
N ALA B 73 -22.79 50.43 21.40
CA ALA B 73 -22.67 49.93 20.05
C ALA B 73 -23.58 50.66 19.07
N GLU B 74 -24.67 51.26 19.56
CA GLU B 74 -25.54 52.06 18.71
C GLU B 74 -25.16 53.53 18.69
N ALA B 75 -24.46 54.01 19.72
CA ALA B 75 -24.06 55.41 19.75
C ALA B 75 -23.00 55.70 18.70
N ARG B 76 -21.98 54.84 18.61
CA ARG B 76 -20.91 54.98 17.63
C ARG B 76 -20.60 53.60 17.06
N PRO B 77 -21.39 53.12 16.10
CA PRO B 77 -21.28 51.73 15.64
C PRO B 77 -19.89 51.35 15.14
N CYS B 78 -19.40 52.05 14.10
CA CYS B 78 -18.10 51.70 13.55
C CYS B 78 -16.96 51.87 14.54
N PRO B 79 -16.78 53.01 15.22
CA PRO B 79 -15.65 53.11 16.15
C PRO B 79 -15.69 52.11 17.29
N PHE B 80 -16.88 51.70 17.73
CA PHE B 80 -16.97 50.75 18.84
C PHE B 80 -16.81 49.31 18.37
N LEU B 81 -17.65 48.89 17.42
CA LEU B 81 -17.66 47.50 16.99
C LEU B 81 -16.37 47.08 16.31
N ARG B 82 -15.68 48.03 15.66
CA ARG B 82 -14.43 47.68 14.99
C ARG B 82 -13.26 47.65 15.96
N TYR B 83 -13.17 48.63 16.86
CA TYR B 83 -11.98 48.83 17.66
C TYR B 83 -12.17 48.57 19.14
N GLN B 84 -13.37 48.70 19.68
CA GLN B 84 -13.61 48.39 21.07
C GLN B 84 -14.09 46.96 21.29
N THR B 85 -14.59 46.30 20.26
CA THR B 85 -14.97 44.89 20.40
C THR B 85 -13.77 44.01 20.76
N PRO B 86 -12.59 44.11 20.11
CA PRO B 86 -11.44 43.31 20.56
C PRO B 86 -11.10 43.55 22.02
N VAL B 87 -10.74 44.79 22.38
CA VAL B 87 -10.25 45.09 23.72
C VAL B 87 -11.24 44.63 24.79
N LEU B 88 -12.54 44.68 24.51
CA LEU B 88 -13.51 44.15 25.45
C LEU B 88 -13.50 42.63 25.48
N LEU B 89 -13.14 41.99 24.36
CA LEU B 89 -13.03 40.53 24.35
C LEU B 89 -11.80 40.07 25.14
N ASP B 90 -10.69 40.80 25.03
CA ASP B 90 -9.49 40.44 25.77
C ASP B 90 -9.69 40.57 27.27
N GLU B 91 -10.47 41.56 27.69
CA GLU B 91 -10.77 41.71 29.11
C GLU B 91 -11.60 40.52 29.61
N SER B 92 -12.59 40.10 28.83
CA SER B 92 -13.35 38.91 29.18
C SER B 92 -12.47 37.67 29.10
N ARG B 93 -11.62 37.59 28.07
CA ARG B 93 -10.72 36.44 27.96
C ARG B 93 -9.73 36.40 29.11
N ALA B 94 -9.20 37.56 29.51
CA ALA B 94 -8.28 37.59 30.65
C ALA B 94 -8.99 37.18 31.94
N ALA B 95 -10.26 37.57 32.09
CA ALA B 95 -10.99 37.22 33.30
C ALA B 95 -11.33 35.74 33.34
N VAL B 96 -11.78 35.18 32.21
CA VAL B 96 -12.18 33.77 32.21
C VAL B 96 -10.97 32.86 32.29
N ALA B 97 -9.86 33.25 31.65
CA ALA B 97 -8.65 32.45 31.73
C ALA B 97 -8.08 32.46 33.14
N ASN B 98 -8.16 33.59 33.82
CA ASN B 98 -7.71 33.66 35.21
C ASN B 98 -8.58 32.81 36.11
N LEU B 99 -9.90 32.83 35.88
CA LEU B 99 -10.80 31.98 36.65
C LEU B 99 -10.49 30.50 36.40
N LEU B 100 -10.26 30.13 35.14
CA LEU B 100 -9.97 28.75 34.79
C LEU B 100 -8.52 28.36 35.07
N LYS B 101 -7.67 29.31 35.47
CA LYS B 101 -6.26 29.05 35.75
C LYS B 101 -5.56 28.45 34.54
N VAL B 102 -5.88 28.97 33.36
CA VAL B 102 -5.25 28.54 32.12
C VAL B 102 -4.63 29.76 31.45
N PRO B 103 -3.60 29.61 30.63
CA PRO B 103 -3.01 30.78 29.96
C PRO B 103 -4.02 31.46 29.07
N VAL B 104 -3.96 32.80 29.03
CA VAL B 104 -4.92 33.58 28.26
C VAL B 104 -4.83 33.27 26.77
N GLU B 105 -3.68 32.76 26.30
CA GLU B 105 -3.51 32.41 24.90
C GLU B 105 -4.30 31.16 24.51
N THR B 106 -5.07 30.58 25.43
CA THR B 106 -5.74 29.31 25.18
C THR B 106 -7.26 29.40 25.24
N VAL B 107 -7.84 30.57 25.41
CA VAL B 107 -9.29 30.72 25.55
C VAL B 107 -9.81 31.71 24.52
N VAL B 108 -10.95 31.35 23.92
CA VAL B 108 -11.71 32.22 23.04
C VAL B 108 -13.19 31.99 23.33
N PHE B 109 -14.04 32.84 22.76
CA PHE B 109 -15.48 32.78 22.97
C PHE B 109 -16.19 32.41 21.68
N VAL B 110 -17.18 31.52 21.80
CA VAL B 110 -18.08 31.18 20.71
C VAL B 110 -19.52 31.36 21.19
N ALA B 111 -20.47 31.11 20.29
CA ALA B 111 -21.85 31.45 20.56
C ALA B 111 -22.44 30.58 21.68
N ASN B 112 -22.12 29.29 21.69
CA ASN B 112 -22.69 28.37 22.66
C ASN B 112 -21.87 27.09 22.66
N ALA B 113 -22.29 26.12 23.48
CA ALA B 113 -21.61 24.84 23.52
C ALA B 113 -21.82 24.04 22.24
N THR B 114 -23.00 24.16 21.63
CA THR B 114 -23.25 23.52 20.34
C THR B 114 -22.26 24.01 19.30
N MET B 115 -22.01 25.32 19.26
CA MET B 115 -21.08 25.89 18.29
C MET B 115 -19.66 25.39 18.53
N GLY B 116 -19.29 25.18 19.79
CA GLY B 116 -17.93 24.74 20.08
C GLY B 116 -17.65 23.32 19.62
N VAL B 117 -18.61 22.42 19.86
CA VAL B 117 -18.43 21.04 19.44
C VAL B 117 -18.39 20.93 17.92
N ASN B 118 -19.24 21.70 17.23
CA ASN B 118 -19.21 21.72 15.77
C ASN B 118 -17.88 22.23 15.25
N THR B 119 -17.32 23.25 15.89
CA THR B 119 -16.03 23.78 15.47
C THR B 119 -14.95 22.70 15.52
N VAL B 120 -15.00 21.84 16.54
CA VAL B 120 -14.03 20.76 16.64
C VAL B 120 -14.30 19.71 15.56
N LEU B 121 -15.52 19.17 15.53
CA LEU B 121 -15.82 18.02 14.68
C LEU B 121 -15.74 18.37 13.20
N ARG B 122 -15.97 19.64 12.83
CA ARG B 122 -15.92 20.04 11.44
C ARG B 122 -14.51 20.41 10.97
N ASN B 123 -13.57 20.59 11.90
CA ASN B 123 -12.20 20.91 11.53
C ASN B 123 -11.27 19.70 11.52
N ILE B 124 -11.62 18.63 12.23
CA ILE B 124 -10.76 17.46 12.28
C ILE B 124 -10.66 16.84 10.89
N VAL B 125 -9.42 16.64 10.43
CA VAL B 125 -9.15 15.95 9.17
C VAL B 125 -8.87 14.48 9.50
N TRP B 126 -9.72 13.60 8.99
CA TRP B 126 -9.66 12.20 9.37
C TRP B 126 -8.63 11.45 8.53
N SER B 127 -8.17 10.32 9.07
CA SER B 127 -7.11 9.55 8.43
C SER B 127 -7.55 9.06 7.06
N ALA B 128 -6.62 9.11 6.10
CA ALA B 128 -6.95 8.82 4.70
C ALA B 128 -7.38 7.37 4.48
N ASP B 129 -7.03 6.46 5.39
CA ASP B 129 -7.41 5.06 5.21
C ASP B 129 -8.86 4.79 5.58
N GLY B 130 -9.56 5.76 6.18
CA GLY B 130 -10.95 5.58 6.52
C GLY B 130 -11.22 4.71 7.73
N LYS B 131 -10.27 4.61 8.65
CA LYS B 131 -10.41 3.77 9.83
C LYS B 131 -10.72 4.55 11.10
N ASP B 132 -10.79 5.88 11.01
CA ASP B 132 -11.07 6.69 12.19
C ASP B 132 -12.47 6.42 12.72
N GLU B 133 -12.61 6.47 14.05
CA GLU B 133 -13.87 6.18 14.72
C GLU B 133 -14.06 7.16 15.86
N ILE B 134 -15.26 7.75 15.93
CA ILE B 134 -15.61 8.70 16.98
C ILE B 134 -16.37 7.95 18.06
N LEU B 135 -15.86 8.02 19.29
CA LEU B 135 -16.49 7.37 20.43
C LEU B 135 -17.33 8.39 21.21
N TYR B 136 -18.51 7.96 21.64
CA TYR B 136 -19.40 8.83 22.39
C TYR B 136 -20.36 7.96 23.19
N PHE B 137 -20.83 8.50 24.32
CA PHE B 137 -21.75 7.80 25.19
C PHE B 137 -23.19 8.14 24.82
N ASP B 138 -24.09 7.24 25.17
CA ASP B 138 -25.50 7.42 24.81
C ASP B 138 -26.20 8.47 25.67
N THR B 139 -25.51 9.04 26.66
CA THR B 139 -26.02 10.19 27.41
C THR B 139 -25.51 11.51 26.84
N ILE B 140 -24.96 11.50 25.63
CA ILE B 140 -24.47 12.72 24.99
C ILE B 140 -25.64 13.64 24.72
N PHE B 141 -25.35 14.94 24.66
CA PHE B 141 -26.36 15.93 24.33
C PHE B 141 -26.90 15.69 22.93
N GLY B 142 -28.20 15.97 22.75
CA GLY B 142 -28.86 15.63 21.49
C GLY B 142 -28.23 16.31 20.30
N ALA B 143 -27.94 17.61 20.42
CA ALA B 143 -27.34 18.34 19.29
C ALA B 143 -25.94 17.82 19.00
N CYS B 144 -25.17 17.49 20.04
CA CYS B 144 -23.82 16.98 19.83
C CYS B 144 -23.84 15.63 19.13
N GLY B 145 -24.74 14.73 19.54
CA GLY B 145 -24.82 13.44 18.89
C GLY B 145 -25.16 13.55 17.42
N LYS B 146 -26.08 14.45 17.07
CA LYS B 146 -26.43 14.66 15.67
C LYS B 146 -25.30 15.32 14.90
N THR B 147 -24.52 16.19 15.56
CA THR B 147 -23.35 16.77 14.92
C THR B 147 -22.39 15.68 14.47
N ILE B 148 -22.26 14.60 15.25
CA ILE B 148 -21.46 13.46 14.83
C ILE B 148 -22.07 12.80 13.60
N ASP B 149 -23.37 12.55 13.64
CA ASP B 149 -24.04 11.89 12.52
C ASP B 149 -23.91 12.69 11.22
N TYR B 150 -23.92 14.02 11.32
CA TYR B 150 -23.83 14.84 10.11
C TYR B 150 -22.45 14.75 9.48
N VAL B 151 -21.41 14.90 10.28
CA VAL B 151 -20.05 14.98 9.74
C VAL B 151 -19.68 13.68 9.04
N ILE B 152 -20.04 12.54 9.63
CA ILE B 152 -19.76 11.27 8.97
C ILE B 152 -20.52 11.16 7.66
N GLU B 153 -21.68 11.82 7.57
CA GLU B 153 -22.44 11.85 6.32
C GLU B 153 -21.85 12.86 5.34
N ASP B 154 -21.52 14.05 5.85
CA ASP B 154 -20.99 15.10 4.99
C ASP B 154 -19.58 14.77 4.52
N LYS B 155 -18.80 14.06 5.34
CA LYS B 155 -17.46 13.64 4.96
C LYS B 155 -17.44 12.30 4.25
N ARG B 156 -18.61 11.71 3.98
CA ARG B 156 -18.76 10.57 3.07
C ARG B 156 -18.07 9.31 3.61
N GLY B 157 -18.41 8.95 4.85
CA GLY B 157 -17.98 7.66 5.39
C GLY B 157 -16.52 7.52 5.70
N ILE B 158 -15.72 8.58 5.60
CA ILE B 158 -14.32 8.49 5.99
C ILE B 158 -14.21 8.25 7.48
N VAL B 159 -15.18 8.70 8.26
CA VAL B 159 -15.21 8.51 9.70
C VAL B 159 -16.58 7.93 10.08
N SER B 160 -16.59 7.10 11.13
CA SER B 160 -17.80 6.49 11.65
C SER B 160 -17.86 6.74 13.15
N SER B 161 -18.97 6.29 13.77
CA SER B 161 -19.19 6.51 15.20
C SER B 161 -19.55 5.20 15.87
N ARG B 162 -19.36 5.17 17.19
CA ARG B 162 -19.64 4.00 18.01
C ARG B 162 -20.31 4.47 19.30
N CYS B 163 -21.59 4.12 19.45
CA CYS B 163 -22.35 4.54 20.63
C CYS B 163 -22.06 3.61 21.80
N ILE B 164 -21.76 4.19 22.96
CA ILE B 164 -21.47 3.44 24.17
C ILE B 164 -22.70 3.52 25.07
N PRO B 165 -23.43 2.42 25.29
CA PRO B 165 -24.59 2.47 26.17
C PRO B 165 -24.17 2.58 27.63
N LEU B 166 -24.95 3.34 28.40
CA LEU B 166 -24.68 3.55 29.81
C LEU B 166 -25.92 3.23 30.64
N ILE B 167 -25.71 2.55 31.76
CA ILE B 167 -26.77 2.20 32.70
C ILE B 167 -26.62 3.09 33.92
N TYR B 168 -27.67 3.85 34.24
CA TYR B 168 -27.64 4.72 35.41
C TYR B 168 -28.55 4.22 36.52
N PRO B 169 -28.14 4.39 37.79
CA PRO B 169 -26.91 5.06 38.24
C PRO B 169 -25.63 4.28 37.92
N ALA B 170 -24.69 4.95 37.27
CA ALA B 170 -23.47 4.31 36.78
C ALA B 170 -22.33 4.52 37.77
N GLU B 171 -21.67 3.43 38.14
CA GLU B 171 -20.47 3.51 38.96
C GLU B 171 -19.28 3.87 38.08
N ASP B 172 -18.37 4.68 38.62
CA ASP B 172 -17.30 5.26 37.81
C ASP B 172 -16.40 4.19 37.19
N ASP B 173 -16.26 3.04 37.84
CA ASP B 173 -15.43 1.98 37.28
C ASP B 173 -16.09 1.33 36.08
N ASP B 174 -17.42 1.17 36.12
CA ASP B 174 -18.12 0.57 34.99
C ASP B 174 -18.11 1.49 33.77
N VAL B 175 -18.11 2.81 33.98
CA VAL B 175 -18.05 3.75 32.87
C VAL B 175 -16.67 3.70 32.22
N VAL B 176 -15.61 3.67 33.03
CA VAL B 176 -14.25 3.54 32.49
C VAL B 176 -14.09 2.19 31.83
N ALA B 177 -14.66 1.14 32.43
CA ALA B 177 -14.55 -0.20 31.85
C ALA B 177 -15.25 -0.26 30.49
N ALA B 178 -16.44 0.34 30.39
CA ALA B 178 -17.17 0.33 29.13
C ALA B 178 -16.41 1.10 28.05
N PHE B 179 -15.74 2.19 28.45
CA PHE B 179 -14.96 2.95 27.47
C PHE B 179 -13.74 2.17 26.99
N ARG B 180 -13.13 1.37 27.87
CA ARG B 180 -12.03 0.52 27.44
C ARG B 180 -12.52 -0.60 26.53
N ASP B 181 -13.70 -1.13 26.80
CA ASP B 181 -14.25 -2.18 25.94
C ASP B 181 -14.53 -1.64 24.54
N ALA B 182 -15.02 -0.40 24.44
CA ALA B 182 -15.29 0.17 23.13
C ALA B 182 -14.00 0.38 22.33
N ILE B 183 -12.90 0.72 23.01
CA ILE B 183 -11.63 0.87 22.31
C ILE B 183 -11.06 -0.48 21.92
N LYS B 184 -11.15 -1.46 22.83
CA LYS B 184 -10.72 -2.82 22.50
C LYS B 184 -11.50 -3.35 21.30
N LYS B 185 -12.84 -3.30 21.36
CA LYS B 185 -13.66 -3.76 20.26
C LYS B 185 -13.47 -2.92 19.00
N SER B 186 -12.98 -1.68 19.15
CA SER B 186 -12.74 -0.84 17.99
C SER B 186 -11.60 -1.39 17.13
N ARG B 187 -10.42 -1.57 17.73
CA ARG B 187 -9.27 -2.07 16.99
C ARG B 187 -9.49 -3.51 16.54
N GLU B 188 -10.28 -4.29 17.29
CA GLU B 188 -10.57 -5.66 16.88
C GLU B 188 -11.43 -5.74 15.62
N GLU B 189 -12.17 -4.66 15.31
CA GLU B 189 -12.94 -4.58 14.08
C GLU B 189 -12.19 -3.85 12.97
N GLY B 190 -10.88 -3.65 13.12
CA GLY B 190 -10.09 -2.95 12.13
C GLY B 190 -10.21 -1.45 12.19
N LYS B 191 -10.80 -0.89 13.24
CA LYS B 191 -11.01 0.54 13.35
C LYS B 191 -9.93 1.18 14.22
N ARG B 192 -9.75 2.49 14.02
CA ARG B 192 -8.81 3.28 14.79
C ARG B 192 -9.57 4.28 15.64
N PRO B 193 -9.38 4.30 16.96
CA PRO B 193 -10.07 5.29 17.80
C PRO B 193 -9.51 6.68 17.55
N ARG B 194 -10.37 7.61 17.14
CA ARG B 194 -9.92 8.93 16.69
C ARG B 194 -10.22 10.00 17.74
N LEU B 195 -11.50 10.29 18.01
CA LEU B 195 -11.85 11.30 18.99
C LEU B 195 -13.02 10.81 19.83
N ALA B 196 -12.96 11.11 21.13
CA ALA B 196 -14.01 10.74 22.07
C ALA B 196 -14.66 11.99 22.61
N VAL B 197 -15.99 12.03 22.58
CA VAL B 197 -16.75 13.13 23.15
C VAL B 197 -17.05 12.80 24.60
N ILE B 198 -16.57 13.63 25.53
CA ILE B 198 -16.61 13.34 26.96
C ILE B 198 -17.36 14.48 27.65
N ASP B 199 -18.35 14.14 28.44
CA ASP B 199 -19.04 15.12 29.26
C ASP B 199 -18.30 15.34 30.57
N VAL B 200 -18.31 16.59 31.05
CA VAL B 200 -17.94 16.86 32.42
C VAL B 200 -19.13 16.66 33.34
N VAL B 201 -20.28 17.24 32.98
CA VAL B 201 -21.57 16.97 33.61
C VAL B 201 -22.56 16.71 32.49
N SER B 202 -23.18 15.54 32.53
CA SER B 202 -24.12 15.16 31.48
C SER B 202 -25.41 15.97 31.58
N SER B 203 -26.06 16.15 30.44
CA SER B 203 -27.30 16.92 30.37
C SER B 203 -28.45 16.15 31.02
N MET B 204 -28.94 15.13 30.34
CA MET B 204 -30.03 14.31 30.87
C MET B 204 -29.61 12.83 30.91
N PRO B 205 -29.39 12.29 32.11
CA PRO B 205 -29.62 12.93 33.42
C PRO B 205 -28.52 13.93 33.80
N GLY B 206 -28.82 14.78 34.79
CA GLY B 206 -27.85 15.75 35.26
C GLY B 206 -26.94 15.17 36.31
N VAL B 207 -25.79 14.64 35.89
CA VAL B 207 -24.89 13.91 36.77
C VAL B 207 -23.45 14.28 36.45
N ARG B 208 -22.59 14.15 37.44
CA ARG B 208 -21.16 14.40 37.28
C ARG B 208 -20.51 13.18 36.63
N PHE B 209 -19.88 13.39 35.47
CA PHE B 209 -19.25 12.35 34.66
C PHE B 209 -17.77 12.22 35.01
N PRO B 210 -17.26 11.00 35.11
CA PRO B 210 -15.83 10.82 35.46
C PRO B 210 -14.91 11.16 34.30
N PHE B 211 -14.84 12.44 33.95
CA PHE B 211 -14.09 12.83 32.77
C PHE B 211 -12.59 12.78 32.99
N GLU B 212 -12.13 12.95 34.23
CA GLU B 212 -10.70 12.92 34.49
C GLU B 212 -10.09 11.57 34.13
N ASP B 213 -10.84 10.49 34.36
CA ASP B 213 -10.35 9.16 34.00
C ASP B 213 -10.40 8.94 32.48
N ILE B 214 -11.38 9.54 31.82
CA ILE B 214 -11.58 9.28 30.40
C ILE B 214 -10.57 10.07 29.55
N VAL B 215 -10.30 11.33 29.92
CA VAL B 215 -9.36 12.12 29.13
C VAL B 215 -7.93 11.63 29.34
N LYS B 216 -7.64 11.02 30.49
CA LYS B 216 -6.28 10.55 30.76
C LYS B 216 -5.96 9.33 29.91
N ILE B 217 -6.87 8.34 29.88
CA ILE B 217 -6.64 7.17 29.06
C ILE B 217 -6.74 7.52 27.58
N CYS B 218 -7.40 8.63 27.23
CA CYS B 218 -7.34 9.12 25.86
C CYS B 218 -5.90 9.43 25.47
N LYS B 219 -5.13 10.05 26.37
CA LYS B 219 -3.71 10.24 26.14
C LYS B 219 -2.98 8.90 26.06
N GLU B 220 -3.43 7.91 26.84
CA GLU B 220 -2.74 6.63 26.88
C GLU B 220 -2.79 5.92 25.53
N GLU B 221 -4.00 5.73 24.99
CA GLU B 221 -4.18 5.05 23.72
C GLU B 221 -4.15 6.00 22.54
N GLU B 222 -3.58 7.20 22.70
CA GLU B 222 -3.32 8.13 21.59
C GLU B 222 -4.63 8.56 20.92
N ILE B 223 -5.65 8.86 21.71
CA ILE B 223 -6.90 9.42 21.21
C ILE B 223 -6.98 10.87 21.65
N ILE B 224 -7.15 11.77 20.69
CA ILE B 224 -7.43 13.16 21.03
C ILE B 224 -8.80 13.22 21.72
N SER B 225 -8.97 14.19 22.61
CA SER B 225 -10.10 14.21 23.54
C SER B 225 -10.90 15.49 23.39
N CYS B 226 -12.21 15.33 23.18
CA CYS B 226 -13.14 16.44 23.03
C CYS B 226 -14.05 16.48 24.25
N VAL B 227 -13.82 17.44 25.14
CA VAL B 227 -14.51 17.52 26.42
C VAL B 227 -15.69 18.48 26.27
N ASP B 228 -16.90 17.95 26.39
CA ASP B 228 -18.11 18.77 26.43
C ASP B 228 -18.35 19.16 27.89
N GLY B 229 -17.88 20.35 28.27
CA GLY B 229 -18.11 20.85 29.60
C GLY B 229 -19.16 21.93 29.64
N ALA B 230 -20.19 21.80 28.80
CA ALA B 230 -21.27 22.78 28.76
C ALA B 230 -21.83 23.03 30.16
N GLN B 231 -22.22 21.97 30.85
CA GLN B 231 -22.51 22.03 32.28
C GLN B 231 -21.17 21.97 33.00
N GLY B 232 -20.49 23.10 33.08
CA GLY B 232 -19.16 23.12 33.62
C GLY B 232 -18.76 24.38 34.36
N ILE B 233 -18.42 25.45 33.62
CA ILE B 233 -17.87 26.64 34.23
C ILE B 233 -18.92 27.31 35.12
N GLY B 234 -18.49 27.76 36.30
CA GLY B 234 -19.37 28.35 37.27
C GLY B 234 -20.03 27.38 38.22
N MET B 235 -20.03 26.08 37.90
CA MET B 235 -20.70 25.07 38.73
C MET B 235 -19.74 24.04 39.31
N VAL B 236 -18.78 23.54 38.53
CA VAL B 236 -17.84 22.54 38.99
C VAL B 236 -16.44 22.97 38.61
N ASP B 237 -15.46 22.40 39.31
CA ASP B 237 -14.05 22.62 38.97
C ASP B 237 -13.67 21.74 37.78
N LEU B 238 -13.10 22.35 36.75
CA LEU B 238 -12.81 21.63 35.52
C LEU B 238 -11.49 20.88 35.56
N LYS B 239 -10.52 21.34 36.35
CA LYS B 239 -9.20 20.72 36.43
C LYS B 239 -8.54 20.68 35.05
N ILE B 240 -8.54 21.82 34.38
CA ILE B 240 -8.12 21.86 32.98
C ILE B 240 -6.64 21.52 32.85
N THR B 241 -5.78 22.18 33.64
CA THR B 241 -4.35 22.01 33.44
C THR B 241 -3.88 20.62 33.86
N GLU B 242 -4.50 20.02 34.87
CA GLU B 242 -4.08 18.69 35.30
C GLU B 242 -4.59 17.62 34.34
N THR B 243 -5.87 17.65 34.00
CA THR B 243 -6.38 16.71 33.01
C THR B 243 -5.81 16.98 31.63
N ASP B 244 -5.46 18.24 31.35
CA ASP B 244 -4.87 18.65 30.08
C ASP B 244 -5.65 18.14 28.87
N PRO B 245 -6.92 18.50 28.75
CA PRO B 245 -7.71 18.03 27.60
C PRO B 245 -7.26 18.73 26.33
N ASP B 246 -7.56 18.08 25.20
CA ASP B 246 -7.24 18.69 23.92
C ASP B 246 -8.22 19.80 23.56
N PHE B 247 -9.50 19.63 23.93
CA PHE B 247 -10.53 20.62 23.67
C PHE B 247 -11.53 20.64 24.81
N LEU B 248 -12.09 21.82 25.06
CA LEU B 248 -13.20 21.95 25.99
C LEU B 248 -14.07 23.11 25.56
N ILE B 249 -15.37 22.86 25.53
CA ILE B 249 -16.37 23.91 25.39
C ILE B 249 -17.20 23.93 26.67
N SER B 250 -17.58 25.13 27.11
CA SER B 250 -18.30 25.28 28.37
C SER B 250 -19.16 26.53 28.30
N ASN B 251 -20.43 26.40 28.67
CA ASN B 251 -21.39 27.51 28.57
C ASN B 251 -21.24 28.44 29.76
N CYS B 252 -20.81 29.68 29.51
CA CYS B 252 -20.81 30.69 30.54
C CYS B 252 -22.21 31.16 30.88
N HIS B 253 -23.16 31.00 29.97
CA HIS B 253 -24.52 31.47 30.20
C HIS B 253 -25.33 30.47 31.00
N1 LLP B 254 -24.07 19.67 26.00
C2 LLP B 254 -24.54 19.73 27.25
C2' LLP B 254 -24.13 18.65 28.29
C3 LLP B 254 -25.44 20.78 27.63
O3 LLP B 254 -25.94 20.82 28.94
C4 LLP B 254 -25.82 21.73 26.72
C4' LLP B 254 -26.83 22.90 27.22
C5 LLP B 254 -25.33 21.69 25.44
C6 LLP B 254 -24.45 20.65 25.07
C5' LLP B 254 -25.73 22.74 24.36
OP4 LLP B 254 -25.32 24.05 24.72
P LLP B 254 -26.04 25.22 24.02
OP1 LLP B 254 -27.55 24.94 24.01
OP2 LLP B 254 -25.55 25.34 22.63
OP3 LLP B 254 -25.77 26.49 24.76
N LLP B 254 -24.74 29.31 31.29
CA LLP B 254 -25.45 28.27 32.04
CB LLP B 254 -25.04 26.89 31.58
CG LLP B 254 -26.07 26.41 30.55
CD LLP B 254 -25.80 24.94 30.15
CE LLP B 254 -26.62 24.61 28.88
NZ LLP B 254 -26.55 23.16 28.60
C LLP B 254 -25.25 28.45 33.51
O LLP B 254 -26.23 28.53 34.23
N TRP B 255 -24.01 28.53 33.97
CA TRP B 255 -23.75 28.59 35.41
C TRP B 255 -22.79 29.70 35.85
N LEU B 256 -22.48 30.64 34.96
CA LEU B 256 -21.58 31.74 35.28
C LEU B 256 -22.28 33.09 35.26
N PHE B 257 -23.61 33.12 35.15
CA PHE B 257 -24.39 34.35 35.19
C PHE B 257 -24.02 35.30 34.05
N THR B 258 -23.57 34.74 32.91
CA THR B 258 -23.32 35.43 31.66
C THR B 258 -24.57 35.43 30.80
N PRO B 259 -24.89 36.53 30.11
CA PRO B 259 -26.08 36.53 29.25
C PRO B 259 -26.02 35.42 28.21
N ARG B 260 -27.20 34.95 27.81
CA ARG B 260 -27.29 33.81 26.91
C ARG B 260 -26.66 34.13 25.57
N GLY B 261 -25.94 33.15 25.03
CA GLY B 261 -25.17 33.36 23.83
C GLY B 261 -23.70 33.57 24.15
N CYS B 262 -23.14 32.71 25.02
CA CYS B 262 -21.73 32.81 25.35
C CYS B 262 -21.23 31.47 25.87
N ALA B 263 -20.07 31.04 25.37
CA ALA B 263 -19.41 29.84 25.83
C ALA B 263 -17.90 30.00 25.63
N VAL B 264 -17.13 29.51 26.59
CA VAL B 264 -15.67 29.61 26.52
C VAL B 264 -15.11 28.38 25.83
N PHE B 265 -14.22 28.60 24.86
CA PHE B 265 -13.58 27.55 24.09
C PHE B 265 -12.12 27.47 24.50
N TYR B 266 -11.70 26.32 25.01
CA TYR B 266 -10.34 26.09 25.46
C TYR B 266 -9.61 25.19 24.47
N VAL B 267 -8.51 25.69 23.91
CA VAL B 267 -7.61 24.87 23.10
C VAL B 267 -6.18 25.24 23.48
N PRO B 268 -5.37 24.28 23.95
CA PRO B 268 -3.95 24.56 24.15
C PRO B 268 -3.25 24.80 22.82
N VAL B 269 -2.19 25.61 22.85
CA VAL B 269 -1.49 25.94 21.60
C VAL B 269 -0.95 24.71 20.92
N ARG B 270 -0.83 23.60 21.64
CA ARG B 270 -0.47 22.33 21.03
C ARG B 270 -1.44 21.95 19.92
N ASN B 271 -2.72 22.27 20.09
CA ASN B 271 -3.76 21.81 19.19
C ASN B 271 -4.52 22.93 18.50
N GLN B 272 -3.97 24.15 18.47
CA GLN B 272 -4.70 25.25 17.87
C GLN B 272 -4.58 25.28 16.35
N HIS B 273 -3.56 24.65 15.78
CA HIS B 273 -3.45 24.56 14.33
C HIS B 273 -4.49 23.63 13.73
N LEU B 274 -5.07 22.74 14.53
CA LEU B 274 -6.13 21.86 14.03
C LEU B 274 -7.41 22.63 13.75
N ILE B 275 -7.63 23.73 14.47
CA ILE B 275 -8.78 24.59 14.19
C ILE B 275 -8.43 25.44 12.99
N ARG B 276 -8.53 24.85 11.79
CA ARG B 276 -8.20 25.56 10.57
C ARG B 276 -9.10 26.76 10.34
N SER B 277 -10.36 26.65 10.75
CA SER B 277 -11.32 27.71 10.47
C SER B 277 -12.32 27.82 11.62
N THR B 278 -12.84 29.02 11.82
CA THR B 278 -13.91 29.24 12.78
C THR B 278 -15.25 28.85 12.14
N LEU B 279 -16.28 28.85 12.98
CA LEU B 279 -17.63 28.57 12.49
C LEU B 279 -18.51 29.80 12.72
N PRO B 280 -18.85 30.51 11.64
CA PRO B 280 -18.50 30.21 10.24
C PRO B 280 -17.14 30.77 9.82
N THR B 281 -16.73 30.47 8.58
CA THR B 281 -15.48 30.99 8.05
C THR B 281 -15.60 32.49 7.80
N SER B 282 -14.59 33.24 8.22
CA SER B 282 -14.63 34.70 8.08
C SER B 282 -13.23 35.19 7.74
N HIS B 283 -12.95 36.46 8.07
CA HIS B 283 -11.76 37.14 7.55
C HIS B 283 -10.47 36.56 8.10
N GLY B 284 -10.50 36.02 9.31
CA GLY B 284 -9.28 35.54 9.93
C GLY B 284 -8.76 34.22 9.41
N PHE B 285 -9.45 33.58 8.48
CA PHE B 285 -9.00 32.31 7.95
C PHE B 285 -7.87 32.50 6.95
N VAL B 286 -6.79 31.76 7.13
CA VAL B 286 -5.66 31.77 6.20
C VAL B 286 -5.76 30.53 5.33
N PRO B 287 -5.65 30.64 4.01
CA PRO B 287 -5.79 29.46 3.15
C PRO B 287 -4.49 28.69 2.97
N GLN B 288 -4.51 27.73 2.05
CA GLN B 288 -3.36 26.88 1.73
C GLN B 288 -2.83 26.17 2.98
N PRO B 298 4.88 38.44 16.13
CA PRO B 298 5.43 39.76 16.47
C PRO B 298 5.81 39.88 17.95
N ALA B 299 6.64 38.94 18.42
CA ALA B 299 7.18 38.93 19.77
C ALA B 299 6.11 38.71 20.83
N GLY B 300 5.12 39.59 20.91
CA GLY B 300 4.12 39.47 21.95
C GLY B 300 2.81 40.19 21.70
N ASN B 301 1.93 39.59 20.90
CA ASN B 301 0.57 40.06 20.75
C ASN B 301 -0.30 38.88 20.33
N LYS B 302 -1.53 39.17 19.90
CA LYS B 302 -2.52 38.12 19.69
C LYS B 302 -2.13 37.22 18.52
N SER B 303 -2.32 35.92 18.71
CA SER B 303 -2.01 34.92 17.70
C SER B 303 -3.13 34.87 16.64
N ALA B 304 -2.85 34.13 15.56
CA ALA B 304 -3.82 34.00 14.49
C ALA B 304 -5.08 33.27 14.96
N PHE B 305 -4.94 32.31 15.87
CA PHE B 305 -6.09 31.60 16.40
C PHE B 305 -7.00 32.54 17.18
N VAL B 306 -6.44 33.26 18.14
CA VAL B 306 -7.23 34.20 18.93
C VAL B 306 -7.82 35.28 18.04
N SER B 307 -7.04 35.76 17.05
CA SER B 307 -7.54 36.81 16.16
C SER B 307 -8.66 36.32 15.28
N ASN B 308 -8.70 35.01 14.98
CA ASN B 308 -9.70 34.47 14.07
C ASN B 308 -11.09 34.47 14.69
N PHE B 309 -11.18 34.43 16.02
CA PHE B 309 -12.46 34.35 16.71
C PHE B 309 -13.01 35.71 17.11
N GLU B 310 -12.39 36.81 16.66
CA GLU B 310 -12.88 38.13 17.04
C GLU B 310 -14.03 38.58 16.15
N PHE B 311 -13.96 38.28 14.86
CA PHE B 311 -15.00 38.67 13.89
C PHE B 311 -15.34 37.44 13.06
N VAL B 312 -16.38 36.71 13.48
CA VAL B 312 -16.82 35.50 12.81
C VAL B 312 -18.17 35.75 12.16
N GLY B 313 -18.38 36.98 11.72
CA GLY B 313 -19.68 37.42 11.25
C GLY B 313 -20.28 38.32 12.31
N THR B 314 -20.97 39.37 11.88
CA THR B 314 -21.45 40.38 12.80
C THR B 314 -22.57 39.83 13.68
N VAL B 315 -22.36 39.87 14.98
CA VAL B 315 -23.35 39.47 15.97
C VAL B 315 -23.36 40.52 17.08
N ASP B 316 -24.32 40.38 17.99
CA ASP B 316 -24.33 41.17 19.22
C ASP B 316 -23.39 40.49 20.20
N ASN B 317 -22.21 41.08 20.41
CA ASN B 317 -21.20 40.51 21.28
C ASN B 317 -21.33 40.95 22.73
N SER B 318 -22.43 41.61 23.08
CA SER B 318 -22.61 42.06 24.46
C SER B 318 -22.54 40.92 25.49
N PRO B 319 -23.10 39.73 25.23
CA PRO B 319 -22.87 38.62 26.19
C PRO B 319 -21.40 38.32 26.41
N PHE B 320 -20.59 38.34 25.34
CA PHE B 320 -19.17 38.09 25.49
C PHE B 320 -18.52 39.13 26.40
N PHE B 321 -18.93 40.39 26.27
CA PHE B 321 -18.34 41.46 27.06
C PHE B 321 -18.67 41.32 28.54
N CYS B 322 -19.83 40.74 28.86
CA CYS B 322 -20.29 40.62 30.23
C CYS B 322 -19.61 39.49 30.99
N VAL B 323 -18.73 38.73 30.36
CA VAL B 323 -18.03 37.66 31.07
C VAL B 323 -17.16 38.23 32.18
N LYS B 324 -16.41 39.29 31.87
CA LYS B 324 -15.57 39.91 32.89
C LYS B 324 -16.42 40.54 34.00
N ASP B 325 -17.63 40.98 33.68
CA ASP B 325 -18.50 41.58 34.69
C ASP B 325 -19.10 40.53 35.62
N ALA B 326 -19.60 39.44 35.04
CA ALA B 326 -20.18 38.38 35.86
C ALA B 326 -19.14 37.75 36.76
N ILE B 327 -17.91 37.59 36.26
CA ILE B 327 -16.87 36.94 37.05
C ILE B 327 -16.52 37.78 38.28
N LYS B 328 -16.49 39.10 38.13
CA LYS B 328 -16.19 39.94 39.27
C LYS B 328 -17.41 40.24 40.13
N TRP B 329 -18.61 40.23 39.55
CA TRP B 329 -19.81 40.33 40.36
C TRP B 329 -19.97 39.11 41.26
N ARG B 330 -19.62 37.93 40.75
CA ARG B 330 -19.65 36.72 41.57
C ARG B 330 -18.56 36.75 42.64
N GLU B 331 -17.45 37.43 42.39
CA GLU B 331 -16.36 37.47 43.35
C GLU B 331 -16.56 38.56 44.40
N GLU B 332 -17.03 39.73 43.99
CA GLU B 332 -17.12 40.87 44.91
C GLU B 332 -18.41 40.85 45.73
N VAL B 333 -19.50 40.32 45.18
CA VAL B 333 -20.80 40.37 45.83
C VAL B 333 -21.16 39.04 46.48
N LEU B 334 -20.78 37.92 45.86
CA LEU B 334 -21.18 36.60 46.36
C LEU B 334 -20.04 35.86 47.06
N GLY B 335 -18.80 36.36 46.99
CA GLY B 335 -17.71 35.80 47.76
C GLY B 335 -16.71 34.98 46.99
N GLY B 336 -16.97 34.65 45.73
CA GLY B 336 -16.02 33.95 44.90
C GLY B 336 -16.58 32.64 44.36
N GLU B 337 -15.74 31.97 43.57
CA GLU B 337 -16.17 30.77 42.86
C GLU B 337 -16.30 29.58 43.79
N GLU B 338 -15.28 29.34 44.62
CA GLU B 338 -15.28 28.18 45.50
C GLU B 338 -16.45 28.18 46.47
N ARG B 339 -16.89 29.37 46.91
CA ARG B 339 -18.03 29.43 47.81
C ARG B 339 -19.36 29.23 47.07
N ILE B 340 -19.47 29.77 45.86
CA ILE B 340 -20.69 29.60 45.07
C ILE B 340 -20.89 28.11 44.77
N MET B 341 -19.86 27.45 44.24
CA MET B 341 -20.00 26.07 43.82
C MET B 341 -20.30 25.15 45.00
N GLU B 342 -19.72 25.43 46.17
CA GLU B 342 -19.92 24.55 47.31
C GLU B 342 -21.34 24.62 47.86
N TYR B 343 -22.02 25.75 47.66
CA TYR B 343 -23.37 25.88 48.19
C TYR B 343 -24.39 25.14 47.33
N MET B 344 -24.25 25.21 46.02
CA MET B 344 -25.23 24.58 45.13
C MET B 344 -25.08 23.06 45.15
N THR B 345 -23.85 22.56 45.22
CA THR B 345 -23.65 21.12 45.32
C THR B 345 -24.20 20.60 46.65
N LYS B 346 -23.95 21.31 47.75
CA LYS B 346 -24.52 20.91 49.03
C LYS B 346 -26.04 21.02 49.01
N LEU B 347 -26.56 22.08 48.38
CA LEU B 347 -28.01 22.19 48.21
C LEU B 347 -28.55 21.06 47.33
N ALA B 348 -27.74 20.58 46.39
CA ALA B 348 -28.22 19.56 45.45
C ALA B 348 -28.57 18.27 46.15
N ARG B 349 -27.67 17.74 46.98
CA ARG B 349 -27.93 16.53 47.75
C ARG B 349 -29.14 16.71 48.65
N GLU B 350 -28.98 17.56 49.66
CA GLU B 350 -29.98 17.70 50.71
C GLU B 350 -31.32 18.15 50.15
N GLY B 351 -31.29 19.00 49.12
CA GLY B 351 -32.53 19.35 48.44
C GLY B 351 -33.11 18.17 47.69
N GLY B 352 -32.27 17.47 46.92
CA GLY B 352 -32.73 16.28 46.22
C GLY B 352 -33.16 15.18 47.17
N GLN B 353 -32.41 14.99 48.26
CA GLN B 353 -32.81 14.02 49.28
C GLN B 353 -34.15 14.36 49.89
N LYS B 354 -34.41 15.65 50.14
CA LYS B 354 -35.70 16.07 50.66
C LYS B 354 -36.81 15.76 49.68
N VAL B 355 -36.60 16.07 48.39
CA VAL B 355 -37.60 15.73 47.38
C VAL B 355 -37.78 14.22 47.29
N ALA B 356 -36.67 13.47 47.39
CA ALA B 356 -36.78 12.01 47.40
C ALA B 356 -37.53 11.52 48.62
N GLU B 357 -37.28 12.13 49.78
CA GLU B 357 -38.00 11.76 51.00
C GLU B 357 -39.49 12.10 50.88
N ILE B 358 -39.80 13.29 50.38
CA ILE B 358 -41.20 13.70 50.23
C ILE B 358 -41.93 12.75 49.29
N LEU B 359 -41.29 12.38 48.18
CA LEU B 359 -41.89 11.45 47.24
C LEU B 359 -41.84 10.01 47.74
N GLY B 360 -40.86 9.69 48.57
CA GLY B 360 -40.65 8.31 48.97
C GLY B 360 -39.91 7.48 47.95
N THR B 361 -39.17 8.10 47.05
CA THR B 361 -38.40 7.40 46.02
C THR B 361 -36.92 7.53 46.37
N ARG B 362 -36.06 7.99 45.46
CA ARG B 362 -34.64 8.07 45.73
C ARG B 362 -34.01 9.08 44.78
N VAL B 363 -32.77 9.44 45.07
CA VAL B 363 -31.97 10.27 44.18
C VAL B 363 -31.10 9.36 43.32
N LEU B 364 -30.78 9.83 42.11
CA LEU B 364 -29.88 9.10 41.22
C LEU B 364 -28.45 9.28 41.72
N GLU B 365 -27.89 8.22 42.31
CA GLU B 365 -26.56 8.31 42.90
C GLU B 365 -25.96 6.91 42.98
N ASN B 366 -24.64 6.83 42.78
CA ASN B 366 -23.95 5.55 42.74
C ASN B 366 -23.38 5.21 44.11
N SER B 367 -22.59 4.13 44.19
CA SER B 367 -22.03 3.70 45.47
C SER B 367 -21.04 4.71 46.00
N THR B 368 -20.23 5.31 45.13
CA THR B 368 -19.20 6.26 45.55
C THR B 368 -19.76 7.64 45.85
N GLY B 369 -21.04 7.90 45.56
CA GLY B 369 -21.59 9.22 45.79
C GLY B 369 -20.99 10.30 44.92
N THR B 370 -20.68 9.98 43.67
CA THR B 370 -19.99 10.90 42.78
C THR B 370 -20.86 11.45 41.66
N LEU B 371 -22.11 11.02 41.56
CA LEU B 371 -22.99 11.56 40.53
C LEU B 371 -23.42 13.00 40.85
N ILE B 372 -23.81 13.26 42.09
CA ILE B 372 -24.23 14.60 42.46
C ILE B 372 -23.03 15.39 42.95
N ARG B 373 -22.04 15.58 42.07
CA ARG B 373 -20.93 16.46 42.39
C ARG B 373 -21.09 17.81 41.72
N CYS B 374 -22.33 18.21 41.46
CA CYS B 374 -22.64 19.43 40.73
C CYS B 374 -23.87 20.07 41.38
N ALA B 375 -24.43 21.06 40.71
CA ALA B 375 -25.60 21.77 41.19
C ALA B 375 -26.92 21.16 40.75
N MET B 376 -26.89 19.93 40.24
CA MET B 376 -28.07 19.27 39.70
C MET B 376 -28.27 17.93 40.38
N VAL B 377 -29.53 17.52 40.51
CA VAL B 377 -29.89 16.26 41.16
C VAL B 377 -31.09 15.68 40.44
N ASN B 378 -31.12 14.35 40.35
CA ASN B 378 -32.19 13.63 39.66
C ASN B 378 -32.94 12.77 40.67
N ILE B 379 -34.26 12.88 40.68
CA ILE B 379 -35.11 12.15 41.62
C ILE B 379 -36.16 11.39 40.82
N ALA B 380 -36.33 10.11 41.16
CA ALA B 380 -37.31 9.27 40.49
C ALA B 380 -38.73 9.63 40.92
N LEU B 381 -39.65 9.63 39.96
CA LEU B 381 -41.04 9.90 40.27
C LEU B 381 -41.72 8.64 40.78
N PRO B 382 -42.64 8.75 41.76
CA PRO B 382 -43.25 7.58 42.40
C PRO B 382 -44.28 6.85 41.54
N PHE B 383 -43.90 6.50 40.33
CA PHE B 383 -44.71 5.62 39.49
C PHE B 383 -43.80 4.96 38.47
N VAL B 384 -44.37 4.05 37.67
CA VAL B 384 -43.62 3.20 36.75
C VAL B 384 -44.40 3.07 35.45
N VAL B 385 -43.68 2.95 34.36
CA VAL B 385 -44.29 2.80 33.04
C VAL B 385 -44.25 1.34 32.63
N GLY B 386 -45.27 0.91 31.90
CA GLY B 386 -45.32 -0.46 31.43
C GLY B 386 -44.20 -0.77 30.45
N GLU B 387 -43.94 -2.07 30.29
CA GLU B 387 -42.87 -2.53 29.43
C GLU B 387 -43.19 -2.18 27.98
N ASP B 388 -42.15 -1.85 27.21
CA ASP B 388 -42.32 -1.54 25.80
C ASP B 388 -42.22 -2.83 24.99
N PRO B 389 -43.28 -3.25 24.31
CA PRO B 389 -43.20 -4.50 23.51
C PRO B 389 -42.11 -4.50 22.47
N LYS B 390 -41.56 -3.33 22.11
CA LYS B 390 -40.56 -3.26 21.04
C LYS B 390 -39.18 -3.60 21.58
N ALA B 391 -38.61 -2.72 22.38
CA ALA B 391 -37.35 -2.94 23.09
C ALA B 391 -37.66 -2.94 24.57
N PRO B 392 -38.09 -4.07 25.13
CA PRO B 392 -38.37 -4.12 26.57
C PRO B 392 -37.10 -3.95 27.37
N VAL B 393 -37.20 -3.15 28.44
CA VAL B 393 -36.08 -2.94 29.34
C VAL B 393 -36.22 -3.97 30.46
N LYS B 394 -35.44 -5.03 30.37
CA LYS B 394 -35.33 -6.00 31.45
C LYS B 394 -34.35 -5.47 32.49
N LEU B 395 -34.79 -5.40 33.74
CA LEU B 395 -34.15 -4.58 34.75
C LEU B 395 -33.28 -5.38 35.72
N THR B 396 -32.44 -4.64 36.43
CA THR B 396 -31.70 -5.18 37.55
C THR B 396 -32.66 -5.68 38.63
N GLU B 397 -32.16 -6.60 39.46
CA GLU B 397 -32.96 -7.12 40.56
C GLU B 397 -33.38 -6.01 41.52
N LYS B 398 -32.46 -5.11 41.85
CA LYS B 398 -32.78 -4.03 42.78
C LYS B 398 -33.74 -3.03 42.18
N GLU B 399 -33.71 -2.85 40.86
CA GLU B 399 -34.65 -1.93 40.23
C GLU B 399 -36.07 -2.49 40.24
N GLU B 400 -36.22 -3.81 40.15
CA GLU B 400 -37.55 -4.40 40.25
C GLU B 400 -38.11 -4.31 41.67
N LYS B 401 -37.25 -4.42 42.68
CA LYS B 401 -37.72 -4.28 44.06
C LYS B 401 -38.08 -2.83 44.37
N ASP B 402 -37.29 -1.88 43.86
CA ASP B 402 -37.62 -0.47 43.99
C ASP B 402 -38.92 -0.10 43.30
N VAL B 403 -39.49 -1.02 42.52
CA VAL B 403 -40.71 -0.76 41.76
C VAL B 403 -41.93 -1.46 42.34
N GLU B 404 -41.74 -2.53 43.12
CA GLU B 404 -42.87 -3.27 43.68
C GLU B 404 -43.78 -2.36 44.48
N GLY B 405 -45.07 -2.42 44.19
CA GLY B 405 -46.07 -1.58 44.84
C GLY B 405 -46.36 -0.28 44.14
N LEU B 406 -45.48 0.17 43.24
CA LEU B 406 -45.68 1.44 42.56
C LEU B 406 -46.80 1.34 41.53
N TYR B 407 -47.46 2.47 41.30
CA TYR B 407 -48.49 2.56 40.28
C TYR B 407 -47.86 2.49 38.90
N GLU B 408 -48.43 1.66 38.02
CA GLU B 408 -47.91 1.48 36.67
C GLU B 408 -48.81 2.18 35.66
N ILE B 409 -48.19 3.03 34.84
CA ILE B 409 -48.87 3.63 33.70
C ILE B 409 -48.46 2.82 32.48
N PRO B 410 -49.33 2.61 31.49
CA PRO B 410 -48.92 1.87 30.30
C PRO B 410 -47.96 2.69 29.43
N HIS B 411 -47.07 1.97 28.75
CA HIS B 411 -46.09 2.63 27.87
C HIS B 411 -46.75 3.44 26.78
N GLU B 412 -47.98 3.10 26.40
CA GLU B 412 -48.66 3.79 25.31
C GLU B 412 -49.03 5.21 25.70
N GLU B 413 -49.42 5.40 26.96
CA GLU B 413 -49.75 6.70 27.51
C GLU B 413 -48.55 7.37 28.19
N ALA B 414 -47.37 6.76 28.09
CA ALA B 414 -46.18 7.30 28.75
C ALA B 414 -45.85 8.69 28.23
N ASN B 415 -45.69 8.82 26.91
CA ASN B 415 -45.42 10.13 26.34
C ASN B 415 -46.60 11.08 26.53
N MET B 416 -47.82 10.54 26.59
CA MET B 416 -48.99 11.37 26.82
C MET B 416 -48.95 12.03 28.19
N ALA B 417 -48.61 11.24 29.22
CA ALA B 417 -48.49 11.81 30.56
C ALA B 417 -47.25 12.68 30.68
N PHE B 418 -46.21 12.39 29.90
CA PHE B 418 -45.00 13.21 29.92
C PHE B 418 -45.31 14.65 29.50
N LYS B 419 -46.03 14.81 28.39
CA LYS B 419 -46.40 16.15 27.94
C LYS B 419 -47.33 16.82 28.94
N TRP B 420 -48.21 16.04 29.57
CA TRP B 420 -49.21 16.62 30.46
C TRP B 420 -48.55 17.23 31.70
N MET B 421 -47.52 16.58 32.23
CA MET B 421 -46.82 17.13 33.38
C MET B 421 -46.10 18.42 33.03
N TYR B 422 -45.55 18.50 31.81
CA TYR B 422 -44.91 19.74 31.36
C TYR B 422 -45.92 20.88 31.26
N ASN B 423 -47.10 20.60 30.71
CA ASN B 423 -48.13 21.63 30.59
C ASN B 423 -48.59 22.09 31.97
N VAL B 424 -48.81 21.14 32.89
CA VAL B 424 -49.34 21.49 34.20
C VAL B 424 -48.30 22.23 35.03
N LEU B 425 -47.04 21.81 34.95
CA LEU B 425 -46.00 22.46 35.74
C LEU B 425 -45.85 23.94 35.39
N GLN B 426 -46.04 24.29 34.12
CA GLN B 426 -45.93 25.69 33.71
C GLN B 426 -47.24 26.45 33.91
N ASP B 427 -48.35 25.91 33.42
CA ASP B 427 -49.60 26.66 33.42
C ASP B 427 -50.22 26.73 34.81
N GLU B 428 -50.05 25.70 35.63
CA GLU B 428 -50.71 25.63 36.92
C GLU B 428 -49.79 25.95 38.09
N PHE B 429 -48.53 25.52 38.04
CA PHE B 429 -47.59 25.74 39.13
C PHE B 429 -46.53 26.78 38.83
N ASN B 430 -46.51 27.33 37.61
CA ASN B 430 -45.56 28.37 37.22
C ASN B 430 -44.12 27.96 37.52
N THR B 431 -43.74 26.83 36.95
CA THR B 431 -42.37 26.32 37.07
C THR B 431 -42.11 25.40 35.89
N PHE B 432 -40.89 24.88 35.82
CA PHE B 432 -40.53 23.92 34.78
C PHE B 432 -39.52 22.94 35.35
N VAL B 433 -39.75 21.65 35.12
CA VAL B 433 -38.86 20.59 35.58
C VAL B 433 -38.65 19.63 34.42
N PRO B 434 -37.41 19.47 33.93
CA PRO B 434 -37.16 18.48 32.87
C PRO B 434 -36.98 17.09 33.46
N MET B 435 -37.49 16.09 32.74
CA MET B 435 -37.51 14.72 33.22
C MET B 435 -36.81 13.80 32.24
N THR B 436 -35.98 12.91 32.77
CA THR B 436 -35.26 11.92 31.97
C THR B 436 -36.00 10.59 32.05
N PHE B 437 -36.36 10.04 30.90
CA PHE B 437 -36.98 8.72 30.82
C PHE B 437 -35.87 7.69 30.64
N HIS B 438 -35.65 6.87 31.67
CA HIS B 438 -34.52 5.93 31.66
C HIS B 438 -34.93 4.66 32.37
N ARG B 439 -34.97 3.55 31.62
CA ARG B 439 -35.22 2.22 32.17
C ARG B 439 -36.52 2.17 32.95
N ARG B 440 -37.60 2.58 32.29
CA ARG B 440 -38.97 2.49 32.79
C ARG B 440 -39.24 3.36 34.00
N ARG B 441 -38.46 4.43 34.19
CA ARG B 441 -38.70 5.39 35.25
C ARG B 441 -38.57 6.80 34.69
N PHE B 442 -39.21 7.75 35.37
CA PHE B 442 -39.08 9.16 35.07
C PHE B 442 -38.25 9.81 36.17
N TRP B 443 -37.11 10.37 35.78
CA TRP B 443 -36.19 11.02 36.72
C TRP B 443 -36.28 12.53 36.50
N ALA B 444 -36.92 13.23 37.42
CA ALA B 444 -36.98 14.68 37.38
C ALA B 444 -35.65 15.25 37.84
N ARG B 445 -35.13 16.23 37.10
CA ARG B 445 -33.85 16.86 37.42
C ARG B 445 -34.09 18.28 37.89
N LEU B 446 -33.59 18.59 39.08
CA LEU B 446 -33.67 19.92 39.66
C LEU B 446 -32.29 20.56 39.67
N SER B 447 -32.28 21.90 39.67
CA SER B 447 -31.04 22.67 39.63
C SER B 447 -30.99 23.59 40.84
N ALA B 448 -30.03 23.35 41.73
CA ALA B 448 -29.82 24.24 42.86
C ALA B 448 -29.18 25.54 42.39
N GLN B 449 -29.40 26.61 43.16
CA GLN B 449 -28.84 27.90 42.82
C GLN B 449 -28.68 28.74 44.07
N VAL B 450 -27.86 29.79 43.95
CA VAL B 450 -27.57 30.66 45.09
C VAL B 450 -28.82 31.40 45.55
N TYR B 451 -29.76 31.64 44.65
CA TYR B 451 -31.02 32.29 45.00
C TYR B 451 -32.06 31.29 45.49
N LEU B 452 -31.69 30.03 45.68
CA LEU B 452 -32.57 29.00 46.20
C LEU B 452 -32.12 28.53 47.57
N GLU B 453 -33.03 27.92 48.31
CA GLU B 453 -32.74 27.32 49.60
C GLU B 453 -33.55 26.03 49.73
N MET B 454 -33.45 25.40 50.91
CA MET B 454 -34.11 24.12 51.11
C MET B 454 -35.61 24.22 50.97
N SER B 455 -36.20 25.35 51.36
CA SER B 455 -37.64 25.53 51.22
C SER B 455 -38.08 25.44 49.76
N ASP B 456 -37.19 25.82 48.82
CA ASP B 456 -37.51 25.68 47.40
C ASP B 456 -37.69 24.22 47.01
N PHE B 457 -36.81 23.35 47.51
CA PHE B 457 -36.88 21.94 47.17
C PHE B 457 -38.00 21.22 47.94
N GLU B 458 -38.35 21.73 49.13
CA GLU B 458 -39.54 21.22 49.80
C GLU B 458 -40.79 21.55 49.01
N TRP B 459 -40.82 22.73 48.37
CA TRP B 459 -41.91 23.04 47.45
C TRP B 459 -41.85 22.16 46.21
N ALA B 460 -40.65 21.79 45.77
CA ALA B 460 -40.53 20.89 44.62
C ALA B 460 -41.09 19.51 44.94
N GLY B 461 -40.83 19.01 46.15
CA GLY B 461 -41.42 17.75 46.55
C GLY B 461 -42.92 17.83 46.66
N LYS B 462 -43.43 18.90 47.30
CA LYS B 462 -44.87 19.09 47.41
C LYS B 462 -45.51 19.18 46.03
N THR B 463 -44.88 19.90 45.11
CA THR B 463 -45.46 20.10 43.79
C THR B 463 -45.44 18.81 42.98
N LEU B 464 -44.28 18.16 42.91
CA LEU B 464 -44.17 16.95 42.09
C LEU B 464 -45.03 15.81 42.63
N LYS B 465 -45.25 15.79 43.95
CA LYS B 465 -46.11 14.75 44.52
C LYS B 465 -47.57 15.01 44.19
N GLU B 466 -48.03 16.25 44.38
CA GLU B 466 -49.34 16.63 43.88
C GLU B 466 -49.50 16.23 42.42
N LEU B 467 -48.45 16.42 41.62
CA LEU B 467 -48.49 16.08 40.20
C LEU B 467 -48.54 14.57 40.00
N CYS B 468 -47.74 13.82 40.75
CA CYS B 468 -47.68 12.37 40.55
C CYS B 468 -48.91 11.67 41.11
N GLU B 469 -49.51 12.18 42.18
CA GLU B 469 -50.76 11.60 42.66
C GLU B 469 -51.88 11.78 41.64
N ARG B 470 -51.74 12.73 40.71
CA ARG B 470 -52.73 12.94 39.66
C ARG B 470 -52.45 12.11 38.42
N VAL B 471 -51.18 11.82 38.11
CA VAL B 471 -50.91 10.89 37.03
C VAL B 471 -51.28 9.47 37.44
N ALA B 472 -51.35 9.19 38.74
CA ALA B 472 -51.84 7.91 39.19
C ALA B 472 -53.36 7.82 39.07
N LYS B 473 -54.04 8.96 39.07
CA LYS B 473 -55.48 9.00 38.86
C LYS B 473 -55.84 9.19 37.39
N GLY B 474 -54.85 9.14 36.49
CA GLY B 474 -55.12 9.25 35.07
C GLY B 474 -55.72 10.56 34.64
N GLU B 475 -55.36 11.66 35.31
CA GLU B 475 -55.93 12.97 35.00
C GLU B 475 -55.46 13.51 33.66
N TYR B 476 -54.46 12.89 33.04
CA TYR B 476 -53.86 13.39 31.80
C TYR B 476 -54.66 13.04 30.56
N LYS B 477 -55.91 12.63 30.69
CA LYS B 477 -56.72 12.27 29.52
C LYS B 477 -57.32 13.52 28.87
N THR C 28 57.46 9.95 -23.23
CA THR C 28 56.59 11.10 -23.01
C THR C 28 56.92 11.78 -21.68
N GLY C 29 56.45 13.02 -21.53
CA GLY C 29 56.73 13.79 -20.34
C GLY C 29 55.59 14.69 -19.93
N PRO C 30 55.91 15.80 -19.25
CA PRO C 30 54.87 16.68 -18.73
C PRO C 30 54.11 17.39 -19.85
N LEU C 31 52.92 17.86 -19.50
CA LEU C 31 52.08 18.54 -20.47
C LEU C 31 52.65 19.92 -20.78
N PRO C 32 52.58 20.36 -22.04
CA PRO C 32 52.97 21.74 -22.35
C PRO C 32 51.98 22.73 -21.76
N PHE C 33 52.47 23.95 -21.55
CA PHE C 33 51.68 25.02 -20.97
C PHE C 33 50.94 25.76 -22.07
N GLY C 34 50.08 26.70 -21.65
CA GLY C 34 49.30 27.51 -22.57
C GLY C 34 47.83 27.13 -22.56
N ASN C 35 47.12 27.67 -23.56
CA ASN C 35 45.68 27.44 -23.66
C ASN C 35 45.33 25.97 -23.89
N SER C 36 46.28 25.16 -24.36
CA SER C 36 46.04 23.73 -24.46
C SER C 36 45.83 23.10 -23.09
N LEU C 37 46.36 23.72 -22.04
CA LEU C 37 46.22 23.21 -20.68
C LEU C 37 44.85 23.47 -20.08
N LEU C 38 44.01 24.30 -20.73
CA LEU C 38 42.67 24.58 -20.22
C LEU C 38 41.79 23.34 -20.23
N LYS C 39 42.09 22.35 -21.08
CA LYS C 39 41.34 21.11 -21.07
C LYS C 39 41.40 20.41 -19.72
N GLU C 40 42.50 20.61 -18.98
CA GLU C 40 42.66 20.02 -17.66
C GLU C 40 41.94 20.79 -16.57
N PHE C 41 41.34 21.93 -16.88
CA PHE C 41 40.71 22.79 -15.90
C PHE C 41 39.23 22.90 -16.16
N VAL C 42 38.53 23.57 -15.24
CA VAL C 42 37.07 23.66 -15.28
C VAL C 42 36.61 25.11 -15.29
N LEU C 43 37.31 25.94 -16.05
CA LEU C 43 36.89 27.32 -16.24
C LEU C 43 35.89 27.43 -17.38
N ASP C 44 35.02 28.43 -17.29
CA ASP C 44 34.10 28.72 -18.37
C ASP C 44 34.89 29.16 -19.60
N PRO C 45 34.81 28.44 -20.71
CA PRO C 45 35.63 28.81 -21.88
C PRO C 45 35.36 30.20 -22.41
N ALA C 46 34.16 30.74 -22.22
CA ALA C 46 33.86 32.11 -22.58
C ALA C 46 34.43 33.11 -21.60
N TYR C 47 34.84 32.66 -20.41
CA TYR C 47 35.42 33.53 -19.39
C TYR C 47 36.94 33.44 -19.44
N ARG C 48 37.59 34.59 -19.35
CA ARG C 48 39.05 34.68 -19.34
C ARG C 48 39.48 35.06 -17.93
N ASN C 49 40.17 34.14 -17.25
CA ASN C 49 40.58 34.35 -15.87
C ASN C 49 41.94 35.03 -15.87
N LEU C 50 41.93 36.35 -15.86
CA LEU C 50 43.13 37.15 -15.67
C LEU C 50 43.43 37.40 -14.20
N ASN C 51 42.56 36.95 -13.30
CA ASN C 51 42.73 37.22 -11.88
C ASN C 51 42.74 35.93 -11.08
N HIS C 52 43.73 35.06 -11.36
CA HIS C 52 43.87 33.83 -10.61
C HIS C 52 44.34 34.09 -9.18
N GLY C 53 44.93 35.25 -8.91
CA GLY C 53 45.56 35.52 -7.63
C GLY C 53 44.61 35.81 -6.49
N SER C 54 43.32 36.02 -6.77
CA SER C 54 42.38 36.33 -5.71
C SER C 54 41.84 35.05 -5.07
N PHE C 55 41.23 34.18 -5.87
CA PHE C 55 40.59 32.98 -5.36
C PHE C 55 41.16 31.69 -5.94
N GLY C 56 42.02 31.75 -6.96
CA GLY C 56 42.58 30.56 -7.53
C GLY C 56 41.54 29.70 -8.24
N THR C 57 42.00 28.54 -8.70
CA THR C 57 41.12 27.53 -9.27
C THR C 57 41.88 26.21 -9.30
N ILE C 58 41.16 25.15 -9.64
CA ILE C 58 41.71 23.79 -9.56
C ILE C 58 41.50 23.05 -10.88
N PRO C 59 42.41 22.15 -11.25
CA PRO C 59 42.17 21.29 -12.42
C PRO C 59 41.03 20.30 -12.16
N SER C 60 40.49 19.78 -13.25
CA SER C 60 39.34 18.89 -13.17
C SER C 60 39.65 17.64 -12.34
N ALA C 61 40.90 17.20 -12.33
CA ALA C 61 41.26 16.01 -11.56
C ALA C 61 41.18 16.28 -10.06
N ILE C 62 41.59 17.46 -9.62
CA ILE C 62 41.52 17.80 -8.19
C ILE C 62 40.08 17.96 -7.76
N GLN C 63 39.22 18.50 -8.63
CA GLN C 63 37.80 18.57 -8.33
C GLN C 63 37.20 17.18 -8.16
N GLN C 64 37.69 16.21 -8.95
CA GLN C 64 37.24 14.83 -8.78
C GLN C 64 37.70 14.25 -7.46
N LYS C 65 38.94 14.54 -7.06
CA LYS C 65 39.42 14.09 -5.75
C LYS C 65 38.60 14.70 -4.62
N LEU C 66 38.30 16.01 -4.72
CA LEU C 66 37.52 16.67 -3.68
C LEU C 66 36.18 15.99 -3.48
N ARG C 67 35.49 15.68 -4.59
CA ARG C 67 34.22 14.97 -4.50
C ARG C 67 34.40 13.52 -4.09
N SER C 68 35.60 12.96 -4.28
CA SER C 68 35.88 11.62 -3.79
C SER C 68 35.93 11.61 -2.26
N TYR C 69 36.48 12.67 -1.66
CA TYR C 69 36.47 12.77 -0.21
C TYR C 69 35.08 13.08 0.32
N GLN C 70 34.31 13.90 -0.41
CA GLN C 70 32.92 14.15 -0.05
C GLN C 70 32.14 12.84 0.01
N THR C 71 32.29 12.00 -1.02
CA THR C 71 31.55 10.74 -1.08
C THR C 71 31.91 9.84 0.09
N ALA C 72 33.21 9.70 0.38
CA ALA C 72 33.63 8.88 1.50
C ALA C 72 33.10 9.43 2.83
N ALA C 73 32.98 10.75 2.93
CA ALA C 73 32.51 11.36 4.16
C ALA C 73 31.05 11.06 4.43
N GLU C 74 30.23 10.94 3.39
CA GLU C 74 28.82 10.65 3.57
C GLU C 74 28.50 9.17 3.51
N ALA C 75 29.44 8.34 3.04
CA ALA C 75 29.21 6.89 3.03
C ALA C 75 29.22 6.33 4.43
N ARG C 76 30.27 6.63 5.19
CA ARG C 76 30.40 6.24 6.60
C ARG C 76 30.86 7.45 7.37
N PRO C 77 29.93 8.35 7.75
CA PRO C 77 30.31 9.64 8.35
C PRO C 77 31.21 9.51 9.57
N CYS C 78 30.71 8.88 10.63
CA CYS C 78 31.50 8.77 11.86
C CYS C 78 32.80 8.00 11.67
N PRO C 79 32.84 6.83 11.05
CA PRO C 79 34.14 6.16 10.89
C PRO C 79 35.14 6.94 10.05
N PHE C 80 34.68 7.69 9.05
CA PHE C 80 35.61 8.43 8.20
C PHE C 80 36.04 9.74 8.84
N LEU C 81 35.08 10.51 9.36
CA LEU C 81 35.41 11.83 9.90
C LEU C 81 36.17 11.75 11.20
N ARG C 82 36.01 10.67 11.97
CA ARG C 82 36.66 10.57 13.27
C ARG C 82 38.09 10.04 13.16
N TYR C 83 38.32 9.04 12.30
CA TYR C 83 39.59 8.35 12.26
C TYR C 83 40.33 8.42 10.93
N GLN C 84 39.66 8.78 9.84
CA GLN C 84 40.36 8.98 8.57
C GLN C 84 40.76 10.43 8.37
N THR C 85 40.14 11.37 9.07
CA THR C 85 40.59 12.76 9.01
C THR C 85 42.04 12.92 9.46
N PRO C 86 42.48 12.39 10.60
CA PRO C 86 43.90 12.55 10.95
C PRO C 86 44.85 11.90 9.97
N VAL C 87 44.46 10.73 9.42
CA VAL C 87 45.31 10.05 8.45
C VAL C 87 45.51 10.92 7.22
N LEU C 88 44.42 11.39 6.64
CA LEU C 88 44.51 12.17 5.41
C LEU C 88 45.20 13.51 5.65
N LEU C 89 44.99 14.12 6.81
CA LEU C 89 45.68 15.36 7.14
C LEU C 89 47.18 15.13 7.20
N ASP C 90 47.61 14.05 7.86
CA ASP C 90 49.04 13.76 7.97
C ASP C 90 49.66 13.49 6.60
N GLU C 91 48.90 12.90 5.68
CA GLU C 91 49.41 12.71 4.32
C GLU C 91 49.59 14.05 3.61
N SER C 92 48.63 14.97 3.79
CA SER C 92 48.78 16.30 3.20
C SER C 92 49.86 17.11 3.91
N ARG C 93 50.02 16.91 5.22
CA ARG C 93 51.06 17.63 5.95
C ARG C 93 52.45 17.19 5.50
N ALA C 94 52.65 15.88 5.32
CA ALA C 94 53.94 15.40 4.83
C ALA C 94 54.17 15.77 3.37
N ALA C 95 53.10 15.94 2.61
CA ALA C 95 53.25 16.33 1.21
C ALA C 95 53.65 17.79 1.09
N VAL C 96 53.08 18.66 1.91
CA VAL C 96 53.41 20.08 1.83
C VAL C 96 54.71 20.38 2.56
N ALA C 97 55.05 19.61 3.59
CA ALA C 97 56.29 19.86 4.31
C ALA C 97 57.50 19.52 3.45
N ASN C 98 57.41 18.46 2.66
CA ASN C 98 58.52 18.10 1.77
C ASN C 98 58.65 19.10 0.64
N LEU C 99 57.52 19.63 0.14
CA LEU C 99 57.58 20.67 -0.88
C LEU C 99 58.29 21.91 -0.35
N LEU C 100 57.85 22.40 0.81
CA LEU C 100 58.50 23.55 1.46
C LEU C 100 59.85 23.18 2.07
N LYS C 101 60.19 21.89 2.11
CA LYS C 101 61.45 21.41 2.69
C LYS C 101 61.58 21.85 4.15
N VAL C 102 60.55 21.57 4.93
CA VAL C 102 60.57 21.83 6.37
C VAL C 102 60.16 20.55 7.09
N PRO C 103 60.53 20.42 8.37
CA PRO C 103 60.03 19.29 9.16
C PRO C 103 58.51 19.26 9.18
N VAL C 104 57.95 18.05 9.08
CA VAL C 104 56.50 17.91 9.04
C VAL C 104 55.86 18.34 10.34
N GLU C 105 56.61 18.28 11.45
CA GLU C 105 56.09 18.69 12.75
C GLU C 105 55.87 20.20 12.84
N THR C 106 56.17 20.96 11.79
CA THR C 106 56.06 22.41 11.82
C THR C 106 54.92 22.95 10.97
N VAL C 107 54.14 22.08 10.32
CA VAL C 107 53.10 22.51 9.39
C VAL C 107 51.75 21.97 9.84
N VAL C 108 50.73 22.83 9.80
CA VAL C 108 49.34 22.46 10.03
C VAL C 108 48.49 23.26 9.05
N PHE C 109 47.23 22.85 8.90
CA PHE C 109 46.32 23.47 7.95
C PHE C 109 45.24 24.26 8.68
N VAL C 110 44.92 25.43 8.14
CA VAL C 110 43.86 26.28 8.65
C VAL C 110 42.95 26.67 7.49
N ALA C 111 41.88 27.41 7.80
CA ALA C 111 40.84 27.69 6.82
C ALA C 111 41.37 28.55 5.67
N ASN C 112 42.12 29.59 5.98
CA ASN C 112 42.63 30.52 4.97
C ASN C 112 43.69 31.41 5.61
N ALA C 113 44.22 32.33 4.81
CA ALA C 113 45.26 33.23 5.31
C ALA C 113 44.72 34.18 6.36
N THR C 114 43.50 34.68 6.16
CA THR C 114 42.88 35.53 7.16
C THR C 114 42.74 34.80 8.48
N MET C 115 42.33 33.53 8.45
CA MET C 115 42.22 32.75 9.68
C MET C 115 43.57 32.58 10.35
N GLY C 116 44.61 32.28 9.57
CA GLY C 116 45.93 32.04 10.16
C GLY C 116 46.52 33.27 10.80
N VAL C 117 46.39 34.44 10.14
CA VAL C 117 46.91 35.67 10.71
C VAL C 117 46.25 35.98 12.05
N ASN C 118 44.96 35.71 12.16
CA ASN C 118 44.28 35.93 13.44
C ASN C 118 44.75 34.95 14.49
N THR C 119 45.04 33.71 14.10
CA THR C 119 45.54 32.72 15.05
C THR C 119 46.82 33.21 15.71
N VAL C 120 47.65 33.94 14.97
CA VAL C 120 48.88 34.50 15.55
C VAL C 120 48.54 35.70 16.42
N LEU C 121 47.83 36.68 15.87
CA LEU C 121 47.64 37.95 16.56
C LEU C 121 46.75 37.81 17.79
N ARG C 122 45.75 36.93 17.75
CA ARG C 122 44.88 36.73 18.90
C ARG C 122 45.54 35.93 20.01
N ASN C 123 46.66 35.25 19.72
CA ASN C 123 47.31 34.38 20.70
C ASN C 123 48.48 35.05 21.42
N ILE C 124 49.03 36.13 20.87
CA ILE C 124 50.24 36.73 21.44
C ILE C 124 49.90 37.34 22.80
N VAL C 125 50.63 36.93 23.82
CA VAL C 125 50.54 37.54 25.15
C VAL C 125 51.40 38.80 25.13
N TRP C 126 50.75 39.97 25.16
CA TRP C 126 51.48 41.22 25.09
C TRP C 126 52.10 41.56 26.45
N SER C 127 53.17 42.36 26.40
CA SER C 127 53.90 42.72 27.60
C SER C 127 53.01 43.55 28.54
N ALA C 128 53.11 43.26 29.84
CA ALA C 128 52.22 43.87 30.81
C ALA C 128 52.41 45.38 30.91
N ASP C 129 53.59 45.88 30.57
CA ASP C 129 53.84 47.32 30.69
C ASP C 129 53.13 48.14 29.63
N GLY C 130 52.61 47.52 28.57
CA GLY C 130 51.81 48.24 27.60
C GLY C 130 52.58 48.96 26.53
N LYS C 131 53.81 48.54 26.24
CA LYS C 131 54.63 49.21 25.23
C LYS C 131 54.72 48.43 23.93
N ASP C 132 54.17 47.21 23.88
CA ASP C 132 54.25 46.42 22.67
C ASP C 132 53.58 47.14 21.50
N GLU C 133 54.23 47.09 20.35
CA GLU C 133 53.73 47.73 19.15
C GLU C 133 53.80 46.77 17.97
N ILE C 134 52.77 46.79 17.14
CA ILE C 134 52.70 45.95 15.94
C ILE C 134 53.08 46.82 14.76
N LEU C 135 54.24 46.53 14.15
CA LEU C 135 54.70 47.26 12.98
C LEU C 135 54.14 46.59 11.73
N TYR C 136 53.63 47.40 10.80
CA TYR C 136 53.08 46.85 9.56
C TYR C 136 53.13 47.93 8.49
N PHE C 137 53.20 47.48 7.23
CA PHE C 137 53.26 48.37 6.09
C PHE C 137 51.85 48.66 5.56
N ASP C 138 51.72 49.79 4.86
CA ASP C 138 50.41 50.24 4.43
C ASP C 138 49.86 49.44 3.26
N THR C 139 50.64 48.55 2.66
CA THR C 139 50.14 47.64 1.65
C THR C 139 49.65 46.32 2.24
N ILE C 140 49.45 46.27 3.56
CA ILE C 140 48.94 45.07 4.19
C ILE C 140 47.54 44.76 3.67
N PHE C 141 47.23 43.48 3.55
CA PHE C 141 45.89 43.07 3.13
C PHE C 141 44.85 43.66 4.07
N GLY C 142 43.74 44.13 3.50
CA GLY C 142 42.77 44.88 4.29
C GLY C 142 42.23 44.09 5.47
N ALA C 143 41.99 42.80 5.30
CA ALA C 143 41.48 41.98 6.40
C ALA C 143 42.52 41.88 7.51
N CYS C 144 43.79 41.67 7.15
CA CYS C 144 44.83 41.58 8.18
C CYS C 144 45.03 42.92 8.89
N GLY C 145 44.87 44.03 8.17
CA GLY C 145 44.96 45.33 8.82
C GLY C 145 43.83 45.57 9.80
N LYS C 146 42.61 45.19 9.43
CA LYS C 146 41.48 45.31 10.34
C LYS C 146 41.57 44.30 11.48
N THR C 147 42.25 43.17 11.25
CA THR C 147 42.54 42.26 12.36
C THR C 147 43.45 42.93 13.37
N ILE C 148 44.40 43.73 12.89
CA ILE C 148 45.27 44.48 13.80
C ILE C 148 44.46 45.51 14.58
N ASP C 149 43.64 46.30 13.87
CA ASP C 149 42.86 47.36 14.51
C ASP C 149 42.01 46.81 15.66
N TYR C 150 41.34 45.69 15.44
CA TYR C 150 40.45 45.14 16.44
C TYR C 150 41.19 44.45 17.57
N VAL C 151 42.28 43.73 17.25
CA VAL C 151 43.07 43.08 18.29
C VAL C 151 43.47 44.08 19.36
N ILE C 152 43.81 45.29 18.95
CA ILE C 152 44.09 46.35 19.91
C ILE C 152 42.84 46.76 20.66
N GLU C 153 41.71 46.89 19.95
CA GLU C 153 40.46 47.22 20.61
C GLU C 153 40.07 46.16 21.63
N ASP C 154 40.15 44.89 21.21
CA ASP C 154 39.77 43.79 22.10
C ASP C 154 40.76 43.65 23.25
N LYS C 155 42.06 43.78 22.96
CA LYS C 155 43.08 43.66 24.00
C LYS C 155 43.27 44.94 24.80
N ARG C 156 42.42 45.95 24.58
CA ARG C 156 42.18 47.12 25.45
C ARG C 156 43.25 48.22 25.34
N GLY C 157 44.13 48.17 24.35
CA GLY C 157 45.19 49.16 24.28
C GLY C 157 46.46 48.77 24.99
N ILE C 158 46.57 47.50 25.42
CA ILE C 158 47.83 46.97 25.90
C ILE C 158 48.88 47.00 24.79
N VAL C 159 48.43 46.98 23.54
CA VAL C 159 49.29 47.00 22.36
C VAL C 159 48.72 48.04 21.41
N SER C 160 49.59 48.60 20.56
CA SER C 160 49.16 49.54 19.53
C SER C 160 49.93 49.23 18.26
N SER C 161 49.61 49.95 17.18
CA SER C 161 50.17 49.66 15.87
C SER C 161 50.78 50.90 15.25
N ARG C 162 51.84 50.69 14.47
CA ARG C 162 52.48 51.74 13.69
C ARG C 162 52.48 51.33 12.22
N CYS C 163 51.82 52.10 11.38
CA CYS C 163 51.73 51.81 9.96
C CYS C 163 52.88 52.48 9.21
N ILE C 164 53.53 51.73 8.34
CA ILE C 164 54.68 52.20 7.58
C ILE C 164 54.21 52.51 6.17
N PRO C 165 54.12 53.78 5.76
CA PRO C 165 53.69 54.10 4.39
C PRO C 165 54.81 53.79 3.40
N LEU C 166 54.49 52.96 2.42
CA LEU C 166 55.42 52.61 1.36
C LEU C 166 55.04 53.33 0.07
N ILE C 167 56.06 53.67 -0.72
CA ILE C 167 55.88 54.42 -1.95
C ILE C 167 56.30 53.55 -3.11
N TYR C 168 55.36 53.27 -4.01
CA TYR C 168 55.63 52.35 -5.12
C TYR C 168 55.67 53.04 -6.48
N PRO C 169 56.58 52.59 -7.38
CA PRO C 169 57.53 51.47 -7.21
C PRO C 169 58.58 51.71 -6.13
N ALA C 170 58.81 50.70 -5.31
CA ALA C 170 59.65 50.83 -4.12
C ALA C 170 60.93 50.05 -4.30
N GLU C 171 62.07 50.72 -4.13
CA GLU C 171 63.35 50.03 -4.10
C GLU C 171 63.45 49.23 -2.81
N ASP C 172 64.17 48.09 -2.89
CA ASP C 172 64.23 47.18 -1.75
C ASP C 172 64.90 47.81 -0.55
N ASP C 173 65.96 48.60 -0.77
CA ASP C 173 66.68 49.20 0.35
C ASP C 173 65.88 50.32 1.01
N ASP C 174 65.01 51.00 0.26
CA ASP C 174 64.17 52.04 0.85
C ASP C 174 63.11 51.43 1.76
N VAL C 175 62.56 50.28 1.37
CA VAL C 175 61.64 49.56 2.25
C VAL C 175 62.36 49.13 3.52
N VAL C 176 63.56 48.55 3.36
CA VAL C 176 64.38 48.18 4.51
C VAL C 176 64.66 49.40 5.38
N ALA C 177 64.96 50.54 4.75
CA ALA C 177 65.27 51.76 5.50
C ALA C 177 64.04 52.26 6.25
N ALA C 178 62.87 52.23 5.61
CA ALA C 178 61.66 52.71 6.26
C ALA C 178 61.27 51.83 7.44
N PHE C 179 61.59 50.54 7.39
CA PHE C 179 61.28 49.66 8.51
C PHE C 179 62.27 49.84 9.64
N ARG C 180 63.56 50.04 9.32
CA ARG C 180 64.53 50.36 10.36
C ARG C 180 64.25 51.74 10.96
N ASP C 181 63.69 52.66 10.17
CA ASP C 181 63.32 53.96 10.71
C ASP C 181 62.11 53.87 11.62
N ALA C 182 61.18 52.96 11.33
CA ALA C 182 60.00 52.80 12.18
C ALA C 182 60.38 52.21 13.53
N ILE C 183 61.35 51.30 13.55
CA ILE C 183 61.84 50.76 14.82
C ILE C 183 62.56 51.84 15.61
N LYS C 184 63.46 52.57 14.95
CA LYS C 184 64.19 53.66 15.62
C LYS C 184 63.23 54.68 16.19
N LYS C 185 62.19 55.05 15.43
CA LYS C 185 61.20 55.99 15.95
C LYS C 185 60.39 55.39 17.09
N SER C 186 60.01 54.12 16.97
CA SER C 186 59.19 53.47 18.00
C SER C 186 59.88 53.53 19.37
N ARG C 187 61.18 53.23 19.40
CA ARG C 187 61.90 53.26 20.67
C ARG C 187 62.13 54.69 21.17
N GLU C 188 62.20 55.66 20.25
CA GLU C 188 62.33 57.05 20.65
C GLU C 188 61.10 57.56 21.38
N GLU C 189 59.95 56.93 21.17
CA GLU C 189 58.73 57.23 21.93
C GLU C 189 58.53 56.26 23.08
N GLY C 190 59.60 55.61 23.53
CA GLY C 190 59.52 54.71 24.67
C GLY C 190 58.71 53.46 24.46
N LYS C 191 58.33 53.14 23.24
CA LYS C 191 57.53 51.96 22.96
C LYS C 191 58.42 50.80 22.51
N ARG C 192 57.82 49.62 22.46
CA ARG C 192 58.55 48.40 22.14
C ARG C 192 58.00 47.79 20.86
N PRO C 193 58.71 47.87 19.73
CA PRO C 193 58.30 47.11 18.55
C PRO C 193 58.34 45.61 18.83
N ARG C 194 57.15 45.02 18.99
CA ARG C 194 57.01 43.64 19.46
C ARG C 194 56.85 42.63 18.33
N LEU C 195 55.96 42.92 17.37
CA LEU C 195 55.69 42.01 16.27
C LEU C 195 55.51 42.81 15.00
N ALA C 196 55.88 42.21 13.88
CA ALA C 196 55.76 42.83 12.57
C ALA C 196 55.18 41.82 11.59
N VAL C 197 54.16 42.24 10.84
CA VAL C 197 53.61 41.40 9.78
C VAL C 197 54.28 41.79 8.46
N ILE C 198 54.69 40.77 7.70
CA ILE C 198 55.56 40.94 6.55
C ILE C 198 54.99 40.12 5.39
N ASP C 199 54.80 40.76 4.25
CA ASP C 199 54.29 40.06 3.08
C ASP C 199 55.41 39.33 2.35
N VAL C 200 55.08 38.17 1.80
CA VAL C 200 55.94 37.55 0.79
C VAL C 200 55.70 38.19 -0.57
N VAL C 201 54.44 38.22 -1.00
CA VAL C 201 54.01 38.95 -2.18
C VAL C 201 52.75 39.72 -1.79
N SER C 202 52.79 41.04 -1.95
CA SER C 202 51.68 41.88 -1.50
C SER C 202 50.46 41.68 -2.40
N SER C 203 49.29 42.01 -1.84
CA SER C 203 48.04 41.83 -2.56
C SER C 203 47.85 42.92 -3.61
N MET C 204 47.60 44.16 -3.16
CA MET C 204 47.40 45.28 -4.07
C MET C 204 48.35 46.42 -3.72
N PRO C 205 49.34 46.68 -4.60
CA PRO C 205 49.56 45.98 -5.86
C PRO C 205 50.25 44.62 -5.69
N GLY C 206 50.02 43.72 -6.65
CA GLY C 206 50.66 42.41 -6.64
C GLY C 206 52.15 42.53 -6.92
N VAL C 207 52.95 42.56 -5.85
CA VAL C 207 54.36 42.89 -5.95
C VAL C 207 55.14 41.96 -5.00
N ARG C 208 56.29 41.49 -5.48
CA ARG C 208 57.20 40.74 -4.62
C ARG C 208 57.87 41.69 -3.63
N PHE C 209 57.72 41.40 -2.32
CA PHE C 209 58.19 42.11 -1.14
C PHE C 209 59.53 41.55 -0.69
N PRO C 210 60.48 42.44 -0.20
CA PRO C 210 61.78 41.95 0.30
C PRO C 210 61.69 41.39 1.71
N PHE C 211 60.95 40.30 1.87
CA PHE C 211 60.69 39.76 3.20
C PHE C 211 61.94 39.14 3.82
N GLU C 212 62.93 38.74 3.02
CA GLU C 212 64.12 38.13 3.59
C GLU C 212 64.89 39.13 4.46
N ASP C 213 64.98 40.38 4.02
CA ASP C 213 65.72 41.37 4.79
C ASP C 213 64.96 41.78 6.04
N ILE C 214 63.66 42.03 5.91
CA ILE C 214 62.87 42.49 7.05
C ILE C 214 62.75 41.39 8.11
N VAL C 215 62.59 40.15 7.67
CA VAL C 215 62.60 39.03 8.63
C VAL C 215 63.95 38.95 9.32
N LYS C 216 65.04 39.12 8.58
CA LYS C 216 66.36 39.01 9.17
C LYS C 216 66.59 40.08 10.23
N ILE C 217 66.17 41.32 9.97
CA ILE C 217 66.37 42.36 10.96
C ILE C 217 65.41 42.22 12.13
N CYS C 218 64.25 41.58 11.92
CA CYS C 218 63.34 41.31 13.02
C CYS C 218 64.03 40.49 14.11
N LYS C 219 65.01 39.67 13.72
CA LYS C 219 65.69 38.83 14.69
C LYS C 219 66.87 39.56 15.28
N GLU C 220 67.46 40.44 14.47
CA GLU C 220 68.49 41.33 14.96
C GLU C 220 67.95 42.18 16.11
N GLU C 221 66.72 42.69 15.97
CA GLU C 221 66.11 43.52 16.99
C GLU C 221 65.11 42.77 17.85
N GLU C 222 65.07 41.43 17.74
CA GLU C 222 64.22 40.57 18.57
C GLU C 222 62.74 40.98 18.45
N ILE C 223 62.23 40.90 17.22
CA ILE C 223 60.85 41.21 16.91
C ILE C 223 60.23 39.98 16.27
N ILE C 224 59.02 39.63 16.70
CA ILE C 224 58.33 38.48 16.13
C ILE C 224 58.01 38.76 14.66
N SER C 225 58.42 37.85 13.78
CA SER C 225 58.12 37.95 12.36
C SER C 225 56.88 37.11 12.07
N CYS C 226 55.79 37.80 11.74
CA CYS C 226 54.55 37.16 11.32
C CYS C 226 54.45 37.34 9.81
N VAL C 227 54.86 36.34 9.06
CA VAL C 227 54.99 36.44 7.61
C VAL C 227 53.64 36.12 6.97
N ASP C 228 53.01 37.14 6.38
CA ASP C 228 51.79 36.96 5.60
C ASP C 228 52.21 36.59 4.17
N GLY C 229 52.32 35.29 3.92
CA GLY C 229 52.68 34.82 2.60
C GLY C 229 51.52 34.17 1.87
N ALA C 230 50.33 34.77 1.98
CA ALA C 230 49.16 34.24 1.28
C ALA C 230 49.44 34.08 -0.21
N GLN C 231 50.02 35.12 -0.83
CA GLN C 231 50.53 35.02 -2.19
C GLN C 231 51.93 34.42 -2.11
N GLY C 232 51.99 33.10 -1.92
CA GLY C 232 53.25 32.45 -1.70
C GLY C 232 53.38 31.05 -2.29
N ILE C 233 52.87 30.04 -1.57
CA ILE C 233 53.14 28.66 -1.94
C ILE C 233 52.51 28.35 -3.29
N GLY C 234 53.27 27.65 -4.14
CA GLY C 234 52.85 27.35 -5.49
C GLY C 234 53.26 28.38 -6.53
N MET C 235 53.68 29.58 -6.10
CA MET C 235 54.06 30.65 -7.01
C MET C 235 55.52 31.06 -6.87
N VAL C 236 56.03 31.18 -5.64
CA VAL C 236 57.40 31.57 -5.41
C VAL C 236 58.00 30.64 -4.35
N ASP C 237 59.34 30.65 -4.29
CA ASP C 237 60.06 29.93 -3.25
C ASP C 237 59.98 30.70 -1.95
N LEU C 238 59.43 30.08 -0.91
CA LEU C 238 59.23 30.74 0.37
C LEU C 238 60.50 30.82 1.20
N LYS C 239 61.46 29.94 0.95
CA LYS C 239 62.77 29.97 1.62
C LYS C 239 62.62 29.94 3.14
N ILE C 240 61.76 29.03 3.62
CA ILE C 240 61.40 29.01 5.03
C ILE C 240 62.60 28.64 5.89
N THR C 241 63.33 27.58 5.50
CA THR C 241 64.45 27.12 6.32
C THR C 241 65.55 28.18 6.39
N GLU C 242 65.68 29.01 5.36
CA GLU C 242 66.74 30.01 5.30
C GLU C 242 66.36 31.31 6.01
N THR C 243 65.14 31.81 5.76
CA THR C 243 64.69 33.02 6.43
C THR C 243 64.33 32.77 7.88
N ASP C 244 63.86 31.56 8.20
CA ASP C 244 63.53 31.13 9.55
C ASP C 244 62.58 32.09 10.25
N PRO C 245 61.35 32.21 9.78
CA PRO C 245 60.40 33.14 10.43
C PRO C 245 59.71 32.51 11.62
N ASP C 246 59.21 33.38 12.50
CA ASP C 246 58.50 32.90 13.69
C ASP C 246 57.14 32.30 13.32
N PHE C 247 56.45 32.91 12.37
CA PHE C 247 55.19 32.38 11.87
C PHE C 247 55.10 32.69 10.39
N LEU C 248 54.45 31.78 9.65
CA LEU C 248 54.22 32.02 8.22
C LEU C 248 52.88 31.42 7.83
N ILE C 249 52.11 32.21 7.09
CA ILE C 249 50.83 31.80 6.52
C ILE C 249 50.97 31.78 5.01
N SER C 250 50.20 30.90 4.36
CA SER C 250 50.23 30.82 2.90
C SER C 250 49.02 30.06 2.38
N ASN C 251 48.35 30.61 1.37
CA ASN C 251 47.13 30.02 0.83
C ASN C 251 47.48 28.99 -0.25
N CYS C 252 47.25 27.72 0.06
CA CYS C 252 47.42 26.68 -0.96
C CYS C 252 46.39 26.83 -2.07
N HIS C 253 45.22 27.39 -1.76
CA HIS C 253 44.14 27.50 -2.73
C HIS C 253 44.36 28.65 -3.71
N1 LLP C 254 46.83 38.53 2.68
C2 LLP C 254 47.24 38.55 1.41
C2' LLP C 254 48.61 39.22 1.04
C3 LLP C 254 46.45 37.95 0.39
O3 LLP C 254 46.88 37.96 -0.93
C4 LLP C 254 45.25 37.36 0.72
C4' LLP C 254 44.38 36.69 -0.49
C5 LLP C 254 44.81 37.34 2.01
C6 LLP C 254 45.60 37.94 3.01
C5' LLP C 254 43.46 36.69 2.42
OP4 LLP C 254 43.47 35.29 2.23
P LLP C 254 42.16 34.54 2.48
OP1 LLP C 254 40.97 35.38 2.00
OP2 LLP C 254 42.01 34.27 3.92
OP3 LLP C 254 42.19 33.25 1.72
N LLP C 254 45.44 29.40 -3.52
CA LLP C 254 45.72 30.55 -4.39
CB LLP C 254 46.32 31.68 -3.57
CG LLP C 254 45.23 32.70 -3.24
CD LLP C 254 45.83 33.87 -2.44
CE LLP C 254 44.71 34.85 -2.01
NZ LLP C 254 45.31 36.02 -1.36
C LLP C 254 46.60 30.15 -5.52
O LLP C 254 46.30 30.49 -6.66
N TRP C 255 47.69 29.43 -5.25
CA TRP C 255 48.66 29.12 -6.29
C TRP C 255 49.15 27.67 -6.32
N LEU C 256 48.60 26.81 -5.45
CA LEU C 256 48.99 25.40 -5.42
C LEU C 256 47.87 24.49 -5.89
N PHE C 257 46.86 25.04 -6.57
CA PHE C 257 45.76 24.27 -7.16
C PHE C 257 45.01 23.44 -6.12
N THR C 258 45.05 23.88 -4.85
CA THR C 258 44.28 23.24 -3.79
C THR C 258 42.88 23.83 -3.73
N PRO C 259 41.84 23.02 -3.51
CA PRO C 259 40.47 23.55 -3.49
C PRO C 259 40.30 24.71 -2.52
N ARG C 260 39.30 25.53 -2.83
CA ARG C 260 39.12 26.79 -2.12
C ARG C 260 38.86 26.57 -0.64
N GLY C 261 39.62 27.30 0.19
CA GLY C 261 39.50 27.14 1.61
C GLY C 261 40.60 26.26 2.19
N CYS C 262 41.85 26.62 1.93
CA CYS C 262 42.97 25.88 2.50
C CYS C 262 44.21 26.75 2.54
N ALA C 263 44.83 26.83 3.71
CA ALA C 263 46.10 27.50 3.90
C ALA C 263 47.02 26.62 4.73
N VAL C 264 48.32 26.73 4.49
CA VAL C 264 49.33 26.01 5.27
C VAL C 264 49.86 26.95 6.34
N PHE C 265 49.87 26.46 7.58
CA PHE C 265 50.31 27.26 8.73
C PHE C 265 51.63 26.67 9.23
N TYR C 266 52.71 27.42 9.06
CA TYR C 266 54.04 26.98 9.47
C TYR C 266 54.39 27.64 10.80
N VAL C 267 54.73 26.82 11.79
CA VAL C 267 55.24 27.31 13.07
C VAL C 267 56.44 26.46 13.47
N PRO C 268 57.61 27.05 13.69
CA PRO C 268 58.75 26.28 14.18
C PRO C 268 58.53 25.85 15.63
N VAL C 269 59.11 24.70 15.97
CA VAL C 269 58.85 24.09 17.28
C VAL C 269 59.20 25.02 18.42
N ARG C 270 60.14 25.94 18.20
CA ARG C 270 60.56 26.84 19.27
C ARG C 270 59.44 27.78 19.70
N ASN C 271 58.42 27.99 18.86
CA ASN C 271 57.39 28.98 19.13
C ASN C 271 55.97 28.41 19.08
N GLN C 272 55.82 27.08 19.02
CA GLN C 272 54.48 26.49 18.95
C GLN C 272 53.74 26.61 20.27
N HIS C 273 54.46 26.70 21.40
CA HIS C 273 53.83 26.89 22.69
C HIS C 273 53.08 28.20 22.79
N LEU C 274 53.28 29.13 21.86
CA LEU C 274 52.60 30.41 21.88
C LEU C 274 51.20 30.32 21.27
N ILE C 275 50.99 29.38 20.35
CA ILE C 275 49.65 29.12 19.82
C ILE C 275 48.89 28.30 20.86
N ARG C 276 48.40 28.98 21.89
CA ARG C 276 47.74 28.27 22.99
C ARG C 276 46.38 27.72 22.57
N SER C 277 45.64 28.48 21.75
CA SER C 277 44.34 28.03 21.27
C SER C 277 44.26 28.22 19.76
N THR C 278 43.56 27.29 19.11
CA THR C 278 43.26 27.42 17.70
C THR C 278 42.08 28.37 17.50
N LEU C 279 41.74 28.62 16.25
CA LEU C 279 40.56 29.42 15.92
C LEU C 279 39.57 28.59 15.10
N PRO C 280 38.45 28.21 15.72
CA PRO C 280 38.11 28.53 17.11
C PRO C 280 38.69 27.53 18.11
N THR C 281 38.52 27.83 19.41
CA THR C 281 38.94 26.90 20.44
C THR C 281 38.13 25.61 20.35
N SER C 282 38.79 24.48 20.54
CA SER C 282 38.14 23.19 20.36
C SER C 282 38.74 22.20 21.36
N HIS C 283 38.58 20.89 21.06
CA HIS C 283 38.92 19.85 22.03
C HIS C 283 40.41 19.83 22.36
N GLY C 284 41.26 20.18 21.40
CA GLY C 284 42.70 20.09 21.61
C GLY C 284 43.26 21.10 22.58
N PHE C 285 42.50 22.13 22.95
CA PHE C 285 43.02 23.15 23.86
C PHE C 285 43.24 22.56 25.25
N VAL C 286 44.32 22.99 25.88
CA VAL C 286 44.68 22.57 27.24
C VAL C 286 44.67 23.80 28.12
N PRO C 287 43.81 23.88 29.13
CA PRO C 287 43.78 25.06 30.00
C PRO C 287 44.99 25.08 30.93
N GLN C 288 45.19 26.24 31.56
CA GLN C 288 46.26 26.43 32.54
C GLN C 288 47.63 26.07 31.98
N ALA C 299 52.85 8.80 25.39
CA ALA C 299 53.61 10.03 25.37
C ALA C 299 54.85 9.90 24.49
N GLY C 300 54.89 10.69 23.41
CA GLY C 300 56.02 10.66 22.50
C GLY C 300 55.63 10.42 21.06
N ASN C 301 54.37 10.72 20.72
CA ASN C 301 53.89 10.53 19.36
C ASN C 301 53.61 11.87 18.69
N LYS C 302 52.39 12.08 18.22
CA LYS C 302 52.04 13.34 17.57
C LYS C 302 51.96 14.45 18.61
N SER C 303 52.55 15.60 18.30
CA SER C 303 52.62 16.69 19.25
C SER C 303 51.23 17.28 19.50
N ALA C 304 51.07 17.90 20.67
CA ALA C 304 49.81 18.53 21.03
C ALA C 304 49.49 19.71 20.14
N PHE C 305 50.51 20.39 19.61
CA PHE C 305 50.28 21.46 18.64
C PHE C 305 49.66 20.91 17.37
N VAL C 306 50.26 19.86 16.80
CA VAL C 306 49.72 19.25 15.58
C VAL C 306 48.35 18.65 15.85
N SER C 307 48.16 18.06 17.04
CA SER C 307 46.88 17.44 17.36
C SER C 307 45.76 18.48 17.51
N ASN C 308 46.11 19.68 18.00
CA ASN C 308 45.11 20.71 18.27
C ASN C 308 44.48 21.25 16.99
N PHE C 309 45.15 21.13 15.85
CA PHE C 309 44.65 21.66 14.58
C PHE C 309 43.90 20.62 13.76
N GLU C 310 43.74 19.40 14.26
CA GLU C 310 43.06 18.37 13.47
C GLU C 310 41.54 18.53 13.54
N PHE C 311 41.01 18.92 14.70
CA PHE C 311 39.57 19.09 14.88
C PHE C 311 39.34 20.42 15.57
N VAL C 312 39.00 21.45 14.79
CA VAL C 312 38.75 22.79 15.31
C VAL C 312 37.32 23.19 14.98
N GLY C 313 36.41 22.24 15.02
CA GLY C 313 35.03 22.48 14.63
C GLY C 313 34.73 21.72 13.36
N THR C 314 33.52 21.17 13.29
CA THR C 314 33.13 20.31 12.18
C THR C 314 33.00 21.12 10.90
N VAL C 315 33.85 20.83 9.92
CA VAL C 315 33.84 21.46 8.61
C VAL C 315 34.05 20.39 7.55
N ASP C 316 33.99 20.82 6.29
CA ASP C 316 34.37 19.97 5.17
C ASP C 316 35.89 20.07 5.00
N ASN C 317 36.59 18.98 5.32
CA ASN C 317 38.04 18.93 5.23
C ASN C 317 38.54 18.42 3.88
N SER C 318 37.64 18.18 2.93
CA SER C 318 38.07 17.69 1.62
C SER C 318 39.09 18.60 0.95
N PRO C 319 39.03 19.94 1.06
CA PRO C 319 40.15 20.75 0.53
C PRO C 319 41.48 20.44 1.17
N PHE C 320 41.52 20.22 2.48
CA PHE C 320 42.78 19.85 3.14
C PHE C 320 43.30 18.53 2.60
N PHE C 321 42.39 17.59 2.32
CA PHE C 321 42.80 16.27 1.85
C PHE C 321 43.43 16.35 0.46
N CYS C 322 42.98 17.28 -0.37
CA CYS C 322 43.44 17.39 -1.75
C CYS C 322 44.82 18.00 -1.89
N VAL C 323 45.40 18.52 -0.80
CA VAL C 323 46.73 19.14 -0.89
C VAL C 323 47.75 18.14 -1.41
N LYS C 324 47.71 16.90 -0.91
CA LYS C 324 48.62 15.87 -1.40
C LYS C 324 48.33 15.52 -2.86
N ASP C 325 47.07 15.65 -3.29
CA ASP C 325 46.72 15.34 -4.67
C ASP C 325 47.20 16.44 -5.61
N ALA C 326 47.07 17.70 -5.19
CA ALA C 326 47.53 18.82 -6.00
C ALA C 326 49.04 18.77 -6.18
N ILE C 327 49.77 18.53 -5.09
CA ILE C 327 51.22 18.45 -5.17
C ILE C 327 51.65 17.28 -6.07
N LYS C 328 50.93 16.16 -5.97
CA LYS C 328 51.20 15.03 -6.86
C LYS C 328 50.87 15.38 -8.30
N TRP C 329 49.72 16.01 -8.54
CA TRP C 329 49.30 16.32 -9.90
C TRP C 329 50.25 17.32 -10.55
N ARG C 330 50.63 18.37 -9.82
CA ARG C 330 51.55 19.36 -10.37
C ARG C 330 52.91 18.76 -10.67
N GLU C 331 53.29 17.69 -9.97
CA GLU C 331 54.56 17.03 -10.22
C GLU C 331 54.46 15.98 -11.32
N GLU C 332 53.41 15.16 -11.30
CA GLU C 332 53.31 14.08 -12.28
C GLU C 332 52.84 14.59 -13.64
N VAL C 333 51.82 15.43 -13.66
CA VAL C 333 51.24 15.91 -14.92
C VAL C 333 52.01 17.11 -15.44
N LEU C 334 52.18 18.14 -14.61
CA LEU C 334 53.02 19.28 -14.97
C LEU C 334 54.48 18.95 -14.61
N GLY C 335 55.37 19.88 -14.87
CA GLY C 335 56.78 19.58 -14.69
C GLY C 335 57.26 19.55 -13.25
N GLY C 336 56.44 20.01 -12.32
CA GLY C 336 56.87 20.23 -10.95
C GLY C 336 56.77 21.69 -10.58
N GLU C 337 57.19 21.98 -9.34
CA GLU C 337 57.01 23.32 -8.81
C GLU C 337 57.87 24.35 -9.56
N GLU C 338 59.16 24.05 -9.74
CA GLU C 338 60.07 25.02 -10.32
C GLU C 338 59.75 25.30 -11.79
N ARG C 339 59.31 24.28 -12.53
CA ARG C 339 58.90 24.51 -13.91
C ARG C 339 57.61 25.31 -13.98
N ILE C 340 56.69 25.07 -13.05
CA ILE C 340 55.47 25.86 -12.98
C ILE C 340 55.79 27.32 -12.64
N MET C 341 56.59 27.53 -11.58
CA MET C 341 56.85 28.88 -11.11
C MET C 341 57.60 29.71 -12.15
N GLU C 342 58.62 29.13 -12.77
CA GLU C 342 59.45 29.88 -13.70
C GLU C 342 58.65 30.32 -14.92
N TYR C 343 57.72 29.48 -15.40
CA TYR C 343 56.87 29.88 -16.52
C TYR C 343 55.99 31.07 -16.14
N MET C 344 55.35 31.00 -14.98
CA MET C 344 54.43 32.06 -14.57
C MET C 344 55.17 33.39 -14.39
N THR C 345 56.32 33.36 -13.72
CA THR C 345 57.09 34.59 -13.53
C THR C 345 57.61 35.14 -14.85
N LYS C 346 58.12 34.25 -15.72
CA LYS C 346 58.54 34.69 -17.04
C LYS C 346 57.36 35.24 -17.84
N LEU C 347 56.22 34.56 -17.77
CA LEU C 347 55.03 35.07 -18.46
C LEU C 347 54.52 36.35 -17.83
N ALA C 348 54.70 36.51 -16.51
CA ALA C 348 54.23 37.73 -15.85
C ALA C 348 55.04 38.94 -16.31
N ARG C 349 56.36 38.81 -16.41
CA ARG C 349 57.19 39.92 -16.86
C ARG C 349 56.96 40.21 -18.34
N GLU C 350 57.12 39.20 -19.20
CA GLU C 350 56.99 39.42 -20.64
C GLU C 350 55.59 39.82 -21.01
N GLY C 351 54.59 39.21 -20.38
CA GLY C 351 53.21 39.56 -20.71
C GLY C 351 52.79 40.90 -20.14
N GLY C 352 53.24 41.20 -18.91
CA GLY C 352 53.00 42.52 -18.37
C GLY C 352 53.69 43.60 -19.19
N GLN C 353 54.85 43.28 -19.76
CA GLN C 353 55.53 44.23 -20.64
C GLN C 353 54.75 44.44 -21.94
N LYS C 354 54.04 43.40 -22.41
CA LYS C 354 53.29 43.52 -23.65
C LYS C 354 52.10 44.46 -23.47
N VAL C 355 51.30 44.24 -22.42
CA VAL C 355 50.17 45.12 -22.16
C VAL C 355 50.64 46.53 -21.83
N ALA C 356 51.84 46.67 -21.27
CA ALA C 356 52.41 47.99 -21.04
C ALA C 356 52.77 48.67 -22.36
N GLU C 357 53.37 47.92 -23.30
CA GLU C 357 53.70 48.50 -24.59
C GLU C 357 52.45 48.81 -25.41
N ILE C 358 51.39 48.03 -25.23
CA ILE C 358 50.13 48.30 -25.91
C ILE C 358 49.59 49.62 -25.37
N LEU C 359 49.22 49.63 -24.08
CA LEU C 359 48.63 50.80 -23.46
C LEU C 359 49.52 52.04 -23.55
N GLY C 360 50.81 51.86 -23.83
CA GLY C 360 51.72 52.99 -23.85
C GLY C 360 52.09 53.51 -22.48
N THR C 361 52.01 52.68 -21.45
CA THR C 361 52.40 53.07 -20.11
C THR C 361 53.63 52.29 -19.67
N ARG C 362 53.55 51.60 -18.54
CA ARG C 362 54.70 50.88 -18.03
C ARG C 362 54.22 49.85 -17.01
N VAL C 363 55.13 48.93 -16.68
CA VAL C 363 54.88 47.95 -15.63
C VAL C 363 55.36 48.53 -14.31
N LEU C 364 54.80 48.01 -13.22
CA LEU C 364 55.21 48.40 -11.87
C LEU C 364 56.48 47.63 -11.53
N GLU C 365 57.62 48.31 -11.57
CA GLU C 365 58.90 47.65 -11.34
C GLU C 365 59.91 48.67 -10.84
N ASN C 366 60.85 48.19 -10.02
CA ASN C 366 61.92 49.04 -9.50
C ASN C 366 63.20 48.80 -10.31
N SER C 367 64.22 49.59 -9.99
CA SER C 367 65.47 49.55 -10.76
C SER C 367 66.22 48.23 -10.61
N THR C 368 65.89 47.43 -9.59
CA THR C 368 66.53 46.13 -9.40
C THR C 368 65.76 44.98 -10.04
N GLY C 369 64.61 45.25 -10.65
CA GLY C 369 63.82 44.19 -11.24
C GLY C 369 63.33 43.17 -10.25
N THR C 370 63.07 43.57 -9.01
CA THR C 370 62.74 42.64 -7.93
C THR C 370 61.27 42.66 -7.56
N LEU C 371 60.44 43.51 -8.17
CA LEU C 371 59.03 43.54 -7.83
C LEU C 371 58.25 42.48 -8.59
N ILE C 372 58.56 42.26 -9.87
CA ILE C 372 57.87 41.26 -10.66
C ILE C 372 58.61 39.94 -10.54
N ARG C 373 58.79 39.47 -9.31
CA ARG C 373 59.36 38.15 -9.03
C ARG C 373 58.27 37.18 -8.56
N CYS C 374 57.13 37.22 -9.24
CA CYS C 374 55.99 36.36 -8.93
C CYS C 374 55.13 36.24 -10.18
N ALA C 375 53.98 35.60 -10.05
CA ALA C 375 53.10 35.35 -11.19
C ALA C 375 52.15 36.51 -11.47
N MET C 376 52.24 37.60 -10.72
CA MET C 376 51.37 38.75 -10.91
C MET C 376 52.18 39.96 -11.35
N VAL C 377 51.54 40.84 -12.11
CA VAL C 377 52.19 42.01 -12.67
C VAL C 377 51.19 43.16 -12.67
N ASN C 378 51.67 44.38 -12.44
CA ASN C 378 50.84 45.57 -12.39
C ASN C 378 51.24 46.50 -13.53
N ILE C 379 50.23 47.06 -14.20
CA ILE C 379 50.44 47.92 -15.36
C ILE C 379 49.56 49.16 -15.18
N ALA C 380 50.15 50.33 -15.40
CA ALA C 380 49.42 51.58 -15.22
C ALA C 380 48.44 51.80 -16.35
N LEU C 381 47.27 52.31 -16.01
CA LEU C 381 46.29 52.64 -17.04
C LEU C 381 46.53 54.06 -17.55
N PRO C 382 46.31 54.31 -18.91
CA PRO C 382 46.75 55.56 -19.54
C PRO C 382 45.82 56.74 -19.30
N PHE C 383 45.68 57.13 -18.03
CA PHE C 383 44.93 58.33 -17.64
C PHE C 383 45.24 58.60 -16.17
N VAL C 384 44.67 59.69 -15.64
CA VAL C 384 44.85 60.08 -14.25
C VAL C 384 43.56 60.67 -13.72
N VAL C 385 43.47 60.80 -12.40
CA VAL C 385 42.28 61.29 -11.72
C VAL C 385 42.41 62.71 -11.21
N GLY C 386 43.62 63.27 -11.18
CA GLY C 386 43.81 64.63 -10.73
C GLY C 386 43.76 64.75 -9.21
N GLU C 387 44.25 65.89 -8.72
CA GLU C 387 44.43 66.06 -7.28
C GLU C 387 43.10 66.02 -6.55
N ASP C 388 43.12 65.39 -5.38
CA ASP C 388 42.02 65.46 -4.44
C ASP C 388 42.33 66.56 -3.43
N PRO C 389 41.48 67.58 -3.30
CA PRO C 389 41.86 68.72 -2.43
C PRO C 389 42.00 68.33 -0.95
N LYS C 390 41.14 67.44 -0.45
CA LYS C 390 41.26 67.05 0.95
C LYS C 390 42.49 66.19 1.21
N ALA C 391 43.08 65.58 0.18
CA ALA C 391 44.30 64.79 0.33
C ALA C 391 45.17 64.99 -0.91
N PRO C 392 45.90 66.09 -0.98
CA PRO C 392 46.77 66.34 -2.15
C PRO C 392 47.97 65.42 -2.15
N VAL C 393 48.49 65.16 -3.35
CA VAL C 393 49.62 64.27 -3.56
C VAL C 393 50.66 64.98 -4.40
N LYS C 394 51.86 65.14 -3.85
CA LYS C 394 52.99 65.73 -4.58
C LYS C 394 53.80 64.59 -5.18
N LEU C 395 53.63 64.37 -6.47
CA LEU C 395 54.34 63.30 -7.15
C LEU C 395 55.76 63.73 -7.48
N THR C 396 56.67 62.76 -7.54
CA THR C 396 58.04 63.05 -7.92
C THR C 396 58.08 63.56 -9.37
N GLU C 397 59.25 64.08 -9.76
CA GLU C 397 59.41 64.52 -11.12
C GLU C 397 59.16 63.39 -12.11
N LYS C 398 59.66 62.19 -11.80
CA LYS C 398 59.43 61.04 -12.68
C LYS C 398 57.95 60.78 -12.88
N GLU C 399 57.14 60.98 -11.84
CA GLU C 399 55.71 60.69 -11.94
C GLU C 399 54.95 61.81 -12.66
N GLU C 400 55.23 63.07 -12.32
CA GLU C 400 54.63 64.19 -13.06
C GLU C 400 55.00 64.14 -14.52
N LYS C 401 56.31 64.04 -14.79
CA LYS C 401 56.83 63.87 -16.13
C LYS C 401 56.12 62.75 -16.88
N ASP C 402 55.85 61.64 -16.19
CA ASP C 402 55.27 60.47 -16.83
C ASP C 402 53.83 60.72 -17.27
N VAL C 403 53.10 61.53 -16.52
CA VAL C 403 51.67 61.77 -16.78
C VAL C 403 51.43 62.84 -17.83
N GLU C 404 52.46 63.63 -18.16
CA GLU C 404 52.35 64.65 -19.19
C GLU C 404 51.67 64.12 -20.44
N GLY C 405 50.56 64.75 -20.82
CA GLY C 405 49.82 64.39 -22.01
C GLY C 405 48.64 63.47 -21.77
N LEU C 406 48.62 62.75 -20.65
CA LEU C 406 47.54 61.81 -20.38
C LEU C 406 46.22 62.55 -20.14
N TYR C 407 45.12 61.84 -20.39
CA TYR C 407 43.80 62.38 -20.15
C TYR C 407 43.48 62.36 -18.66
N GLU C 408 42.85 63.42 -18.18
CA GLU C 408 42.53 63.56 -16.76
C GLU C 408 41.02 63.69 -16.58
N ILE C 409 40.46 62.81 -15.76
CA ILE C 409 39.08 62.92 -15.29
C ILE C 409 39.16 63.66 -13.95
N PRO C 410 38.07 64.13 -13.37
CA PRO C 410 38.14 64.72 -12.03
C PRO C 410 37.98 63.66 -10.93
N HIS C 411 38.27 64.09 -9.70
CA HIS C 411 38.36 63.16 -8.58
C HIS C 411 37.00 62.67 -8.11
N GLU C 412 35.94 63.48 -8.26
CA GLU C 412 34.62 63.03 -7.86
C GLU C 412 34.17 61.82 -8.67
N GLU C 413 34.66 61.71 -9.91
CA GLU C 413 34.26 60.65 -10.83
C GLU C 413 35.24 59.48 -10.83
N ALA C 414 36.29 59.54 -10.02
CA ALA C 414 37.26 58.45 -9.97
C ALA C 414 36.62 57.17 -9.45
N ASN C 415 35.98 57.25 -8.27
CA ASN C 415 35.31 56.08 -7.72
C ASN C 415 34.21 55.59 -8.65
N MET C 416 33.51 56.51 -9.32
CA MET C 416 32.46 56.13 -10.25
C MET C 416 33.05 55.38 -11.45
N ALA C 417 34.15 55.88 -12.00
CA ALA C 417 34.81 55.17 -13.09
C ALA C 417 35.38 53.84 -12.64
N PHE C 418 35.85 53.77 -11.39
CA PHE C 418 36.41 52.52 -10.87
C PHE C 418 35.36 51.41 -10.86
N LYS C 419 34.14 51.73 -10.41
CA LYS C 419 33.08 50.72 -10.39
C LYS C 419 32.59 50.40 -11.80
N TRP C 420 32.57 51.39 -12.69
CA TRP C 420 32.08 51.16 -14.04
C TRP C 420 32.98 50.21 -14.81
N MET C 421 34.29 50.30 -14.61
CA MET C 421 35.21 49.41 -15.30
C MET C 421 35.07 47.97 -14.81
N TYR C 422 34.73 47.79 -13.54
CA TYR C 422 34.56 46.42 -13.02
C TYR C 422 33.36 45.74 -13.64
N ASN C 423 32.24 46.47 -13.80
CA ASN C 423 31.05 45.87 -14.40
C ASN C 423 31.25 45.58 -15.88
N VAL C 424 31.78 46.56 -16.62
CA VAL C 424 31.97 46.39 -18.06
C VAL C 424 32.91 45.24 -18.36
N LEU C 425 34.03 45.15 -17.62
CA LEU C 425 34.91 44.00 -17.76
C LEU C 425 34.15 42.69 -17.53
N GLN C 426 33.26 42.68 -16.54
CA GLN C 426 32.50 41.46 -16.26
C GLN C 426 31.37 41.26 -17.27
N ASP C 427 30.65 42.34 -17.62
CA ASP C 427 29.41 42.16 -18.37
C ASP C 427 29.65 42.09 -19.87
N GLU C 428 30.57 42.91 -20.40
CA GLU C 428 30.83 42.90 -21.82
C GLU C 428 31.98 41.97 -22.18
N PHE C 429 33.00 41.89 -21.33
CA PHE C 429 34.25 41.22 -21.67
C PHE C 429 34.43 39.88 -20.98
N ASN C 430 33.55 39.52 -20.03
CA ASN C 430 33.62 38.25 -19.32
C ASN C 430 35.01 38.02 -18.72
N THR C 431 35.46 38.99 -17.93
CA THR C 431 36.73 38.88 -17.24
C THR C 431 36.69 39.79 -16.02
N PHE C 432 37.69 39.64 -15.16
CA PHE C 432 37.83 40.48 -13.97
C PHE C 432 39.28 40.92 -13.84
N VAL C 433 39.48 42.21 -13.60
CA VAL C 433 40.82 42.77 -13.41
C VAL C 433 40.80 43.69 -12.19
N PRO C 434 41.43 43.31 -11.09
CA PRO C 434 41.52 44.22 -9.95
C PRO C 434 42.53 45.33 -10.22
N MET C 435 42.24 46.51 -9.70
CA MET C 435 43.04 47.70 -9.96
C MET C 435 43.43 48.37 -8.66
N THR C 436 44.70 48.73 -8.53
CA THR C 436 45.19 49.48 -7.38
C THR C 436 45.19 50.97 -7.70
N PHE C 437 44.52 51.76 -6.85
CA PHE C 437 44.54 53.21 -6.98
C PHE C 437 45.65 53.74 -6.08
N HIS C 438 46.79 54.06 -6.68
CA HIS C 438 47.97 54.50 -5.95
C HIS C 438 48.51 55.77 -6.60
N ARG C 439 48.40 56.89 -5.89
CA ARG C 439 48.93 58.18 -6.33
C ARG C 439 48.38 58.60 -7.70
N ARG C 440 47.05 58.68 -7.75
CA ARG C 440 46.33 59.19 -8.92
C ARG C 440 46.59 58.36 -10.17
N ARG C 441 46.97 57.09 -10.01
CA ARG C 441 47.13 56.16 -11.12
C ARG C 441 46.38 54.88 -10.79
N PHE C 442 45.64 54.36 -11.77
CA PHE C 442 45.04 53.04 -11.66
C PHE C 442 46.04 52.01 -12.19
N TRP C 443 46.43 51.08 -11.34
CA TRP C 443 47.35 50.00 -11.71
C TRP C 443 46.55 48.70 -11.78
N ALA C 444 46.37 48.18 -12.99
CA ALA C 444 45.68 46.91 -13.17
C ALA C 444 46.60 45.76 -12.80
N ARG C 445 46.10 44.85 -11.98
CA ARG C 445 46.86 43.67 -11.55
C ARG C 445 46.43 42.47 -12.39
N LEU C 446 47.32 42.00 -13.24
CA LEU C 446 47.11 40.77 -13.99
C LEU C 446 47.93 39.65 -13.37
N SER C 447 47.38 38.44 -13.37
CA SER C 447 48.04 37.28 -12.81
C SER C 447 48.22 36.24 -13.92
N ALA C 448 49.48 35.88 -14.18
CA ALA C 448 49.78 34.84 -15.14
C ALA C 448 49.54 33.46 -14.51
N GLN C 449 49.44 32.45 -15.37
CA GLN C 449 49.21 31.09 -14.92
C GLN C 449 49.58 30.14 -16.05
N VAL C 450 49.72 28.85 -15.70
CA VAL C 450 50.21 27.86 -16.65
C VAL C 450 49.24 27.62 -17.79
N TYR C 451 47.94 27.88 -17.60
CA TYR C 451 46.98 27.74 -18.69
C TYR C 451 46.86 29.00 -19.53
N LEU C 452 47.67 30.02 -19.28
CA LEU C 452 47.67 31.26 -20.04
C LEU C 452 48.93 31.34 -20.89
N GLU C 453 48.94 32.29 -21.82
CA GLU C 453 50.08 32.49 -22.71
C GLU C 453 50.14 33.96 -23.10
N MET C 454 51.00 34.29 -24.07
CA MET C 454 51.21 35.68 -24.45
C MET C 454 49.97 36.28 -25.10
N SER C 455 49.24 35.48 -25.88
CA SER C 455 48.02 35.97 -26.51
C SER C 455 46.97 36.39 -25.50
N ASP C 456 47.04 35.87 -24.26
CA ASP C 456 46.10 36.27 -23.23
C ASP C 456 46.38 37.69 -22.75
N PHE C 457 47.63 38.15 -22.84
CA PHE C 457 47.95 39.52 -22.46
C PHE C 457 47.64 40.49 -23.58
N GLU C 458 47.92 40.09 -24.83
CA GLU C 458 47.54 40.91 -25.96
C GLU C 458 46.04 41.19 -25.94
N TRP C 459 45.24 40.17 -25.58
CA TRP C 459 43.82 40.41 -25.37
C TRP C 459 43.58 41.33 -24.18
N ALA C 460 44.34 41.14 -23.10
CA ALA C 460 44.23 42.05 -21.96
C ALA C 460 44.63 43.47 -22.35
N GLY C 461 45.53 43.62 -23.32
CA GLY C 461 45.93 44.94 -23.76
C GLY C 461 44.78 45.74 -24.34
N LYS C 462 44.03 45.15 -25.27
CA LYS C 462 42.86 45.79 -25.88
C LYS C 462 41.86 46.20 -24.85
N THR C 463 41.26 45.18 -24.24
CA THR C 463 40.18 45.36 -23.29
C THR C 463 40.48 46.51 -22.35
N LEU C 464 41.70 46.54 -21.81
CA LEU C 464 42.09 47.66 -20.96
C LEU C 464 42.20 48.94 -21.77
N LYS C 465 42.74 48.87 -22.99
CA LYS C 465 42.87 50.08 -23.80
C LYS C 465 41.53 50.50 -24.38
N GLU C 466 40.76 49.56 -24.91
CA GLU C 466 39.41 49.88 -25.37
C GLU C 466 38.59 50.49 -24.25
N LEU C 467 38.61 49.86 -23.08
CA LEU C 467 37.86 50.39 -21.94
C LEU C 467 38.42 51.72 -21.45
N CYS C 468 39.74 51.92 -21.56
CA CYS C 468 40.31 53.20 -21.18
C CYS C 468 39.99 54.29 -22.19
N GLU C 469 39.82 53.92 -23.46
CA GLU C 469 39.30 54.88 -24.43
C GLU C 469 37.86 55.25 -24.12
N ARG C 470 37.12 54.40 -23.41
CA ARG C 470 35.73 54.69 -23.09
C ARG C 470 35.59 55.57 -21.86
N VAL C 471 36.50 55.46 -20.89
CA VAL C 471 36.43 56.36 -19.74
C VAL C 471 36.87 57.76 -20.14
N ALA C 472 37.81 57.86 -21.09
CA ALA C 472 38.20 59.18 -21.59
C ALA C 472 37.02 59.91 -22.22
N LYS C 473 36.11 59.17 -22.85
CA LYS C 473 34.90 59.74 -23.43
C LYS C 473 33.77 59.87 -22.41
N GLY C 474 34.07 59.70 -21.12
CA GLY C 474 33.09 59.89 -20.07
C GLY C 474 31.87 59.00 -20.17
N GLU C 475 32.07 57.76 -20.63
CA GLU C 475 30.94 56.85 -20.82
C GLU C 475 30.34 56.40 -19.50
N TYR C 476 31.10 56.41 -18.42
CA TYR C 476 30.62 55.97 -17.10
C TYR C 476 29.52 56.89 -16.53
N LYS C 477 29.05 57.88 -17.28
CA LYS C 477 28.01 58.77 -16.79
C LYS C 477 26.72 58.60 -17.61
N PRO D 30 -46.85 59.70 9.10
CA PRO D 30 -45.49 59.46 8.62
C PRO D 30 -44.57 60.66 8.89
N LEU D 31 -43.41 60.39 9.45
CA LEU D 31 -42.53 61.46 9.90
C LEU D 31 -41.68 61.98 8.74
N PRO D 32 -41.42 63.29 8.71
CA PRO D 32 -40.44 63.84 7.77
C PRO D 32 -39.10 63.10 7.79
N PHE D 33 -38.36 63.16 6.69
CA PHE D 33 -37.03 62.60 6.62
C PHE D 33 -35.99 63.70 6.77
N GLY D 34 -34.77 63.30 7.05
CA GLY D 34 -33.67 64.22 7.28
C GLY D 34 -33.16 64.16 8.70
N ASN D 35 -32.42 65.20 9.08
CA ASN D 35 -31.79 65.23 10.39
C ASN D 35 -32.81 65.28 11.53
N SER D 36 -34.03 65.76 11.27
CA SER D 36 -35.05 65.76 12.32
C SER D 36 -35.37 64.34 12.76
N LEU D 37 -35.23 63.36 11.87
CA LEU D 37 -35.50 61.98 12.20
C LEU D 37 -34.45 61.39 13.15
N LEU D 38 -33.33 62.07 13.37
CA LEU D 38 -32.36 61.62 14.37
C LEU D 38 -32.98 61.56 15.76
N LYS D 39 -34.09 62.27 15.99
CA LYS D 39 -34.81 62.17 17.26
C LYS D 39 -35.19 60.73 17.56
N GLU D 40 -35.55 59.96 16.54
CA GLU D 40 -36.02 58.60 16.75
C GLU D 40 -34.91 57.60 16.94
N PHE D 41 -33.65 57.98 16.72
CA PHE D 41 -32.52 57.07 16.81
C PHE D 41 -31.73 57.34 18.08
N VAL D 42 -30.69 56.55 18.28
CA VAL D 42 -29.89 56.59 19.51
C VAL D 42 -28.41 56.67 19.16
N LEU D 43 -28.07 57.53 18.21
CA LEU D 43 -26.68 57.76 17.84
C LEU D 43 -26.09 58.87 18.72
N ASP D 44 -24.78 58.77 18.95
CA ASP D 44 -24.05 59.79 19.68
C ASP D 44 -24.17 61.12 18.94
N PRO D 45 -24.73 62.16 19.56
CA PRO D 45 -24.97 63.42 18.84
C PRO D 45 -23.71 64.09 18.32
N ALA D 46 -22.54 63.79 18.88
CA ALA D 46 -21.28 64.33 18.37
C ALA D 46 -20.70 63.49 17.24
N TYR D 47 -21.21 62.28 17.03
CA TYR D 47 -20.73 61.37 16.01
C TYR D 47 -21.67 61.42 14.81
N ARG D 48 -21.11 61.64 13.63
CA ARG D 48 -21.90 61.70 12.40
C ARG D 48 -21.79 60.36 11.70
N ASN D 49 -22.91 59.64 11.57
CA ASN D 49 -22.84 58.28 11.05
C ASN D 49 -23.09 58.32 9.55
N LEU D 50 -21.99 58.33 8.81
CA LEU D 50 -22.00 58.31 7.35
C LEU D 50 -21.81 56.90 6.78
N ASN D 51 -21.57 55.92 7.65
CA ASN D 51 -21.33 54.55 7.18
C ASN D 51 -22.36 53.59 7.78
N HIS D 52 -23.65 53.86 7.51
CA HIS D 52 -24.69 52.99 8.03
C HIS D 52 -24.60 51.59 7.42
N GLY D 53 -24.07 51.48 6.20
CA GLY D 53 -24.04 50.20 5.51
C GLY D 53 -23.14 49.15 6.13
N SER D 54 -22.24 49.56 7.02
CA SER D 54 -21.32 48.59 7.63
C SER D 54 -22.02 47.79 8.72
N PHE D 55 -22.59 48.47 9.71
CA PHE D 55 -23.24 47.79 10.82
C PHE D 55 -24.69 48.21 11.04
N GLY D 56 -25.13 49.32 10.46
CA GLY D 56 -26.49 49.77 10.69
C GLY D 56 -26.69 50.27 12.11
N THR D 57 -27.89 50.77 12.35
CA THR D 57 -28.30 51.16 13.68
C THR D 57 -29.81 51.03 13.77
N ILE D 58 -30.32 51.02 15.00
CA ILE D 58 -31.75 50.82 15.22
C ILE D 58 -32.34 52.05 15.90
N PRO D 59 -33.57 52.44 15.58
CA PRO D 59 -34.22 53.51 16.33
C PRO D 59 -34.51 53.08 17.76
N SER D 60 -34.82 54.06 18.60
CA SER D 60 -35.04 53.78 20.02
C SER D 60 -36.24 52.86 20.22
N ALA D 61 -37.28 53.03 19.39
CA ALA D 61 -38.47 52.20 19.53
C ALA D 61 -38.16 50.73 19.32
N ILE D 62 -37.20 50.42 18.44
CA ILE D 62 -36.81 49.02 18.25
C ILE D 62 -35.87 48.56 19.36
N GLN D 63 -35.08 49.48 19.94
CA GLN D 63 -34.20 49.10 21.03
C GLN D 63 -35.01 48.63 22.25
N GLN D 64 -36.09 49.34 22.56
CA GLN D 64 -36.91 48.93 23.70
C GLN D 64 -37.67 47.65 23.41
N LYS D 65 -38.03 47.41 22.14
CA LYS D 65 -38.60 46.12 21.76
C LYS D 65 -37.62 45.00 22.06
N LEU D 66 -36.36 45.17 21.63
CA LEU D 66 -35.30 44.21 21.94
C LEU D 66 -35.28 43.88 23.43
N ARG D 67 -35.12 44.91 24.26
CA ARG D 67 -35.04 44.70 25.71
C ARG D 67 -36.33 44.12 26.26
N SER D 68 -37.48 44.45 25.65
CA SER D 68 -38.73 43.83 26.05
C SER D 68 -38.67 42.31 25.86
N TYR D 69 -38.08 41.85 24.75
CA TYR D 69 -37.93 40.41 24.55
C TYR D 69 -36.91 39.83 25.52
N GLN D 70 -35.82 40.56 25.78
CA GLN D 70 -34.81 40.06 26.71
C GLN D 70 -35.35 40.00 28.13
N THR D 71 -36.21 40.94 28.49
CA THR D 71 -36.82 40.90 29.82
C THR D 71 -37.78 39.74 29.95
N ALA D 72 -38.59 39.49 28.91
CA ALA D 72 -39.49 38.35 28.93
C ALA D 72 -38.74 37.03 29.02
N ALA D 73 -37.53 36.97 28.46
CA ALA D 73 -36.74 35.74 28.53
C ALA D 73 -36.25 35.49 29.94
N GLU D 74 -35.60 36.48 30.56
CA GLU D 74 -35.04 36.29 31.88
C GLU D 74 -36.11 36.15 32.96
N ALA D 75 -37.33 36.63 32.69
CA ALA D 75 -38.40 36.53 33.67
C ALA D 75 -38.81 35.08 33.90
N ARG D 76 -39.13 34.36 32.82
CA ARG D 76 -39.47 32.95 32.89
C ARG D 76 -38.73 32.24 31.76
N PRO D 77 -37.48 31.84 32.00
CA PRO D 77 -36.63 31.34 30.91
C PRO D 77 -37.17 30.13 30.15
N CYS D 78 -37.35 28.99 30.82
CA CYS D 78 -37.84 27.81 30.11
C CYS D 78 -39.20 28.02 29.46
N PRO D 79 -40.22 28.57 30.14
CA PRO D 79 -41.49 28.77 29.44
C PRO D 79 -41.39 29.67 28.21
N PHE D 80 -40.59 30.73 28.28
CA PHE D 80 -40.48 31.66 27.16
C PHE D 80 -39.58 31.11 26.07
N LEU D 81 -38.38 30.66 26.43
CA LEU D 81 -37.40 30.29 25.42
C LEU D 81 -37.77 29.01 24.70
N ARG D 82 -38.56 28.14 25.32
CA ARG D 82 -38.92 26.88 24.67
C ARG D 82 -40.16 26.99 23.79
N TYR D 83 -41.19 27.69 24.26
CA TYR D 83 -42.50 27.63 23.62
C TYR D 83 -42.95 28.94 23.00
N GLN D 84 -42.34 30.07 23.36
CA GLN D 84 -42.74 31.35 22.79
C GLN D 84 -41.88 31.75 21.60
N THR D 85 -40.62 31.33 21.58
CA THR D 85 -39.75 31.70 20.46
C THR D 85 -40.21 31.14 19.11
N PRO D 86 -40.74 29.91 19.00
CA PRO D 86 -41.28 29.51 17.68
C PRO D 86 -42.44 30.39 17.24
N VAL D 87 -43.22 30.91 18.19
CA VAL D 87 -44.29 31.83 17.83
C VAL D 87 -43.71 33.15 17.34
N LEU D 88 -42.69 33.66 18.03
CA LEU D 88 -42.12 34.95 17.66
C LEU D 88 -41.30 34.86 16.38
N LEU D 89 -40.63 33.72 16.14
CA LEU D 89 -39.97 33.53 14.86
C LEU D 89 -40.97 33.52 13.72
N ASP D 90 -42.06 32.75 13.87
CA ASP D 90 -43.08 32.67 12.83
C ASP D 90 -43.73 34.02 12.56
N GLU D 91 -43.88 34.85 13.59
CA GLU D 91 -44.43 36.19 13.37
C GLU D 91 -43.45 37.07 12.59
N SER D 92 -42.15 36.87 12.78
CA SER D 92 -41.16 37.61 12.00
C SER D 92 -40.95 37.01 10.61
N ARG D 93 -41.03 35.69 10.49
CA ARG D 93 -40.95 35.07 9.17
C ARG D 93 -42.12 35.48 8.29
N ALA D 94 -43.31 35.56 8.88
CA ALA D 94 -44.48 36.01 8.12
C ALA D 94 -44.34 37.47 7.69
N ALA D 95 -43.89 38.32 8.60
CA ALA D 95 -43.76 39.73 8.29
C ALA D 95 -42.66 39.99 7.26
N VAL D 96 -41.57 39.22 7.32
CA VAL D 96 -40.47 39.44 6.38
C VAL D 96 -40.79 38.82 5.02
N ALA D 97 -41.57 37.74 4.98
CA ALA D 97 -41.96 37.16 3.70
C ALA D 97 -43.00 38.03 3.01
N ASN D 98 -43.85 38.71 3.78
CA ASN D 98 -44.81 39.64 3.19
C ASN D 98 -44.10 40.85 2.60
N LEU D 99 -42.99 41.28 3.22
CA LEU D 99 -42.20 42.38 2.66
C LEU D 99 -41.52 41.95 1.37
N LEU D 100 -40.95 40.74 1.36
CA LEU D 100 -40.27 40.22 0.18
C LEU D 100 -41.24 39.67 -0.87
N LYS D 101 -42.53 39.56 -0.54
CA LYS D 101 -43.53 39.02 -1.45
C LYS D 101 -43.18 37.59 -1.86
N VAL D 102 -42.80 36.79 -0.87
CA VAL D 102 -42.44 35.39 -1.08
C VAL D 102 -43.23 34.55 -0.09
N PRO D 103 -43.38 33.25 -0.36
CA PRO D 103 -44.06 32.38 0.61
C PRO D 103 -43.32 32.31 1.94
N VAL D 104 -44.09 32.19 3.02
CA VAL D 104 -43.50 32.14 4.36
C VAL D 104 -42.64 30.89 4.52
N GLU D 105 -42.99 29.80 3.83
CA GLU D 105 -42.24 28.55 3.96
C GLU D 105 -40.85 28.63 3.36
N THR D 106 -40.50 29.73 2.69
CA THR D 106 -39.21 29.85 2.02
C THR D 106 -38.23 30.74 2.79
N VAL D 107 -38.60 31.25 3.95
CA VAL D 107 -37.76 32.19 4.70
C VAL D 107 -37.55 31.68 6.11
N VAL D 108 -36.29 31.66 6.55
CA VAL D 108 -35.90 31.45 7.93
C VAL D 108 -34.86 32.50 8.29
N PHE D 109 -34.44 32.50 9.55
CA PHE D 109 -33.49 33.49 10.05
C PHE D 109 -32.20 32.82 10.48
N VAL D 110 -31.07 33.45 10.14
CA VAL D 110 -29.76 33.02 10.59
C VAL D 110 -29.07 34.21 11.23
N ALA D 111 -27.90 33.95 11.84
CA ALA D 111 -27.21 34.97 12.60
C ALA D 111 -26.81 36.16 11.73
N ASN D 112 -26.18 35.89 10.60
CA ASN D 112 -25.68 36.97 9.74
C ASN D 112 -25.47 36.41 8.34
N ALA D 113 -25.03 37.29 7.42
CA ALA D 113 -24.83 36.89 6.04
C ALA D 113 -23.69 35.89 5.91
N THR D 114 -22.62 36.08 6.69
CA THR D 114 -21.54 35.11 6.69
C THR D 114 -22.04 33.72 7.08
N MET D 115 -22.94 33.66 8.07
CA MET D 115 -23.54 32.38 8.44
C MET D 115 -24.40 31.82 7.32
N GLY D 116 -25.17 32.69 6.65
CA GLY D 116 -26.03 32.22 5.57
C GLY D 116 -25.25 31.77 4.35
N VAL D 117 -24.13 32.41 4.05
CA VAL D 117 -23.30 31.97 2.94
C VAL D 117 -22.63 30.64 3.25
N ASN D 118 -22.15 30.48 4.49
CA ASN D 118 -21.57 29.21 4.89
C ASN D 118 -22.60 28.10 4.88
N THR D 119 -23.83 28.40 5.31
CA THR D 119 -24.88 27.39 5.32
C THR D 119 -25.14 26.84 3.92
N VAL D 120 -24.99 27.68 2.90
CA VAL D 120 -25.15 27.22 1.52
C VAL D 120 -23.92 26.45 1.06
N LEU D 121 -22.73 27.04 1.20
CA LEU D 121 -21.53 26.45 0.64
C LEU D 121 -21.12 25.18 1.37
N ARG D 122 -21.37 25.09 2.68
CA ARG D 122 -21.01 23.91 3.44
C ARG D 122 -21.99 22.76 3.26
N ASN D 123 -23.17 23.00 2.68
CA ASN D 123 -24.17 21.97 2.48
C ASN D 123 -24.13 21.34 1.10
N ILE D 124 -23.47 21.97 0.14
CA ILE D 124 -23.46 21.46 -1.23
C ILE D 124 -22.58 20.22 -1.29
N VAL D 125 -23.14 19.12 -1.78
CA VAL D 125 -22.38 17.93 -2.11
C VAL D 125 -21.96 18.03 -3.57
N TRP D 126 -20.65 18.09 -3.81
CA TRP D 126 -20.12 18.32 -5.14
C TRP D 126 -20.02 17.01 -5.91
N SER D 127 -19.94 17.12 -7.23
CA SER D 127 -19.93 15.93 -8.08
C SER D 127 -18.75 15.04 -7.75
N ALA D 128 -18.97 13.72 -7.83
CA ALA D 128 -17.95 12.77 -7.40
C ALA D 128 -16.72 12.82 -8.29
N ASP D 129 -16.86 13.26 -9.54
CA ASP D 129 -15.71 13.31 -10.44
C ASP D 129 -14.74 14.44 -10.09
N GLY D 130 -15.10 15.31 -9.16
CA GLY D 130 -14.19 16.36 -8.72
C GLY D 130 -13.96 17.47 -9.73
N LYS D 131 -14.96 17.80 -10.54
CA LYS D 131 -14.83 18.82 -11.56
C LYS D 131 -15.61 20.10 -11.26
N ASP D 132 -16.47 20.09 -10.24
CA ASP D 132 -17.27 21.27 -9.94
C ASP D 132 -16.37 22.45 -9.61
N GLU D 133 -16.78 23.63 -10.07
CA GLU D 133 -16.08 24.87 -9.77
C GLU D 133 -17.05 25.86 -9.15
N ILE D 134 -16.54 26.68 -8.25
CA ILE D 134 -17.28 27.79 -7.68
C ILE D 134 -16.83 29.07 -8.39
N LEU D 135 -17.76 29.72 -9.08
CA LEU D 135 -17.48 30.97 -9.76
C LEU D 135 -17.87 32.14 -8.87
N TYR D 136 -16.99 33.14 -8.78
CA TYR D 136 -17.27 34.34 -8.01
C TYR D 136 -16.45 35.49 -8.59
N PHE D 137 -16.79 36.69 -8.16
CA PHE D 137 -16.13 37.91 -8.63
C PHE D 137 -15.14 38.40 -7.59
N ASP D 138 -14.11 39.10 -8.04
CA ASP D 138 -13.05 39.55 -7.14
C ASP D 138 -13.50 40.62 -6.16
N THR D 139 -14.68 41.20 -6.37
CA THR D 139 -15.28 42.12 -5.41
C THR D 139 -16.05 41.39 -4.31
N ILE D 140 -15.90 40.07 -4.23
CA ILE D 140 -16.59 39.30 -3.21
C ILE D 140 -16.20 39.80 -1.83
N PHE D 141 -17.15 39.75 -0.90
CA PHE D 141 -16.86 40.12 0.48
C PHE D 141 -15.82 39.18 1.06
N GLY D 142 -14.80 39.76 1.69
CA GLY D 142 -13.65 39.02 2.18
C GLY D 142 -13.96 37.73 2.89
N ALA D 143 -14.97 37.73 3.76
CA ALA D 143 -15.34 36.53 4.49
C ALA D 143 -15.90 35.46 3.56
N CYS D 144 -16.78 35.87 2.63
CA CYS D 144 -17.34 34.91 1.68
C CYS D 144 -16.27 34.32 0.77
N GLY D 145 -15.34 35.17 0.30
CA GLY D 145 -14.25 34.65 -0.50
C GLY D 145 -13.39 33.65 0.26
N LYS D 146 -13.14 33.93 1.54
CA LYS D 146 -12.38 32.98 2.36
C LYS D 146 -13.20 31.77 2.74
N THR D 147 -14.53 31.87 2.68
CA THR D 147 -15.37 30.69 2.85
C THR D 147 -15.18 29.71 1.70
N ILE D 148 -15.11 30.25 0.47
CA ILE D 148 -14.82 29.42 -0.69
C ILE D 148 -13.47 28.73 -0.53
N ASP D 149 -12.48 29.45 0.01
CA ASP D 149 -11.15 28.89 0.17
C ASP D 149 -11.15 27.72 1.15
N TYR D 150 -11.83 27.88 2.28
CA TYR D 150 -11.84 26.81 3.28
C TYR D 150 -12.60 25.59 2.80
N VAL D 151 -13.73 25.81 2.11
CA VAL D 151 -14.50 24.67 1.59
C VAL D 151 -13.66 23.85 0.63
N ILE D 152 -12.90 24.52 -0.24
CA ILE D 152 -11.97 23.80 -1.12
C ILE D 152 -10.98 22.99 -0.30
N GLU D 153 -10.53 23.55 0.83
CA GLU D 153 -9.60 22.82 1.68
C GLU D 153 -10.29 21.70 2.43
N ASP D 154 -11.49 21.96 2.95
CA ASP D 154 -12.18 20.94 3.74
C ASP D 154 -12.66 19.78 2.87
N LYS D 155 -13.13 20.08 1.66
CA LYS D 155 -13.58 19.04 0.75
C LYS D 155 -12.43 18.33 0.04
N ARG D 156 -11.18 18.64 0.41
CA ARG D 156 -9.99 17.93 -0.07
C ARG D 156 -9.86 17.98 -1.59
N GLY D 157 -10.27 19.09 -2.20
CA GLY D 157 -10.07 19.29 -3.62
C GLY D 157 -11.13 18.69 -4.52
N ILE D 158 -12.26 18.24 -3.98
CA ILE D 158 -13.34 17.76 -4.85
C ILE D 158 -13.99 18.91 -5.59
N VAL D 159 -13.74 20.15 -5.17
CA VAL D 159 -14.27 21.34 -5.82
C VAL D 159 -13.18 22.41 -5.79
N SER D 160 -13.16 23.26 -6.82
CA SER D 160 -12.22 24.35 -6.94
C SER D 160 -12.98 25.64 -7.21
N SER D 161 -12.24 26.74 -7.35
CA SER D 161 -12.83 28.05 -7.58
C SER D 161 -12.13 28.76 -8.73
N ARG D 162 -12.86 29.67 -9.35
CA ARG D 162 -12.35 30.53 -10.41
C ARG D 162 -12.79 31.95 -10.13
N CYS D 163 -11.83 32.84 -9.93
CA CYS D 163 -12.11 34.23 -9.54
C CYS D 163 -12.19 35.10 -10.78
N ILE D 164 -13.32 35.79 -10.95
CA ILE D 164 -13.57 36.65 -12.10
C ILE D 164 -13.18 38.07 -11.72
N PRO D 165 -12.12 38.64 -12.29
CA PRO D 165 -11.75 40.02 -11.95
C PRO D 165 -12.71 41.02 -12.54
N LEU D 166 -12.90 42.13 -11.81
CA LEU D 166 -13.77 43.22 -12.24
C LEU D 166 -13.05 44.54 -12.08
N ILE D 167 -13.13 45.38 -13.10
CA ILE D 167 -12.58 46.73 -13.06
C ILE D 167 -13.75 47.71 -12.98
N TYR D 168 -13.73 48.55 -11.94
CA TYR D 168 -14.77 49.55 -11.77
C TYR D 168 -14.23 50.94 -12.12
N PRO D 169 -15.10 51.83 -12.66
CA PRO D 169 -16.54 51.66 -12.91
C PRO D 169 -16.87 50.61 -13.96
N ALA D 170 -17.57 49.56 -13.54
CA ALA D 170 -17.84 48.40 -14.39
C ALA D 170 -19.18 48.58 -15.07
N GLU D 171 -19.19 48.53 -16.41
CA GLU D 171 -20.44 48.49 -17.15
C GLU D 171 -21.11 47.14 -16.96
N ASP D 172 -22.45 47.17 -16.91
CA ASP D 172 -23.20 45.95 -16.60
C ASP D 172 -23.00 44.88 -17.69
N ASP D 173 -22.94 45.30 -18.95
CA ASP D 173 -22.73 44.34 -20.02
C ASP D 173 -21.35 43.71 -19.95
N ASP D 174 -20.33 44.49 -19.56
CA ASP D 174 -19.00 43.93 -19.41
C ASP D 174 -18.94 42.99 -18.21
N VAL D 175 -19.79 43.20 -17.20
CA VAL D 175 -19.91 42.24 -16.11
C VAL D 175 -20.56 40.95 -16.60
N VAL D 176 -21.68 41.08 -17.33
CA VAL D 176 -22.34 39.92 -17.90
C VAL D 176 -21.42 39.20 -18.88
N ALA D 177 -20.74 39.96 -19.73
CA ALA D 177 -19.83 39.33 -20.69
C ALA D 177 -18.69 38.61 -19.97
N ALA D 178 -18.18 39.18 -18.89
CA ALA D 178 -17.08 38.54 -18.17
C ALA D 178 -17.54 37.27 -17.46
N PHE D 179 -18.81 37.22 -17.05
CA PHE D 179 -19.32 36.00 -16.44
C PHE D 179 -19.74 34.99 -17.51
N ARG D 180 -20.49 35.44 -18.52
CA ARG D 180 -20.82 34.58 -19.64
C ARG D 180 -19.56 34.02 -20.28
N ASP D 181 -18.53 34.86 -20.40
CA ASP D 181 -17.20 34.33 -20.69
C ASP D 181 -16.85 33.24 -19.68
N ALA D 182 -16.76 33.61 -18.40
CA ALA D 182 -16.13 32.76 -17.39
C ALA D 182 -16.62 31.32 -17.43
N ILE D 183 -17.89 31.11 -17.80
CA ILE D 183 -18.44 29.77 -17.90
C ILE D 183 -17.73 28.97 -19.00
N LYS D 184 -17.28 29.66 -20.06
CA LYS D 184 -16.78 28.98 -21.25
C LYS D 184 -15.46 28.25 -21.00
N LYS D 185 -14.64 28.72 -20.04
CA LYS D 185 -13.32 28.14 -19.79
C LYS D 185 -13.42 26.90 -18.93
N SER D 186 -14.07 27.05 -17.78
CA SER D 186 -14.36 25.92 -16.90
C SER D 186 -14.72 24.70 -17.74
N ARG D 187 -15.61 24.89 -18.70
CA ARG D 187 -15.92 23.82 -19.65
C ARG D 187 -14.70 23.49 -20.51
N GLU D 188 -14.07 24.51 -21.09
CA GLU D 188 -12.93 24.29 -21.96
C GLU D 188 -11.70 23.73 -21.24
N GLU D 189 -11.68 23.76 -19.91
CA GLU D 189 -10.58 23.21 -19.13
C GLU D 189 -10.98 21.91 -18.43
N GLY D 190 -12.12 21.32 -18.78
CA GLY D 190 -12.58 20.10 -18.16
C GLY D 190 -13.35 20.27 -16.87
N LYS D 191 -13.50 21.50 -16.38
CA LYS D 191 -14.23 21.75 -15.15
C LYS D 191 -15.73 21.89 -15.46
N ARG D 192 -16.52 22.04 -14.41
CA ARG D 192 -17.97 22.18 -14.52
C ARG D 192 -18.42 23.38 -13.70
N PRO D 193 -18.91 24.44 -14.33
CA PRO D 193 -19.49 25.56 -13.54
C PRO D 193 -20.69 25.11 -12.74
N ARG D 194 -20.52 24.96 -11.43
CA ARG D 194 -21.56 24.42 -10.56
C ARG D 194 -22.22 25.50 -9.71
N LEU D 195 -21.44 26.35 -9.05
CA LEU D 195 -21.93 27.29 -8.06
C LEU D 195 -21.42 28.68 -8.39
N ALA D 196 -22.31 29.68 -8.34
CA ALA D 196 -21.93 31.07 -8.53
C ALA D 196 -22.43 31.90 -7.35
N VAL D 197 -21.53 32.64 -6.72
CA VAL D 197 -21.89 33.57 -5.65
C VAL D 197 -22.11 34.94 -6.28
N ILE D 198 -23.30 35.50 -6.07
CA ILE D 198 -23.72 36.71 -6.77
C ILE D 198 -24.11 37.76 -5.74
N ASP D 199 -23.59 38.98 -5.91
CA ASP D 199 -23.98 40.09 -5.06
C ASP D 199 -25.26 40.74 -5.58
N VAL D 200 -26.01 41.35 -4.66
CA VAL D 200 -27.07 42.27 -5.02
C VAL D 200 -26.46 43.65 -5.08
N VAL D 201 -25.90 44.09 -3.95
CA VAL D 201 -25.06 45.28 -3.88
C VAL D 201 -23.73 44.85 -3.25
N SER D 202 -22.64 45.15 -3.93
CA SER D 202 -21.33 44.74 -3.44
C SER D 202 -20.91 45.57 -2.23
N SER D 203 -20.02 45.01 -1.43
CA SER D 203 -19.55 45.66 -0.23
C SER D 203 -18.64 46.84 -0.56
N MET D 204 -17.43 46.54 -1.03
CA MET D 204 -16.46 47.57 -1.38
C MET D 204 -15.98 47.39 -2.81
N PRO D 205 -16.35 48.33 -3.69
CA PRO D 205 -17.18 49.51 -3.41
C PRO D 205 -18.66 49.17 -3.32
N GLY D 206 -19.44 50.04 -2.68
CA GLY D 206 -20.88 49.84 -2.58
C GLY D 206 -21.60 50.22 -3.86
N VAL D 207 -21.89 49.24 -4.70
CA VAL D 207 -22.52 49.47 -5.99
C VAL D 207 -23.56 48.39 -6.25
N ARG D 208 -24.64 48.78 -6.93
CA ARG D 208 -25.64 47.82 -7.38
C ARG D 208 -25.07 46.97 -8.51
N PHE D 209 -25.18 45.65 -8.35
CA PHE D 209 -24.66 44.60 -9.23
C PHE D 209 -25.77 44.04 -10.12
N PRO D 210 -25.51 43.76 -11.40
CA PRO D 210 -26.59 43.24 -12.27
C PRO D 210 -26.90 41.79 -11.99
N PHE D 211 -27.44 41.50 -10.81
CA PHE D 211 -27.64 40.12 -10.40
C PHE D 211 -28.74 39.44 -11.19
N GLU D 212 -29.74 40.20 -11.65
CA GLU D 212 -30.83 39.60 -12.42
C GLU D 212 -30.30 38.92 -13.68
N ASP D 213 -29.36 39.56 -14.38
CA ASP D 213 -28.78 38.95 -15.56
C ASP D 213 -27.93 37.73 -15.20
N ILE D 214 -27.17 37.82 -14.10
CA ILE D 214 -26.28 36.73 -13.75
C ILE D 214 -27.06 35.52 -13.26
N VAL D 215 -28.10 35.76 -12.45
CA VAL D 215 -28.92 34.64 -11.98
C VAL D 215 -29.66 33.98 -13.14
N LYS D 216 -30.09 34.78 -14.12
CA LYS D 216 -30.78 34.22 -15.28
C LYS D 216 -29.83 33.37 -16.13
N ILE D 217 -28.58 33.81 -16.25
CA ILE D 217 -27.59 33.01 -16.97
C ILE D 217 -27.28 31.73 -16.20
N CYS D 218 -27.32 31.78 -14.87
CA CYS D 218 -27.09 30.58 -14.07
C CYS D 218 -28.17 29.54 -14.30
N LYS D 219 -29.41 29.98 -14.54
CA LYS D 219 -30.48 29.04 -14.86
C LYS D 219 -30.26 28.41 -16.24
N GLU D 220 -29.84 29.21 -17.22
CA GLU D 220 -29.61 28.69 -18.55
C GLU D 220 -28.47 27.69 -18.59
N GLU D 221 -27.44 27.91 -17.77
CA GLU D 221 -26.27 27.05 -17.74
C GLU D 221 -26.33 26.02 -16.62
N GLU D 222 -27.47 25.92 -15.91
CA GLU D 222 -27.64 24.98 -14.80
C GLU D 222 -26.58 25.20 -13.73
N ILE D 223 -26.41 26.46 -13.33
CA ILE D 223 -25.52 26.84 -12.24
C ILE D 223 -26.36 27.27 -11.06
N ILE D 224 -25.96 26.84 -9.86
CA ILE D 224 -26.68 27.25 -8.66
C ILE D 224 -26.43 28.72 -8.39
N SER D 225 -27.51 29.48 -8.27
CA SER D 225 -27.42 30.92 -7.97
C SER D 225 -27.47 31.10 -6.46
N CYS D 226 -26.31 31.33 -5.86
CA CYS D 226 -26.19 31.59 -4.42
C CYS D 226 -25.96 33.09 -4.25
N VAL D 227 -27.04 33.83 -4.03
CA VAL D 227 -27.01 35.29 -4.11
C VAL D 227 -26.69 35.87 -2.73
N ASP D 228 -25.56 36.57 -2.65
CA ASP D 228 -25.17 37.29 -1.43
C ASP D 228 -25.80 38.67 -1.48
N GLY D 229 -26.99 38.79 -0.90
CA GLY D 229 -27.67 40.07 -0.83
C GLY D 229 -27.59 40.70 0.54
N ALA D 230 -26.45 40.55 1.21
CA ALA D 230 -26.27 41.15 2.53
C ALA D 230 -26.61 42.63 2.50
N GLN D 231 -26.16 43.35 1.48
CA GLN D 231 -26.59 44.72 1.22
C GLN D 231 -27.84 44.65 0.35
N GLY D 232 -28.97 44.34 1.00
CA GLY D 232 -30.18 44.07 0.24
C GLY D 232 -31.47 44.56 0.87
N ILE D 233 -32.02 43.76 1.78
CA ILE D 233 -33.37 44.02 2.29
C ILE D 233 -33.38 45.35 3.04
N GLY D 234 -34.44 46.13 2.81
CA GLY D 234 -34.57 47.45 3.39
C GLY D 234 -33.99 48.57 2.55
N MET D 235 -33.14 48.24 1.57
CA MET D 235 -32.48 49.25 0.76
C MET D 235 -32.87 49.17 -0.71
N VAL D 236 -32.88 47.97 -1.29
CA VAL D 236 -33.19 47.81 -2.71
C VAL D 236 -34.19 46.68 -2.87
N ASP D 237 -34.97 46.76 -3.95
CA ASP D 237 -35.86 45.68 -4.34
C ASP D 237 -35.02 44.47 -4.74
N LEU D 238 -35.26 43.33 -4.09
CA LEU D 238 -34.50 42.13 -4.38
C LEU D 238 -35.10 41.31 -5.52
N LYS D 239 -36.39 41.48 -5.81
CA LYS D 239 -37.05 40.82 -6.93
C LYS D 239 -36.85 39.29 -6.88
N ILE D 240 -37.22 38.71 -5.74
CA ILE D 240 -36.95 37.30 -5.50
C ILE D 240 -37.80 36.42 -6.41
N THR D 241 -39.08 36.77 -6.58
CA THR D 241 -39.97 35.94 -7.40
C THR D 241 -39.59 36.01 -8.86
N GLU D 242 -39.33 37.22 -9.38
CA GLU D 242 -38.94 37.37 -10.78
C GLU D 242 -37.61 36.68 -11.05
N THR D 243 -36.58 37.04 -10.28
CA THR D 243 -35.25 36.49 -10.52
C THR D 243 -35.19 35.00 -10.17
N ASP D 244 -35.94 34.59 -9.15
CA ASP D 244 -36.08 33.19 -8.75
C ASP D 244 -34.73 32.55 -8.44
N PRO D 245 -33.97 33.05 -7.47
CA PRO D 245 -32.67 32.45 -7.19
C PRO D 245 -32.82 31.12 -6.46
N ASP D 246 -31.74 30.35 -6.44
CA ASP D 246 -31.72 29.09 -5.71
C ASP D 246 -31.43 29.30 -4.24
N PHE D 247 -30.70 30.36 -3.90
CA PHE D 247 -30.42 30.72 -2.52
C PHE D 247 -30.28 32.24 -2.45
N LEU D 248 -30.68 32.80 -1.31
CA LEU D 248 -30.52 34.23 -1.10
C LEU D 248 -30.34 34.50 0.38
N ILE D 249 -29.33 35.31 0.71
CA ILE D 249 -29.10 35.81 2.06
C ILE D 249 -29.21 37.32 2.02
N SER D 250 -29.62 37.92 3.14
CA SER D 250 -29.75 39.37 3.20
C SER D 250 -29.80 39.80 4.67
N ASN D 251 -29.03 40.84 5.00
CA ASN D 251 -28.89 41.29 6.38
C ASN D 251 -30.00 42.28 6.72
N CYS D 252 -30.86 41.89 7.66
CA CYS D 252 -31.89 42.82 8.14
C CYS D 252 -31.27 43.92 9.01
N HIS D 253 -30.17 43.63 9.70
CA HIS D 253 -29.59 44.59 10.62
C HIS D 253 -28.85 45.71 9.89
N1 LLP D 254 -21.39 40.22 2.02
C2 LLP D 254 -21.64 41.51 1.77
C2' LLP D 254 -21.83 42.01 0.30
C3 LLP D 254 -21.72 42.43 2.85
O3 LLP D 254 -21.98 43.78 2.59
C4 LLP D 254 -21.56 42.01 4.16
C4' LLP D 254 -21.66 43.08 5.37
C5 LLP D 254 -21.30 40.70 4.39
C6 LLP D 254 -21.21 39.78 3.33
C5' LLP D 254 -21.09 40.18 5.85
OP4 LLP D 254 -22.30 40.22 6.57
P LLP D 254 -22.19 40.06 8.10
OP1 LLP D 254 -21.29 41.18 8.64
OP2 LLP D 254 -21.60 38.76 8.42
OP3 LLP D 254 -23.55 40.16 8.70
N LLP D 254 -28.55 45.49 8.61
CA LLP D 254 -27.79 46.49 7.85
CB LLP D 254 -27.07 45.83 6.69
CG LLP D 254 -25.61 45.52 7.07
CD LLP D 254 -24.94 44.73 5.94
CE LLP D 254 -23.49 44.33 6.32
NZ LLP D 254 -22.75 43.98 5.10
C LLP D 254 -28.68 47.60 7.37
O LLP D 254 -28.30 48.75 7.49
N TRP D 255 -29.86 47.28 6.85
CA TRP D 255 -30.71 48.31 6.25
C TRP D 255 -32.20 48.19 6.56
N LEU D 256 -32.59 47.30 7.48
CA LEU D 256 -33.99 47.16 7.86
C LEU D 256 -34.24 47.62 9.29
N PHE D 257 -33.30 48.34 9.90
CA PHE D 257 -33.45 48.90 11.25
C PHE D 257 -33.71 47.81 12.29
N THR D 258 -33.21 46.60 12.04
CA THR D 258 -33.29 45.41 12.88
C THR D 258 -32.05 45.29 13.74
N PRO D 259 -32.20 44.90 15.01
CA PRO D 259 -31.03 44.80 15.90
C PRO D 259 -29.92 43.93 15.31
N ARG D 260 -28.69 44.22 15.73
CA ARG D 260 -27.52 43.57 15.16
C ARG D 260 -27.57 42.07 15.36
N GLY D 261 -27.22 41.33 14.31
CA GLY D 261 -27.20 39.89 14.35
C GLY D 261 -28.48 39.29 13.80
N CYS D 262 -28.85 39.67 12.58
CA CYS D 262 -30.07 39.13 11.97
C CYS D 262 -29.96 39.22 10.45
N ALA D 263 -30.05 38.08 9.79
CA ALA D 263 -30.13 38.00 8.35
C ALA D 263 -31.29 37.08 7.96
N VAL D 264 -32.05 37.48 6.95
CA VAL D 264 -33.16 36.68 6.47
C VAL D 264 -32.64 35.73 5.38
N PHE D 265 -33.00 34.46 5.50
CA PHE D 265 -32.47 33.39 4.67
C PHE D 265 -33.57 32.87 3.75
N TYR D 266 -33.43 33.12 2.45
CA TYR D 266 -34.40 32.67 1.47
C TYR D 266 -33.89 31.39 0.79
N VAL D 267 -34.67 30.31 0.89
CA VAL D 267 -34.42 29.10 0.13
C VAL D 267 -35.76 28.66 -0.46
N PRO D 268 -35.89 28.59 -1.79
CA PRO D 268 -37.12 28.04 -2.37
C PRO D 268 -37.29 26.59 -1.95
N VAL D 269 -38.55 26.14 -1.94
CA VAL D 269 -38.85 24.78 -1.53
C VAL D 269 -38.13 23.76 -2.40
N ARG D 270 -37.76 24.15 -3.64
CA ARG D 270 -37.07 23.22 -4.52
C ARG D 270 -35.70 22.82 -3.97
N ASN D 271 -35.06 23.69 -3.18
CA ASN D 271 -33.69 23.48 -2.73
C ASN D 271 -33.55 23.20 -1.24
N GLN D 272 -34.64 23.29 -0.47
CA GLN D 272 -34.54 23.12 0.97
C GLN D 272 -34.01 21.75 1.36
N HIS D 273 -34.14 20.76 0.48
CA HIS D 273 -33.57 19.45 0.75
C HIS D 273 -32.05 19.49 0.70
N LEU D 274 -31.48 20.43 -0.05
CA LEU D 274 -30.03 20.54 -0.13
C LEU D 274 -29.43 21.02 1.18
N ILE D 275 -30.18 21.82 1.95
CA ILE D 275 -29.74 22.26 3.26
C ILE D 275 -29.98 21.10 4.23
N ARG D 276 -29.00 20.20 4.32
CA ARG D 276 -29.17 19.02 5.17
C ARG D 276 -28.99 19.36 6.64
N SER D 277 -28.02 20.22 6.96
CA SER D 277 -27.76 20.61 8.34
C SER D 277 -27.66 22.12 8.43
N THR D 278 -28.08 22.65 9.58
CA THR D 278 -27.91 24.05 9.86
C THR D 278 -26.50 24.32 10.35
N LEU D 279 -26.18 25.60 10.52
CA LEU D 279 -24.90 26.01 11.07
C LEU D 279 -25.14 26.74 12.39
N PRO D 280 -24.88 26.07 13.52
CA PRO D 280 -24.35 24.71 13.61
C PRO D 280 -25.40 23.61 13.56
N THR D 281 -24.95 22.36 13.57
CA THR D 281 -25.86 21.22 13.60
C THR D 281 -26.52 21.12 14.97
N SER D 282 -27.84 20.95 14.98
CA SER D 282 -28.59 20.93 16.22
C SER D 282 -29.70 19.88 16.14
N HIS D 283 -30.76 20.08 16.92
CA HIS D 283 -31.74 19.02 17.15
C HIS D 283 -32.65 18.81 15.93
N GLY D 284 -33.01 19.88 15.24
CA GLY D 284 -33.94 19.78 14.13
C GLY D 284 -33.37 19.07 12.91
N PHE D 285 -32.19 18.49 13.07
CA PHE D 285 -31.48 17.80 12.00
C PHE D 285 -31.77 16.30 12.09
N VAL D 286 -32.23 15.71 11.01
CA VAL D 286 -32.54 14.29 10.96
C VAL D 286 -31.48 13.59 10.10
N PRO D 287 -30.83 12.56 10.62
CA PRO D 287 -29.69 11.94 9.92
C PRO D 287 -30.15 11.06 8.78
N GLN D 288 -29.62 11.31 7.58
CA GLN D 288 -29.87 10.48 6.41
C GLN D 288 -28.80 10.72 5.35
N ASN D 301 -48.77 22.29 8.49
CA ASN D 301 -47.76 22.51 9.53
C ASN D 301 -46.44 22.93 8.90
N LYS D 302 -45.42 23.12 9.74
CA LYS D 302 -44.15 23.66 9.30
C LYS D 302 -43.18 22.55 8.90
N SER D 303 -42.44 22.80 7.82
CA SER D 303 -41.55 21.81 7.26
C SER D 303 -40.38 21.53 8.21
N ALA D 304 -39.67 20.43 7.92
CA ALA D 304 -38.47 20.11 8.67
C ALA D 304 -37.38 21.15 8.44
N PHE D 305 -37.36 21.76 7.26
CA PHE D 305 -36.40 22.81 6.98
C PHE D 305 -36.61 24.02 7.89
N VAL D 306 -37.85 24.50 7.96
CA VAL D 306 -38.16 25.64 8.82
C VAL D 306 -37.90 25.31 10.28
N SER D 307 -38.32 24.13 10.71
CA SER D 307 -38.17 23.75 12.12
C SER D 307 -36.71 23.58 12.50
N ASN D 308 -35.86 23.18 11.54
CA ASN D 308 -34.46 22.93 11.86
C ASN D 308 -33.74 24.21 12.29
N PHE D 309 -34.22 25.37 11.85
CA PHE D 309 -33.58 26.64 12.16
C PHE D 309 -34.13 27.30 13.41
N GLU D 310 -35.03 26.65 14.14
CA GLU D 310 -35.64 27.30 15.30
C GLU D 310 -34.72 27.26 16.51
N PHE D 311 -34.05 26.13 16.75
CA PHE D 311 -33.12 25.99 17.88
C PHE D 311 -31.82 25.41 17.34
N VAL D 312 -30.89 26.29 16.97
CA VAL D 312 -29.61 25.89 16.40
C VAL D 312 -28.50 26.25 17.37
N GLY D 313 -28.69 25.92 18.64
CA GLY D 313 -27.80 26.38 19.69
C GLY D 313 -28.39 27.58 20.40
N THR D 314 -28.32 27.60 21.72
CA THR D 314 -29.01 28.63 22.48
C THR D 314 -28.29 29.96 22.32
N VAL D 315 -29.01 30.95 21.81
CA VAL D 315 -28.51 32.31 21.60
C VAL D 315 -29.59 33.27 22.06
N ASP D 316 -29.33 34.57 21.87
CA ASP D 316 -30.32 35.61 22.14
C ASP D 316 -30.98 35.95 20.81
N ASN D 317 -32.21 35.48 20.63
CA ASN D 317 -32.96 35.67 19.39
C ASN D 317 -33.79 36.95 19.39
N SER D 318 -33.62 37.82 20.39
CA SER D 318 -34.35 39.08 20.41
C SER D 318 -34.21 39.88 19.11
N PRO D 319 -33.04 39.94 18.46
CA PRO D 319 -33.00 40.59 17.13
C PRO D 319 -33.94 39.94 16.11
N PHE D 320 -34.01 38.61 16.08
CA PHE D 320 -34.96 37.96 15.18
C PHE D 320 -36.40 38.33 15.53
N PHE D 321 -36.71 38.37 16.83
CA PHE D 321 -38.07 38.69 17.25
C PHE D 321 -38.47 40.11 16.86
N CYS D 322 -37.49 41.01 16.75
CA CYS D 322 -37.76 42.41 16.43
C CYS D 322 -38.01 42.67 14.95
N VAL D 323 -37.80 41.66 14.08
CA VAL D 323 -37.95 41.88 12.65
C VAL D 323 -39.35 42.37 12.32
N LYS D 324 -40.37 41.74 12.92
CA LYS D 324 -41.74 42.17 12.69
C LYS D 324 -41.96 43.60 13.19
N ASP D 325 -41.26 43.99 14.25
CA ASP D 325 -41.43 45.33 14.80
C ASP D 325 -40.75 46.37 13.93
N ALA D 326 -39.55 46.08 13.45
CA ALA D 326 -38.86 47.01 12.57
C ALA D 326 -39.63 47.23 11.28
N ILE D 327 -40.16 46.15 10.70
CA ILE D 327 -40.98 46.27 9.50
C ILE D 327 -42.23 47.12 9.78
N LYS D 328 -42.91 46.83 10.89
CA LYS D 328 -44.10 47.58 11.24
C LYS D 328 -43.76 49.02 11.63
N TRP D 329 -42.59 49.25 12.23
CA TRP D 329 -42.20 50.61 12.56
C TRP D 329 -41.82 51.40 11.31
N ARG D 330 -41.12 50.76 10.37
CA ARG D 330 -40.81 51.42 9.10
C ARG D 330 -42.06 51.67 8.28
N GLU D 331 -43.05 50.79 8.38
CA GLU D 331 -44.30 50.98 7.64
C GLU D 331 -45.11 52.13 8.23
N GLU D 332 -45.30 52.13 9.56
CA GLU D 332 -46.22 53.05 10.19
C GLU D 332 -45.60 54.42 10.43
N VAL D 333 -44.37 54.46 10.93
CA VAL D 333 -43.75 55.72 11.31
C VAL D 333 -43.07 56.40 10.12
N LEU D 334 -42.48 55.62 9.22
CA LEU D 334 -41.69 56.18 8.12
C LEU D 334 -42.40 56.16 6.78
N GLY D 335 -43.55 55.50 6.67
CA GLY D 335 -44.36 55.56 5.47
C GLY D 335 -44.24 54.38 4.53
N GLY D 336 -43.31 53.46 4.77
CA GLY D 336 -43.21 52.27 3.94
C GLY D 336 -41.85 52.04 3.32
N GLU D 337 -41.62 50.80 2.86
CA GLU D 337 -40.32 50.41 2.32
C GLU D 337 -40.05 51.10 0.99
N GLU D 338 -40.95 50.93 0.02
CA GLU D 338 -40.88 51.55 -1.30
C GLU D 338 -40.47 53.01 -1.20
N ARG D 339 -40.95 53.68 -0.16
CA ARG D 339 -40.81 55.11 0.01
C ARG D 339 -39.61 55.49 0.86
N ILE D 340 -39.16 54.60 1.75
CA ILE D 340 -37.85 54.78 2.38
C ILE D 340 -36.74 54.60 1.35
N MET D 341 -36.81 53.51 0.58
CA MET D 341 -35.76 53.19 -0.39
C MET D 341 -35.58 54.29 -1.43
N GLU D 342 -36.67 54.96 -1.82
CA GLU D 342 -36.57 56.02 -2.81
C GLU D 342 -35.77 57.21 -2.29
N TYR D 343 -35.98 57.57 -1.00
CA TYR D 343 -35.26 58.69 -0.44
C TYR D 343 -33.77 58.42 -0.35
N MET D 344 -33.40 57.20 0.05
CA MET D 344 -32.00 56.92 0.34
C MET D 344 -31.16 56.87 -0.93
N THR D 345 -31.67 56.24 -1.99
CA THR D 345 -30.95 56.23 -3.26
C THR D 345 -30.84 57.64 -3.82
N LYS D 346 -31.93 58.41 -3.76
CA LYS D 346 -31.90 59.75 -4.31
C LYS D 346 -30.88 60.63 -3.60
N LEU D 347 -30.85 60.57 -2.27
CA LEU D 347 -29.84 61.31 -1.51
C LEU D 347 -28.44 60.75 -1.77
N ALA D 348 -28.33 59.45 -2.09
CA ALA D 348 -27.03 58.86 -2.35
C ALA D 348 -26.40 59.45 -3.61
N ARG D 349 -27.20 59.66 -4.65
CA ARG D 349 -26.68 60.24 -5.89
C ARG D 349 -26.39 61.72 -5.71
N GLU D 350 -27.40 62.50 -5.36
CA GLU D 350 -27.23 63.95 -5.27
C GLU D 350 -26.23 64.31 -4.19
N GLY D 351 -26.26 63.62 -3.05
CA GLY D 351 -25.27 63.85 -2.03
C GLY D 351 -23.87 63.47 -2.48
N GLY D 352 -23.73 62.25 -3.03
CA GLY D 352 -22.44 61.83 -3.55
C GLY D 352 -21.93 62.74 -4.65
N GLN D 353 -22.83 63.26 -5.47
CA GLN D 353 -22.42 64.21 -6.50
C GLN D 353 -21.93 65.51 -5.88
N LYS D 354 -22.55 65.95 -4.78
CA LYS D 354 -22.08 67.14 -4.09
C LYS D 354 -20.69 66.92 -3.51
N VAL D 355 -20.44 65.74 -2.94
CA VAL D 355 -19.12 65.43 -2.41
C VAL D 355 -18.09 65.43 -3.54
N ALA D 356 -18.47 64.93 -4.72
CA ALA D 356 -17.57 64.96 -5.85
C ALA D 356 -17.30 66.38 -6.32
N GLU D 357 -18.31 67.25 -6.26
CA GLU D 357 -18.11 68.66 -6.61
C GLU D 357 -17.18 69.34 -5.61
N ILE D 358 -17.37 69.08 -4.31
CA ILE D 358 -16.52 69.67 -3.29
C ILE D 358 -15.08 69.20 -3.47
N LEU D 359 -14.88 67.90 -3.70
CA LEU D 359 -13.55 67.36 -3.91
C LEU D 359 -13.02 67.61 -5.31
N GLY D 360 -13.89 67.96 -6.26
CA GLY D 360 -13.46 68.16 -7.63
C GLY D 360 -13.16 66.89 -8.39
N THR D 361 -13.61 65.75 -7.91
CA THR D 361 -13.36 64.46 -8.55
C THR D 361 -14.69 63.93 -9.12
N ARG D 362 -15.06 62.68 -8.87
CA ARG D 362 -16.23 62.10 -9.50
C ARG D 362 -16.78 60.98 -8.63
N VAL D 363 -18.08 60.72 -8.78
CA VAL D 363 -18.68 59.53 -8.20
C VAL D 363 -18.32 58.31 -9.04
N LEU D 364 -18.54 57.13 -8.47
CA LEU D 364 -18.29 55.88 -9.17
C LEU D 364 -19.57 55.46 -9.89
N GLU D 365 -19.62 55.71 -11.19
CA GLU D 365 -20.82 55.40 -11.97
C GLU D 365 -20.42 54.98 -13.37
N ASN D 366 -21.21 54.09 -13.96
CA ASN D 366 -21.01 53.67 -15.34
C ASN D 366 -21.88 54.51 -16.27
N SER D 367 -21.81 54.22 -17.57
CA SER D 367 -22.56 54.98 -18.55
C SER D 367 -24.07 54.78 -18.44
N THR D 368 -24.50 53.70 -17.79
CA THR D 368 -25.92 53.41 -17.64
C THR D 368 -26.54 54.07 -16.43
N GLY D 369 -25.74 54.59 -15.51
CA GLY D 369 -26.28 55.12 -14.27
C GLY D 369 -26.84 54.04 -13.36
N THR D 370 -26.32 52.82 -13.46
CA THR D 370 -26.86 51.68 -12.72
C THR D 370 -26.03 51.28 -11.52
N LEU D 371 -24.87 51.90 -11.30
CA LEU D 371 -24.08 51.58 -10.11
C LEU D 371 -24.71 52.16 -8.85
N ILE D 372 -25.17 53.41 -8.91
CA ILE D 372 -25.80 54.03 -7.74
C ILE D 372 -27.30 53.78 -7.81
N ARG D 373 -27.69 52.51 -7.73
CA ARG D 373 -29.09 52.10 -7.57
C ARG D 373 -29.31 51.52 -6.18
N CYS D 374 -28.69 52.12 -5.18
CA CYS D 374 -28.80 51.71 -3.79
C CYS D 374 -28.60 52.95 -2.92
N ALA D 375 -28.48 52.74 -1.61
CA ALA D 375 -28.30 53.84 -0.67
C ALA D 375 -26.83 54.18 -0.42
N MET D 376 -25.90 53.54 -1.13
CA MET D 376 -24.48 53.80 -0.96
C MET D 376 -23.90 54.42 -2.22
N VAL D 377 -22.82 55.17 -2.06
CA VAL D 377 -22.16 55.87 -3.16
C VAL D 377 -20.69 56.06 -2.79
N ASN D 378 -19.82 55.93 -3.78
CA ASN D 378 -18.39 56.10 -3.58
C ASN D 378 -17.89 57.27 -4.42
N ILE D 379 -16.94 58.02 -3.86
CA ILE D 379 -16.35 59.17 -4.53
C ILE D 379 -14.84 58.98 -4.49
N ALA D 380 -14.18 59.23 -5.62
CA ALA D 380 -12.73 59.15 -5.69
C ALA D 380 -12.11 60.33 -4.94
N LEU D 381 -11.07 60.04 -4.18
CA LEU D 381 -10.44 61.14 -3.48
C LEU D 381 -9.35 61.77 -4.34
N PRO D 382 -9.08 63.16 -4.18
CA PRO D 382 -8.20 63.89 -5.11
C PRO D 382 -6.72 63.60 -4.89
N PHE D 383 -6.33 62.34 -5.07
CA PHE D 383 -4.92 61.96 -5.09
C PHE D 383 -4.78 60.58 -5.71
N VAL D 384 -3.54 60.19 -5.97
CA VAL D 384 -3.23 58.94 -6.64
C VAL D 384 -2.10 58.24 -5.88
N VAL D 385 -2.10 56.92 -5.95
CA VAL D 385 -1.07 56.09 -5.33
C VAL D 385 -0.06 55.69 -6.39
N GLY D 386 1.22 55.63 -5.99
CA GLY D 386 2.24 55.12 -6.88
C GLY D 386 2.06 53.65 -7.19
N GLU D 387 2.63 53.23 -8.31
CA GLU D 387 2.48 51.85 -8.76
C GLU D 387 3.35 50.91 -7.93
N ASP D 388 2.83 49.72 -7.68
CA ASP D 388 3.59 48.68 -6.99
C ASP D 388 4.50 47.98 -7.98
N PRO D 389 5.82 48.07 -7.83
CA PRO D 389 6.72 47.34 -8.74
C PRO D 389 6.52 45.84 -8.70
N LYS D 390 5.92 45.31 -7.64
CA LYS D 390 5.61 43.89 -7.57
C LYS D 390 4.38 43.54 -8.41
N ALA D 391 3.40 44.42 -8.47
CA ALA D 391 2.18 44.19 -9.24
C ALA D 391 1.69 45.50 -9.84
N PRO D 392 2.30 45.94 -10.94
CA PRO D 392 1.88 47.20 -11.56
C PRO D 392 0.50 47.10 -12.19
N VAL D 393 -0.23 48.20 -12.12
CA VAL D 393 -1.58 48.29 -12.66
C VAL D 393 -1.56 49.33 -13.77
N LYS D 394 -1.73 48.87 -15.02
CA LYS D 394 -1.75 49.76 -16.16
C LYS D 394 -3.13 50.40 -16.30
N LEU D 395 -3.16 51.73 -16.27
CA LEU D 395 -4.42 52.47 -16.27
C LEU D 395 -4.85 52.83 -17.68
N THR D 396 -6.17 52.85 -17.87
CA THR D 396 -6.73 53.32 -19.13
C THR D 396 -6.42 54.80 -19.33
N GLU D 397 -6.62 55.26 -20.57
CA GLU D 397 -6.36 56.65 -20.89
C GLU D 397 -7.24 57.58 -20.07
N LYS D 398 -8.51 57.20 -19.88
CA LYS D 398 -9.42 58.01 -19.07
C LYS D 398 -8.94 58.12 -17.64
N GLU D 399 -8.30 57.07 -17.11
CA GLU D 399 -7.88 57.08 -15.72
C GLU D 399 -6.65 57.93 -15.48
N GLU D 400 -5.73 57.98 -16.44
CA GLU D 400 -4.53 58.78 -16.24
C GLU D 400 -4.81 60.28 -16.36
N LYS D 401 -5.81 60.66 -17.15
CA LYS D 401 -6.20 62.06 -17.20
C LYS D 401 -7.08 62.47 -16.02
N ASP D 402 -7.52 61.51 -15.22
CA ASP D 402 -8.12 61.78 -13.92
C ASP D 402 -7.09 61.88 -12.81
N VAL D 403 -5.82 61.64 -13.12
CA VAL D 403 -4.77 61.51 -12.12
C VAL D 403 -3.74 62.63 -12.22
N GLU D 404 -3.39 63.05 -13.43
CA GLU D 404 -2.39 64.09 -13.58
C GLU D 404 -2.87 65.38 -12.94
N GLY D 405 -1.95 66.09 -12.30
CA GLY D 405 -2.27 67.25 -11.51
C GLY D 405 -2.56 66.95 -10.06
N LEU D 406 -2.90 65.71 -9.72
CA LEU D 406 -3.16 65.32 -8.35
C LEU D 406 -1.87 64.90 -7.65
N TYR D 407 -1.80 65.19 -6.36
CA TYR D 407 -0.70 64.71 -5.54
C TYR D 407 -0.63 63.19 -5.59
N GLU D 408 0.59 62.64 -5.56
CA GLU D 408 0.79 61.22 -5.64
C GLU D 408 1.44 60.69 -4.37
N ILE D 409 0.85 59.67 -3.78
CA ILE D 409 1.41 58.99 -2.62
C ILE D 409 2.23 57.80 -3.12
N PRO D 410 3.46 57.61 -2.65
CA PRO D 410 4.20 56.39 -3.00
C PRO D 410 3.50 55.15 -2.48
N HIS D 411 3.66 54.05 -3.21
CA HIS D 411 2.96 52.81 -2.86
C HIS D 411 3.39 52.28 -1.51
N GLU D 412 4.65 52.52 -1.12
CA GLU D 412 5.13 52.10 0.19
C GLU D 412 4.46 52.83 1.33
N GLU D 413 3.70 53.89 1.05
CA GLU D 413 3.01 54.66 2.07
C GLU D 413 1.49 54.68 1.84
N ALA D 414 0.98 53.79 1.01
CA ALA D 414 -0.45 53.76 0.74
C ALA D 414 -1.23 53.30 1.96
N ASN D 415 -0.84 52.17 2.54
CA ASN D 415 -1.53 51.66 3.74
C ASN D 415 -1.28 52.55 4.95
N MET D 416 -0.08 53.12 5.06
CA MET D 416 0.20 54.03 6.16
C MET D 416 -0.73 55.24 6.12
N ALA D 417 -0.91 55.82 4.94
CA ALA D 417 -1.90 56.89 4.79
C ALA D 417 -3.31 56.37 4.99
N PHE D 418 -3.57 55.11 4.62
CA PHE D 418 -4.89 54.53 4.79
C PHE D 418 -5.27 54.43 6.26
N LYS D 419 -4.34 53.94 7.09
CA LYS D 419 -4.60 53.84 8.53
C LYS D 419 -4.75 55.22 9.15
N TRP D 420 -3.89 56.16 8.77
CA TRP D 420 -3.92 57.49 9.36
C TRP D 420 -5.25 58.20 9.06
N MET D 421 -5.81 57.96 7.88
CA MET D 421 -7.09 58.59 7.55
C MET D 421 -8.22 58.04 8.40
N TYR D 422 -8.22 56.71 8.63
CA TYR D 422 -9.26 56.11 9.45
C TYR D 422 -9.23 56.65 10.88
N ASN D 423 -8.04 56.91 11.41
CA ASN D 423 -7.92 57.39 12.78
C ASN D 423 -8.32 58.86 12.88
N VAL D 424 -7.84 59.68 11.96
CA VAL D 424 -8.16 61.11 11.98
C VAL D 424 -9.65 61.32 11.77
N LEU D 425 -10.27 60.52 10.91
CA LEU D 425 -11.71 60.63 10.71
C LEU D 425 -12.48 60.29 11.97
N GLN D 426 -11.92 59.46 12.84
CA GLN D 426 -12.60 59.07 14.07
C GLN D 426 -12.22 59.96 15.25
N ASP D 427 -10.94 60.29 15.39
CA ASP D 427 -10.48 61.00 16.58
C ASP D 427 -10.67 62.51 16.46
N GLU D 428 -10.67 63.05 15.24
CA GLU D 428 -10.79 64.49 15.06
C GLU D 428 -12.12 64.93 14.46
N PHE D 429 -12.74 64.10 13.62
CA PHE D 429 -14.02 64.44 13.01
C PHE D 429 -15.18 63.60 13.52
N ASN D 430 -14.90 62.60 14.36
CA ASN D 430 -15.92 61.71 14.93
C ASN D 430 -16.85 61.17 13.83
N THR D 431 -16.24 60.45 12.90
CA THR D 431 -16.94 59.83 11.78
C THR D 431 -16.14 58.59 11.39
N PHE D 432 -16.70 57.81 10.47
CA PHE D 432 -15.98 56.71 9.86
C PHE D 432 -16.39 56.62 8.40
N VAL D 433 -15.39 56.56 7.52
CA VAL D 433 -15.64 56.50 6.08
C VAL D 433 -14.78 55.37 5.49
N PRO D 434 -15.37 54.25 5.11
CA PRO D 434 -14.59 53.19 4.49
C PRO D 434 -14.14 53.57 3.08
N MET D 435 -12.94 53.13 2.72
CA MET D 435 -12.34 53.49 1.45
C MET D 435 -11.91 52.24 0.70
N THR D 436 -12.30 52.17 -0.57
CA THR D 436 -11.92 51.05 -1.43
C THR D 436 -10.66 51.44 -2.19
N PHE D 437 -9.61 50.63 -2.04
CA PHE D 437 -8.37 50.82 -2.80
C PHE D 437 -8.51 50.10 -4.13
N HIS D 438 -8.67 50.87 -5.21
CA HIS D 438 -9.00 50.30 -6.52
C HIS D 438 -8.17 51.01 -7.58
N ARG D 439 -7.17 50.31 -8.12
CA ARG D 439 -6.38 50.76 -9.25
C ARG D 439 -5.77 52.14 -8.99
N ARG D 440 -4.94 52.19 -7.93
CA ARG D 440 -4.14 53.35 -7.55
C ARG D 440 -4.97 54.53 -7.10
N ARG D 441 -6.20 54.31 -6.64
CA ARG D 441 -7.06 55.39 -6.18
C ARG D 441 -7.91 54.93 -5.00
N PHE D 442 -8.07 55.81 -4.02
CA PHE D 442 -8.93 55.55 -2.87
C PHE D 442 -10.35 56.02 -3.18
N TRP D 443 -11.34 55.15 -2.94
CA TRP D 443 -12.74 55.45 -3.18
C TRP D 443 -13.48 55.37 -1.85
N ALA D 444 -13.90 56.52 -1.33
CA ALA D 444 -14.60 56.57 -0.05
C ALA D 444 -16.07 56.22 -0.24
N ARG D 445 -16.56 55.27 0.57
CA ARG D 445 -17.94 54.81 0.47
C ARG D 445 -18.79 55.54 1.51
N LEU D 446 -19.74 56.33 1.02
CA LEU D 446 -20.69 57.03 1.87
C LEU D 446 -22.05 56.34 1.80
N SER D 447 -22.75 56.32 2.94
CA SER D 447 -24.04 55.65 3.05
C SER D 447 -25.10 56.69 3.41
N ALA D 448 -26.07 56.87 2.52
CA ALA D 448 -27.20 57.73 2.81
C ALA D 448 -28.21 56.99 3.70
N GLN D 449 -29.02 57.77 4.41
CA GLN D 449 -30.04 57.20 5.28
C GLN D 449 -31.19 58.18 5.38
N VAL D 450 -32.30 57.70 5.97
CA VAL D 450 -33.47 58.54 6.15
C VAL D 450 -33.22 59.63 7.19
N TYR D 451 -32.27 59.42 8.10
CA TYR D 451 -31.92 60.43 9.09
C TYR D 451 -30.79 61.35 8.63
N LEU D 452 -30.40 61.26 7.36
CA LEU D 452 -29.42 62.16 6.77
C LEU D 452 -30.08 63.05 5.72
N GLU D 453 -29.37 64.10 5.33
CA GLU D 453 -29.86 65.04 4.33
C GLU D 453 -28.66 65.60 3.57
N MET D 454 -28.94 66.57 2.69
CA MET D 454 -27.88 67.13 1.85
C MET D 454 -26.78 67.79 2.67
N SER D 455 -27.14 68.41 3.80
CA SER D 455 -26.13 69.05 4.64
C SER D 455 -25.14 68.05 5.23
N ASP D 456 -25.53 66.78 5.36
CA ASP D 456 -24.59 65.77 5.84
C ASP D 456 -23.57 65.39 4.78
N PHE D 457 -23.94 65.48 3.50
CA PHE D 457 -22.99 65.19 2.44
C PHE D 457 -22.10 66.38 2.12
N GLU D 458 -22.58 67.60 2.34
CA GLU D 458 -21.70 68.75 2.28
C GLU D 458 -20.64 68.68 3.37
N TRP D 459 -21.05 68.30 4.59
CA TRP D 459 -20.08 68.11 5.66
C TRP D 459 -19.11 66.99 5.32
N ALA D 460 -19.60 65.90 4.74
CA ALA D 460 -18.74 64.80 4.31
C ALA D 460 -17.73 65.28 3.27
N GLY D 461 -18.18 66.11 2.33
CA GLY D 461 -17.27 66.60 1.31
C GLY D 461 -16.17 67.48 1.86
N LYS D 462 -16.56 68.50 2.64
CA LYS D 462 -15.57 69.41 3.22
C LYS D 462 -14.67 68.69 4.22
N THR D 463 -15.19 67.69 4.92
CA THR D 463 -14.37 66.89 5.83
C THR D 463 -13.30 66.13 5.06
N LEU D 464 -13.72 65.37 4.03
CA LEU D 464 -12.76 64.66 3.20
C LEU D 464 -11.83 65.61 2.48
N LYS D 465 -12.34 66.78 2.07
CA LYS D 465 -11.50 67.77 1.40
C LYS D 465 -10.35 68.20 2.30
N GLU D 466 -10.65 68.51 3.57
CA GLU D 466 -9.59 68.86 4.50
C GLU D 466 -8.66 67.69 4.77
N LEU D 467 -9.22 66.47 4.84
CA LEU D 467 -8.40 65.30 5.13
C LEU D 467 -7.41 65.03 4.01
N CYS D 468 -7.82 65.25 2.76
CA CYS D 468 -6.94 64.98 1.63
C CYS D 468 -5.91 66.09 1.43
N GLU D 469 -6.25 67.33 1.79
CA GLU D 469 -5.27 68.41 1.71
C GLU D 469 -4.10 68.17 2.66
N ARG D 470 -4.34 67.43 3.74
CA ARG D 470 -3.29 67.18 4.72
C ARG D 470 -2.50 65.92 4.44
N VAL D 471 -3.12 64.90 3.82
CA VAL D 471 -2.34 63.77 3.34
C VAL D 471 -1.43 64.21 2.19
N ALA D 472 -1.84 65.26 1.47
CA ALA D 472 -0.96 65.84 0.46
C ALA D 472 0.25 66.53 1.09
N LYS D 473 0.07 67.07 2.30
CA LYS D 473 1.17 67.67 3.05
C LYS D 473 1.97 66.63 3.84
N GLY D 474 1.72 65.34 3.61
CA GLY D 474 2.47 64.31 4.30
C GLY D 474 2.26 64.25 5.80
N GLU D 475 1.07 64.62 6.27
CA GLU D 475 0.82 64.65 7.71
C GLU D 475 0.77 63.24 8.31
N TYR D 476 0.51 62.22 7.51
CA TYR D 476 0.44 60.85 8.02
C TYR D 476 1.80 60.32 8.42
N PRO E 30 25.97 -19.92 28.86
CA PRO E 30 25.36 -20.61 27.71
C PRO E 30 23.84 -20.64 27.83
N LEU E 31 23.14 -20.51 26.72
CA LEU E 31 21.69 -20.45 26.76
C LEU E 31 21.11 -21.83 27.09
N PRO E 32 20.08 -21.89 27.93
CA PRO E 32 19.41 -23.17 28.16
C PRO E 32 18.65 -23.62 26.91
N PHE E 33 18.52 -24.94 26.79
CA PHE E 33 17.79 -25.51 25.67
C PHE E 33 16.29 -25.56 25.99
N GLY E 34 15.50 -26.00 25.03
CA GLY E 34 14.07 -26.11 25.19
C GLY E 34 13.33 -25.05 24.38
N ASN E 35 12.05 -24.89 24.71
CA ASN E 35 11.21 -23.95 23.99
C ASN E 35 11.59 -22.49 24.22
N SER E 36 12.45 -22.20 25.20
CA SER E 36 12.91 -20.84 25.38
C SER E 36 13.90 -20.43 24.31
N LEU E 37 14.56 -21.38 23.67
CA LEU E 37 15.50 -21.10 22.59
C LEU E 37 14.80 -20.68 21.30
N LEU E 38 13.46 -20.68 21.29
CA LEU E 38 12.73 -20.35 20.07
C LEU E 38 13.00 -18.92 19.62
N LYS E 39 13.19 -18.00 20.57
CA LYS E 39 13.35 -16.59 20.23
C LYS E 39 14.64 -16.32 19.48
N GLU E 40 15.64 -17.19 19.60
CA GLU E 40 16.86 -17.04 18.81
C GLU E 40 16.71 -17.52 17.38
N PHE E 41 15.61 -18.19 17.05
CA PHE E 41 15.34 -18.70 15.72
C PHE E 41 14.21 -17.90 15.07
N VAL E 42 13.86 -18.29 13.85
CA VAL E 42 12.88 -17.54 13.07
C VAL E 42 11.81 -18.49 12.53
N LEU E 43 11.47 -19.52 13.31
CA LEU E 43 10.38 -20.42 12.95
C LEU E 43 9.04 -19.78 13.23
N ASP E 44 8.04 -20.17 12.44
CA ASP E 44 6.67 -19.72 12.67
C ASP E 44 6.19 -20.25 14.02
N PRO E 45 5.81 -19.38 14.96
CA PRO E 45 5.37 -19.87 16.28
C PRO E 45 4.19 -20.81 16.20
N ALA E 46 3.34 -20.68 15.18
CA ALA E 46 2.26 -21.63 14.96
C ALA E 46 2.73 -22.93 14.34
N TYR E 47 4.00 -23.03 13.96
CA TYR E 47 4.54 -24.21 13.31
C TYR E 47 5.41 -24.97 14.30
N ARG E 48 5.18 -26.28 14.41
CA ARG E 48 6.00 -27.16 15.22
C ARG E 48 6.92 -27.96 14.31
N ASN E 49 8.22 -27.70 14.44
CA ASN E 49 9.22 -28.24 13.53
C ASN E 49 9.75 -29.55 14.12
N LEU E 50 9.11 -30.66 13.76
CA LEU E 50 9.59 -31.96 14.19
C LEU E 50 10.37 -32.68 13.11
N ASN E 51 10.50 -32.07 11.92
CA ASN E 51 11.30 -32.65 10.85
C ASN E 51 12.47 -31.73 10.51
N HIS E 52 13.28 -31.40 11.52
CA HIS E 52 14.48 -30.60 11.28
C HIS E 52 15.50 -31.34 10.42
N GLY E 53 15.42 -32.67 10.34
CA GLY E 53 16.39 -33.45 9.59
C GLY E 53 16.24 -33.39 8.09
N SER E 54 15.15 -32.83 7.57
CA SER E 54 14.97 -32.74 6.13
C SER E 54 15.72 -31.54 5.55
N PHE E 55 15.36 -30.33 5.97
CA PHE E 55 15.97 -29.12 5.47
C PHE E 55 16.69 -28.30 6.53
N GLY E 56 16.46 -28.58 7.81
CA GLY E 56 17.04 -27.76 8.85
C GLY E 56 16.50 -26.34 8.85
N THR E 57 17.17 -25.50 9.64
CA THR E 57 16.83 -24.08 9.72
C THR E 57 17.96 -23.39 10.47
N ILE E 58 17.92 -22.06 10.48
CA ILE E 58 19.01 -21.27 11.03
C ILE E 58 18.50 -20.31 12.09
N PRO E 59 19.33 -19.98 13.09
CA PRO E 59 18.93 -18.95 14.06
C PRO E 59 18.92 -17.56 13.41
N SER E 60 18.30 -16.63 14.14
CA SER E 60 18.17 -15.27 13.62
C SER E 60 19.52 -14.61 13.37
N ALA E 61 20.53 -14.93 14.18
CA ALA E 61 21.85 -14.34 14.02
C ALA E 61 22.49 -14.77 12.70
N ILE E 62 22.36 -16.05 12.35
CA ILE E 62 22.95 -16.55 11.11
C ILE E 62 22.22 -15.96 9.90
N GLN E 63 20.90 -15.83 9.99
CA GLN E 63 20.16 -15.16 8.92
C GLN E 63 20.64 -13.72 8.72
N GLN E 64 21.04 -13.06 9.81
CA GLN E 64 21.59 -11.71 9.69
C GLN E 64 22.96 -11.72 9.02
N LYS E 65 23.78 -12.73 9.32
CA LYS E 65 25.06 -12.85 8.62
C LYS E 65 24.85 -13.12 7.14
N LEU E 66 23.89 -13.97 6.80
CA LEU E 66 23.58 -14.27 5.41
C LEU E 66 23.28 -12.99 4.63
N ARG E 67 22.40 -12.14 5.18
CA ARG E 67 22.06 -10.90 4.51
C ARG E 67 23.21 -9.89 4.58
N SER E 68 24.10 -10.01 5.57
CA SER E 68 25.29 -9.18 5.60
C SER E 68 26.21 -9.51 4.43
N TYR E 69 26.40 -10.79 4.14
CA TYR E 69 27.20 -11.16 2.97
C TYR E 69 26.50 -10.81 1.67
N GLN E 70 25.15 -10.86 1.67
CA GLN E 70 24.41 -10.53 0.45
C GLN E 70 24.58 -9.07 0.09
N THR E 71 24.37 -8.17 1.05
CA THR E 71 24.52 -6.74 0.79
C THR E 71 25.94 -6.40 0.39
N ALA E 72 26.93 -7.04 1.02
CA ALA E 72 28.33 -6.80 0.67
C ALA E 72 28.62 -7.21 -0.77
N ALA E 73 27.95 -8.26 -1.27
CA ALA E 73 28.17 -8.67 -2.65
C ALA E 73 27.57 -7.67 -3.62
N GLU E 74 26.43 -7.08 -3.28
CA GLU E 74 25.80 -6.10 -4.16
C GLU E 74 26.45 -4.72 -4.04
N ALA E 75 27.12 -4.43 -2.94
CA ALA E 75 27.75 -3.12 -2.77
C ALA E 75 28.86 -2.91 -3.78
N ARG E 76 29.80 -3.87 -3.86
CA ARG E 76 30.88 -3.82 -4.85
C ARG E 76 31.02 -5.22 -5.44
N PRO E 77 30.24 -5.53 -6.49
CA PRO E 77 30.15 -6.92 -6.98
C PRO E 77 31.47 -7.54 -7.38
N CYS E 78 32.18 -6.93 -8.31
CA CYS E 78 33.42 -7.52 -8.81
C CYS E 78 34.53 -7.54 -7.77
N PRO E 79 34.77 -6.46 -7.01
CA PRO E 79 35.82 -6.54 -5.97
C PRO E 79 35.53 -7.58 -4.90
N PHE E 80 34.25 -7.80 -4.57
CA PHE E 80 33.91 -8.76 -3.52
C PHE E 80 33.90 -10.18 -4.04
N LEU E 81 33.11 -10.44 -5.08
CA LEU E 81 32.91 -11.81 -5.55
C LEU E 81 34.21 -12.41 -6.07
N ARG E 82 35.03 -11.62 -6.75
CA ARG E 82 36.26 -12.15 -7.32
C ARG E 82 37.33 -12.37 -6.26
N TYR E 83 37.47 -11.44 -5.30
CA TYR E 83 38.60 -11.44 -4.40
C TYR E 83 38.26 -11.69 -2.94
N GLN E 84 37.02 -11.49 -2.50
CA GLN E 84 36.64 -11.78 -1.13
C GLN E 84 36.04 -13.17 -0.96
N THR E 85 35.52 -13.75 -2.03
CA THR E 85 34.98 -15.12 -1.93
C THR E 85 36.03 -16.12 -1.47
N PRO E 86 37.23 -16.19 -2.05
CA PRO E 86 38.23 -17.14 -1.52
C PRO E 86 38.66 -16.82 -0.10
N VAL E 87 38.66 -15.54 0.28
CA VAL E 87 39.02 -15.18 1.66
C VAL E 87 38.00 -15.75 2.63
N LEU E 88 36.72 -15.53 2.35
CA LEU E 88 35.67 -16.01 3.25
C LEU E 88 35.50 -17.53 3.16
N LEU E 89 35.75 -18.11 1.98
CA LEU E 89 35.71 -19.57 1.86
C LEU E 89 36.81 -20.21 2.70
N ASP E 90 38.03 -19.67 2.62
CA ASP E 90 39.14 -20.23 3.39
C ASP E 90 38.91 -20.09 4.89
N GLU E 91 38.21 -19.04 5.33
CA GLU E 91 37.91 -18.91 6.75
C GLU E 91 36.87 -19.93 7.20
N SER E 92 35.85 -20.16 6.38
CA SER E 92 34.88 -21.20 6.70
C SER E 92 35.49 -22.59 6.56
N ARG E 93 36.39 -22.78 5.59
CA ARG E 93 37.08 -24.07 5.45
C ARG E 93 37.94 -24.36 6.68
N ALA E 94 38.55 -23.33 7.27
CA ALA E 94 39.37 -23.54 8.46
C ALA E 94 38.53 -23.85 9.68
N ALA E 95 37.32 -23.29 9.76
CA ALA E 95 36.46 -23.54 10.91
C ALA E 95 35.83 -24.93 10.84
N VAL E 96 35.42 -25.37 9.65
CA VAL E 96 34.82 -26.69 9.53
C VAL E 96 35.87 -27.78 9.71
N ALA E 97 37.08 -27.55 9.22
CA ALA E 97 38.15 -28.51 9.42
C ALA E 97 38.53 -28.60 10.90
N ASN E 98 38.47 -27.47 11.60
CA ASN E 98 38.77 -27.46 13.03
C ASN E 98 37.71 -28.25 13.81
N LEU E 99 36.44 -28.09 13.44
CA LEU E 99 35.38 -28.85 14.09
C LEU E 99 35.53 -30.35 13.81
N LEU E 100 35.90 -30.70 12.58
CA LEU E 100 36.04 -32.10 12.18
C LEU E 100 37.39 -32.70 12.55
N LYS E 101 38.34 -31.87 12.99
CA LYS E 101 39.68 -32.32 13.38
C LYS E 101 40.43 -32.94 12.19
N VAL E 102 40.28 -32.34 11.02
CA VAL E 102 40.98 -32.77 9.82
C VAL E 102 41.79 -31.60 9.30
N PRO E 103 42.84 -31.86 8.51
CA PRO E 103 43.59 -30.74 7.92
C PRO E 103 42.72 -29.90 7.01
N VAL E 104 42.97 -28.59 7.00
CA VAL E 104 42.17 -27.68 6.20
C VAL E 104 42.33 -27.95 4.71
N GLU E 105 43.44 -28.55 4.30
CA GLU E 105 43.65 -28.88 2.89
C GLU E 105 42.77 -30.04 2.42
N THR E 106 41.97 -30.63 3.29
CA THR E 106 41.16 -31.79 2.96
C THR E 106 39.67 -31.49 2.85
N VAL E 107 39.25 -30.24 3.05
CA VAL E 107 37.84 -29.88 3.03
C VAL E 107 37.60 -28.76 2.03
N VAL E 108 36.50 -28.86 1.30
CA VAL E 108 35.98 -27.81 0.44
C VAL E 108 34.46 -27.82 0.58
N PHE E 109 33.81 -26.81 0.05
CA PHE E 109 32.37 -26.67 0.13
C PHE E 109 31.72 -26.89 -1.23
N VAL E 110 30.62 -27.63 -1.24
CA VAL E 110 29.81 -27.84 -2.43
C VAL E 110 28.36 -27.52 -2.09
N ALA E 111 27.51 -27.56 -3.11
CA ALA E 111 26.13 -27.09 -2.96
C ALA E 111 25.38 -27.90 -1.91
N ASN E 112 25.40 -29.22 -2.04
CA ASN E 112 24.66 -30.08 -1.12
C ASN E 112 25.24 -31.48 -1.19
N ALA E 113 24.70 -32.38 -0.36
CA ALA E 113 25.22 -33.74 -0.28
C ALA E 113 25.02 -34.49 -1.59
N THR E 114 23.88 -34.29 -2.24
CA THR E 114 23.66 -34.90 -3.55
C THR E 114 24.73 -34.47 -4.53
N MET E 115 25.04 -33.17 -4.57
CA MET E 115 26.12 -32.68 -5.41
C MET E 115 27.45 -33.34 -5.04
N GLY E 116 27.65 -33.63 -3.77
CA GLY E 116 28.92 -34.21 -3.34
C GLY E 116 29.14 -35.61 -3.88
N VAL E 117 28.16 -36.50 -3.67
CA VAL E 117 28.35 -37.89 -4.08
C VAL E 117 28.40 -38.01 -5.60
N ASN E 118 27.74 -37.10 -6.32
CA ASN E 118 27.85 -37.11 -7.78
C ASN E 118 29.25 -36.73 -8.23
N THR E 119 29.85 -35.73 -7.57
CA THR E 119 31.23 -35.37 -7.86
C THR E 119 32.15 -36.58 -7.71
N VAL E 120 31.83 -37.47 -6.76
CA VAL E 120 32.61 -38.69 -6.61
C VAL E 120 32.27 -39.68 -7.73
N LEU E 121 30.99 -40.03 -7.84
CA LEU E 121 30.59 -41.10 -8.75
C LEU E 121 30.80 -40.76 -10.22
N ARG E 122 30.84 -39.47 -10.57
CA ARG E 122 31.10 -39.07 -11.95
C ARG E 122 32.57 -38.91 -12.27
N ASN E 123 33.44 -38.88 -11.25
CA ASN E 123 34.87 -38.73 -11.48
C ASN E 123 35.63 -40.04 -11.46
N ILE E 124 35.07 -41.11 -10.87
CA ILE E 124 35.79 -42.38 -10.78
C ILE E 124 36.00 -42.93 -12.17
N VAL E 125 37.23 -43.37 -12.44
CA VAL E 125 37.57 -44.02 -13.70
C VAL E 125 37.61 -45.53 -13.44
N TRP E 126 36.62 -46.24 -13.97
CA TRP E 126 36.43 -47.65 -13.68
C TRP E 126 37.44 -48.49 -14.47
N SER E 127 37.64 -49.72 -13.99
CA SER E 127 38.60 -50.63 -14.62
C SER E 127 38.22 -50.90 -16.06
N ALA E 128 39.24 -51.05 -16.92
CA ALA E 128 39.00 -51.26 -18.34
C ALA E 128 38.35 -52.60 -18.64
N ASP E 129 38.49 -53.59 -17.75
CA ASP E 129 37.90 -54.89 -18.00
C ASP E 129 36.39 -54.90 -17.83
N GLY E 130 35.82 -53.87 -17.20
CA GLY E 130 34.38 -53.76 -17.05
C GLY E 130 33.80 -54.54 -15.89
N LYS E 131 34.63 -55.05 -14.98
CA LYS E 131 34.15 -55.85 -13.86
C LYS E 131 33.89 -55.03 -12.60
N ASP E 132 34.05 -53.72 -12.65
CA ASP E 132 33.83 -52.89 -11.48
C ASP E 132 32.36 -52.86 -11.10
N GLU E 133 32.09 -52.90 -9.79
CA GLU E 133 30.74 -52.88 -9.27
C GLU E 133 30.68 -51.93 -8.07
N ILE E 134 29.54 -51.27 -7.92
CA ILE E 134 29.29 -50.35 -6.82
C ILE E 134 28.31 -51.02 -5.86
N LEU E 135 28.74 -51.23 -4.62
CA LEU E 135 27.88 -51.80 -3.60
C LEU E 135 27.17 -50.70 -2.83
N TYR E 136 25.90 -50.95 -2.49
CA TYR E 136 25.12 -49.98 -1.72
C TYR E 136 23.93 -50.68 -1.09
N PHE E 137 23.45 -50.13 0.01
CA PHE E 137 22.34 -50.69 0.75
C PHE E 137 21.02 -50.07 0.28
N ASP E 138 19.93 -50.82 0.45
CA ASP E 138 18.64 -50.36 -0.04
C ASP E 138 18.05 -49.23 0.80
N THR E 139 18.71 -48.83 1.89
CA THR E 139 18.35 -47.61 2.61
C THR E 139 19.11 -46.40 2.09
N ILE E 140 19.66 -46.48 0.88
CA ILE E 140 20.38 -45.35 0.30
C ILE E 140 19.39 -44.25 -0.04
N PHE E 141 19.85 -43.00 0.06
CA PHE E 141 19.00 -41.86 -0.27
C PHE E 141 18.58 -41.93 -1.73
N GLY E 142 17.31 -41.58 -1.99
CA GLY E 142 16.73 -41.79 -3.31
C GLY E 142 17.53 -41.14 -4.42
N ALA E 143 17.98 -39.91 -4.21
CA ALA E 143 18.76 -39.21 -5.24
C ALA E 143 20.11 -39.89 -5.45
N CYS E 144 20.75 -40.32 -4.37
CA CYS E 144 22.04 -41.00 -4.51
C CYS E 144 21.89 -42.33 -5.23
N GLY E 145 20.79 -43.04 -4.99
CA GLY E 145 20.55 -44.27 -5.72
C GLY E 145 20.35 -44.06 -7.20
N LYS E 146 19.58 -43.03 -7.56
CA LYS E 146 19.39 -42.71 -8.97
C LYS E 146 20.68 -42.22 -9.60
N THR E 147 21.58 -41.61 -8.81
CA THR E 147 22.89 -41.25 -9.32
C THR E 147 23.69 -42.49 -9.72
N ILE E 148 23.58 -43.56 -8.93
CA ILE E 148 24.25 -44.82 -9.28
C ILE E 148 23.61 -45.44 -10.51
N ASP E 149 22.29 -45.66 -10.47
CA ASP E 149 21.58 -46.30 -11.56
C ASP E 149 21.86 -45.64 -12.90
N TYR E 150 22.13 -44.35 -12.87
CA TYR E 150 22.28 -43.55 -14.08
C TYR E 150 23.73 -43.38 -14.51
N VAL E 151 24.66 -43.22 -13.57
CA VAL E 151 26.08 -43.26 -13.91
C VAL E 151 26.41 -44.54 -14.66
N ILE E 152 25.76 -45.65 -14.28
CA ILE E 152 25.88 -46.89 -15.03
C ILE E 152 25.39 -46.70 -16.46
N GLU E 153 24.35 -45.90 -16.65
CA GLU E 153 23.80 -45.68 -17.99
C GLU E 153 24.72 -44.81 -18.83
N ASP E 154 25.30 -43.75 -18.24
CA ASP E 154 26.15 -42.85 -19.00
C ASP E 154 27.49 -43.49 -19.34
N LYS E 155 27.97 -44.41 -18.51
CA LYS E 155 29.26 -45.07 -18.73
C LYS E 155 29.13 -46.33 -19.57
N ARG E 156 27.94 -46.62 -20.10
CA ARG E 156 27.75 -47.69 -21.09
C ARG E 156 28.06 -49.07 -20.52
N GLY E 157 27.66 -49.30 -19.26
CA GLY E 157 27.70 -50.63 -18.68
C GLY E 157 29.05 -51.10 -18.18
N ILE E 158 30.10 -50.29 -18.28
CA ILE E 158 31.41 -50.72 -17.78
C ILE E 158 31.40 -50.85 -16.26
N VAL E 159 30.45 -50.23 -15.58
CA VAL E 159 30.26 -50.43 -14.15
C VAL E 159 28.81 -50.86 -13.91
N SER E 160 28.62 -51.69 -12.89
CA SER E 160 27.30 -52.13 -12.47
C SER E 160 27.15 -51.87 -10.97
N SER E 161 25.97 -52.18 -10.44
CA SER E 161 25.67 -51.97 -9.03
C SER E 161 25.02 -53.20 -8.43
N ARG E 162 25.26 -53.41 -7.14
CA ARG E 162 24.68 -54.50 -6.38
C ARG E 162 24.01 -53.92 -5.14
N CYS E 163 22.70 -54.05 -5.05
CA CYS E 163 21.93 -53.52 -3.94
C CYS E 163 21.89 -54.55 -2.80
N ILE E 164 22.26 -54.11 -1.61
CA ILE E 164 22.27 -54.97 -0.42
C ILE E 164 20.99 -54.69 0.36
N PRO E 165 20.02 -55.61 0.36
CA PRO E 165 18.77 -55.35 1.10
C PRO E 165 19.01 -55.37 2.60
N LEU E 166 18.75 -54.24 3.24
CA LEU E 166 18.78 -54.15 4.69
C LEU E 166 17.36 -54.22 5.23
N ILE E 167 17.24 -54.65 6.48
CA ILE E 167 15.93 -54.95 7.05
C ILE E 167 15.95 -54.59 8.52
N TYR E 168 15.09 -53.64 8.91
CA TYR E 168 15.18 -53.01 10.21
C TYR E 168 14.04 -53.44 11.15
N PRO E 169 14.29 -53.40 12.47
CA PRO E 169 15.53 -52.98 13.15
C PRO E 169 16.69 -53.94 12.92
N ALA E 170 17.86 -53.40 12.58
CA ALA E 170 18.99 -54.19 12.12
C ALA E 170 20.10 -54.20 13.16
N GLU E 171 20.61 -55.39 13.46
CA GLU E 171 21.83 -55.50 14.25
C GLU E 171 23.01 -55.04 13.41
N ASP E 172 24.00 -54.44 14.09
CA ASP E 172 25.17 -53.96 13.37
C ASP E 172 25.95 -55.10 12.74
N ASP E 173 25.98 -56.26 13.39
CA ASP E 173 26.70 -57.40 12.83
C ASP E 173 25.97 -57.99 11.63
N ASP E 174 24.63 -57.95 11.64
CA ASP E 174 23.89 -58.41 10.47
C ASP E 174 24.14 -57.53 9.26
N VAL E 175 24.34 -56.23 9.47
CA VAL E 175 24.70 -55.33 8.37
C VAL E 175 26.09 -55.67 7.84
N VAL E 176 27.04 -55.89 8.77
CA VAL E 176 28.40 -56.26 8.36
C VAL E 176 28.39 -57.59 7.61
N ALA E 177 27.61 -58.56 8.10
CA ALA E 177 27.56 -59.87 7.45
C ALA E 177 27.00 -59.75 6.04
N ALA E 178 25.88 -59.04 5.87
CA ALA E 178 25.31 -58.84 4.55
C ALA E 178 26.25 -58.07 3.64
N PHE E 179 27.01 -57.13 4.20
CA PHE E 179 28.03 -56.44 3.41
C PHE E 179 29.14 -57.40 3.00
N ARG E 180 29.58 -58.25 3.91
CA ARG E 180 30.64 -59.20 3.58
C ARG E 180 30.14 -60.28 2.62
N ASP E 181 28.90 -60.73 2.79
CA ASP E 181 28.36 -61.72 1.87
C ASP E 181 28.18 -61.13 0.47
N ALA E 182 27.84 -59.84 0.38
CA ALA E 182 27.74 -59.20 -0.92
C ALA E 182 29.11 -59.06 -1.58
N ILE E 183 30.16 -58.85 -0.79
CA ILE E 183 31.51 -58.78 -1.33
C ILE E 183 31.90 -60.12 -1.93
N LYS E 184 31.65 -61.21 -1.19
CA LYS E 184 32.04 -62.53 -1.67
C LYS E 184 31.11 -63.04 -2.76
N LYS E 185 29.83 -62.67 -2.71
CA LYS E 185 28.93 -63.03 -3.80
C LYS E 185 29.27 -62.28 -5.08
N SER E 186 29.81 -61.06 -4.95
CA SER E 186 30.22 -60.30 -6.12
C SER E 186 31.38 -60.97 -6.83
N ARG E 187 32.40 -61.39 -6.07
CA ARG E 187 33.58 -62.02 -6.68
C ARG E 187 33.25 -63.38 -7.29
N GLU E 188 32.33 -64.14 -6.68
CA GLU E 188 31.96 -65.43 -7.23
C GLU E 188 31.27 -65.30 -8.57
N GLU E 189 30.70 -64.14 -8.89
CA GLU E 189 30.09 -63.88 -10.18
C GLU E 189 31.04 -63.21 -11.16
N GLY E 190 32.33 -63.18 -10.85
CA GLY E 190 33.31 -62.54 -11.71
C GLY E 190 33.34 -61.03 -11.65
N LYS E 191 32.54 -60.42 -10.78
CA LYS E 191 32.53 -58.97 -10.63
C LYS E 191 33.59 -58.52 -9.63
N ARG E 192 33.87 -57.22 -9.64
CA ARG E 192 34.80 -56.62 -8.69
C ARG E 192 34.10 -55.50 -7.94
N PRO E 193 33.82 -55.66 -6.64
CA PRO E 193 33.33 -54.52 -5.86
C PRO E 193 34.36 -53.40 -5.84
N ARG E 194 34.01 -52.27 -6.46
CA ARG E 194 34.94 -51.16 -6.64
C ARG E 194 34.69 -50.02 -5.66
N LEU E 195 33.43 -49.65 -5.42
CA LEU E 195 33.10 -48.53 -4.57
C LEU E 195 31.87 -48.89 -3.73
N ALA E 196 31.84 -48.38 -2.51
CA ALA E 196 30.72 -48.59 -1.60
C ALA E 196 30.16 -47.25 -1.14
N VAL E 197 28.83 -47.11 -1.22
CA VAL E 197 28.14 -45.93 -0.71
C VAL E 197 27.66 -46.27 0.69
N ILE E 198 28.21 -45.58 1.69
CA ILE E 198 27.99 -45.89 3.10
C ILE E 198 27.39 -44.66 3.77
N ASP E 199 26.30 -44.87 4.51
CA ASP E 199 25.68 -43.80 5.28
C ASP E 199 26.33 -43.68 6.64
N VAL E 200 26.45 -42.45 7.13
CA VAL E 200 26.74 -42.23 8.54
C VAL E 200 25.46 -42.35 9.36
N VAL E 201 24.46 -41.55 9.01
CA VAL E 201 23.09 -41.68 9.51
C VAL E 201 22.18 -41.78 8.30
N SER E 202 21.34 -42.81 8.28
CA SER E 202 20.45 -43.04 7.16
C SER E 202 19.27 -42.08 7.19
N SER E 203 18.73 -41.80 6.00
CA SER E 203 17.65 -40.83 5.88
C SER E 203 16.32 -41.43 6.35
N MET E 204 15.82 -42.43 5.64
CA MET E 204 14.56 -43.06 5.97
C MET E 204 14.71 -44.58 6.08
N PRO E 205 14.62 -45.12 7.31
CA PRO E 205 14.40 -44.39 8.56
C PRO E 205 15.65 -43.73 9.12
N GLY E 206 15.47 -42.69 9.93
CA GLY E 206 16.59 -42.01 10.56
C GLY E 206 17.29 -42.89 11.57
N VAL E 207 18.43 -43.45 11.19
CA VAL E 207 19.10 -44.48 11.98
C VAL E 207 20.60 -44.32 11.84
N ARG E 208 21.30 -44.48 12.96
CA ARG E 208 22.77 -44.50 12.93
C ARG E 208 23.25 -45.79 12.26
N PHE E 209 24.09 -45.63 11.27
CA PHE E 209 24.62 -46.74 10.50
C PHE E 209 26.00 -47.13 11.01
N PRO E 210 26.34 -48.45 11.03
CA PRO E 210 27.70 -48.85 11.46
C PRO E 210 28.73 -48.61 10.36
N PHE E 211 28.95 -47.33 10.05
CA PHE E 211 29.87 -46.99 8.97
C PHE E 211 31.32 -47.28 9.33
N GLU E 212 31.66 -47.24 10.63
CA GLU E 212 33.04 -47.50 11.04
C GLU E 212 33.50 -48.88 10.58
N ASP E 213 32.65 -49.90 10.79
CA ASP E 213 33.03 -51.25 10.40
C ASP E 213 33.10 -51.38 8.88
N ILE E 214 32.12 -50.81 8.17
CA ILE E 214 32.05 -50.96 6.72
C ILE E 214 33.24 -50.28 6.04
N VAL E 215 33.68 -49.15 6.58
CA VAL E 215 34.82 -48.43 5.99
C VAL E 215 36.09 -49.23 6.18
N LYS E 216 36.25 -49.89 7.33
CA LYS E 216 37.47 -50.68 7.56
C LYS E 216 37.50 -51.92 6.68
N ILE E 217 36.34 -52.56 6.48
CA ILE E 217 36.28 -53.71 5.59
C ILE E 217 36.56 -53.30 4.15
N CYS E 218 36.15 -52.08 3.76
CA CYS E 218 36.45 -51.59 2.42
C CYS E 218 37.94 -51.50 2.18
N LYS E 219 38.70 -51.07 3.20
CA LYS E 219 40.16 -51.00 3.06
C LYS E 219 40.75 -52.39 2.88
N GLU E 220 40.25 -53.37 3.63
CA GLU E 220 40.80 -54.72 3.56
C GLU E 220 40.50 -55.40 2.24
N GLU E 221 39.37 -55.05 1.62
CA GLU E 221 38.98 -55.60 0.33
C GLU E 221 39.32 -54.66 -0.83
N GLU E 222 40.11 -53.62 -0.59
CA GLU E 222 40.56 -52.69 -1.62
C GLU E 222 39.37 -52.03 -2.33
N ILE E 223 38.44 -51.51 -1.52
CA ILE E 223 37.26 -50.83 -2.02
C ILE E 223 37.28 -49.41 -1.51
N ILE E 224 37.09 -48.45 -2.42
CA ILE E 224 37.01 -47.05 -2.01
C ILE E 224 35.69 -46.81 -1.30
N SER E 225 35.75 -46.20 -0.12
CA SER E 225 34.57 -45.93 0.68
C SER E 225 34.06 -44.52 0.36
N CYS E 226 32.86 -44.44 -0.20
CA CYS E 226 32.19 -43.18 -0.49
C CYS E 226 31.13 -42.96 0.57
N VAL E 227 31.45 -42.15 1.57
CA VAL E 227 30.65 -42.05 2.79
C VAL E 227 29.64 -40.93 2.64
N ASP E 228 28.37 -41.29 2.51
CA ASP E 228 27.27 -40.33 2.50
C ASP E 228 26.94 -39.96 3.95
N GLY E 229 27.49 -38.85 4.42
CA GLY E 229 27.21 -38.40 5.77
C GLY E 229 26.35 -37.15 5.80
N ALA E 230 25.40 -37.06 4.87
CA ALA E 230 24.50 -35.91 4.81
C ALA E 230 23.89 -35.61 6.17
N GLN E 231 23.31 -36.62 6.81
CA GLN E 231 22.89 -36.54 8.20
C GLN E 231 24.12 -36.81 9.05
N GLY E 232 24.89 -35.76 9.33
CA GLY E 232 26.16 -35.94 10.01
C GLY E 232 26.66 -34.77 10.82
N ILE E 233 27.29 -33.80 10.17
CA ILE E 233 28.04 -32.77 10.87
C ILE E 233 27.11 -31.98 11.77
N GLY E 234 27.54 -31.76 13.02
CA GLY E 234 26.74 -31.08 14.01
C GLY E 234 25.79 -31.95 14.79
N MET E 235 25.49 -33.15 14.29
CA MET E 235 24.60 -34.10 14.98
C MET E 235 25.35 -35.27 15.59
N VAL E 236 26.26 -35.88 14.84
CA VAL E 236 27.06 -37.00 15.34
C VAL E 236 28.53 -36.70 15.08
N ASP E 237 29.39 -37.40 15.81
CA ASP E 237 30.83 -37.36 15.55
C ASP E 237 31.11 -38.22 14.33
N LEU E 238 31.57 -37.58 13.24
CA LEU E 238 31.84 -38.31 12.01
C LEU E 238 33.05 -39.22 12.12
N LYS E 239 33.96 -38.97 13.06
CA LYS E 239 35.12 -39.82 13.31
C LYS E 239 35.94 -39.99 12.03
N ILE E 240 36.19 -38.86 11.35
CA ILE E 240 36.85 -38.91 10.05
C ILE E 240 38.29 -39.38 10.19
N THR E 241 39.02 -38.85 11.18
CA THR E 241 40.42 -39.22 11.35
C THR E 241 40.59 -40.68 11.74
N GLU E 242 39.61 -41.26 12.44
CA GLU E 242 39.76 -42.66 12.86
C GLU E 242 39.27 -43.63 11.81
N THR E 243 38.20 -43.31 11.09
CA THR E 243 37.75 -44.18 10.01
C THR E 243 38.60 -44.01 8.76
N ASP E 244 39.17 -42.83 8.56
CA ASP E 244 39.99 -42.52 7.40
C ASP E 244 39.32 -42.93 6.08
N PRO E 245 38.19 -42.32 5.75
CA PRO E 245 37.49 -42.71 4.52
C PRO E 245 38.11 -42.06 3.29
N ASP E 246 37.79 -42.65 2.13
CA ASP E 246 38.29 -42.11 0.87
C ASP E 246 37.56 -40.83 0.48
N PHE E 247 36.25 -40.76 0.75
CA PHE E 247 35.45 -39.59 0.44
C PHE E 247 34.33 -39.47 1.46
N LEU E 248 34.03 -38.24 1.87
CA LEU E 248 32.95 -37.99 2.82
C LEU E 248 32.26 -36.68 2.46
N ILE E 249 30.93 -36.71 2.45
CA ILE E 249 30.11 -35.53 2.26
C ILE E 249 29.21 -35.39 3.50
N SER E 250 28.79 -34.17 3.78
CA SER E 250 27.95 -33.94 4.96
C SER E 250 27.26 -32.58 4.85
N ASN E 251 25.97 -32.54 5.16
CA ASN E 251 25.17 -31.33 5.00
C ASN E 251 25.32 -30.43 6.22
N CYS E 252 25.90 -29.24 6.01
CA CYS E 252 25.96 -28.26 7.08
C CYS E 252 24.60 -27.63 7.34
N HIS E 253 23.73 -27.60 6.33
CA HIS E 253 22.43 -26.95 6.48
C HIS E 253 21.39 -27.86 7.14
N EXA E 254 21.81 -29.05 7.57
CA EXA E 254 20.87 -30.00 8.21
CB EXA E 254 21.04 -31.41 7.63
CG EXA E 254 20.14 -31.63 6.40
CD EXA E 254 20.11 -33.10 5.99
CE EXA E 254 19.43 -33.30 4.64
NZ EXA E 254 19.30 -34.74 4.33
C4' EXA E 254 19.20 -34.96 2.87
C4 EXA E 254 20.01 -36.14 2.49
C3 EXA E 254 20.16 -37.28 3.43
O3 EXA E 254 19.55 -37.29 4.64
C2 EXA E 254 20.99 -38.44 2.99
C2' EXA E 254 21.18 -39.62 3.91
C5 EXA E 254 20.72 -36.27 1.19
C6 EXA E 254 21.47 -37.41 0.92
N1 EXA E 254 21.59 -38.44 1.78
C5' EXA E 254 20.66 -35.19 0.13
OP4 EXA E 254 21.04 -33.93 0.68
P EXA E 254 20.82 -32.61 -0.19
OP1 EXA E 254 19.38 -32.53 -0.61
OP2 EXA E 254 21.20 -31.42 0.66
OP3 EXA E 254 21.70 -32.73 -1.41
C EXA E 254 21.03 -30.06 9.70
O EXA E 254 20.10 -29.62 10.40
N3 EXA E 254 17.80 -35.11 2.46
C7 EXA E 254 17.10 -34.10 1.93
C8 EXA E 254 15.73 -34.30 1.47
C9 EXA E 254 17.64 -32.90 1.80
O10 EXA E 254 15.44 -34.06 0.27
O11 EXA E 254 14.86 -34.70 2.29
N TRP E 255 22.26 -29.95 10.20
CA TRP E 255 22.50 -30.06 11.63
C TRP E 255 23.63 -29.17 12.14
N LEU E 256 23.96 -28.12 11.37
CA LEU E 256 24.99 -27.17 11.79
C LEU E 256 24.51 -25.72 11.70
N PHE E 257 23.20 -25.50 11.54
CA PHE E 257 22.61 -24.17 11.55
C PHE E 257 23.23 -23.27 10.49
N THR E 258 23.52 -23.85 9.32
CA THR E 258 24.05 -23.12 8.17
C THR E 258 22.95 -22.95 7.14
N PRO E 259 22.85 -21.79 6.48
CA PRO E 259 21.78 -21.59 5.49
C PRO E 259 21.81 -22.65 4.40
N ARG E 260 20.63 -22.93 3.85
CA ARG E 260 20.48 -24.02 2.89
C ARG E 260 21.28 -23.74 1.63
N GLY E 261 21.88 -24.79 1.08
CA GLY E 261 22.78 -24.66 -0.03
C GLY E 261 24.22 -24.74 0.43
N CYS E 262 24.51 -25.70 1.32
CA CYS E 262 25.88 -25.86 1.81
C CYS E 262 26.09 -27.28 2.31
N ALA E 263 27.16 -27.91 1.84
CA ALA E 263 27.63 -29.19 2.36
C ALA E 263 29.14 -29.20 2.32
N VAL E 264 29.75 -29.85 3.31
CA VAL E 264 31.19 -29.95 3.41
C VAL E 264 31.65 -31.22 2.70
N PHE E 265 32.70 -31.10 1.88
CA PHE E 265 33.23 -32.21 1.10
C PHE E 265 34.63 -32.51 1.61
N TYR E 266 34.82 -33.69 2.19
CA TYR E 266 36.12 -34.12 2.68
C TYR E 266 36.75 -35.13 1.73
N VAL E 267 37.98 -34.85 1.32
CA VAL E 267 38.78 -35.79 0.53
C VAL E 267 40.20 -35.75 1.07
N PRO E 268 40.75 -36.88 1.52
CA PRO E 268 42.16 -36.88 1.93
C PRO E 268 43.05 -36.53 0.75
N VAL E 269 44.21 -35.93 1.07
CA VAL E 269 45.12 -35.47 0.02
C VAL E 269 45.51 -36.61 -0.90
N ARG E 270 45.65 -37.82 -0.36
CA ARG E 270 46.07 -38.96 -1.16
C ARG E 270 45.07 -39.31 -2.25
N ASN E 271 43.83 -38.84 -2.14
CA ASN E 271 42.79 -39.17 -3.12
C ASN E 271 42.24 -37.96 -3.86
N GLN E 272 42.79 -36.77 -3.64
CA GLN E 272 42.29 -35.60 -4.35
C GLN E 272 42.66 -35.62 -5.82
N HIS E 273 43.68 -36.39 -6.22
CA HIS E 273 43.99 -36.55 -7.63
C HIS E 273 42.88 -37.27 -8.39
N LEU E 274 42.04 -38.02 -7.69
CA LEU E 274 40.93 -38.72 -8.31
C LEU E 274 39.77 -37.80 -8.68
N ILE E 275 39.75 -36.58 -8.16
CA ILE E 275 38.69 -35.61 -8.49
C ILE E 275 39.22 -34.77 -9.63
N ARG E 276 39.04 -35.28 -10.86
CA ARG E 276 39.56 -34.57 -12.02
C ARG E 276 38.78 -33.28 -12.29
N SER E 277 37.46 -33.34 -12.19
CA SER E 277 36.61 -32.20 -12.52
C SER E 277 35.59 -31.96 -11.43
N THR E 278 35.27 -30.69 -11.18
CA THR E 278 34.20 -30.31 -10.30
C THR E 278 32.85 -30.44 -11.02
N LEU E 279 31.78 -30.31 -10.24
CA LEU E 279 30.44 -30.26 -10.81
C LEU E 279 29.81 -28.90 -10.56
N PRO E 280 29.63 -28.10 -11.62
CA PRO E 280 30.05 -28.41 -12.99
C PRO E 280 31.53 -28.10 -13.24
N THR E 281 32.01 -28.42 -14.43
CA THR E 281 33.38 -28.10 -14.80
C THR E 281 33.55 -26.59 -14.96
N SER E 282 34.66 -26.06 -14.46
CA SER E 282 34.87 -24.62 -14.46
C SER E 282 36.36 -24.36 -14.72
N HIS E 283 36.80 -23.13 -14.41
CA HIS E 283 38.11 -22.65 -14.79
C HIS E 283 39.25 -23.42 -14.12
N GLY E 284 39.01 -24.03 -12.97
CA GLY E 284 40.08 -24.73 -12.27
C GLY E 284 40.46 -26.07 -12.85
N PHE E 285 39.66 -26.59 -13.78
CA PHE E 285 39.98 -27.89 -14.38
C PHE E 285 41.19 -27.77 -15.28
N VAL E 286 42.09 -28.74 -15.18
CA VAL E 286 43.30 -28.80 -15.98
C VAL E 286 43.34 -30.15 -16.69
N PRO E 287 43.35 -30.18 -18.02
CA PRO E 287 43.35 -31.46 -18.74
C PRO E 287 44.66 -32.22 -18.60
N GLN E 288 44.82 -33.30 -19.36
CA GLN E 288 46.04 -34.09 -19.32
C GLN E 288 46.79 -33.99 -20.64
N ASN E 301 50.52 -21.60 -3.36
CA ASN E 301 50.36 -22.18 -2.03
C ASN E 301 49.12 -23.07 -1.97
N LYS E 302 47.97 -22.49 -2.32
CA LYS E 302 46.73 -23.24 -2.32
C LYS E 302 46.75 -24.33 -3.39
N SER E 303 46.29 -25.52 -3.02
CA SER E 303 46.30 -26.63 -3.95
C SER E 303 45.29 -26.42 -5.06
N ALA E 304 45.53 -27.07 -6.20
CA ALA E 304 44.61 -26.96 -7.33
C ALA E 304 43.26 -27.59 -7.02
N PHE E 305 43.23 -28.61 -6.15
CA PHE E 305 41.97 -29.21 -5.73
C PHE E 305 41.11 -28.18 -4.99
N VAL E 306 41.70 -27.48 -4.03
CA VAL E 306 40.96 -26.45 -3.30
C VAL E 306 40.63 -25.28 -4.22
N SER E 307 41.58 -24.88 -5.07
CA SER E 307 41.34 -23.76 -5.97
C SER E 307 40.19 -24.04 -6.93
N ASN E 308 40.03 -25.30 -7.35
CA ASN E 308 39.04 -25.65 -8.34
C ASN E 308 37.62 -25.49 -7.81
N PHE E 309 37.42 -25.61 -6.50
CA PHE E 309 36.10 -25.54 -5.90
C PHE E 309 35.67 -24.13 -5.51
N GLU E 310 36.54 -23.13 -5.67
CA GLU E 310 36.17 -21.78 -5.26
C GLU E 310 35.18 -21.15 -6.24
N PHE E 311 35.38 -21.35 -7.54
CA PHE E 311 34.50 -20.80 -8.57
C PHE E 311 34.10 -21.92 -9.51
N VAL E 312 32.86 -22.39 -9.40
CA VAL E 312 32.34 -23.47 -10.24
C VAL E 312 31.03 -23.02 -10.88
N GLY E 313 31.00 -21.78 -11.32
CA GLY E 313 29.76 -21.17 -11.81
C GLY E 313 29.26 -20.19 -10.78
N THR E 314 28.68 -19.09 -11.25
CA THR E 314 28.27 -18.01 -10.37
C THR E 314 27.03 -18.41 -9.59
N VAL E 315 27.16 -18.45 -8.25
CA VAL E 315 26.04 -18.70 -7.36
C VAL E 315 26.16 -17.74 -6.17
N ASP E 316 25.13 -17.75 -5.33
CA ASP E 316 25.14 -17.04 -4.05
C ASP E 316 25.86 -17.94 -3.04
N ASN E 317 27.10 -17.60 -2.72
CA ASN E 317 27.89 -18.38 -1.78
C ASN E 317 27.80 -17.88 -0.35
N SER E 318 26.80 -17.04 -0.05
CA SER E 318 26.59 -16.61 1.33
C SER E 318 26.42 -17.77 2.31
N PRO E 319 25.72 -18.87 1.98
CA PRO E 319 25.69 -20.01 2.93
C PRO E 319 27.07 -20.57 3.24
N PHE E 320 27.93 -20.72 2.23
CA PHE E 320 29.29 -21.18 2.49
C PHE E 320 30.00 -20.24 3.47
N PHE E 321 29.81 -18.93 3.29
CA PHE E 321 30.47 -17.95 4.16
C PHE E 321 29.97 -18.09 5.59
N CYS E 322 28.67 -18.37 5.77
CA CYS E 322 28.07 -18.42 7.10
C CYS E 322 28.55 -19.61 7.92
N VAL E 323 29.31 -20.54 7.34
CA VAL E 323 29.74 -21.73 8.08
C VAL E 323 30.57 -21.33 9.29
N LYS E 324 31.47 -20.36 9.12
CA LYS E 324 32.31 -19.95 10.25
C LYS E 324 31.49 -19.28 11.34
N ASP E 325 30.36 -18.65 10.98
CA ASP E 325 29.50 -18.02 11.98
C ASP E 325 28.72 -19.08 12.75
N ALA E 326 28.13 -20.03 12.05
CA ALA E 326 27.32 -21.05 12.70
C ALA E 326 28.14 -21.87 13.69
N ILE E 327 29.41 -22.14 13.37
CA ILE E 327 30.26 -22.87 14.30
C ILE E 327 30.55 -22.03 15.54
N LYS E 328 30.86 -20.74 15.35
CA LYS E 328 31.16 -19.90 16.50
C LYS E 328 29.90 -19.59 17.31
N TRP E 329 28.77 -19.35 16.63
CA TRP E 329 27.52 -19.10 17.33
C TRP E 329 27.14 -20.28 18.21
N ARG E 330 27.22 -21.50 17.67
CA ARG E 330 26.95 -22.69 18.46
C ARG E 330 27.96 -22.89 19.57
N GLU E 331 29.18 -22.35 19.42
CA GLU E 331 30.20 -22.48 20.45
C GLU E 331 30.04 -21.40 21.52
N GLU E 332 29.73 -20.17 21.12
CA GLU E 332 29.66 -19.05 22.06
C GLU E 332 28.31 -18.89 22.72
N VAL E 333 27.24 -19.41 22.11
CA VAL E 333 25.90 -19.24 22.62
C VAL E 333 25.32 -20.54 23.18
N LEU E 334 25.53 -21.66 22.49
CA LEU E 334 24.99 -22.94 22.92
C LEU E 334 25.99 -23.79 23.70
N GLY E 335 27.27 -23.44 23.70
CA GLY E 335 28.24 -24.10 24.54
C GLY E 335 29.12 -25.15 23.89
N GLY E 336 29.07 -25.28 22.58
CA GLY E 336 29.94 -26.23 21.91
C GLY E 336 29.18 -27.40 21.31
N GLU E 337 29.87 -28.12 20.41
CA GLU E 337 29.21 -29.16 19.63
C GLU E 337 28.72 -30.31 20.51
N GLU E 338 29.53 -30.73 21.49
CA GLU E 338 29.19 -31.91 22.27
C GLU E 338 27.95 -31.69 23.13
N ARG E 339 27.81 -30.49 23.71
CA ARG E 339 26.60 -30.20 24.48
C ARG E 339 25.36 -30.25 23.59
N ILE E 340 25.48 -29.76 22.35
CA ILE E 340 24.35 -29.77 21.43
C ILE E 340 24.02 -31.20 21.00
N MET E 341 25.04 -32.00 20.70
CA MET E 341 24.80 -33.37 20.24
C MET E 341 24.28 -34.25 21.37
N GLU E 342 24.89 -34.14 22.56
CA GLU E 342 24.47 -34.97 23.68
C GLU E 342 23.02 -34.70 24.07
N TYR E 343 22.56 -33.46 23.93
CA TYR E 343 21.18 -33.13 24.28
C TYR E 343 20.19 -33.71 23.28
N MET E 344 20.44 -33.49 21.98
CA MET E 344 19.49 -33.92 20.96
C MET E 344 19.41 -35.44 20.88
N THR E 345 20.54 -36.14 21.04
CA THR E 345 20.50 -37.60 21.08
C THR E 345 19.71 -38.10 22.27
N LYS E 346 19.98 -37.53 23.46
CA LYS E 346 19.21 -37.90 24.65
C LYS E 346 17.74 -37.59 24.48
N LEU E 347 17.42 -36.41 23.93
CA LEU E 347 16.03 -36.06 23.69
C LEU E 347 15.38 -36.98 22.67
N ALA E 348 16.15 -37.46 21.69
CA ALA E 348 15.59 -38.37 20.70
C ALA E 348 15.12 -39.66 21.33
N ARG E 349 15.97 -40.27 22.17
CA ARG E 349 15.62 -41.50 22.86
C ARG E 349 14.40 -41.32 23.75
N GLU E 350 14.55 -40.50 24.80
CA GLU E 350 13.48 -40.36 25.80
C GLU E 350 12.23 -39.75 25.19
N GLY E 351 12.39 -38.81 24.26
CA GLY E 351 11.23 -38.25 23.58
C GLY E 351 10.56 -39.25 22.67
N GLY E 352 11.37 -39.99 21.90
CA GLY E 352 10.80 -41.03 21.04
C GLY E 352 10.26 -42.20 21.84
N GLN E 353 10.94 -42.57 22.92
CA GLN E 353 10.36 -43.58 23.81
C GLN E 353 9.03 -43.11 24.38
N LYS E 354 8.88 -41.80 24.60
CA LYS E 354 7.61 -41.26 25.08
C LYS E 354 6.50 -41.48 24.06
N VAL E 355 6.74 -41.08 22.80
CA VAL E 355 5.69 -41.21 21.79
C VAL E 355 5.34 -42.67 21.55
N ALA E 356 6.30 -43.59 21.72
CA ALA E 356 5.98 -45.01 21.58
C ALA E 356 5.01 -45.47 22.66
N GLU E 357 4.99 -44.79 23.82
CA GLU E 357 4.13 -45.19 24.91
C GLU E 357 2.70 -44.70 24.70
N ILE E 358 2.52 -43.52 24.12
CA ILE E 358 1.18 -43.01 23.88
C ILE E 358 0.47 -43.85 22.82
N LEU E 359 1.16 -44.15 21.73
CA LEU E 359 0.59 -44.92 20.63
C LEU E 359 0.51 -46.41 20.91
N GLY E 360 1.12 -46.88 22.00
CA GLY E 360 1.13 -48.30 22.28
C GLY E 360 1.98 -49.11 21.34
N THR E 361 3.03 -48.52 20.78
CA THR E 361 3.91 -49.23 19.87
C THR E 361 5.34 -49.28 20.40
N ARG E 362 6.30 -48.92 19.57
CA ARG E 362 7.70 -49.08 19.92
C ARG E 362 8.55 -48.17 19.03
N VAL E 363 9.79 -47.97 19.45
CA VAL E 363 10.77 -47.23 18.67
C VAL E 363 11.59 -48.22 17.87
N LEU E 364 12.20 -47.73 16.79
CA LEU E 364 13.08 -48.55 15.97
C LEU E 364 14.45 -48.61 16.62
N GLU E 365 14.82 -49.78 17.14
CA GLU E 365 16.07 -49.92 17.88
C GLU E 365 16.44 -51.40 17.89
N ASN E 366 17.74 -51.67 17.84
CA ASN E 366 18.24 -53.04 17.84
C ASN E 366 18.65 -53.43 19.26
N SER E 367 19.12 -54.67 19.41
CA SER E 367 19.47 -55.19 20.74
C SER E 367 20.63 -54.44 21.37
N THR E 368 21.47 -53.78 20.56
CA THR E 368 22.64 -53.09 21.07
C THR E 368 22.37 -51.62 21.39
N GLY E 369 21.18 -51.11 21.06
CA GLY E 369 20.91 -49.70 21.26
C GLY E 369 21.74 -48.78 20.38
N THR E 370 22.09 -49.23 19.17
CA THR E 370 22.98 -48.47 18.30
C THR E 370 22.24 -47.72 17.18
N LEU E 371 20.94 -47.96 17.00
CA LEU E 371 20.22 -47.24 15.96
C LEU E 371 19.97 -45.79 16.35
N ILE E 372 19.65 -45.55 17.62
CA ILE E 372 19.35 -44.20 18.09
C ILE E 372 20.62 -43.57 18.63
N ARG E 373 21.61 -43.37 17.75
CA ARG E 373 22.80 -42.62 18.12
C ARG E 373 22.86 -41.35 17.27
N CYS E 374 21.72 -40.66 17.19
CA CYS E 374 21.58 -39.42 16.43
C CYS E 374 20.39 -38.65 17.02
N ALA E 375 19.97 -37.60 16.32
CA ALA E 375 18.87 -36.77 16.76
C ALA E 375 17.54 -37.14 16.10
N MET E 376 17.46 -38.30 15.45
CA MET E 376 16.24 -38.75 14.82
C MET E 376 15.80 -40.08 15.40
N VAL E 377 14.50 -40.34 15.34
CA VAL E 377 13.87 -41.50 15.97
C VAL E 377 12.60 -41.82 15.20
N ASN E 378 12.34 -43.10 14.97
CA ASN E 378 11.14 -43.55 14.28
C ASN E 378 10.32 -44.43 15.20
N ILE E 379 9.02 -44.18 15.23
CA ILE E 379 8.07 -44.92 16.05
C ILE E 379 7.06 -45.57 15.11
N ALA E 380 6.79 -46.85 15.34
CA ALA E 380 5.81 -47.55 14.52
C ALA E 380 4.42 -46.98 14.77
N LEU E 381 3.64 -46.87 13.71
CA LEU E 381 2.29 -46.38 13.95
C LEU E 381 1.35 -47.55 14.23
N PRO E 382 0.32 -47.35 15.08
CA PRO E 382 -0.58 -48.44 15.47
C PRO E 382 -1.56 -48.87 14.39
N PHE E 383 -1.04 -49.19 13.21
CA PHE E 383 -1.83 -49.77 12.13
C PHE E 383 -0.89 -50.47 11.17
N VAL E 384 -1.47 -51.21 10.23
CA VAL E 384 -0.72 -52.08 9.32
C VAL E 384 -1.40 -52.11 7.96
N VAL E 385 -0.59 -52.33 6.93
CA VAL E 385 -1.09 -52.38 5.57
C VAL E 385 -1.33 -53.83 5.18
N GLY E 386 -2.22 -54.01 4.20
CA GLY E 386 -2.44 -55.33 3.65
C GLY E 386 -1.32 -55.78 2.74
N GLU E 387 -1.20 -57.09 2.59
CA GLU E 387 -0.11 -57.68 1.82
C GLU E 387 -0.35 -57.50 0.32
N ASP E 388 0.72 -57.16 -0.39
CA ASP E 388 0.64 -56.80 -1.81
C ASP E 388 0.45 -58.04 -2.67
N PRO E 389 -0.50 -58.03 -3.61
CA PRO E 389 -0.52 -59.07 -4.66
C PRO E 389 0.84 -59.32 -5.28
N LYS E 390 1.57 -58.27 -5.65
CA LYS E 390 2.83 -58.44 -6.37
C LYS E 390 4.01 -58.84 -5.48
N ALA E 391 3.97 -58.61 -4.16
CA ALA E 391 5.12 -58.84 -3.26
C ALA E 391 4.62 -59.31 -1.93
N PRO E 392 5.02 -60.50 -1.47
CA PRO E 392 4.65 -60.85 -0.10
C PRO E 392 5.72 -60.64 0.93
N VAL E 393 5.45 -60.10 2.09
CA VAL E 393 6.58 -59.71 2.95
C VAL E 393 6.60 -60.67 4.12
N LYS E 394 7.72 -61.37 4.23
CA LYS E 394 8.08 -62.08 5.44
C LYS E 394 7.75 -61.25 6.67
N LEU E 395 7.31 -61.90 7.74
CA LEU E 395 7.14 -61.21 9.01
C LEU E 395 7.60 -62.15 10.10
N THR E 396 8.59 -61.72 10.88
CA THR E 396 8.99 -62.51 12.03
C THR E 396 7.82 -62.64 13.00
N GLU E 397 7.82 -63.73 13.77
CA GLU E 397 6.78 -63.94 14.76
C GLU E 397 6.62 -62.72 15.66
N LYS E 398 7.74 -62.20 16.18
CA LYS E 398 7.69 -60.99 17.00
C LYS E 398 7.19 -59.81 16.18
N GLU E 399 7.58 -59.73 14.91
CA GLU E 399 6.98 -58.73 14.03
C GLU E 399 5.50 -59.01 13.80
N GLU E 400 5.13 -60.28 13.62
CA GLU E 400 3.73 -60.64 13.54
C GLU E 400 3.05 -60.52 14.90
N LYS E 401 3.81 -60.63 15.99
CA LYS E 401 3.25 -60.47 17.32
C LYS E 401 3.02 -58.99 17.66
N ASP E 402 3.94 -58.12 17.25
CA ASP E 402 3.77 -56.69 17.47
C ASP E 402 2.59 -56.12 16.70
N VAL E 403 1.96 -56.91 15.84
CA VAL E 403 0.78 -56.52 15.10
C VAL E 403 -0.44 -57.34 15.50
N GLU E 404 -0.32 -58.16 16.55
CA GLU E 404 -1.48 -58.83 17.11
C GLU E 404 -2.52 -57.80 17.55
N GLY E 405 -3.76 -57.98 17.09
CA GLY E 405 -4.82 -57.04 17.39
C GLY E 405 -4.65 -55.68 16.77
N LEU E 406 -3.48 -55.37 16.21
CA LEU E 406 -3.34 -54.13 15.45
C LEU E 406 -4.26 -54.15 14.25
N TYR E 407 -4.71 -52.97 13.90
CA TYR E 407 -5.71 -52.80 12.87
C TYR E 407 -5.03 -52.64 11.51
N GLU E 408 -5.55 -53.34 10.50
CA GLU E 408 -4.90 -53.45 9.19
C GLU E 408 -5.64 -52.63 8.13
N ILE E 409 -4.85 -51.91 7.31
CA ILE E 409 -5.37 -51.10 6.22
C ILE E 409 -5.09 -51.83 4.91
N PRO E 410 -5.96 -51.72 3.89
CA PRO E 410 -5.62 -52.27 2.58
C PRO E 410 -4.61 -51.41 1.84
N HIS E 411 -3.77 -52.08 1.04
CA HIS E 411 -2.60 -51.45 0.44
C HIS E 411 -2.95 -50.55 -0.74
N GLU E 412 -4.04 -50.82 -1.45
CA GLU E 412 -4.49 -49.88 -2.46
C GLU E 412 -4.78 -48.52 -1.85
N GLU E 413 -5.12 -48.51 -0.56
CA GLU E 413 -5.35 -47.29 0.20
C GLU E 413 -4.16 -46.92 1.08
N ALA E 414 -3.04 -47.65 0.95
CA ALA E 414 -1.83 -47.31 1.70
C ALA E 414 -1.25 -45.99 1.22
N ASN E 415 -0.83 -45.95 -0.05
CA ASN E 415 -0.35 -44.71 -0.64
C ASN E 415 -1.41 -43.63 -0.58
N MET E 416 -2.68 -44.01 -0.67
CA MET E 416 -3.77 -43.03 -0.54
C MET E 416 -3.81 -42.46 0.86
N ALA E 417 -3.76 -43.32 1.89
CA ALA E 417 -3.75 -42.82 3.26
C ALA E 417 -2.43 -42.16 3.62
N PHE E 418 -1.32 -42.64 3.05
CA PHE E 418 -0.02 -42.04 3.30
C PHE E 418 -0.03 -40.54 3.01
N LYS E 419 -0.68 -40.16 1.92
CA LYS E 419 -0.72 -38.75 1.50
C LYS E 419 -1.75 -37.96 2.29
N TRP E 420 -2.88 -38.57 2.63
CA TRP E 420 -3.89 -37.89 3.43
C TRP E 420 -3.34 -37.48 4.79
N MET E 421 -2.52 -38.35 5.39
CA MET E 421 -1.89 -38.01 6.66
C MET E 421 -0.94 -36.83 6.51
N TYR E 422 -0.18 -36.80 5.41
CA TYR E 422 0.73 -35.68 5.15
C TYR E 422 -0.03 -34.36 5.10
N ASN E 423 -1.16 -34.34 4.39
CA ASN E 423 -1.95 -33.12 4.29
C ASN E 423 -2.51 -32.71 5.65
N VAL E 424 -3.11 -33.66 6.37
CA VAL E 424 -3.77 -33.35 7.63
C VAL E 424 -2.76 -32.85 8.67
N LEU E 425 -1.58 -33.47 8.71
CA LEU E 425 -0.55 -33.00 9.64
C LEU E 425 -0.17 -31.55 9.38
N GLN E 426 -0.20 -31.12 8.12
CA GLN E 426 0.13 -29.75 7.79
C GLN E 426 -1.09 -28.83 7.80
N ASP E 427 -2.23 -29.32 7.34
CA ASP E 427 -3.41 -28.46 7.23
C ASP E 427 -4.00 -28.12 8.60
N GLU E 428 -4.07 -29.10 9.50
CA GLU E 428 -4.70 -28.88 10.80
C GLU E 428 -3.70 -28.68 11.93
N PHE E 429 -2.59 -29.42 11.93
CA PHE E 429 -1.63 -29.36 13.03
C PHE E 429 -0.52 -28.37 12.81
N ASN E 430 -0.33 -27.90 11.58
CA ASN E 430 0.79 -27.04 11.24
C ASN E 430 2.11 -27.68 11.68
N THR E 431 2.32 -28.90 11.19
CA THR E 431 3.53 -29.66 11.47
C THR E 431 3.80 -30.54 10.26
N PHE E 432 4.98 -31.16 10.25
CA PHE E 432 5.33 -32.10 9.20
C PHE E 432 6.06 -33.28 9.81
N VAL E 433 5.54 -34.48 9.56
CA VAL E 433 6.16 -35.71 10.04
C VAL E 433 6.34 -36.67 8.86
N PRO E 434 7.56 -36.93 8.42
CA PRO E 434 7.77 -37.95 7.39
C PRO E 434 7.67 -39.35 7.98
N MET E 435 7.28 -40.29 7.12
CA MET E 435 7.03 -41.66 7.54
C MET E 435 7.70 -42.62 6.57
N THR E 436 8.42 -43.60 7.13
CA THR E 436 9.10 -44.63 6.34
C THR E 436 8.20 -45.85 6.24
N PHE E 437 7.92 -46.29 5.02
CA PHE E 437 7.15 -47.51 4.79
C PHE E 437 8.14 -48.68 4.67
N HIS E 438 8.08 -49.59 5.63
CA HIS E 438 9.00 -50.72 5.68
C HIS E 438 8.29 -51.87 6.38
N ARG E 439 8.11 -52.97 5.67
CA ARG E 439 7.53 -54.20 6.22
C ARG E 439 6.09 -54.00 6.66
N ARG E 440 5.23 -53.54 5.76
CA ARG E 440 3.80 -53.37 6.03
C ARG E 440 3.59 -52.51 7.29
N ARG E 441 4.46 -51.51 7.45
CA ARG E 441 4.50 -50.70 8.65
C ARG E 441 4.89 -49.27 8.27
N PHE E 442 4.29 -48.31 8.95
CA PHE E 442 4.68 -46.90 8.81
C PHE E 442 5.46 -46.50 10.05
N TRP E 443 6.64 -45.93 9.84
CA TRP E 443 7.52 -45.50 10.93
C TRP E 443 7.64 -43.98 10.86
N ALA E 444 6.88 -43.30 11.73
CA ALA E 444 6.92 -41.84 11.79
C ALA E 444 8.28 -41.37 12.29
N ARG E 445 8.92 -40.51 11.51
CA ARG E 445 10.28 -40.05 11.80
C ARG E 445 10.21 -38.69 12.49
N LEU E 446 10.76 -38.61 13.70
CA LEU E 446 10.77 -37.40 14.49
C LEU E 446 12.21 -36.93 14.69
N SER E 447 12.43 -35.63 14.58
CA SER E 447 13.75 -35.03 14.72
C SER E 447 13.77 -34.18 15.97
N ALA E 448 14.70 -34.47 16.87
CA ALA E 448 14.91 -33.65 18.06
C ALA E 448 15.83 -32.49 17.73
N GLN E 449 15.65 -31.39 18.45
CA GLN E 449 16.51 -30.22 18.29
C GLN E 449 16.62 -29.50 19.63
N VAL E 450 17.60 -28.59 19.71
CA VAL E 450 17.86 -27.89 20.95
C VAL E 450 16.71 -26.97 21.31
N TYR E 451 15.98 -26.47 20.31
CA TYR E 451 14.81 -25.64 20.60
C TYR E 451 13.59 -26.47 20.95
N LEU E 452 13.68 -27.79 20.93
CA LEU E 452 12.59 -28.67 21.35
C LEU E 452 12.84 -29.18 22.76
N GLU E 453 11.80 -29.72 23.37
CA GLU E 453 11.90 -30.32 24.69
C GLU E 453 10.91 -31.49 24.77
N MET E 454 10.83 -32.09 25.96
CA MET E 454 10.02 -33.30 26.12
C MET E 454 8.55 -33.04 25.84
N SER E 455 8.05 -31.84 26.16
CA SER E 455 6.65 -31.51 25.89
C SER E 455 6.34 -31.49 24.41
N ASP E 456 7.33 -31.26 23.54
CA ASP E 456 7.09 -31.30 22.11
C ASP E 456 6.84 -32.72 21.61
N PHE E 457 7.55 -33.70 22.18
CA PHE E 457 7.30 -35.09 21.81
C PHE E 457 5.99 -35.60 22.38
N GLU E 458 5.53 -35.03 23.49
CA GLU E 458 4.20 -35.37 24.01
C GLU E 458 3.11 -34.89 23.07
N TRP E 459 3.29 -33.71 22.48
CA TRP E 459 2.34 -33.21 21.50
C TRP E 459 2.36 -34.07 20.24
N ALA E 460 3.54 -34.55 19.85
CA ALA E 460 3.63 -35.40 18.67
C ALA E 460 2.96 -36.75 18.91
N GLY E 461 3.03 -37.29 20.13
CA GLY E 461 2.40 -38.56 20.40
C GLY E 461 0.88 -38.48 20.37
N LYS E 462 0.32 -37.45 21.01
CA LYS E 462 -1.13 -37.30 21.03
C LYS E 462 -1.67 -36.96 19.66
N THR E 463 -0.97 -36.10 18.91
CA THR E 463 -1.43 -35.75 17.58
C THR E 463 -1.35 -36.95 16.64
N LEU E 464 -0.28 -37.73 16.72
CA LEU E 464 -0.18 -38.93 15.90
C LEU E 464 -1.20 -39.99 16.31
N LYS E 465 -1.62 -39.99 17.58
CA LYS E 465 -2.69 -40.90 18.00
C LYS E 465 -4.00 -40.51 17.36
N GLU E 466 -4.47 -39.28 17.63
CA GLU E 466 -5.63 -38.75 16.93
C GLU E 466 -5.49 -38.88 15.43
N LEU E 467 -4.26 -38.74 14.92
CA LEU E 467 -4.01 -38.92 13.49
C LEU E 467 -4.27 -40.35 13.06
N CYS E 468 -3.87 -41.33 13.89
CA CYS E 468 -4.02 -42.73 13.52
C CYS E 468 -5.44 -43.25 13.76
N GLU E 469 -6.12 -42.77 14.82
CA GLU E 469 -7.50 -43.20 15.01
C GLU E 469 -8.44 -42.56 14.00
N ARG E 470 -8.07 -41.39 13.46
CA ARG E 470 -8.83 -40.85 12.34
C ARG E 470 -8.57 -41.68 11.09
N VAL E 471 -7.37 -42.22 10.94
CA VAL E 471 -7.13 -43.25 9.93
C VAL E 471 -7.94 -44.50 10.27
N ALA E 472 -8.20 -44.74 11.56
CA ALA E 472 -8.91 -45.95 11.96
C ALA E 472 -10.35 -45.96 11.44
N LYS E 473 -10.99 -44.81 11.32
CA LYS E 473 -12.33 -44.72 10.79
C LYS E 473 -12.35 -44.61 9.26
N GLY E 474 -11.19 -44.70 8.61
CA GLY E 474 -11.11 -44.51 7.18
C GLY E 474 -11.49 -43.11 6.77
N GLU E 475 -10.94 -42.10 7.47
CA GLU E 475 -11.27 -40.72 7.15
C GLU E 475 -10.64 -40.28 5.84
N TYR E 476 -9.53 -40.92 5.45
CA TYR E 476 -8.90 -40.59 4.18
C TYR E 476 -9.81 -40.91 3.00
N LYS E 477 -10.59 -41.99 3.10
CA LYS E 477 -11.49 -42.39 2.03
C LYS E 477 -12.86 -41.76 2.20
N GLY F 29 5.09 7.84 -14.28
CA GLY F 29 5.26 6.65 -15.09
C GLY F 29 6.61 5.98 -14.86
N PRO F 30 7.21 5.47 -15.94
CA PRO F 30 8.54 4.84 -15.82
C PRO F 30 9.58 5.85 -15.35
N LEU F 31 10.46 5.40 -14.48
CA LEU F 31 11.51 6.27 -13.96
C LEU F 31 12.54 6.57 -15.06
N PRO F 32 13.13 7.76 -15.03
CA PRO F 32 14.18 8.08 -16.01
C PRO F 32 15.43 7.24 -15.76
N PHE F 33 16.17 7.01 -16.84
CA PHE F 33 17.43 6.29 -16.75
C PHE F 33 18.56 7.25 -16.41
N GLY F 34 19.70 6.70 -16.02
CA GLY F 34 20.86 7.48 -15.64
C GLY F 34 21.20 7.32 -14.17
N ASN F 35 22.07 8.22 -13.69
CA ASN F 35 22.56 8.12 -12.33
C ASN F 35 21.46 8.31 -11.28
N SER F 36 20.35 8.96 -11.65
CA SER F 36 19.23 9.05 -10.73
C SER F 36 18.62 7.69 -10.44
N LEU F 37 18.79 6.73 -11.35
CA LEU F 37 18.28 5.38 -11.15
C LEU F 37 19.10 4.58 -10.14
N LEU F 38 20.31 5.05 -9.80
CA LEU F 38 21.09 4.40 -8.75
C LEU F 38 20.35 4.36 -7.42
N LYS F 39 19.42 5.29 -7.20
CA LYS F 39 18.64 5.30 -5.96
C LYS F 39 17.80 4.04 -5.81
N GLU F 40 17.49 3.34 -6.90
CA GLU F 40 16.78 2.07 -6.82
C GLU F 40 17.69 0.90 -6.55
N PHE F 41 19.01 1.10 -6.58
CA PHE F 41 19.97 0.01 -6.44
C PHE F 41 20.75 0.16 -5.14
N VAL F 42 21.51 -0.89 -4.81
CA VAL F 42 22.22 -0.95 -3.53
C VAL F 42 23.72 -1.06 -3.76
N LEU F 43 24.24 -0.30 -4.70
CA LEU F 43 25.68 -0.24 -4.93
C LEU F 43 26.34 0.75 -3.98
N ASP F 44 27.56 0.43 -3.58
CA ASP F 44 28.37 1.31 -2.76
C ASP F 44 28.54 2.67 -3.45
N PRO F 45 28.11 3.77 -2.83
CA PRO F 45 28.16 5.07 -3.54
C PRO F 45 29.54 5.50 -3.97
N ALA F 46 30.61 4.99 -3.35
CA ALA F 46 31.96 5.28 -3.79
C ALA F 46 32.45 4.32 -4.87
N TYR F 47 31.70 3.27 -5.18
CA TYR F 47 32.09 2.30 -6.18
C TYR F 47 31.37 2.59 -7.49
N ARG F 48 32.13 2.50 -8.59
CA ARG F 48 31.61 2.76 -9.94
C ARG F 48 31.53 1.43 -10.67
N ASN F 49 30.31 0.98 -10.97
CA ASN F 49 30.09 -0.34 -11.57
C ASN F 49 30.11 -0.18 -13.08
N LEU F 50 31.29 -0.29 -13.66
CA LEU F 50 31.46 -0.26 -15.11
C LEU F 50 31.45 -1.65 -15.73
N ASN F 51 31.24 -2.69 -14.92
CA ASN F 51 31.33 -4.07 -15.37
C ASN F 51 30.11 -4.86 -14.86
N HIS F 52 28.93 -4.37 -15.23
CA HIS F 52 27.71 -5.07 -14.86
C HIS F 52 27.63 -6.45 -15.51
N GLY F 53 28.27 -6.64 -16.65
CA GLY F 53 28.17 -7.89 -17.39
C GLY F 53 28.83 -9.07 -16.74
N SER F 54 29.68 -8.86 -15.73
CA SER F 54 30.41 -9.97 -15.12
C SER F 54 29.53 -10.72 -14.13
N PHE F 55 28.96 -10.01 -13.15
CA PHE F 55 28.15 -10.62 -12.11
C PHE F 55 26.74 -10.05 -11.98
N GLY F 56 26.43 -8.97 -12.68
CA GLY F 56 25.14 -8.33 -12.53
C GLY F 56 24.96 -7.74 -11.15
N THR F 57 23.80 -7.11 -10.97
CA THR F 57 23.40 -6.61 -9.66
C THR F 57 21.88 -6.47 -9.67
N ILE F 58 21.32 -6.33 -8.47
CA ILE F 58 19.87 -6.30 -8.32
C ILE F 58 19.44 -5.01 -7.61
N PRO F 59 18.25 -4.50 -7.90
CA PRO F 59 17.76 -3.33 -7.16
C PRO F 59 17.32 -3.72 -5.75
N SER F 60 17.13 -2.70 -4.92
CA SER F 60 16.71 -2.93 -3.54
C SER F 60 15.36 -3.62 -3.48
N ALA F 61 14.47 -3.30 -4.42
CA ALA F 61 13.14 -3.93 -4.44
C ALA F 61 13.25 -5.43 -4.63
N ILE F 62 14.12 -5.87 -5.54
CA ILE F 62 14.30 -7.30 -5.77
C ILE F 62 15.05 -7.92 -4.61
N GLN F 63 15.97 -7.18 -3.99
CA GLN F 63 16.69 -7.69 -2.82
C GLN F 63 15.73 -7.99 -1.68
N GLN F 64 14.71 -7.17 -1.51
CA GLN F 64 13.71 -7.43 -0.48
C GLN F 64 12.79 -8.57 -0.88
N LYS F 65 12.51 -8.71 -2.17
CA LYS F 65 11.80 -9.90 -2.65
C LYS F 65 12.59 -11.16 -2.33
N LEU F 66 13.90 -11.14 -2.57
CA LEU F 66 14.76 -12.26 -2.20
C LEU F 66 14.62 -12.61 -0.72
N ARG F 67 14.62 -11.60 0.14
CA ARG F 67 14.60 -11.84 1.59
C ARG F 67 13.24 -12.30 2.08
N SER F 68 12.16 -11.97 1.37
CA SER F 68 10.85 -12.51 1.74
C SER F 68 10.78 -14.02 1.51
N TYR F 69 11.30 -14.49 0.36
CA TYR F 69 11.30 -15.92 0.09
C TYR F 69 12.17 -16.68 1.09
N GLN F 70 13.32 -16.10 1.45
CA GLN F 70 14.19 -16.73 2.45
C GLN F 70 13.51 -16.79 3.80
N THR F 71 12.80 -15.73 4.17
CA THR F 71 12.05 -15.74 5.43
C THR F 71 10.89 -16.72 5.38
N ALA F 72 10.17 -16.77 4.25
CA ALA F 72 9.10 -17.75 4.09
C ALA F 72 9.65 -19.16 4.16
N ALA F 73 10.89 -19.38 3.70
CA ALA F 73 11.49 -20.70 3.79
C ALA F 73 11.75 -21.10 5.23
N GLU F 74 12.18 -20.14 6.07
CA GLU F 74 12.48 -20.44 7.46
C GLU F 74 11.25 -20.51 8.34
N ALA F 75 10.14 -19.91 7.91
CA ALA F 75 8.91 -19.93 8.71
C ALA F 75 8.38 -21.35 8.83
N ARG F 76 8.09 -21.99 7.69
CA ARG F 76 7.59 -23.36 7.64
C ARG F 76 8.44 -24.13 6.64
N PRO F 77 9.60 -24.64 7.05
CA PRO F 77 10.54 -25.27 6.10
C PRO F 77 9.91 -26.34 5.21
N CYS F 78 9.48 -27.45 5.80
CA CYS F 78 8.94 -28.54 4.98
C CYS F 78 7.71 -28.13 4.18
N PRO F 79 6.67 -27.53 4.77
CA PRO F 79 5.50 -27.18 3.94
C PRO F 79 5.81 -26.20 2.81
N PHE F 80 6.79 -25.31 3.00
CA PHE F 80 7.11 -24.35 1.96
C PHE F 80 8.07 -24.92 0.93
N LEU F 81 9.16 -25.54 1.39
CA LEU F 81 10.18 -26.02 0.46
C LEU F 81 9.70 -27.23 -0.34
N ARG F 82 8.76 -28.00 0.21
CA ARG F 82 8.26 -29.17 -0.51
C ARG F 82 7.13 -28.83 -1.46
N TYR F 83 6.17 -28.01 -1.02
CA TYR F 83 4.94 -27.82 -1.76
C TYR F 83 4.75 -26.41 -2.32
N GLN F 84 5.57 -25.44 -1.91
CA GLN F 84 5.44 -24.09 -2.41
C GLN F 84 6.57 -23.67 -3.35
N THR F 85 7.66 -24.43 -3.42
CA THR F 85 8.67 -24.12 -4.43
C THR F 85 8.18 -24.46 -5.84
N PRO F 86 7.45 -25.56 -6.08
CA PRO F 86 7.03 -25.83 -7.47
C PRO F 86 6.07 -24.79 -8.02
N VAL F 87 5.17 -24.25 -7.19
CA VAL F 87 4.26 -23.22 -7.67
C VAL F 87 5.02 -21.92 -7.93
N LEU F 88 5.98 -21.59 -7.04
CA LEU F 88 6.79 -20.39 -7.27
C LEU F 88 7.72 -20.56 -8.46
N LEU F 89 8.20 -21.77 -8.71
CA LEU F 89 9.01 -22.02 -9.89
C LEU F 89 8.18 -21.87 -11.16
N ASP F 90 7.01 -22.49 -11.20
CA ASP F 90 6.17 -22.42 -12.40
C ASP F 90 5.70 -20.99 -12.67
N GLU F 91 5.57 -20.17 -11.62
CA GLU F 91 5.21 -18.77 -11.83
C GLU F 91 6.35 -18.01 -12.48
N SER F 92 7.60 -18.28 -12.06
CA SER F 92 8.74 -17.65 -12.71
C SER F 92 8.98 -18.23 -14.10
N ARG F 93 8.69 -19.52 -14.29
CA ARG F 93 8.82 -20.12 -15.61
C ARG F 93 7.79 -19.54 -16.58
N ALA F 94 6.58 -19.28 -16.10
CA ALA F 94 5.56 -18.70 -16.97
C ALA F 94 5.87 -17.25 -17.32
N ALA F 95 6.49 -16.51 -16.40
CA ALA F 95 6.84 -15.12 -16.69
C ALA F 95 8.04 -15.01 -17.62
N VAL F 96 9.01 -15.91 -17.51
CA VAL F 96 10.17 -15.85 -18.37
C VAL F 96 9.86 -16.43 -19.75
N ALA F 97 8.93 -17.37 -19.84
CA ALA F 97 8.52 -17.89 -21.14
C ALA F 97 7.67 -16.88 -21.90
N ASN F 98 6.89 -16.07 -21.19
CA ASN F 98 6.11 -15.04 -21.85
C ASN F 98 7.01 -13.95 -22.43
N LEU F 99 8.11 -13.63 -21.75
CA LEU F 99 9.05 -12.64 -22.26
C LEU F 99 9.69 -13.13 -23.55
N LEU F 100 10.28 -14.33 -23.53
CA LEU F 100 10.96 -14.89 -24.69
C LEU F 100 9.99 -15.26 -25.80
N LYS F 101 8.68 -15.20 -25.56
CA LYS F 101 7.66 -15.62 -26.52
C LYS F 101 7.87 -17.07 -26.93
N VAL F 102 8.12 -17.91 -25.94
CA VAL F 102 8.28 -19.34 -26.13
C VAL F 102 7.26 -20.05 -25.24
N PRO F 103 6.95 -21.31 -25.53
CA PRO F 103 6.04 -22.04 -24.63
C PRO F 103 6.63 -22.20 -23.25
N VAL F 104 5.76 -22.35 -22.25
CA VAL F 104 6.22 -22.52 -20.89
C VAL F 104 6.77 -23.92 -20.66
N GLU F 105 6.38 -24.89 -21.47
CA GLU F 105 6.88 -26.26 -21.34
C GLU F 105 8.32 -26.40 -21.79
N THR F 106 8.93 -25.34 -22.34
CA THR F 106 10.27 -25.40 -22.88
C THR F 106 11.33 -24.78 -21.98
N VAL F 107 10.95 -24.16 -20.88
CA VAL F 107 11.87 -23.40 -20.05
C VAL F 107 11.94 -24.02 -18.66
N VAL F 108 13.17 -24.19 -18.16
CA VAL F 108 13.45 -24.54 -16.77
C VAL F 108 14.60 -23.65 -16.29
N PHE F 109 14.82 -23.66 -14.98
CA PHE F 109 15.86 -22.84 -14.37
C PHE F 109 16.99 -23.72 -13.85
N VAL F 110 18.22 -23.33 -14.14
CA VAL F 110 19.40 -23.98 -13.59
C VAL F 110 20.22 -22.95 -12.81
N ALA F 111 21.30 -23.40 -12.18
CA ALA F 111 22.04 -22.54 -11.27
C ALA F 111 22.68 -21.37 -12.01
N ASN F 112 23.32 -21.63 -13.14
CA ASN F 112 24.08 -20.60 -13.84
C ASN F 112 24.35 -21.06 -15.26
N ALA F 113 25.13 -20.26 -15.99
CA ALA F 113 25.44 -20.58 -17.37
C ALA F 113 26.43 -21.73 -17.47
N THR F 114 27.32 -21.87 -16.49
CA THR F 114 28.23 -23.01 -16.52
C THR F 114 27.48 -24.31 -16.28
N MET F 115 26.41 -24.28 -15.48
CA MET F 115 25.69 -25.50 -15.13
C MET F 115 24.94 -26.06 -16.33
N GLY F 116 24.23 -25.20 -17.07
CA GLY F 116 23.43 -25.69 -18.18
C GLY F 116 24.26 -26.12 -19.38
N VAL F 117 25.39 -25.45 -19.62
CA VAL F 117 26.32 -25.92 -20.63
C VAL F 117 26.80 -27.32 -20.28
N ASN F 118 27.07 -27.56 -19.00
CA ASN F 118 27.42 -28.91 -18.57
C ASN F 118 26.23 -29.86 -18.68
N THR F 119 25.01 -29.35 -18.52
CA THR F 119 23.83 -30.21 -18.62
C THR F 119 23.68 -30.78 -20.02
N VAL F 120 23.94 -29.96 -21.04
CA VAL F 120 23.86 -30.45 -22.42
C VAL F 120 25.03 -31.38 -22.72
N LEU F 121 26.26 -30.91 -22.51
CA LEU F 121 27.43 -31.65 -22.94
C LEU F 121 27.60 -32.98 -22.21
N ARG F 122 27.19 -33.06 -20.95
CA ARG F 122 27.36 -34.29 -20.19
C ARG F 122 26.27 -35.33 -20.47
N ASN F 123 25.14 -34.90 -21.02
CA ASN F 123 24.04 -35.82 -21.33
C ASN F 123 24.05 -36.32 -22.76
N ILE F 124 24.84 -35.71 -23.64
CA ILE F 124 24.87 -36.12 -25.04
C ILE F 124 25.42 -37.53 -25.16
N VAL F 125 24.71 -38.39 -25.88
CA VAL F 125 25.17 -39.72 -26.20
C VAL F 125 25.84 -39.66 -27.56
N TRP F 126 27.16 -39.84 -27.59
CA TRP F 126 27.94 -39.70 -28.81
C TRP F 126 27.93 -40.99 -29.61
N SER F 127 28.19 -40.85 -30.91
CA SER F 127 28.07 -41.98 -31.83
C SER F 127 29.12 -43.06 -31.52
N ALA F 128 28.70 -44.32 -31.67
CA ALA F 128 29.57 -45.44 -31.33
C ALA F 128 30.79 -45.55 -32.23
N ASP F 129 30.74 -45.01 -33.45
CA ASP F 129 31.91 -45.06 -34.32
C ASP F 129 33.01 -44.11 -33.90
N GLY F 130 32.78 -43.27 -32.89
CA GLY F 130 33.81 -42.38 -32.39
C GLY F 130 34.21 -41.27 -33.32
N LYS F 131 33.33 -40.89 -34.25
CA LYS F 131 33.64 -39.85 -35.22
C LYS F 131 32.96 -38.52 -34.89
N ASP F 132 32.32 -38.40 -33.74
CA ASP F 132 31.66 -37.15 -33.37
C ASP F 132 32.69 -36.10 -32.98
N GLU F 133 32.42 -34.85 -33.35
CA GLU F 133 33.27 -33.72 -33.01
C GLU F 133 32.42 -32.59 -32.45
N ILE F 134 32.99 -31.85 -31.50
CA ILE F 134 32.37 -30.65 -30.95
C ILE F 134 33.07 -29.45 -31.55
N LEU F 135 32.30 -28.60 -32.25
CA LEU F 135 32.84 -27.39 -32.83
C LEU F 135 32.62 -26.22 -31.89
N TYR F 136 33.63 -25.34 -31.80
CA TYR F 136 33.52 -24.15 -30.97
C TYR F 136 34.55 -23.14 -31.46
N PHE F 137 34.38 -21.91 -31.02
CA PHE F 137 35.27 -20.81 -31.38
C PHE F 137 36.19 -20.49 -30.21
N ASP F 138 37.36 -19.94 -30.54
CA ASP F 138 38.36 -19.68 -29.50
C ASP F 138 37.99 -18.51 -28.60
N THR F 139 36.86 -17.85 -28.85
CA THR F 139 36.31 -16.87 -27.93
C THR F 139 35.36 -17.48 -26.91
N ILE F 140 35.24 -18.82 -26.90
CA ILE F 140 34.34 -19.48 -25.97
C ILE F 140 34.76 -19.17 -24.54
N PHE F 141 33.77 -19.13 -23.64
CA PHE F 141 34.06 -18.90 -22.23
C PHE F 141 34.95 -20.01 -21.69
N GLY F 142 35.87 -19.63 -20.79
CA GLY F 142 36.86 -20.57 -20.32
C GLY F 142 36.25 -21.81 -19.69
N ALA F 143 35.22 -21.64 -18.86
CA ALA F 143 34.58 -22.79 -18.22
C ALA F 143 33.92 -23.68 -19.27
N CYS F 144 33.27 -23.09 -20.27
CA CYS F 144 32.66 -23.88 -21.33
C CYS F 144 33.71 -24.57 -22.18
N GLY F 145 34.87 -23.93 -22.38
CA GLY F 145 35.96 -24.61 -23.06
C GLY F 145 36.49 -25.78 -22.26
N LYS F 146 36.72 -25.58 -20.97
CA LYS F 146 37.21 -26.65 -20.11
C LYS F 146 36.16 -27.73 -19.88
N THR F 147 34.88 -27.40 -20.02
CA THR F 147 33.85 -28.43 -19.97
C THR F 147 33.94 -29.35 -21.17
N ILE F 148 34.17 -28.78 -22.36
CA ILE F 148 34.41 -29.58 -23.55
C ILE F 148 35.67 -30.44 -23.36
N ASP F 149 36.70 -29.87 -22.76
CA ASP F 149 37.94 -30.63 -22.53
C ASP F 149 37.70 -31.81 -21.59
N TYR F 150 36.92 -31.60 -20.52
CA TYR F 150 36.72 -32.68 -19.56
C TYR F 150 35.88 -33.82 -20.15
N VAL F 151 34.79 -33.48 -20.83
CA VAL F 151 33.91 -34.51 -21.39
C VAL F 151 34.70 -35.42 -22.33
N ILE F 152 35.58 -34.85 -23.15
CA ILE F 152 36.44 -35.65 -24.01
C ILE F 152 37.31 -36.58 -23.18
N GLU F 153 37.85 -36.07 -22.07
CA GLU F 153 38.71 -36.90 -21.22
C GLU F 153 37.91 -38.01 -20.56
N ASP F 154 36.70 -37.69 -20.08
CA ASP F 154 35.92 -38.66 -19.32
C ASP F 154 35.21 -39.66 -20.24
N LYS F 155 34.83 -39.26 -21.44
CA LYS F 155 34.23 -40.20 -22.38
C LYS F 155 35.27 -41.02 -23.15
N ARG F 156 36.56 -40.79 -22.89
CA ARG F 156 37.64 -41.59 -23.45
C ARG F 156 37.55 -41.66 -24.97
N GLY F 157 38.05 -40.61 -25.64
CA GLY F 157 38.30 -40.64 -27.07
C GLY F 157 37.12 -40.84 -28.00
N ILE F 158 35.93 -41.15 -27.47
CA ILE F 158 34.78 -41.38 -28.33
C ILE F 158 34.30 -40.08 -28.98
N VAL F 159 34.72 -38.93 -28.44
CA VAL F 159 34.39 -37.63 -29.01
C VAL F 159 35.65 -36.76 -28.95
N SER F 160 35.77 -35.86 -29.91
CA SER F 160 36.87 -34.90 -29.96
C SER F 160 36.29 -33.51 -30.21
N SER F 161 37.18 -32.51 -30.24
CA SER F 161 36.76 -31.13 -30.44
C SER F 161 37.61 -30.48 -31.51
N ARG F 162 37.07 -29.42 -32.10
CA ARG F 162 37.75 -28.67 -33.15
C ARG F 162 37.56 -27.18 -32.87
N CYS F 163 38.64 -26.49 -32.54
CA CYS F 163 38.59 -25.09 -32.17
C CYS F 163 38.70 -24.22 -33.42
N ILE F 164 37.76 -23.28 -33.56
CA ILE F 164 37.72 -22.37 -34.71
C ILE F 164 38.26 -21.00 -34.29
N PRO F 165 39.49 -20.66 -34.67
CA PRO F 165 40.04 -19.36 -34.25
C PRO F 165 39.32 -18.20 -34.92
N LEU F 166 39.18 -17.11 -34.18
CA LEU F 166 38.58 -15.88 -34.70
C LEU F 166 39.52 -14.71 -34.43
N ILE F 167 39.58 -13.78 -35.37
CA ILE F 167 40.38 -12.56 -35.26
C ILE F 167 39.44 -11.38 -35.19
N TYR F 168 39.49 -10.63 -34.09
CA TYR F 168 38.63 -9.48 -33.91
C TYR F 168 39.39 -8.16 -34.12
N PRO F 169 38.73 -7.14 -34.68
CA PRO F 169 37.32 -7.10 -35.11
C PRO F 169 36.99 -8.04 -36.26
N ALA F 170 36.01 -8.91 -36.03
CA ALA F 170 35.66 -9.96 -36.98
C ALA F 170 34.40 -9.58 -37.76
N GLU F 171 34.49 -9.69 -39.08
CA GLU F 171 33.30 -9.53 -39.91
C GLU F 171 32.39 -10.73 -39.74
N ASP F 172 31.08 -10.47 -39.83
CA ASP F 172 30.11 -11.55 -39.64
C ASP F 172 30.21 -12.59 -40.74
N ASP F 173 30.59 -12.19 -41.96
CA ASP F 173 30.79 -13.15 -43.03
C ASP F 173 32.02 -14.02 -42.77
N ASP F 174 33.08 -13.42 -42.25
CA ASP F 174 34.29 -14.19 -41.98
C ASP F 174 34.07 -15.21 -40.88
N VAL F 175 33.20 -14.90 -39.91
CA VAL F 175 32.87 -15.88 -38.87
C VAL F 175 32.09 -17.05 -39.48
N VAL F 176 31.12 -16.75 -40.34
CA VAL F 176 30.35 -17.80 -41.00
C VAL F 176 31.25 -18.65 -41.89
N ALA F 177 32.13 -18.00 -42.65
CA ALA F 177 32.98 -18.74 -43.58
C ALA F 177 33.96 -19.64 -42.84
N ALA F 178 34.44 -19.21 -41.67
CA ALA F 178 35.33 -20.05 -40.89
C ALA F 178 34.60 -21.23 -40.28
N PHE F 179 33.30 -21.08 -40.02
CA PHE F 179 32.51 -22.18 -39.49
C PHE F 179 32.17 -23.19 -40.58
N ARG F 180 31.76 -22.70 -41.76
CA ARG F 180 31.53 -23.60 -42.88
C ARG F 180 32.80 -24.34 -43.27
N ASP F 181 33.94 -23.63 -43.27
CA ASP F 181 35.21 -24.29 -43.51
C ASP F 181 35.51 -25.35 -42.45
N ALA F 182 35.07 -25.11 -41.21
CA ALA F 182 35.29 -26.09 -40.15
C ALA F 182 34.43 -27.33 -40.36
N ILE F 183 33.16 -27.15 -40.74
CA ILE F 183 32.31 -28.29 -41.07
C ILE F 183 32.87 -29.02 -42.28
N LYS F 184 33.22 -28.27 -43.32
CA LYS F 184 33.76 -28.87 -44.54
C LYS F 184 35.01 -29.69 -44.23
N LYS F 185 35.92 -29.14 -43.43
CA LYS F 185 37.16 -29.86 -43.15
C LYS F 185 36.90 -31.11 -42.32
N SER F 186 36.28 -30.94 -41.14
CA SER F 186 36.01 -32.02 -40.20
C SER F 186 35.69 -33.35 -40.86
N ARG F 187 34.90 -33.30 -41.93
CA ARG F 187 34.55 -34.53 -42.65
C ARG F 187 35.73 -35.08 -43.43
N GLU F 188 36.58 -34.21 -43.98
CA GLU F 188 37.72 -34.67 -44.77
C GLU F 188 38.69 -35.52 -43.94
N GLU F 189 38.65 -35.39 -42.61
CA GLU F 189 39.35 -36.29 -41.72
C GLU F 189 38.50 -37.49 -41.30
N GLY F 190 37.36 -37.69 -41.95
CA GLY F 190 36.46 -38.76 -41.55
C GLY F 190 35.68 -38.50 -40.29
N LYS F 191 35.73 -37.29 -39.74
CA LYS F 191 35.02 -36.95 -38.53
C LYS F 191 33.61 -36.47 -38.85
N ARG F 192 32.76 -36.47 -37.83
CA ARG F 192 31.37 -36.03 -37.95
C ARG F 192 31.14 -34.82 -37.07
N PRO F 193 30.97 -33.62 -37.63
CA PRO F 193 30.64 -32.46 -36.79
C PRO F 193 29.29 -32.63 -36.12
N ARG F 194 29.30 -33.04 -34.85
CA ARG F 194 28.09 -33.45 -34.15
C ARG F 194 27.38 -32.28 -33.48
N LEU F 195 28.12 -31.42 -32.78
CA LEU F 195 27.51 -30.37 -31.97
C LEU F 195 28.42 -29.15 -31.99
N ALA F 196 27.81 -27.96 -31.96
CA ALA F 196 28.54 -26.71 -31.95
C ALA F 196 28.06 -25.83 -30.81
N VAL F 197 29.00 -25.18 -30.12
CA VAL F 197 28.71 -24.23 -29.05
C VAL F 197 28.75 -22.83 -29.65
N ILE F 198 27.62 -22.13 -29.61
CA ILE F 198 27.45 -20.83 -30.28
C ILE F 198 27.08 -19.79 -29.23
N ASP F 199 27.76 -18.64 -29.28
CA ASP F 199 27.47 -17.54 -28.38
C ASP F 199 26.40 -16.63 -28.97
N VAL F 200 25.56 -16.09 -28.10
CA VAL F 200 24.74 -14.94 -28.49
C VAL F 200 25.58 -13.67 -28.44
N VAL F 201 26.07 -13.33 -27.24
CA VAL F 201 27.10 -12.31 -27.06
C VAL F 201 28.28 -13.00 -26.38
N SER F 202 29.48 -12.76 -26.91
CA SER F 202 30.67 -13.39 -26.34
C SER F 202 31.10 -12.68 -25.07
N SER F 203 31.94 -13.37 -24.29
CA SER F 203 32.39 -12.83 -23.01
C SER F 203 33.56 -11.88 -23.19
N MET F 204 34.71 -12.42 -23.59
CA MET F 204 35.92 -11.61 -23.78
C MET F 204 36.50 -11.82 -25.18
N PRO F 205 36.38 -10.82 -26.07
CA PRO F 205 35.74 -9.53 -25.79
C PRO F 205 34.21 -9.60 -25.84
N GLY F 206 33.56 -8.59 -25.28
CA GLY F 206 32.11 -8.57 -25.25
C GLY F 206 31.51 -8.02 -26.52
N VAL F 207 31.16 -8.90 -27.46
CA VAL F 207 30.66 -8.50 -28.77
C VAL F 207 29.45 -9.34 -29.13
N ARG F 208 28.55 -8.75 -29.91
CA ARG F 208 27.44 -9.50 -30.48
C ARG F 208 27.97 -10.50 -31.52
N PHE F 209 27.47 -11.73 -31.45
CA PHE F 209 27.90 -12.83 -32.29
C PHE F 209 26.81 -13.19 -33.29
N PRO F 210 27.15 -13.47 -34.55
CA PRO F 210 26.12 -13.80 -35.54
C PRO F 210 25.53 -15.19 -35.32
N PHE F 211 24.82 -15.37 -34.21
CA PHE F 211 24.32 -16.70 -33.87
C PHE F 211 23.17 -17.13 -34.77
N GLU F 212 22.46 -16.19 -35.40
CA GLU F 212 21.35 -16.57 -36.27
C GLU F 212 21.84 -17.34 -37.48
N ASP F 213 22.97 -16.93 -38.05
CA ASP F 213 23.50 -17.62 -39.23
C ASP F 213 24.06 -18.99 -38.87
N ILE F 214 24.72 -19.11 -37.72
CA ILE F 214 25.39 -20.35 -37.36
C ILE F 214 24.36 -21.42 -36.99
N VAL F 215 23.28 -21.03 -36.31
CA VAL F 215 22.22 -21.99 -36.00
C VAL F 215 21.52 -22.43 -37.28
N LYS F 216 21.31 -21.49 -38.21
CA LYS F 216 20.71 -21.85 -39.49
C LYS F 216 21.56 -22.86 -40.25
N ILE F 217 22.89 -22.71 -40.18
CA ILE F 217 23.78 -23.67 -40.83
C ILE F 217 23.82 -24.98 -40.07
N CYS F 218 23.73 -24.92 -38.74
CA CYS F 218 23.67 -26.16 -37.94
C CYS F 218 22.48 -27.01 -38.34
N LYS F 219 21.33 -26.38 -38.60
CA LYS F 219 20.16 -27.13 -39.04
C LYS F 219 20.39 -27.73 -40.43
N GLU F 220 21.00 -26.95 -41.34
CA GLU F 220 21.26 -27.47 -42.68
C GLU F 220 22.17 -28.71 -42.63
N GLU F 221 23.12 -28.72 -41.70
CA GLU F 221 24.09 -29.80 -41.59
C GLU F 221 23.76 -30.79 -40.47
N GLU F 222 22.55 -30.70 -39.90
CA GLU F 222 22.09 -31.64 -38.88
C GLU F 222 23.04 -31.65 -37.67
N ILE F 223 23.51 -30.47 -37.27
CA ILE F 223 24.40 -30.32 -36.13
C ILE F 223 23.59 -29.73 -34.97
N ILE F 224 23.78 -30.30 -33.78
CA ILE F 224 23.10 -29.78 -32.59
C ILE F 224 23.63 -28.39 -32.30
N SER F 225 22.75 -27.41 -32.25
CA SER F 225 23.10 -26.04 -31.89
C SER F 225 22.94 -25.89 -30.38
N CYS F 226 24.06 -25.75 -29.68
CA CYS F 226 24.09 -25.54 -28.23
C CYS F 226 24.50 -24.09 -27.98
N VAL F 227 23.51 -23.23 -27.77
CA VAL F 227 23.72 -21.79 -27.76
C VAL F 227 24.03 -21.32 -26.34
N ASP F 228 25.27 -20.88 -26.12
CA ASP F 228 25.67 -20.26 -24.86
C ASP F 228 25.31 -18.78 -24.93
N GLY F 229 24.12 -18.45 -24.45
CA GLY F 229 23.67 -17.07 -24.45
C GLY F 229 23.65 -16.47 -23.06
N ALA F 230 24.69 -16.76 -22.26
CA ALA F 230 24.79 -16.20 -20.92
C ALA F 230 24.66 -14.69 -20.95
N GLN F 231 25.41 -14.04 -21.83
CA GLN F 231 25.24 -12.61 -22.11
C GLN F 231 24.07 -12.47 -23.07
N GLY F 232 22.86 -12.61 -22.54
CA GLY F 232 21.68 -12.64 -23.39
C GLY F 232 20.44 -12.00 -22.82
N ILE F 233 19.71 -12.74 -21.99
CA ILE F 233 18.38 -12.32 -21.57
C ILE F 233 18.46 -11.00 -20.81
N GLY F 234 17.52 -10.10 -21.10
CA GLY F 234 17.51 -8.78 -20.54
C GLY F 234 18.41 -7.78 -21.25
N MET F 235 19.23 -8.22 -22.20
CA MET F 235 20.14 -7.34 -22.91
C MET F 235 19.89 -7.32 -24.41
N VAL F 236 19.70 -8.48 -25.04
CA VAL F 236 19.45 -8.56 -26.48
C VAL F 236 18.28 -9.51 -26.71
N ASP F 237 17.57 -9.26 -27.82
CA ASP F 237 16.52 -10.17 -28.26
C ASP F 237 17.16 -11.49 -28.67
N LEU F 238 16.74 -12.59 -28.04
CA LEU F 238 17.29 -13.89 -28.37
C LEU F 238 16.63 -14.51 -29.60
N LYS F 239 15.45 -14.03 -29.98
CA LYS F 239 14.73 -14.50 -31.17
C LYS F 239 14.70 -16.02 -31.21
N ILE F 240 14.20 -16.61 -30.13
CA ILE F 240 14.28 -18.06 -29.95
C ILE F 240 13.42 -18.78 -30.98
N THR F 241 12.19 -18.31 -31.18
CA THR F 241 11.28 -18.97 -32.11
C THR F 241 11.81 -18.92 -33.54
N GLU F 242 12.48 -17.83 -33.92
CA GLU F 242 13.00 -17.72 -35.28
C GLU F 242 14.20 -18.64 -35.48
N THR F 243 15.24 -18.47 -34.67
CA THR F 243 16.43 -19.30 -34.83
C THR F 243 16.18 -20.76 -34.48
N ASP F 244 15.30 -21.01 -33.51
CA ASP F 244 14.90 -22.35 -33.07
C ASP F 244 16.10 -23.22 -32.74
N PRO F 245 16.85 -22.90 -31.69
CA PRO F 245 18.00 -23.73 -31.33
C PRO F 245 17.57 -25.06 -30.73
N ASP F 246 18.53 -25.98 -30.64
CA ASP F 246 18.27 -27.25 -29.97
C ASP F 246 18.42 -27.12 -28.46
N PHE F 247 19.38 -26.31 -28.03
CA PHE F 247 19.54 -25.95 -26.63
C PHE F 247 19.98 -24.50 -26.57
N LEU F 248 19.60 -23.82 -25.49
CA LEU F 248 20.02 -22.44 -25.30
C LEU F 248 20.03 -22.10 -23.82
N ILE F 249 21.07 -21.39 -23.41
CA ILE F 249 21.27 -20.97 -22.03
C ILE F 249 21.29 -19.46 -21.97
N SER F 250 21.02 -18.92 -20.79
CA SER F 250 21.08 -17.48 -20.58
C SER F 250 20.99 -17.12 -19.09
N ASN F 251 21.91 -16.29 -18.62
CA ASN F 251 21.98 -15.92 -17.21
C ASN F 251 20.98 -14.80 -16.92
N CYS F 252 19.97 -15.11 -16.11
CA CYS F 252 19.04 -14.07 -15.70
C CYS F 252 19.70 -13.06 -14.76
N HIS F 253 20.71 -13.49 -14.01
CA HIS F 253 21.32 -12.61 -13.02
C HIS F 253 22.29 -11.61 -13.66
N1 LLP F 254 29.62 -18.07 -20.92
C2 LLP F 254 29.50 -16.76 -21.19
C2' LLP F 254 29.47 -16.26 -22.68
C3 LLP F 254 29.40 -15.82 -20.13
O3 LLP F 254 29.27 -14.45 -20.41
C4 LLP F 254 29.42 -16.24 -18.81
C4' LLP F 254 29.29 -15.11 -17.66
C5 LLP F 254 29.54 -17.56 -18.53
C6 LLP F 254 29.64 -18.49 -19.58
C5' LLP F 254 29.57 -18.06 -17.06
OP4 LLP F 254 28.31 -17.89 -16.46
P LLP F 254 28.14 -18.29 -14.99
OP1 LLP F 254 29.24 -17.61 -14.15
OP2 LLP F 254 28.26 -19.76 -14.85
OP3 LLP F 254 26.79 -17.85 -14.54
N LLP F 254 22.60 -11.81 -14.93
CA LLP F 254 23.56 -10.94 -15.62
CB LLP F 254 24.25 -11.68 -16.74
CG LLP F 254 25.66 -12.07 -16.29
CD LLP F 254 26.44 -12.68 -17.47
CE LLP F 254 27.70 -13.42 -16.96
NZ LLP F 254 28.27 -14.19 -18.08
C LLP F 254 22.90 -9.68 -16.11
O LLP F 254 23.44 -8.61 -15.91
N TRP F 255 21.73 -9.80 -16.74
CA TRP F 255 21.10 -8.62 -17.35
C TRP F 255 19.59 -8.53 -17.17
N LEU F 256 19.01 -9.40 -16.33
CA LEU F 256 17.58 -9.35 -16.05
C LEU F 256 17.28 -8.88 -14.63
N PHE F 257 18.27 -8.35 -13.92
CA PHE F 257 18.10 -7.82 -12.56
C PHE F 257 17.58 -8.89 -11.60
N THR F 258 17.86 -10.14 -11.89
CA THR F 258 17.53 -11.33 -11.10
C THR F 258 18.66 -11.63 -10.12
N PRO F 259 18.34 -12.02 -8.87
CA PRO F 259 19.40 -12.33 -7.90
C PRO F 259 20.42 -13.32 -8.41
N ARG F 260 21.62 -13.27 -7.82
CA ARG F 260 22.75 -14.03 -8.32
C ARG F 260 22.49 -15.52 -8.21
N GLY F 261 22.91 -16.26 -9.24
CA GLY F 261 22.71 -17.69 -9.30
C GLY F 261 21.40 -18.06 -9.94
N CYS F 262 21.17 -17.62 -11.17
CA CYS F 262 19.95 -17.97 -11.89
C CYS F 262 20.18 -17.87 -13.39
N ALA F 263 19.87 -18.95 -14.11
CA ALA F 263 19.93 -18.96 -15.56
C ALA F 263 18.67 -19.62 -16.10
N VAL F 264 18.15 -19.08 -17.20
CA VAL F 264 16.99 -19.66 -17.86
C VAL F 264 17.47 -20.63 -18.93
N PHE F 265 16.74 -21.73 -19.08
CA PHE F 265 17.17 -22.84 -19.93
C PHE F 265 16.00 -23.23 -20.84
N TYR F 266 16.18 -23.03 -22.15
CA TYR F 266 15.17 -23.35 -23.14
C TYR F 266 15.54 -24.64 -23.86
N VAL F 267 14.59 -25.58 -23.91
CA VAL F 267 14.72 -26.78 -24.74
C VAL F 267 13.41 -26.94 -25.50
N PRO F 268 13.42 -27.01 -26.82
CA PRO F 268 12.21 -27.41 -27.54
C PRO F 268 11.82 -28.82 -27.13
N VAL F 269 10.52 -29.11 -27.20
CA VAL F 269 10.02 -30.41 -26.79
C VAL F 269 10.71 -31.54 -27.54
N ARG F 270 11.22 -31.26 -28.74
CA ARG F 270 11.82 -32.31 -29.57
C ARG F 270 13.05 -32.92 -28.91
N ASN F 271 13.78 -32.16 -28.11
CA ASN F 271 15.07 -32.61 -27.59
C ASN F 271 15.11 -32.78 -26.09
N GLN F 272 14.00 -32.58 -25.38
CA GLN F 272 14.01 -32.71 -23.93
C GLN F 272 14.31 -34.14 -23.50
N HIS F 273 14.04 -35.13 -24.35
CA HIS F 273 14.36 -36.51 -24.02
C HIS F 273 15.86 -36.77 -24.00
N LEU F 274 16.65 -35.95 -24.71
CA LEU F 274 18.10 -36.12 -24.68
C LEU F 274 18.70 -35.65 -23.37
N ILE F 275 17.96 -34.87 -22.58
CA ILE F 275 18.40 -34.49 -21.23
C ILE F 275 17.92 -35.59 -20.30
N ARG F 276 18.73 -36.64 -20.18
CA ARG F 276 18.35 -37.78 -19.35
C ARG F 276 18.41 -37.42 -17.87
N SER F 277 19.46 -36.73 -17.44
CA SER F 277 19.68 -36.42 -16.04
C SER F 277 20.01 -34.95 -15.87
N THR F 278 19.49 -34.36 -14.80
CA THR F 278 19.92 -33.03 -14.40
C THR F 278 21.31 -33.11 -13.77
N LEU F 279 21.89 -31.94 -13.52
CA LEU F 279 23.14 -31.87 -12.78
C LEU F 279 22.89 -31.14 -11.46
N PRO F 280 22.98 -31.87 -10.34
CA PRO F 280 23.29 -33.29 -10.29
C PRO F 280 22.07 -34.16 -10.54
N THR F 281 22.27 -35.48 -10.60
CA THR F 281 21.16 -36.41 -10.74
C THR F 281 20.39 -36.47 -9.42
N SER F 282 19.08 -36.25 -9.48
CA SER F 282 18.26 -36.17 -8.28
C SER F 282 17.05 -37.11 -8.44
N HIS F 283 15.99 -36.81 -7.69
CA HIS F 283 14.84 -37.72 -7.62
C HIS F 283 14.08 -37.78 -8.94
N GLY F 284 14.03 -36.68 -9.68
CA GLY F 284 13.25 -36.64 -10.90
C GLY F 284 13.77 -37.49 -12.03
N PHE F 285 14.92 -38.14 -11.88
CA PHE F 285 15.47 -38.97 -12.94
C PHE F 285 14.76 -40.32 -12.99
N VAL F 286 14.29 -40.68 -14.17
CA VAL F 286 13.65 -41.98 -14.40
C VAL F 286 14.62 -42.86 -15.17
N PRO F 287 15.05 -43.99 -14.61
CA PRO F 287 16.03 -44.83 -15.32
C PRO F 287 15.38 -45.81 -16.27
N GLN F 288 16.17 -46.24 -17.25
CA GLN F 288 15.94 -47.53 -17.88
C GLN F 288 16.28 -48.56 -16.81
N VAL F 289 15.32 -48.80 -15.91
CA VAL F 289 15.63 -49.53 -14.68
C VAL F 289 16.23 -50.86 -15.02
N GLY F 290 17.41 -51.11 -14.48
CA GLY F 290 18.19 -52.26 -14.87
C GLY F 290 18.02 -52.33 -16.37
N LYS F 302 2.08 -31.95 -16.08
CA LYS F 302 3.43 -31.40 -16.18
C LYS F 302 4.40 -32.46 -16.69
N SER F 303 5.25 -32.07 -17.65
CA SER F 303 6.15 -33.02 -18.27
C SER F 303 7.21 -33.51 -17.28
N ALA F 304 7.81 -34.65 -17.60
CA ALA F 304 8.89 -35.19 -16.76
C ALA F 304 10.14 -34.34 -16.86
N PHE F 305 10.36 -33.67 -18.00
CA PHE F 305 11.53 -32.82 -18.15
C PHE F 305 11.50 -31.66 -17.17
N VAL F 306 10.37 -30.96 -17.09
CA VAL F 306 10.25 -29.85 -16.14
C VAL F 306 10.32 -30.36 -14.71
N SER F 307 9.63 -31.48 -14.42
CA SER F 307 9.60 -32.00 -13.06
C SER F 307 11.00 -32.39 -12.57
N ASN F 308 11.87 -32.83 -13.47
CA ASN F 308 13.20 -33.26 -13.06
C ASN F 308 14.06 -32.09 -12.60
N PHE F 309 13.73 -30.86 -12.99
CA PHE F 309 14.50 -29.69 -12.61
C PHE F 309 13.92 -28.97 -11.40
N GLU F 310 12.83 -29.47 -10.82
CA GLU F 310 12.26 -28.82 -9.65
C GLU F 310 13.14 -29.01 -8.42
N PHE F 311 13.53 -30.26 -8.14
CA PHE F 311 14.37 -30.60 -7.00
C PHE F 311 15.61 -31.30 -7.51
N VAL F 312 16.75 -30.61 -7.44
CA VAL F 312 18.01 -31.13 -7.97
C VAL F 312 19.10 -31.01 -6.91
N GLY F 313 18.72 -31.18 -5.65
CA GLY F 313 19.65 -30.97 -4.55
C GLY F 313 19.23 -29.74 -3.77
N THR F 314 19.37 -29.82 -2.45
CA THR F 314 18.87 -28.76 -1.57
C THR F 314 19.69 -27.48 -1.75
N VAL F 315 19.03 -26.42 -2.22
CA VAL F 315 19.66 -25.14 -2.48
C VAL F 315 18.67 -24.04 -2.10
N ASP F 316 19.15 -22.81 -2.10
CA ASP F 316 18.28 -21.64 -1.91
C ASP F 316 17.80 -21.21 -3.28
N ASN F 317 16.53 -21.52 -3.59
CA ASN F 317 15.94 -21.19 -4.87
C ASN F 317 15.26 -19.84 -4.88
N SER F 318 15.55 -18.98 -3.89
CA SER F 318 15.03 -17.62 -3.90
C SER F 318 15.44 -16.83 -5.14
N PRO F 319 16.66 -16.99 -5.70
CA PRO F 319 16.93 -16.35 -6.99
C PRO F 319 15.94 -16.75 -8.08
N PHE F 320 15.60 -18.03 -8.18
CA PHE F 320 14.65 -18.46 -9.21
C PHE F 320 13.29 -17.83 -9.00
N PHE F 321 12.87 -17.70 -7.73
CA PHE F 321 11.55 -17.16 -7.43
C PHE F 321 11.44 -15.69 -7.81
N CYS F 322 12.56 -14.96 -7.74
CA CYS F 322 12.54 -13.53 -8.03
C CYS F 322 12.53 -13.20 -9.51
N VAL F 323 12.64 -14.20 -10.38
CA VAL F 323 12.63 -13.94 -11.83
C VAL F 323 11.34 -13.23 -12.22
N LYS F 324 10.21 -13.75 -11.75
CA LYS F 324 8.92 -13.11 -12.05
C LYS F 324 8.86 -11.70 -11.50
N ASP F 325 9.50 -11.45 -10.36
CA ASP F 325 9.49 -10.12 -9.76
C ASP F 325 10.40 -9.16 -10.51
N ALA F 326 11.55 -9.64 -10.97
CA ALA F 326 12.46 -8.77 -11.73
C ALA F 326 11.87 -8.39 -13.07
N ILE F 327 11.15 -9.32 -13.71
CA ILE F 327 10.50 -9.00 -14.98
C ILE F 327 9.37 -7.99 -14.74
N LYS F 328 8.59 -8.19 -13.68
CA LYS F 328 7.52 -7.25 -13.37
C LYS F 328 8.06 -5.89 -12.96
N TRP F 329 9.15 -5.87 -12.20
CA TRP F 329 9.75 -4.60 -11.79
C TRP F 329 10.34 -3.87 -12.99
N ARG F 330 10.92 -4.60 -13.94
CA ARG F 330 11.46 -3.97 -15.14
C ARG F 330 10.35 -3.44 -16.04
N GLU F 331 9.19 -4.10 -16.03
CA GLU F 331 8.08 -3.66 -16.87
C GLU F 331 7.36 -2.44 -16.29
N GLU F 332 7.16 -2.41 -14.97
CA GLU F 332 6.33 -1.40 -14.34
C GLU F 332 7.13 -0.22 -13.81
N VAL F 333 8.25 -0.46 -13.13
CA VAL F 333 9.08 0.63 -12.66
C VAL F 333 9.88 1.25 -13.80
N LEU F 334 10.61 0.42 -14.53
CA LEU F 334 11.25 0.86 -15.77
C LEU F 334 10.27 0.71 -16.93
N GLY F 335 10.66 1.20 -18.10
CA GLY F 335 9.74 1.27 -19.21
C GLY F 335 9.45 -0.05 -19.91
N GLY F 336 10.17 -1.11 -19.58
CA GLY F 336 10.03 -2.39 -20.24
C GLY F 336 11.34 -2.86 -20.84
N GLU F 337 11.29 -4.05 -21.45
CA GLU F 337 12.49 -4.67 -21.96
C GLU F 337 13.09 -3.88 -23.12
N GLU F 338 12.27 -3.52 -24.10
CA GLU F 338 12.79 -2.83 -25.28
C GLU F 338 13.32 -1.45 -24.92
N ARG F 339 12.65 -0.76 -24.00
CA ARG F 339 13.17 0.53 -23.54
C ARG F 339 14.49 0.36 -22.80
N ILE F 340 14.64 -0.73 -22.07
CA ILE F 340 15.89 -1.01 -21.37
C ILE F 340 17.00 -1.36 -22.35
N MET F 341 16.77 -2.39 -23.18
CA MET F 341 17.80 -2.86 -24.10
C MET F 341 18.26 -1.74 -25.03
N GLU F 342 17.32 -0.95 -25.53
CA GLU F 342 17.66 0.12 -26.46
C GLU F 342 18.56 1.16 -25.79
N TYR F 343 18.23 1.56 -24.57
CA TYR F 343 19.06 2.56 -23.88
C TYR F 343 20.50 2.09 -23.73
N MET F 344 20.70 0.82 -23.37
CA MET F 344 22.03 0.35 -23.00
C MET F 344 22.93 0.15 -24.21
N THR F 345 22.37 -0.32 -25.33
CA THR F 345 23.17 -0.46 -26.54
C THR F 345 23.57 0.90 -27.09
N LYS F 346 22.64 1.85 -27.10
CA LYS F 346 22.97 3.21 -27.54
C LYS F 346 24.08 3.81 -26.69
N LEU F 347 23.95 3.70 -25.36
CA LEU F 347 24.98 4.21 -24.46
C LEU F 347 26.30 3.46 -24.63
N ALA F 348 26.25 2.19 -25.01
CA ALA F 348 27.49 1.44 -25.24
C ALA F 348 28.22 1.95 -26.48
N ARG F 349 27.48 2.29 -27.53
CA ARG F 349 28.09 2.89 -28.71
C ARG F 349 28.64 4.27 -28.40
N GLU F 350 27.77 5.16 -27.93
CA GLU F 350 28.17 6.54 -27.70
C GLU F 350 29.16 6.66 -26.54
N GLY F 351 28.90 5.94 -25.44
CA GLY F 351 29.85 5.93 -24.35
C GLY F 351 31.18 5.31 -24.72
N GLY F 352 31.13 4.17 -25.42
CA GLY F 352 32.36 3.56 -25.90
C GLY F 352 33.11 4.46 -26.87
N GLN F 353 32.38 5.10 -27.78
CA GLN F 353 33.02 6.07 -28.68
C GLN F 353 33.62 7.23 -27.90
N LYS F 354 32.99 7.63 -26.79
CA LYS F 354 33.55 8.71 -25.98
C LYS F 354 34.86 8.29 -25.32
N VAL F 355 34.97 7.02 -24.92
CA VAL F 355 36.19 6.53 -24.31
C VAL F 355 37.32 6.48 -25.33
N ALA F 356 37.01 6.02 -26.55
CA ALA F 356 38.04 5.94 -27.59
C ALA F 356 38.55 7.32 -27.96
N GLU F 357 37.68 8.34 -27.93
CA GLU F 357 38.13 9.70 -28.17
C GLU F 357 39.06 10.18 -27.06
N ILE F 358 38.72 9.88 -25.81
CA ILE F 358 39.58 10.27 -24.69
C ILE F 358 40.92 9.55 -24.77
N LEU F 359 40.88 8.23 -25.01
CA LEU F 359 42.10 7.45 -25.14
C LEU F 359 42.81 7.66 -26.47
N GLY F 360 42.16 8.27 -27.45
CA GLY F 360 42.75 8.42 -28.76
C GLY F 360 42.82 7.14 -29.57
N THR F 361 42.10 6.10 -29.16
CA THR F 361 42.13 4.82 -29.85
C THR F 361 40.81 4.55 -30.55
N ARG F 362 40.35 3.30 -30.51
CA ARG F 362 39.15 2.91 -31.25
C ARG F 362 38.35 1.91 -30.43
N VAL F 363 37.05 1.87 -30.74
CA VAL F 363 36.21 0.80 -30.21
C VAL F 363 36.37 -0.45 -31.07
N LEU F 364 35.97 -1.59 -30.52
CA LEU F 364 36.00 -2.85 -31.24
C LEU F 364 34.72 -2.98 -32.05
N GLU F 365 34.82 -2.85 -33.37
CA GLU F 365 33.65 -2.84 -34.23
C GLU F 365 34.06 -3.27 -35.63
N ASN F 366 33.17 -3.97 -36.31
CA ASN F 366 33.42 -4.42 -37.68
C ASN F 366 32.80 -3.44 -38.67
N SER F 367 32.96 -3.74 -39.96
CA SER F 367 32.48 -2.85 -41.01
C SER F 367 30.95 -2.77 -41.05
N THR F 368 30.25 -3.75 -40.46
CA THR F 368 28.80 -3.75 -40.46
C THR F 368 28.21 -2.98 -39.27
N GLY F 369 29.02 -2.63 -38.28
CA GLY F 369 28.49 -2.05 -37.07
C GLY F 369 27.66 -3.03 -36.26
N THR F 370 27.95 -4.33 -36.36
CA THR F 370 27.15 -5.37 -35.74
C THR F 370 27.76 -5.94 -34.48
N LEU F 371 29.00 -5.55 -34.13
CA LEU F 371 29.60 -6.08 -32.90
C LEU F 371 28.97 -5.45 -31.66
N ILE F 372 28.78 -4.13 -31.67
CA ILE F 372 28.18 -3.46 -30.52
C ILE F 372 26.67 -3.45 -30.68
N ARG F 373 26.08 -4.63 -30.85
CA ARG F 373 24.64 -4.81 -30.79
C ARG F 373 24.20 -5.36 -29.43
N CYS F 374 24.95 -5.02 -28.38
CA CYS F 374 24.64 -5.43 -27.01
C CYS F 374 24.91 -4.22 -26.12
N ALA F 375 24.87 -4.45 -24.81
CA ALA F 375 25.10 -3.39 -23.83
C ALA F 375 26.56 -3.25 -23.43
N MET F 376 27.48 -3.89 -24.15
CA MET F 376 28.88 -3.90 -23.79
C MET F 376 29.73 -3.47 -24.99
N VAL F 377 30.88 -2.86 -24.70
CA VAL F 377 31.74 -2.27 -25.71
C VAL F 377 33.19 -2.45 -25.29
N ASN F 378 34.06 -2.62 -26.28
CA ASN F 378 35.49 -2.74 -26.05
C ASN F 378 36.20 -1.53 -26.65
N ILE F 379 37.21 -1.03 -25.94
CA ILE F 379 38.05 0.06 -26.41
C ILE F 379 39.50 -0.35 -26.24
N ALA F 380 40.29 -0.16 -27.30
CA ALA F 380 41.70 -0.50 -27.24
C ALA F 380 42.44 0.46 -26.34
N LEU F 381 43.39 -0.07 -25.57
CA LEU F 381 44.20 0.79 -24.73
C LEU F 381 45.40 1.32 -25.53
N PRO F 382 45.84 2.62 -25.25
CA PRO F 382 46.88 3.26 -26.07
C PRO F 382 48.29 2.76 -25.77
N PHE F 383 48.49 1.45 -25.91
CA PHE F 383 49.82 0.86 -25.88
C PHE F 383 49.76 -0.49 -26.59
N VAL F 384 50.92 -1.16 -26.66
CA VAL F 384 51.07 -2.42 -27.37
C VAL F 384 52.02 -3.30 -26.55
N VAL F 385 51.88 -4.62 -26.73
CA VAL F 385 52.59 -5.61 -25.94
C VAL F 385 53.76 -6.17 -26.73
N GLY F 386 54.86 -6.46 -26.04
CA GLY F 386 56.02 -7.09 -26.65
C GLY F 386 55.77 -8.53 -27.02
N GLU F 387 56.82 -9.18 -27.51
CA GLU F 387 56.67 -10.39 -28.32
C GLU F 387 57.06 -11.65 -27.56
N ASP F 388 56.08 -12.52 -27.36
CA ASP F 388 56.32 -13.92 -27.03
C ASP F 388 57.10 -14.51 -28.20
N PRO F 389 58.40 -14.74 -28.04
CA PRO F 389 59.19 -15.29 -29.16
C PRO F 389 58.78 -16.71 -29.52
N LYS F 390 57.94 -17.34 -28.69
CA LYS F 390 57.46 -18.70 -28.94
C LYS F 390 55.98 -18.73 -29.27
N ALA F 391 55.38 -17.58 -29.54
CA ALA F 391 54.01 -17.51 -30.04
C ALA F 391 53.79 -16.21 -30.81
N PRO F 392 54.52 -15.99 -31.91
CA PRO F 392 54.40 -14.71 -32.62
C PRO F 392 53.06 -14.56 -33.29
N VAL F 393 52.62 -13.31 -33.41
CA VAL F 393 51.34 -12.97 -34.03
C VAL F 393 51.62 -12.07 -35.23
N LYS F 394 51.30 -12.56 -36.42
CA LYS F 394 51.45 -11.78 -37.65
C LYS F 394 50.32 -10.76 -37.72
N LEU F 395 50.64 -9.48 -37.54
CA LEU F 395 49.64 -8.43 -37.54
C LEU F 395 49.39 -7.92 -38.96
N THR F 396 48.12 -7.66 -39.26
CA THR F 396 47.78 -6.94 -40.48
C THR F 396 48.38 -5.54 -40.43
N GLU F 397 48.59 -4.96 -41.61
CA GLU F 397 49.18 -3.61 -41.65
C GLU F 397 48.24 -2.58 -41.06
N LYS F 398 46.93 -2.81 -41.14
CA LYS F 398 45.98 -1.94 -40.46
C LYS F 398 46.12 -2.04 -38.94
N GLU F 399 46.51 -3.21 -38.43
CA GLU F 399 46.82 -3.34 -37.02
C GLU F 399 48.21 -2.80 -36.70
N GLU F 400 49.12 -2.84 -37.66
CA GLU F 400 50.46 -2.28 -37.43
C GLU F 400 50.41 -0.76 -37.45
N LYS F 401 49.66 -0.17 -38.38
CA LYS F 401 49.57 1.28 -38.44
C LYS F 401 48.83 1.84 -37.24
N ASP F 402 47.86 1.09 -36.70
CA ASP F 402 47.09 1.54 -35.55
C ASP F 402 47.93 1.57 -34.27
N VAL F 403 49.14 1.01 -34.31
CA VAL F 403 50.01 0.94 -33.14
C VAL F 403 51.22 1.86 -33.25
N GLU F 404 51.51 2.41 -34.43
CA GLU F 404 52.60 3.35 -34.62
C GLU F 404 52.63 4.40 -33.52
N GLY F 405 53.78 4.52 -32.87
CA GLY F 405 53.98 5.51 -31.83
C GLY F 405 53.51 5.11 -30.45
N LEU F 406 52.84 3.97 -30.30
CA LEU F 406 52.40 3.54 -28.98
C LEU F 406 53.59 3.03 -28.16
N TYR F 407 53.58 3.35 -26.87
CA TYR F 407 54.52 2.73 -25.94
C TYR F 407 54.31 1.22 -25.95
N GLU F 408 55.42 0.48 -25.87
CA GLU F 408 55.38 -0.97 -25.94
C GLU F 408 55.85 -1.58 -24.62
N ILE F 409 55.05 -2.50 -24.09
CA ILE F 409 55.43 -3.30 -22.93
C ILE F 409 56.03 -4.60 -23.43
N PRO F 410 57.20 -5.03 -22.94
CA PRO F 410 57.71 -6.35 -23.32
C PRO F 410 56.74 -7.45 -22.91
N HIS F 411 56.76 -8.56 -23.65
CA HIS F 411 55.81 -9.64 -23.40
C HIS F 411 56.00 -10.23 -22.02
N GLU F 412 57.25 -10.31 -21.55
CA GLU F 412 57.50 -10.88 -20.22
C GLU F 412 56.85 -10.06 -19.12
N GLU F 413 56.64 -8.76 -19.35
CA GLU F 413 56.00 -7.89 -18.38
C GLU F 413 54.53 -7.64 -18.69
N ALA F 414 53.96 -8.36 -19.67
CA ALA F 414 52.57 -8.12 -20.04
C ALA F 414 51.61 -8.59 -18.95
N ASN F 415 51.85 -9.78 -18.40
CA ASN F 415 50.97 -10.28 -17.35
C ASN F 415 51.11 -9.46 -16.08
N MET F 416 52.33 -9.00 -15.78
CA MET F 416 52.55 -8.18 -14.58
C MET F 416 51.82 -6.84 -14.70
N ALA F 417 51.88 -6.21 -15.88
CA ALA F 417 51.12 -4.98 -16.08
C ALA F 417 49.63 -5.24 -16.01
N PHE F 418 49.19 -6.43 -16.43
CA PHE F 418 47.77 -6.78 -16.34
C PHE F 418 47.32 -6.85 -14.89
N LYS F 419 48.14 -7.42 -14.01
CA LYS F 419 47.78 -7.51 -12.59
C LYS F 419 47.74 -6.13 -11.95
N TRP F 420 48.72 -5.29 -12.27
CA TRP F 420 48.80 -3.97 -11.65
C TRP F 420 47.58 -3.13 -11.98
N MET F 421 47.09 -3.24 -13.21
CA MET F 421 45.94 -2.42 -13.61
C MET F 421 44.66 -2.86 -12.91
N TYR F 422 44.48 -4.17 -12.72
CA TYR F 422 43.30 -4.64 -12.00
C TYR F 422 43.31 -4.17 -10.56
N ASN F 423 44.48 -4.17 -9.91
CA ASN F 423 44.56 -3.76 -8.52
C ASN F 423 44.30 -2.27 -8.37
N VAL F 424 44.98 -1.45 -9.19
CA VAL F 424 44.88 0.00 -9.05
C VAL F 424 43.45 0.47 -9.33
N LEU F 425 42.80 -0.11 -10.33
CA LEU F 425 41.43 0.28 -10.64
C LEU F 425 40.50 0.06 -9.46
N GLN F 426 40.78 -0.94 -8.62
CA GLN F 426 39.97 -1.21 -7.45
C GLN F 426 40.46 -0.44 -6.22
N ASP F 427 41.77 -0.43 -5.98
CA ASP F 427 42.31 0.15 -4.76
C ASP F 427 42.36 1.67 -4.80
N GLU F 428 42.58 2.25 -5.98
CA GLU F 428 42.69 3.71 -6.12
C GLU F 428 41.47 4.34 -6.77
N PHE F 429 40.87 3.69 -7.76
CA PHE F 429 39.74 4.26 -8.48
C PHE F 429 38.40 3.66 -8.08
N ASN F 430 38.40 2.60 -7.27
CA ASN F 430 37.19 1.96 -6.78
C ASN F 430 36.24 1.61 -7.92
N THR F 431 36.77 0.86 -8.88
CA THR F 431 36.01 0.32 -9.99
C THR F 431 36.70 -0.96 -10.45
N PHE F 432 36.12 -1.61 -11.45
CA PHE F 432 36.74 -2.80 -12.03
C PHE F 432 36.43 -2.81 -13.51
N VAL F 433 37.47 -3.02 -14.32
CA VAL F 433 37.33 -3.04 -15.77
C VAL F 433 38.01 -4.30 -16.31
N PRO F 434 37.27 -5.26 -16.84
CA PRO F 434 37.90 -6.42 -17.46
C PRO F 434 38.55 -6.06 -18.79
N MET F 435 39.66 -6.71 -19.08
CA MET F 435 40.42 -6.43 -20.29
C MET F 435 40.69 -7.73 -21.03
N THR F 436 40.41 -7.72 -22.34
CA THR F 436 40.73 -8.86 -23.20
C THR F 436 42.10 -8.63 -23.82
N PHE F 437 43.00 -9.59 -23.63
CA PHE F 437 44.30 -9.56 -24.29
C PHE F 437 44.19 -10.34 -25.59
N HIS F 438 44.07 -9.62 -26.71
CA HIS F 438 43.86 -10.23 -28.00
C HIS F 438 44.74 -9.57 -29.04
N ARG F 439 45.60 -10.36 -29.67
CA ARG F 439 46.49 -9.91 -30.75
C ARG F 439 47.23 -8.64 -30.36
N ARG F 440 47.93 -8.73 -29.23
CA ARG F 440 48.92 -7.77 -28.75
C ARG F 440 48.29 -6.49 -28.19
N ARG F 441 46.98 -6.44 -28.07
CA ARG F 441 46.30 -5.29 -27.50
C ARG F 441 45.46 -5.71 -26.29
N PHE F 442 45.34 -4.82 -25.33
CA PHE F 442 44.39 -4.96 -24.24
C PHE F 442 43.14 -4.15 -24.59
N TRP F 443 41.99 -4.81 -24.60
CA TRP F 443 40.72 -4.18 -24.93
C TRP F 443 39.90 -4.07 -23.64
N ALA F 444 39.88 -2.88 -23.05
CA ALA F 444 39.09 -2.64 -21.85
C ALA F 444 37.61 -2.78 -22.17
N ARG F 445 36.92 -3.65 -21.43
CA ARG F 445 35.53 -3.95 -21.68
C ARG F 445 34.65 -3.22 -20.68
N LEU F 446 33.77 -2.35 -21.19
CA LEU F 446 32.88 -1.56 -20.37
C LEU F 446 31.44 -2.03 -20.56
N SER F 447 30.65 -1.95 -19.49
CA SER F 447 29.27 -2.42 -19.49
C SER F 447 28.35 -1.24 -19.23
N ALA F 448 27.53 -0.91 -20.22
CA ALA F 448 26.52 0.12 -20.05
C ALA F 448 25.34 -0.43 -19.26
N GLN F 449 24.65 0.46 -18.55
CA GLN F 449 23.49 0.06 -17.78
C GLN F 449 22.52 1.23 -17.67
N VAL F 450 21.27 0.91 -17.33
CA VAL F 450 20.23 1.92 -17.24
C VAL F 450 20.47 2.87 -16.07
N TYR F 451 21.29 2.49 -15.10
CA TYR F 451 21.68 3.41 -14.04
C TYR F 451 22.96 4.17 -14.35
N LEU F 452 23.52 3.98 -15.54
CA LEU F 452 24.69 4.73 -15.99
C LEU F 452 24.28 5.76 -17.03
N GLU F 453 25.23 6.61 -17.38
CA GLU F 453 24.99 7.66 -18.38
C GLU F 453 26.34 8.08 -18.95
N MET F 454 26.31 9.09 -19.83
CA MET F 454 27.51 9.46 -20.58
C MET F 454 28.63 9.92 -19.67
N SER F 455 28.29 10.62 -18.58
CA SER F 455 29.32 11.10 -17.66
C SER F 455 30.11 9.96 -17.04
N ASP F 456 29.51 8.76 -16.93
CA ASP F 456 30.22 7.61 -16.40
C ASP F 456 31.28 7.13 -17.37
N PHE F 457 31.01 7.21 -18.67
CA PHE F 457 32.00 6.79 -19.67
C PHE F 457 33.10 7.83 -19.84
N GLU F 458 32.80 9.11 -19.60
CA GLU F 458 33.87 10.11 -19.57
C GLU F 458 34.82 9.86 -18.41
N TRP F 459 34.26 9.45 -17.25
CA TRP F 459 35.10 9.12 -16.09
C TRP F 459 35.97 7.91 -16.38
N ALA F 460 35.38 6.87 -16.98
CA ALA F 460 36.16 5.69 -17.35
C ALA F 460 37.27 6.02 -18.34
N GLY F 461 37.03 6.96 -19.24
CA GLY F 461 38.05 7.39 -20.18
C GLY F 461 39.29 7.96 -19.53
N LYS F 462 39.12 9.04 -18.75
CA LYS F 462 40.26 9.65 -18.08
C LYS F 462 40.91 8.69 -17.08
N THR F 463 40.10 7.87 -16.41
CA THR F 463 40.64 6.86 -15.52
C THR F 463 41.58 5.92 -16.28
N LEU F 464 41.11 5.38 -17.40
CA LEU F 464 41.96 4.51 -18.21
C LEU F 464 43.13 5.30 -18.80
N LYS F 465 42.91 6.55 -19.18
CA LYS F 465 43.99 7.37 -19.73
C LYS F 465 45.07 7.62 -18.70
N GLU F 466 44.67 8.00 -17.47
CA GLU F 466 45.64 8.15 -16.39
C GLU F 466 46.31 6.84 -16.07
N LEU F 467 45.54 5.75 -16.07
CA LEU F 467 46.10 4.43 -15.76
C LEU F 467 47.15 4.02 -16.79
N CYS F 468 46.92 4.35 -18.07
CA CYS F 468 47.81 3.86 -19.13
C CYS F 468 49.15 4.60 -19.14
N GLU F 469 49.17 5.88 -18.80
CA GLU F 469 50.45 6.60 -18.75
C GLU F 469 51.28 6.13 -17.57
N ARG F 470 50.63 5.85 -16.44
CA ARG F 470 51.34 5.22 -15.33
C ARG F 470 51.93 3.88 -15.75
N VAL F 471 51.26 3.18 -16.67
CA VAL F 471 51.83 1.97 -17.25
C VAL F 471 53.03 2.33 -18.14
N ALA F 472 52.89 3.36 -18.97
CA ALA F 472 53.98 3.78 -19.84
C ALA F 472 55.21 4.22 -19.06
N LYS F 473 55.03 4.66 -17.81
CA LYS F 473 56.14 5.04 -16.95
C LYS F 473 56.68 3.89 -16.11
N GLY F 474 56.26 2.66 -16.41
CA GLY F 474 56.79 1.50 -15.70
C GLY F 474 56.44 1.46 -14.23
N GLU F 475 55.32 2.06 -13.84
CA GLU F 475 54.93 2.05 -12.43
C GLU F 475 54.55 0.65 -11.95
N TYR F 476 54.17 -0.24 -12.87
CA TYR F 476 53.76 -1.60 -12.51
C TYR F 476 54.91 -2.46 -12.03
N LYS F 477 56.13 -1.95 -11.95
CA LYS F 477 57.27 -2.72 -11.48
C LYS F 477 58.18 -1.87 -10.59
N GLY G 29 -23.44 -59.84 9.91
CA GLY G 29 -23.12 -59.69 8.50
C GLY G 29 -24.27 -59.13 7.68
N PRO G 30 -24.44 -59.64 6.46
CA PRO G 30 -25.55 -59.18 5.62
C PRO G 30 -26.89 -59.56 6.21
N LEU G 31 -27.91 -58.79 5.86
CA LEU G 31 -29.24 -59.02 6.41
C LEU G 31 -29.91 -60.19 5.69
N PRO G 32 -30.67 -61.03 6.41
CA PRO G 32 -31.43 -62.09 5.74
C PRO G 32 -32.56 -61.51 4.91
N PHE G 33 -32.91 -62.23 3.86
CA PHE G 33 -34.00 -61.84 2.99
C PHE G 33 -35.33 -62.34 3.54
N GLY G 34 -36.42 -61.91 2.91
CA GLY G 34 -37.75 -62.28 3.33
C GLY G 34 -38.51 -61.09 3.90
N ASN G 35 -39.65 -61.39 4.53
CA ASN G 35 -40.51 -60.34 5.07
C ASN G 35 -39.80 -59.52 6.14
N SER G 36 -38.80 -60.10 6.80
CA SER G 36 -38.04 -59.35 7.81
C SER G 36 -37.30 -58.17 7.21
N LEU G 37 -36.98 -58.22 5.92
CA LEU G 37 -36.27 -57.12 5.27
C LEU G 37 -37.18 -55.92 5.01
N LEU G 38 -38.50 -56.10 5.07
CA LEU G 38 -39.42 -54.98 4.96
C LEU G 38 -39.15 -53.91 5.99
N LYS G 39 -38.53 -54.26 7.11
CA LYS G 39 -38.18 -53.28 8.14
C LYS G 39 -37.21 -52.23 7.62
N GLU G 40 -36.48 -52.52 6.54
CA GLU G 40 -35.57 -51.56 5.94
C GLU G 40 -36.24 -50.68 4.89
N PHE G 41 -37.47 -50.99 4.51
CA PHE G 41 -38.19 -50.25 3.48
C PHE G 41 -39.36 -49.49 4.08
N VAL G 42 -39.90 -48.56 3.31
CA VAL G 42 -40.95 -47.67 3.78
C VAL G 42 -42.26 -47.96 3.05
N LEU G 43 -42.53 -49.23 2.79
CA LEU G 43 -43.81 -49.63 2.27
C LEU G 43 -44.85 -49.64 3.37
N ASP G 44 -46.08 -49.34 3.00
CA ASP G 44 -47.16 -49.29 3.98
C ASP G 44 -47.58 -50.70 4.35
N PRO G 45 -47.62 -51.06 5.63
CA PRO G 45 -47.76 -52.47 6.01
C PRO G 45 -49.06 -53.13 5.55
N ALA G 46 -50.09 -52.36 5.20
CA ALA G 46 -51.30 -52.96 4.66
C ALA G 46 -51.19 -53.26 3.17
N TYR G 47 -50.24 -52.64 2.48
CA TYR G 47 -50.08 -52.81 1.04
C TYR G 47 -49.04 -53.88 0.76
N ARG G 48 -49.43 -54.88 -0.03
CA ARG G 48 -48.54 -55.95 -0.43
C ARG G 48 -48.01 -55.64 -1.82
N ASN G 49 -46.70 -55.44 -1.93
CA ASN G 49 -46.08 -54.95 -3.15
C ASN G 49 -45.62 -56.15 -3.98
N LEU G 50 -46.51 -56.65 -4.82
CA LEU G 50 -46.20 -57.74 -5.74
C LEU G 50 -45.73 -57.25 -7.11
N ASN G 51 -45.66 -55.93 -7.30
CA ASN G 51 -45.34 -55.35 -8.60
C ASN G 51 -44.20 -54.35 -8.45
N HIS G 52 -43.08 -54.81 -7.89
CA HIS G 52 -41.90 -53.97 -7.79
C HIS G 52 -41.36 -53.55 -9.15
N GLY G 53 -41.69 -54.29 -10.21
CA GLY G 53 -41.06 -54.07 -11.50
C GLY G 53 -41.56 -52.85 -12.25
N SER G 54 -42.66 -52.25 -11.83
CA SER G 54 -43.19 -51.11 -12.56
C SER G 54 -42.52 -49.81 -12.12
N PHE G 55 -42.53 -49.52 -10.82
CA PHE G 55 -41.98 -48.27 -10.31
C PHE G 55 -40.88 -48.44 -9.27
N GLY G 56 -40.62 -49.65 -8.81
CA GLY G 56 -39.60 -49.88 -7.80
C GLY G 56 -39.96 -49.24 -6.47
N THR G 57 -39.01 -49.35 -5.54
CA THR G 57 -39.09 -48.68 -4.25
C THR G 57 -37.70 -48.66 -3.64
N ILE G 58 -37.51 -47.79 -2.66
CA ILE G 58 -36.20 -47.59 -2.05
C ILE G 58 -36.25 -47.87 -0.56
N PRO G 59 -35.17 -48.35 0.04
CA PRO G 59 -35.13 -48.48 1.50
C PRO G 59 -35.03 -47.11 2.17
N SER G 60 -35.34 -47.10 3.46
CA SER G 60 -35.36 -45.84 4.20
C SER G 60 -33.97 -45.19 4.24
N ALA G 61 -32.91 -45.99 4.17
CA ALA G 61 -31.56 -45.44 4.18
C ALA G 61 -31.30 -44.60 2.92
N ILE G 62 -31.74 -45.09 1.77
CA ILE G 62 -31.57 -44.30 0.54
C ILE G 62 -32.50 -43.10 0.56
N GLN G 63 -33.69 -43.24 1.15
CA GLN G 63 -34.58 -42.09 1.32
C GLN G 63 -33.95 -41.02 2.19
N GLN G 64 -33.10 -41.42 3.14
CA GLN G 64 -32.35 -40.44 3.92
C GLN G 64 -31.32 -39.74 3.04
N LYS G 65 -30.66 -40.48 2.15
CA LYS G 65 -29.71 -39.87 1.23
C LYS G 65 -30.40 -38.90 0.29
N LEU G 66 -31.54 -39.31 -0.28
CA LEU G 66 -32.29 -38.44 -1.19
C LEU G 66 -32.58 -37.08 -0.55
N ARG G 67 -33.13 -37.10 0.66
CA ARG G 67 -33.44 -35.85 1.33
C ARG G 67 -32.18 -35.12 1.79
N SER G 68 -31.11 -35.86 2.05
CA SER G 68 -29.85 -35.21 2.42
C SER G 68 -29.28 -34.37 1.28
N TYR G 69 -29.39 -34.87 0.04
CA TYR G 69 -28.94 -34.08 -1.11
C TYR G 69 -29.83 -32.88 -1.35
N GLN G 70 -31.14 -33.04 -1.15
CA GLN G 70 -32.06 -31.93 -1.33
C GLN G 70 -31.78 -30.80 -0.35
N THR G 71 -31.48 -31.15 0.91
CA THR G 71 -31.15 -30.13 1.90
C THR G 71 -29.86 -29.40 1.52
N ALA G 72 -28.86 -30.14 1.02
CA ALA G 72 -27.64 -29.49 0.56
C ALA G 72 -27.91 -28.54 -0.61
N ALA G 73 -28.88 -28.89 -1.46
CA ALA G 73 -29.21 -28.02 -2.59
C ALA G 73 -29.92 -26.76 -2.15
N GLU G 74 -30.73 -26.84 -1.10
CA GLU G 74 -31.47 -25.67 -0.62
C GLU G 74 -30.68 -24.82 0.36
N ALA G 75 -29.62 -25.38 0.96
CA ALA G 75 -28.79 -24.58 1.86
C ALA G 75 -28.06 -23.50 1.10
N ARG G 76 -27.23 -23.89 0.13
CA ARG G 76 -26.51 -22.97 -0.74
C ARG G 76 -26.75 -23.40 -2.17
N PRO G 77 -27.79 -22.87 -2.82
CA PRO G 77 -28.18 -23.37 -4.15
C PRO G 77 -27.08 -23.30 -5.19
N CYS G 78 -26.60 -22.09 -5.50
CA CYS G 78 -25.59 -21.96 -6.54
C CYS G 78 -24.30 -22.69 -6.22
N PRO G 79 -23.64 -22.48 -5.08
CA PRO G 79 -22.36 -23.17 -4.84
C PRO G 79 -22.47 -24.69 -4.86
N PHE G 80 -23.64 -25.25 -4.54
CA PHE G 80 -23.81 -26.70 -4.57
C PHE G 80 -24.23 -27.20 -5.95
N LEU G 81 -25.26 -26.59 -6.53
CA LEU G 81 -25.80 -27.06 -7.80
C LEU G 81 -24.84 -26.89 -8.97
N ARG G 82 -23.73 -26.17 -8.79
CA ARG G 82 -22.81 -25.89 -9.88
C ARG G 82 -21.54 -26.74 -9.81
N TYR G 83 -20.87 -26.77 -8.67
CA TYR G 83 -19.53 -27.34 -8.60
C TYR G 83 -19.47 -28.69 -7.89
N GLN G 84 -20.52 -29.08 -7.17
CA GLN G 84 -20.59 -30.41 -6.59
C GLN G 84 -21.51 -31.33 -7.37
N THR G 85 -22.55 -30.79 -8.02
CA THR G 85 -23.39 -31.60 -8.89
C THR G 85 -22.60 -32.41 -9.91
N PRO G 86 -21.60 -31.86 -10.61
CA PRO G 86 -20.75 -32.74 -11.44
C PRO G 86 -19.90 -33.68 -10.61
N VAL G 87 -19.49 -33.27 -9.41
CA VAL G 87 -18.72 -34.15 -8.55
C VAL G 87 -19.57 -35.33 -8.09
N LEU G 88 -20.85 -35.09 -7.80
CA LEU G 88 -21.71 -36.16 -7.34
C LEU G 88 -22.10 -37.09 -8.48
N LEU G 89 -22.31 -36.54 -9.68
CA LEU G 89 -22.60 -37.37 -10.85
C LEU G 89 -21.44 -38.31 -11.14
N ASP G 90 -20.21 -37.77 -11.16
CA ASP G 90 -19.05 -38.60 -11.47
C ASP G 90 -18.84 -39.70 -10.44
N GLU G 91 -19.20 -39.45 -9.18
CA GLU G 91 -19.12 -40.51 -8.18
C GLU G 91 -20.15 -41.60 -8.42
N SER G 92 -21.36 -41.21 -8.82
CA SER G 92 -22.39 -42.21 -9.15
C SER G 92 -22.07 -42.91 -10.47
N ARG G 93 -21.51 -42.17 -11.44
CA ARG G 93 -21.12 -42.80 -12.69
C ARG G 93 -19.99 -43.81 -12.46
N ALA G 94 -19.06 -43.49 -11.57
CA ALA G 94 -17.96 -44.42 -11.27
C ALA G 94 -18.49 -45.68 -10.58
N ALA G 95 -19.49 -45.52 -9.71
CA ALA G 95 -20.02 -46.68 -9.00
C ALA G 95 -20.81 -47.57 -9.95
N VAL G 96 -21.62 -46.98 -10.83
CA VAL G 96 -22.43 -47.80 -11.72
C VAL G 96 -21.59 -48.40 -12.84
N ALA G 97 -20.50 -47.73 -13.23
CA ALA G 97 -19.60 -48.31 -14.22
C ALA G 97 -18.81 -49.46 -13.64
N ASN G 98 -18.43 -49.36 -12.36
CA ASN G 98 -17.79 -50.48 -11.68
C ASN G 98 -18.74 -51.65 -11.55
N LEU G 99 -20.02 -51.38 -11.28
CA LEU G 99 -21.00 -52.46 -11.20
C LEU G 99 -21.17 -53.13 -12.55
N LEU G 100 -21.27 -52.35 -13.62
CA LEU G 100 -21.42 -52.91 -14.97
C LEU G 100 -20.10 -53.43 -15.53
N LYS G 101 -18.98 -53.21 -14.84
CA LYS G 101 -17.67 -53.62 -15.32
C LYS G 101 -17.36 -53.02 -16.69
N VAL G 102 -17.67 -51.74 -16.85
CA VAL G 102 -17.41 -51.00 -18.08
C VAL G 102 -16.64 -49.74 -17.71
N PRO G 103 -15.89 -49.16 -18.65
CA PRO G 103 -15.17 -47.92 -18.37
C PRO G 103 -16.14 -46.82 -17.93
N VAL G 104 -15.63 -45.92 -17.07
CA VAL G 104 -16.48 -44.86 -16.55
C VAL G 104 -16.87 -43.88 -17.65
N GLU G 105 -16.05 -43.76 -18.70
CA GLU G 105 -16.32 -42.84 -19.79
C GLU G 105 -17.46 -43.31 -20.69
N THR G 106 -18.09 -44.44 -20.37
CA THR G 106 -19.16 -45.00 -21.20
C THR G 106 -20.56 -44.72 -20.66
N VAL G 107 -20.68 -44.22 -19.44
CA VAL G 107 -21.97 -44.15 -18.75
C VAL G 107 -22.28 -42.70 -18.39
N VAL G 108 -23.51 -42.28 -18.69
CA VAL G 108 -24.10 -41.06 -18.16
C VAL G 108 -25.47 -41.42 -17.59
N PHE G 109 -26.13 -40.43 -16.98
CA PHE G 109 -27.44 -40.63 -16.39
C PHE G 109 -28.47 -39.79 -17.12
N VAL G 110 -29.67 -40.35 -17.29
CA VAL G 110 -30.81 -39.67 -17.86
C VAL G 110 -32.02 -39.91 -16.96
N ALA G 111 -33.15 -39.28 -17.32
CA ALA G 111 -34.31 -39.27 -16.42
C ALA G 111 -34.88 -40.67 -16.25
N ASN G 112 -35.10 -41.39 -17.34
CA ASN G 112 -35.71 -42.71 -17.28
C ASN G 112 -35.37 -43.46 -18.57
N ALA G 113 -35.84 -44.70 -18.65
CA ALA G 113 -35.62 -45.51 -19.85
C ALA G 113 -36.27 -44.87 -21.06
N THR G 114 -37.47 -44.29 -20.88
CA THR G 114 -38.14 -43.63 -21.99
C THR G 114 -37.32 -42.46 -22.51
N MET G 115 -36.67 -41.72 -21.60
CA MET G 115 -35.80 -40.62 -22.02
C MET G 115 -34.58 -41.15 -22.77
N GLY G 116 -34.10 -42.34 -22.41
CA GLY G 116 -32.93 -42.89 -23.08
C GLY G 116 -33.24 -43.42 -24.46
N VAL G 117 -34.37 -44.12 -24.61
CA VAL G 117 -34.78 -44.61 -25.92
C VAL G 117 -35.04 -43.45 -26.86
N ASN G 118 -35.59 -42.35 -26.33
CA ASN G 118 -35.83 -41.17 -27.17
C ASN G 118 -34.52 -40.49 -27.55
N THR G 119 -33.56 -40.44 -26.63
CA THR G 119 -32.28 -39.79 -26.93
C THR G 119 -31.56 -40.51 -28.07
N VAL G 120 -31.69 -41.83 -28.15
CA VAL G 120 -31.04 -42.57 -29.24
C VAL G 120 -31.79 -42.35 -30.55
N LEU G 121 -33.11 -42.58 -30.54
CA LEU G 121 -33.86 -42.53 -31.79
C LEU G 121 -33.94 -41.11 -32.35
N ARG G 122 -34.03 -40.10 -31.48
CA ARG G 122 -34.17 -38.73 -31.99
C ARG G 122 -32.88 -38.22 -32.60
N ASN G 123 -31.74 -38.81 -32.21
CA ASN G 123 -30.46 -38.28 -32.64
C ASN G 123 -30.01 -38.85 -33.98
N ILE G 124 -30.42 -40.10 -34.27
CA ILE G 124 -29.85 -40.83 -35.39
C ILE G 124 -30.16 -40.12 -36.70
N VAL G 125 -29.14 -39.98 -37.54
CA VAL G 125 -29.30 -39.46 -38.90
C VAL G 125 -29.55 -40.63 -39.85
N TRP G 126 -30.73 -40.69 -40.45
CA TRP G 126 -31.13 -41.77 -41.32
C TRP G 126 -30.62 -41.52 -42.74
N SER G 127 -30.60 -42.59 -43.54
CA SER G 127 -30.01 -42.53 -44.87
C SER G 127 -30.82 -41.63 -45.79
N ALA G 128 -30.11 -40.85 -46.61
CA ALA G 128 -30.78 -39.91 -47.52
C ALA G 128 -31.66 -40.62 -48.54
N ASP G 129 -31.31 -41.85 -48.93
CA ASP G 129 -32.11 -42.59 -49.90
C ASP G 129 -33.48 -42.99 -49.37
N GLY G 130 -33.73 -42.86 -48.07
CA GLY G 130 -35.00 -43.21 -47.50
C GLY G 130 -35.26 -44.69 -47.38
N LYS G 131 -34.20 -45.50 -47.29
CA LYS G 131 -34.33 -46.95 -47.20
C LYS G 131 -34.23 -47.48 -45.77
N ASP G 132 -33.85 -46.65 -44.81
CA ASP G 132 -33.64 -47.14 -43.46
C ASP G 132 -34.95 -47.63 -42.84
N GLU G 133 -34.82 -48.66 -42.01
CA GLU G 133 -35.97 -49.27 -41.36
C GLU G 133 -35.59 -49.62 -39.92
N ILE G 134 -36.55 -49.47 -39.00
CA ILE G 134 -36.35 -49.76 -37.59
C ILE G 134 -37.03 -51.09 -37.28
N LEU G 135 -36.25 -52.06 -36.80
CA LEU G 135 -36.79 -53.36 -36.42
C LEU G 135 -37.12 -53.37 -34.93
N TYR G 136 -38.27 -53.94 -34.60
CA TYR G 136 -38.66 -54.11 -33.21
C TYR G 136 -39.67 -55.23 -33.11
N PHE G 137 -39.78 -55.79 -31.92
CA PHE G 137 -40.73 -56.85 -31.63
C PHE G 137 -41.98 -56.27 -31.00
N ASP G 138 -43.12 -56.93 -31.27
CA ASP G 138 -44.41 -56.38 -30.84
C ASP G 138 -44.58 -56.39 -29.33
N THR G 139 -43.69 -57.03 -28.59
CA THR G 139 -43.69 -56.95 -27.14
C THR G 139 -42.97 -55.71 -26.61
N ILE G 140 -42.65 -54.76 -27.49
CA ILE G 140 -41.94 -53.57 -27.07
C ILE G 140 -42.81 -52.76 -26.10
N PHE G 141 -42.15 -52.08 -25.18
CA PHE G 141 -42.85 -51.18 -24.26
C PHE G 141 -43.62 -50.13 -25.04
N GLY G 142 -44.85 -49.86 -24.61
CA GLY G 142 -45.74 -49.01 -25.39
C GLY G 142 -45.15 -47.65 -25.69
N ALA G 143 -44.48 -47.05 -24.71
CA ALA G 143 -43.87 -45.74 -24.93
C ALA G 143 -42.77 -45.82 -25.99
N CYS G 144 -41.93 -46.84 -25.92
CA CYS G 144 -40.87 -47.00 -26.93
C CYS G 144 -41.47 -47.29 -28.30
N GLY G 145 -42.57 -48.04 -28.34
CA GLY G 145 -43.27 -48.24 -29.60
C GLY G 145 -43.87 -46.95 -30.13
N LYS G 146 -44.47 -46.14 -29.25
CA LYS G 146 -44.97 -44.84 -29.66
C LYS G 146 -43.85 -43.92 -30.10
N THR G 147 -42.66 -44.07 -29.50
CA THR G 147 -41.53 -43.24 -29.88
C THR G 147 -41.09 -43.53 -31.32
N ILE G 148 -41.00 -44.81 -31.68
CA ILE G 148 -40.71 -45.17 -33.07
C ILE G 148 -41.74 -44.55 -34.00
N ASP G 149 -43.02 -44.63 -33.62
CA ASP G 149 -44.08 -44.06 -34.46
C ASP G 149 -43.91 -42.56 -34.64
N TYR G 150 -43.53 -41.85 -33.58
CA TYR G 150 -43.37 -40.40 -33.69
C TYR G 150 -42.15 -40.04 -34.54
N VAL G 151 -41.02 -40.72 -34.33
CA VAL G 151 -39.82 -40.42 -35.10
C VAL G 151 -40.07 -40.61 -36.58
N ILE G 152 -40.87 -41.61 -36.94
CA ILE G 152 -41.26 -41.80 -38.34
C ILE G 152 -42.09 -40.63 -38.83
N GLU G 153 -42.97 -40.12 -37.97
CA GLU G 153 -43.80 -38.97 -38.35
C GLU G 153 -42.95 -37.70 -38.44
N ASP G 154 -42.04 -37.50 -37.49
CA ASP G 154 -41.26 -36.27 -37.45
C ASP G 154 -40.30 -36.19 -38.62
N LYS G 155 -39.65 -37.30 -38.96
CA LYS G 155 -38.74 -37.32 -40.10
C LYS G 155 -39.45 -37.52 -41.43
N ARG G 156 -40.78 -37.55 -41.42
CA ARG G 156 -41.61 -37.44 -42.63
C ARG G 156 -41.28 -38.52 -43.66
N GLY G 157 -41.22 -39.76 -43.20
CA GLY G 157 -41.11 -40.89 -44.10
C GLY G 157 -39.72 -41.22 -44.59
N ILE G 158 -38.69 -40.48 -44.16
CA ILE G 158 -37.33 -40.87 -44.52
C ILE G 158 -36.96 -42.21 -43.91
N VAL G 159 -37.66 -42.62 -42.85
CA VAL G 159 -37.43 -43.88 -42.17
C VAL G 159 -38.77 -44.56 -41.96
N SER G 160 -38.73 -45.90 -41.84
CA SER G 160 -39.93 -46.70 -41.60
C SER G 160 -39.59 -47.73 -40.54
N SER G 161 -40.57 -48.57 -40.21
CA SER G 161 -40.38 -49.57 -39.16
C SER G 161 -40.98 -50.90 -39.59
N ARG G 162 -40.46 -51.98 -39.02
CA ARG G 162 -40.94 -53.33 -39.29
C ARG G 162 -41.19 -54.02 -37.95
N CYS G 163 -42.45 -54.41 -37.72
CA CYS G 163 -42.85 -55.00 -36.45
C CYS G 163 -42.75 -56.52 -36.55
N ILE G 164 -41.98 -57.12 -35.65
CA ILE G 164 -41.77 -58.57 -35.63
C ILE G 164 -42.69 -59.16 -34.58
N PRO G 165 -43.74 -59.89 -34.96
CA PRO G 165 -44.64 -60.47 -33.97
C PRO G 165 -44.00 -61.64 -33.24
N LEU G 166 -44.34 -61.77 -31.96
CA LEU G 166 -43.82 -62.84 -31.13
C LEU G 166 -44.96 -63.54 -30.42
N ILE G 167 -44.91 -64.87 -30.38
CA ILE G 167 -45.88 -65.70 -29.70
C ILE G 167 -45.22 -66.28 -28.46
N TYR G 168 -45.80 -66.03 -27.30
CA TYR G 168 -45.25 -66.55 -26.06
C TYR G 168 -46.14 -67.67 -25.51
N PRO G 169 -45.53 -68.69 -24.87
CA PRO G 169 -44.09 -68.83 -24.58
C PRO G 169 -43.23 -69.02 -25.83
N ALA G 170 -42.22 -68.17 -25.96
CA ALA G 170 -41.37 -68.16 -27.14
C ALA G 170 -40.03 -68.83 -26.83
N GLU G 171 -39.64 -69.78 -27.69
CA GLU G 171 -38.31 -70.36 -27.60
C GLU G 171 -37.29 -69.40 -28.19
N ASP G 172 -36.06 -69.48 -27.69
CA ASP G 172 -35.03 -68.53 -28.11
C ASP G 172 -34.66 -68.68 -29.58
N ASP G 173 -34.73 -69.90 -30.11
CA ASP G 173 -34.37 -70.10 -31.52
C ASP G 173 -35.39 -69.47 -32.46
N ASP G 174 -36.67 -69.47 -32.08
CA ASP G 174 -37.70 -68.92 -32.96
C ASP G 174 -37.67 -67.39 -32.96
N VAL G 175 -37.41 -66.77 -31.80
CA VAL G 175 -37.22 -65.33 -31.76
C VAL G 175 -36.07 -64.93 -32.69
N VAL G 176 -34.99 -65.70 -32.68
CA VAL G 176 -33.88 -65.46 -33.60
C VAL G 176 -34.33 -65.64 -35.04
N ALA G 177 -35.04 -66.74 -35.31
CA ALA G 177 -35.48 -67.03 -36.68
C ALA G 177 -36.43 -65.97 -37.19
N ALA G 178 -37.31 -65.46 -36.33
CA ALA G 178 -38.18 -64.35 -36.71
C ALA G 178 -37.40 -63.08 -36.96
N PHE G 179 -36.27 -62.90 -36.26
CA PHE G 179 -35.44 -61.73 -36.45
C PHE G 179 -34.60 -61.85 -37.70
N ARG G 180 -34.07 -63.04 -37.98
CA ARG G 180 -33.35 -63.25 -39.23
C ARG G 180 -34.27 -63.13 -40.43
N ASP G 181 -35.48 -63.67 -40.33
CA ASP G 181 -36.44 -63.56 -41.42
C ASP G 181 -36.81 -62.10 -41.68
N ALA G 182 -37.00 -61.32 -40.62
CA ALA G 182 -37.35 -59.92 -40.79
C ALA G 182 -36.24 -59.14 -41.48
N ILE G 183 -34.98 -59.48 -41.19
CA ILE G 183 -33.85 -58.81 -41.83
C ILE G 183 -33.88 -59.06 -43.33
N LYS G 184 -33.90 -60.33 -43.72
CA LYS G 184 -33.92 -60.67 -45.15
C LYS G 184 -35.14 -60.06 -45.84
N LYS G 185 -36.34 -60.32 -45.28
CA LYS G 185 -37.56 -59.80 -45.88
C LYS G 185 -37.52 -58.28 -46.04
N SER G 186 -36.81 -57.58 -45.15
CA SER G 186 -36.64 -56.14 -45.31
C SER G 186 -35.81 -55.83 -46.54
N ARG G 187 -34.69 -56.53 -46.71
CA ARG G 187 -33.83 -56.30 -47.87
C ARG G 187 -34.52 -56.70 -49.16
N GLU G 188 -35.32 -57.77 -49.12
CA GLU G 188 -36.05 -58.21 -50.31
C GLU G 188 -37.06 -57.18 -50.78
N GLU G 189 -37.44 -56.23 -49.92
CA GLU G 189 -38.35 -55.15 -50.28
C GLU G 189 -37.62 -53.85 -50.58
N GLY G 190 -36.30 -53.91 -50.78
CA GLY G 190 -35.52 -52.73 -51.08
C GLY G 190 -35.23 -51.84 -49.90
N LYS G 191 -35.47 -52.30 -48.68
CA LYS G 191 -35.21 -51.52 -47.47
C LYS G 191 -33.87 -51.92 -46.86
N ARG G 192 -33.41 -51.09 -45.93
CA ARG G 192 -32.14 -51.31 -45.23
C ARG G 192 -32.39 -51.40 -43.73
N PRO G 193 -32.30 -52.59 -43.13
CA PRO G 193 -32.40 -52.67 -41.66
C PRO G 193 -31.28 -51.89 -40.97
N ARG G 194 -31.60 -50.71 -40.48
CA ARG G 194 -30.59 -49.81 -39.93
C ARG G 194 -30.43 -49.97 -38.42
N LEU G 195 -31.53 -50.14 -37.69
CA LEU G 195 -31.47 -50.17 -36.23
C LEU G 195 -32.56 -51.09 -35.70
N ALA G 196 -32.24 -51.80 -34.61
CA ALA G 196 -33.19 -52.69 -33.96
C ALA G 196 -33.27 -52.35 -32.48
N VAL G 197 -34.47 -52.43 -31.91
CA VAL G 197 -34.72 -52.17 -30.51
C VAL G 197 -34.85 -53.53 -29.81
N ILE G 198 -33.89 -53.84 -28.94
CA ILE G 198 -33.77 -55.17 -28.34
C ILE G 198 -33.96 -55.06 -26.83
N ASP G 199 -34.85 -55.90 -26.30
CA ASP G 199 -35.08 -55.94 -24.86
C ASP G 199 -34.08 -56.86 -24.17
N VAL G 200 -33.73 -56.49 -22.94
CA VAL G 200 -33.00 -57.40 -22.05
C VAL G 200 -34.02 -58.26 -21.34
N VAL G 201 -34.97 -57.61 -20.67
CA VAL G 201 -36.16 -58.26 -20.14
C VAL G 201 -37.37 -57.49 -20.62
N SER G 202 -38.31 -58.19 -21.26
CA SER G 202 -39.50 -57.52 -21.76
C SER G 202 -40.40 -57.10 -20.60
N SER G 203 -41.27 -56.12 -20.89
CA SER G 203 -42.14 -55.56 -19.86
C SER G 203 -43.37 -56.44 -19.64
N MET G 204 -44.24 -56.52 -20.65
CA MET G 204 -45.44 -57.33 -20.56
C MET G 204 -45.52 -58.29 -21.74
N PRO G 205 -45.30 -59.60 -21.49
CA PRO G 205 -45.02 -60.21 -20.19
C PRO G 205 -43.59 -59.99 -19.71
N GLY G 206 -43.35 -60.21 -18.42
CA GLY G 206 -42.03 -60.03 -17.86
C GLY G 206 -41.16 -61.24 -18.08
N VAL G 207 -40.49 -61.30 -19.23
CA VAL G 207 -39.72 -62.48 -19.63
C VAL G 207 -38.31 -62.05 -20.02
N ARG G 208 -37.34 -62.91 -19.73
CA ARG G 208 -35.98 -62.71 -20.20
C ARG G 208 -35.93 -62.93 -21.72
N PHE G 209 -35.40 -61.96 -22.42
CA PHE G 209 -35.26 -61.94 -23.85
C PHE G 209 -33.86 -62.39 -24.27
N PRO G 210 -33.72 -63.19 -25.36
CA PRO G 210 -32.39 -63.63 -25.81
C PRO G 210 -31.64 -62.51 -26.55
N PHE G 211 -31.35 -61.43 -25.81
CA PHE G 211 -30.77 -60.25 -26.46
C PHE G 211 -29.34 -60.49 -26.92
N GLU G 212 -28.61 -61.40 -26.27
CA GLU G 212 -27.24 -61.66 -26.67
C GLU G 212 -27.16 -62.17 -28.11
N ASP G 213 -28.10 -63.03 -28.50
CA ASP G 213 -28.13 -63.52 -29.87
C ASP G 213 -28.58 -62.42 -30.83
N ILE G 214 -29.60 -61.65 -30.45
CA ILE G 214 -30.12 -60.62 -31.34
C ILE G 214 -29.09 -59.51 -31.54
N VAL G 215 -28.38 -59.14 -30.48
CA VAL G 215 -27.34 -58.12 -30.62
C VAL G 215 -26.20 -58.64 -31.49
N LYS G 216 -25.82 -59.91 -31.33
CA LYS G 216 -24.73 -60.45 -32.12
C LYS G 216 -25.10 -60.52 -33.60
N ILE G 217 -26.37 -60.84 -33.90
CA ILE G 217 -26.81 -60.81 -35.29
C ILE G 217 -26.78 -59.39 -35.83
N CYS G 218 -27.06 -58.39 -34.97
CA CYS G 218 -27.02 -57.01 -35.42
C CYS G 218 -25.62 -56.58 -35.85
N LYS G 219 -24.59 -56.99 -35.10
CA LYS G 219 -23.23 -56.63 -35.47
C LYS G 219 -22.81 -57.32 -36.75
N GLU G 220 -23.26 -58.56 -36.96
CA GLU G 220 -22.95 -59.27 -38.20
C GLU G 220 -23.69 -58.68 -39.40
N GLU G 221 -24.80 -57.98 -39.17
CA GLU G 221 -25.60 -57.41 -40.24
C GLU G 221 -25.46 -55.89 -40.34
N GLU G 222 -24.54 -55.31 -39.58
CA GLU G 222 -24.33 -53.85 -39.57
C GLU G 222 -25.61 -53.13 -39.15
N ILE G 223 -26.32 -53.68 -38.17
CA ILE G 223 -27.53 -53.09 -37.63
C ILE G 223 -27.21 -52.51 -36.26
N ILE G 224 -27.66 -51.28 -36.01
CA ILE G 224 -27.44 -50.66 -34.72
C ILE G 224 -28.25 -51.39 -33.66
N SER G 225 -27.58 -51.83 -32.60
CA SER G 225 -28.23 -52.52 -31.49
C SER G 225 -28.59 -51.48 -30.43
N CYS G 226 -29.86 -51.08 -30.40
CA CYS G 226 -30.39 -50.17 -29.38
C CYS G 226 -31.11 -51.02 -28.34
N VAL G 227 -30.46 -51.21 -27.20
CA VAL G 227 -30.89 -52.19 -26.21
C VAL G 227 -31.72 -51.49 -25.14
N ASP G 228 -33.02 -51.73 -25.15
CA ASP G 228 -33.91 -51.32 -24.06
C ASP G 228 -33.75 -52.35 -22.94
N GLY G 229 -32.87 -52.05 -22.00
CA GLY G 229 -32.69 -52.90 -20.85
C GLY G 229 -33.25 -52.26 -19.59
N ALA G 230 -34.41 -51.61 -19.72
CA ALA G 230 -35.05 -50.96 -18.57
C ALA G 230 -35.21 -51.94 -17.42
N GLN G 231 -35.78 -53.11 -17.69
CA GLN G 231 -35.79 -54.22 -16.74
C GLN G 231 -34.43 -54.90 -16.82
N GLY G 232 -33.43 -54.27 -16.19
CA GLY G 232 -32.07 -54.76 -16.33
C GLY G 232 -31.20 -54.65 -15.10
N ILE G 233 -30.63 -53.46 -14.87
CA ILE G 233 -29.59 -53.32 -13.86
C ILE G 233 -30.18 -53.60 -12.48
N GLY G 234 -29.41 -54.33 -11.66
CA GLY G 234 -29.85 -54.76 -10.35
C GLY G 234 -30.68 -56.02 -10.34
N MET G 235 -31.05 -56.55 -11.50
CA MET G 235 -31.88 -57.75 -11.59
C MET G 235 -31.19 -58.87 -12.36
N VAL G 236 -30.62 -58.57 -13.53
CA VAL G 236 -29.92 -59.56 -14.34
C VAL G 236 -28.57 -58.99 -14.76
N ASP G 237 -27.64 -59.90 -15.03
CA ASP G 237 -26.32 -59.50 -15.54
C ASP G 237 -26.45 -59.04 -16.98
N LEU G 238 -26.17 -57.75 -17.22
CA LEU G 238 -26.36 -57.19 -18.55
C LEU G 238 -25.29 -57.64 -19.54
N LYS G 239 -24.11 -58.05 -19.05
CA LYS G 239 -23.03 -58.59 -19.89
C LYS G 239 -22.63 -57.60 -20.97
N ILE G 240 -22.49 -56.33 -20.59
CA ILE G 240 -22.27 -55.26 -21.57
C ILE G 240 -20.93 -55.44 -22.29
N THR G 241 -19.87 -55.76 -21.54
CA THR G 241 -18.56 -55.95 -22.16
C THR G 241 -18.57 -57.08 -23.17
N GLU G 242 -19.25 -58.18 -22.84
CA GLU G 242 -19.24 -59.38 -23.67
C GLU G 242 -20.13 -59.22 -24.90
N THR G 243 -21.26 -58.51 -24.79
CA THR G 243 -22.15 -58.35 -25.92
C THR G 243 -21.84 -57.11 -26.76
N ASP G 244 -21.15 -56.12 -26.18
CA ASP G 244 -20.72 -54.89 -26.84
C ASP G 244 -21.84 -54.27 -27.67
N PRO G 245 -22.91 -53.78 -27.05
CA PRO G 245 -24.00 -53.19 -27.82
C PRO G 245 -23.68 -51.75 -28.21
N ASP G 246 -24.46 -51.24 -29.16
CA ASP G 246 -24.28 -49.86 -29.60
C ASP G 246 -24.83 -48.87 -28.58
N PHE G 247 -25.99 -49.18 -28.00
CA PHE G 247 -26.62 -48.33 -27.00
C PHE G 247 -27.38 -49.21 -26.03
N LEU G 248 -27.35 -48.84 -24.75
CA LEU G 248 -28.04 -49.62 -23.73
C LEU G 248 -28.64 -48.67 -22.69
N ILE G 249 -29.94 -48.82 -22.47
CA ILE G 249 -30.66 -48.09 -21.44
C ILE G 249 -30.98 -49.07 -20.31
N SER G 250 -31.18 -48.53 -19.11
CA SER G 250 -31.55 -49.36 -17.97
C SER G 250 -32.01 -48.47 -16.82
N ASN G 251 -33.11 -48.87 -16.17
CA ASN G 251 -33.69 -48.11 -15.08
C ASN G 251 -33.06 -48.55 -13.76
N CYS G 252 -32.32 -47.65 -13.12
CA CYS G 252 -31.80 -47.94 -11.79
C CYS G 252 -32.92 -47.94 -10.75
N HIS G 253 -33.94 -47.11 -10.94
CA HIS G 253 -35.01 -47.01 -9.96
C HIS G 253 -35.93 -48.23 -9.99
N1 LLP G 254 -39.18 -50.38 -21.57
C2 LLP G 254 -39.31 -51.42 -20.73
C2' LLP G 254 -39.03 -52.88 -21.22
C3 LLP G 254 -39.69 -51.20 -19.38
O3 LLP G 254 -39.82 -52.28 -18.50
C4 LLP G 254 -39.94 -49.93 -18.92
C4' LLP G 254 -40.36 -49.76 -17.37
C5 LLP G 254 -39.81 -48.86 -19.77
C6 LLP G 254 -39.43 -49.09 -21.11
C5' LLP G 254 -40.08 -47.39 -19.31
OP4 LLP G 254 -39.31 -47.01 -18.20
P LLP G 254 -39.54 -45.59 -17.63
OP1 LLP G 254 -41.02 -45.44 -17.22
OP2 LLP G 254 -39.23 -44.58 -18.67
OP3 LLP G 254 -38.66 -45.39 -16.45
N LLP G 254 -35.73 -49.11 -10.95
CA LLP G 254 -36.58 -50.30 -11.07
CB LLP G 254 -36.69 -50.71 -12.52
CG LLP G 254 -37.94 -50.09 -13.13
CD LLP G 254 -38.36 -50.87 -14.39
CE LLP G 254 -39.49 -50.13 -15.15
NZ LLP G 254 -39.30 -50.34 -16.59
C LLP G 254 -36.07 -51.44 -10.23
O LLP G 254 -36.85 -52.01 -9.49
N TRP G 255 -34.79 -51.75 -10.33
CA TRP G 255 -34.25 -52.91 -9.60
C TRP G 255 -32.90 -52.65 -8.93
N LEU G 256 -32.51 -51.39 -8.75
CA LEU G 256 -31.26 -51.06 -8.07
C LEU G 256 -31.49 -50.24 -6.80
N PHE G 257 -32.75 -50.13 -6.35
CA PHE G 257 -33.09 -49.41 -5.12
C PHE G 257 -32.67 -47.94 -5.17
N THR G 258 -32.61 -47.38 -6.35
CA THR G 258 -32.31 -45.97 -6.59
C THR G 258 -33.61 -45.16 -6.62
N PRO G 259 -33.62 -43.96 -6.03
CA PRO G 259 -34.84 -43.14 -6.03
C PRO G 259 -35.44 -42.98 -7.42
N ARG G 260 -36.76 -42.84 -7.45
CA ARG G 260 -37.50 -42.84 -8.70
C ARG G 260 -37.08 -41.66 -9.57
N GLY G 261 -36.82 -41.95 -10.85
CA GLY G 261 -36.37 -40.94 -11.78
C GLY G 261 -34.89 -41.06 -12.08
N CYS G 262 -34.45 -42.25 -12.50
CA CYS G 262 -33.04 -42.48 -12.78
C CYS G 262 -32.89 -43.60 -13.80
N ALA G 263 -31.92 -43.44 -14.69
CA ALA G 263 -31.60 -44.45 -15.68
C ALA G 263 -30.13 -44.28 -16.09
N VAL G 264 -29.44 -45.40 -16.24
CA VAL G 264 -28.04 -45.38 -16.66
C VAL G 264 -27.99 -45.56 -18.19
N PHE G 265 -27.22 -44.71 -18.85
CA PHE G 265 -27.12 -44.68 -20.30
C PHE G 265 -25.72 -45.10 -20.70
N TYR G 266 -25.60 -46.26 -21.34
CA TYR G 266 -24.32 -46.78 -21.79
C TYR G 266 -24.15 -46.53 -23.29
N VAL G 267 -23.10 -45.82 -23.65
CA VAL G 267 -22.73 -45.60 -25.05
C VAL G 267 -21.23 -45.78 -25.19
N PRO G 268 -20.77 -46.76 -25.97
CA PRO G 268 -19.32 -46.88 -26.21
C PRO G 268 -18.78 -45.65 -26.93
N VAL G 269 -17.51 -45.35 -26.68
CA VAL G 269 -16.87 -44.16 -27.25
C VAL G 269 -16.99 -44.14 -28.77
N ARG G 270 -17.00 -45.32 -29.40
CA ARG G 270 -17.09 -45.39 -30.85
C ARG G 270 -18.41 -44.81 -31.38
N ASN G 271 -19.45 -44.77 -30.56
CA ASN G 271 -20.75 -44.27 -30.99
C ASN G 271 -21.16 -42.98 -30.30
N GLN G 272 -20.39 -42.50 -29.33
CA GLN G 272 -20.79 -41.31 -28.58
C GLN G 272 -20.87 -40.08 -29.49
N HIS G 273 -20.12 -40.09 -30.60
CA HIS G 273 -20.22 -38.98 -31.55
C HIS G 273 -21.59 -38.91 -32.19
N LEU G 274 -22.29 -40.05 -32.29
CA LEU G 274 -23.64 -40.08 -32.81
C LEU G 274 -24.63 -39.42 -31.86
N ILE G 275 -24.25 -39.17 -30.61
CA ILE G 275 -25.13 -38.46 -29.66
C ILE G 275 -24.73 -36.99 -29.72
N ARG G 276 -25.26 -36.30 -30.75
CA ARG G 276 -25.05 -34.86 -30.90
C ARG G 276 -25.74 -34.07 -29.79
N SER G 277 -27.03 -34.33 -29.55
CA SER G 277 -27.82 -33.52 -28.63
C SER G 277 -28.47 -34.38 -27.57
N THR G 278 -28.46 -33.89 -26.33
CA THR G 278 -29.23 -34.52 -25.27
C THR G 278 -30.71 -34.18 -25.43
N LEU G 279 -31.52 -34.75 -24.56
CA LEU G 279 -32.95 -34.47 -24.57
C LEU G 279 -33.38 -33.93 -23.22
N PRO G 280 -33.71 -32.62 -23.14
CA PRO G 280 -33.68 -31.64 -24.22
C PRO G 280 -32.28 -31.09 -24.53
N THR G 281 -32.18 -30.30 -25.60
CA THR G 281 -30.92 -29.68 -25.96
C THR G 281 -30.58 -28.59 -24.93
N SER G 282 -29.37 -28.63 -24.40
CA SER G 282 -28.98 -27.74 -23.32
C SER G 282 -27.64 -27.09 -23.65
N HIS G 283 -26.94 -26.62 -22.61
CA HIS G 283 -25.75 -25.81 -22.79
C HIS G 283 -24.61 -26.59 -23.43
N GLY G 284 -24.47 -27.88 -23.10
CA GLY G 284 -23.34 -28.64 -23.58
C GLY G 284 -23.38 -28.97 -25.06
N PHE G 285 -24.46 -28.65 -25.75
CA PHE G 285 -24.54 -28.93 -27.18
C PHE G 285 -23.67 -27.96 -27.95
N VAL G 286 -22.91 -28.48 -28.91
CA VAL G 286 -22.11 -27.65 -29.81
C VAL G 286 -22.78 -27.66 -31.17
N PRO G 287 -23.16 -26.51 -31.71
CA PRO G 287 -23.70 -26.48 -33.07
C PRO G 287 -22.60 -26.58 -34.11
N GLN G 288 -22.96 -27.10 -35.28
CA GLN G 288 -21.97 -27.17 -36.35
C GLN G 288 -21.64 -25.79 -36.90
N VAL G 289 -22.58 -24.85 -36.83
CA VAL G 289 -22.33 -23.46 -37.18
C VAL G 289 -22.46 -22.63 -35.91
N GLY G 290 -21.42 -21.85 -35.61
CA GLY G 290 -21.40 -21.03 -34.42
C GLY G 290 -20.05 -20.42 -34.13
N LYS G 302 -12.17 -34.51 -18.95
CA LYS G 302 -13.51 -35.06 -19.13
C LYS G 302 -14.00 -34.82 -20.55
N SER G 303 -14.53 -35.87 -21.18
CA SER G 303 -14.92 -35.80 -22.57
C SER G 303 -16.14 -34.90 -22.74
N ALA G 304 -16.43 -34.56 -24.00
CA ALA G 304 -17.57 -33.69 -24.30
C ALA G 304 -18.89 -34.44 -24.11
N PHE G 305 -18.93 -35.72 -24.48
CA PHE G 305 -20.15 -36.49 -24.38
C PHE G 305 -20.67 -36.54 -22.94
N VAL G 306 -19.78 -36.76 -21.98
CA VAL G 306 -20.19 -36.77 -20.58
C VAL G 306 -20.62 -35.38 -20.14
N SER G 307 -20.00 -34.33 -20.67
CA SER G 307 -20.23 -32.97 -20.19
C SER G 307 -21.67 -32.55 -20.39
N ASN G 308 -22.19 -32.66 -21.62
CA ASN G 308 -23.54 -32.15 -21.87
C ASN G 308 -24.64 -33.00 -21.24
N PHE G 309 -24.29 -34.05 -20.52
CA PHE G 309 -25.27 -34.78 -19.72
C PHE G 309 -25.25 -34.36 -18.25
N GLU G 310 -24.41 -33.39 -17.89
CA GLU G 310 -24.40 -32.88 -16.52
C GLU G 310 -25.53 -31.90 -16.29
N PHE G 311 -25.78 -31.01 -17.24
CA PHE G 311 -26.82 -29.99 -17.12
C PHE G 311 -27.70 -30.05 -18.37
N VAL G 312 -28.84 -30.73 -18.24
CA VAL G 312 -29.82 -30.87 -19.31
C VAL G 312 -31.09 -30.16 -18.85
N GLY G 313 -30.95 -28.92 -18.41
CA GLY G 313 -32.08 -28.23 -17.83
C GLY G 313 -32.23 -28.51 -16.34
N THR G 314 -32.88 -27.58 -15.65
CA THR G 314 -32.94 -27.61 -14.20
C THR G 314 -33.91 -28.68 -13.72
N VAL G 315 -33.40 -29.67 -13.00
CA VAL G 315 -34.20 -30.71 -12.35
C VAL G 315 -33.54 -31.07 -11.03
N ASP G 316 -34.22 -31.93 -10.27
CA ASP G 316 -33.69 -32.47 -9.02
C ASP G 316 -32.88 -33.72 -9.37
N ASN G 317 -31.55 -33.61 -9.30
CA ASN G 317 -30.66 -34.72 -9.61
C ASN G 317 -30.29 -35.54 -8.38
N SER G 318 -31.01 -35.36 -7.26
CA SER G 318 -30.74 -36.18 -6.09
C SER G 318 -30.92 -37.68 -6.34
N PRO G 319 -31.89 -38.16 -7.12
CA PRO G 319 -31.88 -39.58 -7.50
C PRO G 319 -30.59 -40.03 -8.15
N PHE G 320 -30.02 -39.22 -9.05
CA PHE G 320 -28.74 -39.56 -9.66
C PHE G 320 -27.65 -39.67 -8.60
N PHE G 321 -27.65 -38.76 -7.64
CA PHE G 321 -26.62 -38.74 -6.60
C PHE G 321 -26.69 -39.96 -5.71
N CYS G 322 -27.86 -40.58 -5.59
CA CYS G 322 -28.03 -41.74 -4.73
C CYS G 322 -27.59 -43.05 -5.39
N VAL G 323 -27.23 -43.03 -6.67
CA VAL G 323 -26.84 -44.26 -7.36
C VAL G 323 -25.66 -44.91 -6.65
N LYS G 324 -24.65 -44.11 -6.29
CA LYS G 324 -23.54 -44.66 -5.53
C LYS G 324 -23.97 -45.10 -4.15
N ASP G 325 -25.00 -44.47 -3.58
CA ASP G 325 -25.47 -44.86 -2.25
C ASP G 325 -26.24 -46.17 -2.30
N ALA G 326 -27.09 -46.34 -3.32
CA ALA G 326 -27.89 -47.56 -3.42
C ALA G 326 -27.00 -48.77 -3.73
N ILE G 327 -25.95 -48.58 -4.52
CA ILE G 327 -25.04 -49.68 -4.84
C ILE G 327 -24.27 -50.10 -3.59
N LYS G 328 -23.74 -49.12 -2.85
CA LYS G 328 -22.99 -49.44 -1.64
C LYS G 328 -23.88 -50.09 -0.58
N TRP G 329 -25.12 -49.61 -0.45
CA TRP G 329 -26.05 -50.21 0.49
C TRP G 329 -26.35 -51.66 0.12
N ARG G 330 -26.52 -51.94 -1.17
CA ARG G 330 -26.76 -53.30 -1.62
C ARG G 330 -25.56 -54.20 -1.37
N GLU G 331 -24.35 -53.62 -1.33
CA GLU G 331 -23.15 -54.42 -1.12
C GLU G 331 -22.91 -54.68 0.37
N GLU G 332 -23.01 -53.64 1.20
CA GLU G 332 -22.67 -53.79 2.62
C GLU G 332 -23.82 -54.37 3.43
N VAL G 333 -25.07 -54.08 3.07
CA VAL G 333 -26.22 -54.48 3.87
C VAL G 333 -26.85 -55.76 3.36
N LEU G 334 -27.03 -55.89 2.05
CA LEU G 334 -27.72 -57.03 1.48
C LEU G 334 -26.80 -58.13 0.98
N GLY G 335 -25.48 -57.93 1.02
CA GLY G 335 -24.53 -58.98 0.74
C GLY G 335 -23.97 -59.04 -0.67
N GLY G 336 -24.22 -58.02 -1.49
CA GLY G 336 -23.60 -57.99 -2.80
C GLY G 336 -24.57 -57.87 -3.96
N GLU G 337 -24.10 -57.30 -5.07
CA GLU G 337 -24.96 -57.10 -6.23
C GLU G 337 -25.32 -58.41 -6.89
N GLU G 338 -24.30 -59.24 -7.16
CA GLU G 338 -24.52 -60.60 -7.61
C GLU G 338 -25.63 -61.26 -6.79
N ARG G 339 -25.41 -61.36 -5.48
CA ARG G 339 -26.26 -62.09 -4.55
C ARG G 339 -27.65 -61.47 -4.37
N ILE G 340 -27.99 -60.34 -4.96
CA ILE G 340 -29.39 -59.95 -4.88
C ILE G 340 -30.21 -60.65 -5.97
N MET G 341 -29.57 -61.10 -7.05
CA MET G 341 -30.31 -61.58 -8.23
C MET G 341 -30.74 -63.05 -8.12
N GLU G 342 -29.96 -63.89 -7.44
CA GLU G 342 -30.30 -65.31 -7.34
C GLU G 342 -31.60 -65.51 -6.58
N TYR G 343 -31.68 -64.93 -5.37
CA TYR G 343 -32.87 -65.09 -4.54
C TYR G 343 -34.13 -64.66 -5.29
N MET G 344 -34.03 -63.55 -6.04
CA MET G 344 -35.21 -63.03 -6.72
C MET G 344 -35.54 -63.86 -7.94
N THR G 345 -34.54 -64.27 -8.72
CA THR G 345 -34.79 -65.22 -9.80
C THR G 345 -35.31 -66.55 -9.26
N LYS G 346 -34.68 -67.05 -8.19
CA LYS G 346 -35.12 -68.31 -7.59
C LYS G 346 -36.53 -68.20 -7.03
N LEU G 347 -36.84 -67.06 -6.39
CA LEU G 347 -38.19 -66.89 -5.84
C LEU G 347 -39.23 -66.72 -6.94
N ALA G 348 -38.83 -66.18 -8.10
CA ALA G 348 -39.76 -66.06 -9.21
C ALA G 348 -40.16 -67.43 -9.74
N ARG G 349 -39.21 -68.38 -9.74
CA ARG G 349 -39.52 -69.74 -10.20
C ARG G 349 -40.52 -70.42 -9.26
N GLU G 350 -40.10 -70.63 -8.01
CA GLU G 350 -40.93 -71.39 -7.08
C GLU G 350 -42.20 -70.63 -6.71
N GLY G 351 -42.07 -69.31 -6.50
CA GLY G 351 -43.25 -68.52 -6.20
C GLY G 351 -44.27 -68.55 -7.31
N GLY G 352 -43.81 -68.36 -8.55
CA GLY G 352 -44.72 -68.48 -9.68
C GLY G 352 -45.28 -69.88 -9.84
N GLN G 353 -44.44 -70.90 -9.63
CA GLN G 353 -44.91 -72.27 -9.71
C GLN G 353 -45.94 -72.57 -8.63
N LYS G 354 -45.75 -72.00 -7.43
CA LYS G 354 -46.75 -72.11 -6.38
C LYS G 354 -48.06 -71.46 -6.81
N VAL G 355 -47.97 -70.26 -7.40
CA VAL G 355 -49.16 -69.56 -7.89
C VAL G 355 -49.87 -70.39 -8.96
N ALA G 356 -49.10 -70.96 -9.89
CA ALA G 356 -49.70 -71.76 -10.95
C ALA G 356 -50.35 -73.02 -10.40
N GLU G 357 -49.79 -73.60 -9.33
CA GLU G 357 -50.42 -74.76 -8.72
C GLU G 357 -51.67 -74.38 -7.93
N ILE G 358 -51.64 -73.22 -7.26
CA ILE G 358 -52.84 -72.74 -6.58
C ILE G 358 -53.93 -72.40 -7.60
N LEU G 359 -53.56 -71.73 -8.69
CA LEU G 359 -54.52 -71.40 -9.74
C LEU G 359 -54.89 -72.59 -10.60
N GLY G 360 -54.13 -73.68 -10.55
CA GLY G 360 -54.38 -74.81 -11.43
C GLY G 360 -54.01 -74.56 -12.88
N THR G 361 -53.16 -73.57 -13.15
CA THR G 361 -52.78 -73.25 -14.52
C THR G 361 -51.28 -73.50 -14.72
N ARG G 362 -50.59 -72.55 -15.35
CA ARG G 362 -49.21 -72.76 -15.74
C ARG G 362 -48.46 -71.44 -15.73
N VAL G 363 -47.16 -71.52 -15.42
CA VAL G 363 -46.29 -70.36 -15.56
C VAL G 363 -45.89 -70.20 -17.02
N LEU G 364 -45.52 -68.97 -17.39
CA LEU G 364 -45.09 -68.68 -18.75
C LEU G 364 -43.62 -69.05 -18.89
N GLU G 365 -43.35 -70.17 -19.59
CA GLU G 365 -42.00 -70.67 -19.72
C GLU G 365 -41.90 -71.50 -21.00
N ASN G 366 -40.71 -71.51 -21.59
CA ASN G 366 -40.44 -72.31 -22.78
C ASN G 366 -39.75 -73.61 -22.38
N SER G 367 -39.46 -74.44 -23.38
CA SER G 367 -38.92 -75.77 -23.12
C SER G 367 -37.49 -75.75 -22.60
N THR G 368 -36.76 -74.66 -22.82
CA THR G 368 -35.40 -74.54 -22.33
C THR G 368 -35.31 -73.82 -20.99
N GLY G 369 -36.43 -73.34 -20.46
CA GLY G 369 -36.41 -72.67 -19.16
C GLY G 369 -35.63 -71.38 -19.13
N THR G 370 -35.73 -70.57 -20.19
CA THR G 370 -34.93 -69.35 -20.31
C THR G 370 -35.74 -68.08 -20.10
N LEU G 371 -37.07 -68.15 -20.07
CA LEU G 371 -37.87 -66.93 -19.89
C LEU G 371 -37.78 -66.42 -18.46
N ILE G 372 -37.88 -67.31 -17.48
CA ILE G 372 -37.87 -66.91 -16.08
C ILE G 372 -36.45 -66.87 -15.56
N ARG G 373 -35.58 -66.14 -16.26
CA ARG G 373 -34.22 -65.89 -15.82
C ARG G 373 -34.07 -64.50 -15.19
N CYS G 374 -35.16 -63.91 -14.74
CA CYS G 374 -35.14 -62.63 -14.05
C CYS G 374 -35.92 -62.73 -12.75
N ALA G 375 -36.11 -61.61 -12.06
CA ALA G 375 -36.87 -61.57 -10.82
C ALA G 375 -38.37 -61.60 -11.04
N MET G 376 -38.82 -61.94 -12.24
CA MET G 376 -40.21 -61.77 -12.63
C MET G 376 -40.75 -63.06 -13.24
N VAL G 377 -42.07 -63.22 -13.16
CA VAL G 377 -42.73 -64.43 -13.62
C VAL G 377 -44.17 -64.09 -14.01
N ASN G 378 -44.69 -64.81 -15.00
CA ASN G 378 -46.05 -64.63 -15.48
C ASN G 378 -46.82 -65.92 -15.32
N ILE G 379 -48.06 -65.82 -14.83
CA ILE G 379 -48.90 -66.98 -14.57
C ILE G 379 -50.27 -66.73 -15.20
N ALA G 380 -50.82 -67.77 -15.81
CA ALA G 380 -52.09 -67.65 -16.52
C ALA G 380 -53.26 -67.76 -15.56
N LEU G 381 -54.29 -66.94 -15.81
CA LEU G 381 -55.49 -66.98 -15.00
C LEU G 381 -56.45 -68.04 -15.49
N PRO G 382 -57.20 -68.73 -14.54
CA PRO G 382 -58.06 -69.87 -14.93
C PRO G 382 -59.35 -69.44 -15.62
N PHE G 383 -59.21 -68.74 -16.74
CA PHE G 383 -60.34 -68.49 -17.63
C PHE G 383 -59.78 -68.18 -19.02
N VAL G 384 -60.69 -67.87 -19.95
CA VAL G 384 -60.31 -67.59 -21.33
C VAL G 384 -61.25 -66.52 -21.87
N VAL G 385 -60.72 -65.71 -22.78
CA VAL G 385 -61.49 -64.65 -23.43
C VAL G 385 -62.06 -65.17 -24.75
N GLY G 386 -63.31 -64.83 -25.03
CA GLY G 386 -63.89 -65.17 -26.31
C GLY G 386 -63.18 -64.48 -27.45
N GLU G 387 -63.34 -65.05 -28.64
CA GLU G 387 -62.61 -64.59 -29.81
C GLU G 387 -63.22 -63.31 -30.38
N ASP G 388 -62.37 -62.39 -30.79
CA ASP G 388 -62.81 -61.12 -31.36
C ASP G 388 -63.03 -61.29 -32.85
N PRO G 389 -64.23 -61.01 -33.37
CA PRO G 389 -64.44 -61.10 -34.82
C PRO G 389 -63.54 -60.17 -35.63
N LYS G 390 -63.03 -59.10 -35.02
CA LYS G 390 -62.08 -58.22 -35.70
C LYS G 390 -60.81 -58.97 -36.04
N ALA G 391 -60.07 -59.39 -35.01
CA ALA G 391 -58.80 -60.08 -35.15
C ALA G 391 -58.91 -61.46 -34.51
N PRO G 392 -59.48 -62.44 -35.22
CA PRO G 392 -59.44 -63.82 -34.71
C PRO G 392 -58.01 -64.30 -34.65
N VAL G 393 -57.75 -65.21 -33.71
CA VAL G 393 -56.42 -65.77 -33.52
C VAL G 393 -56.52 -67.30 -33.53
N LYS G 394 -55.73 -67.93 -34.40
CA LYS G 394 -55.72 -69.38 -34.49
C LYS G 394 -54.83 -69.92 -33.37
N LEU G 395 -55.45 -70.42 -32.32
CA LEU G 395 -54.70 -71.00 -31.22
C LEU G 395 -54.07 -72.32 -31.63
N THR G 396 -52.83 -72.53 -31.25
CA THR G 396 -52.26 -73.87 -31.34
C THR G 396 -53.12 -74.82 -30.51
N GLU G 397 -53.19 -76.07 -30.98
CA GLU G 397 -54.08 -77.03 -30.35
C GLU G 397 -53.74 -77.23 -28.87
N LYS G 398 -52.46 -77.14 -28.51
CA LYS G 398 -52.08 -77.22 -27.11
C LYS G 398 -52.62 -76.03 -26.32
N GLU G 399 -52.69 -74.85 -26.94
CA GLU G 399 -53.39 -73.73 -26.31
C GLU G 399 -54.88 -74.01 -26.21
N GLU G 400 -55.45 -74.74 -27.19
CA GLU G 400 -56.86 -75.06 -27.15
C GLU G 400 -57.19 -76.00 -26.00
N LYS G 401 -56.32 -76.97 -25.73
CA LYS G 401 -56.60 -77.95 -24.68
C LYS G 401 -56.32 -77.37 -23.30
N ASP G 402 -55.32 -76.49 -23.20
CA ASP G 402 -55.06 -75.78 -21.95
C ASP G 402 -56.20 -74.84 -21.59
N VAL G 403 -57.02 -74.45 -22.57
CA VAL G 403 -58.21 -73.65 -22.32
C VAL G 403 -59.44 -74.51 -22.05
N GLU G 404 -59.41 -75.79 -22.44
CA GLU G 404 -60.55 -76.68 -22.31
C GLU G 404 -61.04 -76.76 -20.87
N GLY G 405 -62.33 -76.46 -20.66
CA GLY G 405 -62.95 -76.54 -19.36
C GLY G 405 -63.03 -75.24 -18.60
N LEU G 406 -62.31 -74.21 -19.05
CA LEU G 406 -62.31 -72.94 -18.33
C LEU G 406 -63.54 -72.11 -18.68
N TYR G 407 -63.93 -71.27 -17.74
CA TYR G 407 -64.97 -70.28 -17.99
C TYR G 407 -64.49 -69.28 -19.05
N GLU G 408 -65.39 -68.92 -19.96
CA GLU G 408 -65.04 -68.03 -21.07
C GLU G 408 -65.74 -66.69 -20.91
N ILE G 409 -64.99 -65.63 -21.09
CA ILE G 409 -65.52 -64.26 -21.07
C ILE G 409 -65.65 -63.78 -22.51
N PRO G 410 -66.79 -63.20 -22.91
CA PRO G 410 -66.88 -62.64 -24.26
C PRO G 410 -65.89 -61.52 -24.46
N HIS G 411 -65.46 -61.35 -25.71
CA HIS G 411 -64.41 -60.37 -26.01
C HIS G 411 -64.85 -58.95 -25.68
N GLU G 412 -66.14 -58.65 -25.90
CA GLU G 412 -66.63 -57.29 -25.62
C GLU G 412 -66.62 -56.97 -24.13
N GLU G 413 -66.64 -57.98 -23.26
CA GLU G 413 -66.56 -57.78 -21.83
C GLU G 413 -65.13 -57.94 -21.30
N ALA G 414 -64.15 -58.14 -22.17
CA ALA G 414 -62.78 -58.38 -21.70
C ALA G 414 -62.21 -57.14 -21.03
N ASN G 415 -62.31 -55.98 -21.68
CA ASN G 415 -61.80 -54.75 -21.08
C ASN G 415 -62.56 -54.39 -19.82
N MET G 416 -63.87 -54.67 -19.78
CA MET G 416 -64.66 -54.39 -18.59
C MET G 416 -64.16 -55.20 -17.40
N ALA G 417 -63.95 -56.51 -17.59
CA ALA G 417 -63.42 -57.33 -16.52
C ALA G 417 -61.98 -56.96 -16.18
N PHE G 418 -61.23 -56.47 -17.16
CA PHE G 418 -59.83 -56.11 -16.92
C PHE G 418 -59.72 -54.97 -15.91
N LYS G 419 -60.53 -53.92 -16.09
CA LYS G 419 -60.49 -52.79 -15.16
C LYS G 419 -61.07 -53.18 -13.81
N TRP G 420 -62.09 -54.04 -13.78
CA TRP G 420 -62.67 -54.47 -12.52
C TRP G 420 -61.64 -55.20 -11.66
N MET G 421 -60.81 -56.04 -12.28
CA MET G 421 -59.81 -56.77 -11.51
C MET G 421 -58.74 -55.84 -10.96
N TYR G 422 -58.39 -54.79 -11.71
CA TYR G 422 -57.39 -53.84 -11.23
C TYR G 422 -57.90 -53.07 -10.01
N ASN G 423 -59.20 -52.73 -10.00
CA ASN G 423 -59.74 -51.96 -8.89
C ASN G 423 -59.87 -52.81 -7.63
N VAL G 424 -60.33 -54.06 -7.78
CA VAL G 424 -60.55 -54.91 -6.61
C VAL G 424 -59.22 -55.26 -5.94
N LEU G 425 -58.17 -55.48 -6.73
CA LEU G 425 -56.87 -55.81 -6.16
C LEU G 425 -56.32 -54.68 -5.30
N GLN G 426 -56.70 -53.44 -5.61
CA GLN G 426 -56.21 -52.28 -4.86
C GLN G 426 -57.10 -51.90 -3.70
N ASP G 427 -58.41 -51.93 -3.88
CA ASP G 427 -59.34 -51.51 -2.83
C ASP G 427 -59.60 -52.63 -1.83
N GLU G 428 -59.82 -53.85 -2.32
CA GLU G 428 -60.20 -54.95 -1.46
C GLU G 428 -59.00 -55.75 -0.97
N PHE G 429 -57.97 -55.91 -1.81
CA PHE G 429 -56.81 -56.70 -1.44
C PHE G 429 -55.57 -55.87 -1.18
N ASN G 430 -55.60 -54.58 -1.48
CA ASN G 430 -54.49 -53.66 -1.23
C ASN G 430 -53.19 -54.18 -1.83
N THR G 431 -53.25 -54.49 -3.13
CA THR G 431 -52.10 -54.91 -3.90
C THR G 431 -52.31 -54.45 -5.33
N PHE G 432 -51.33 -54.71 -6.20
CA PHE G 432 -51.47 -54.42 -7.62
C PHE G 432 -50.75 -55.49 -8.42
N VAL G 433 -51.48 -56.12 -9.34
CA VAL G 433 -50.93 -57.17 -10.19
C VAL G 433 -51.20 -56.82 -11.65
N PRO G 434 -50.20 -56.38 -12.39
CA PRO G 434 -50.40 -56.12 -13.82
C PRO G 434 -50.60 -57.41 -14.58
N MET G 435 -51.33 -57.33 -15.69
CA MET G 435 -51.71 -58.50 -16.45
C MET G 435 -51.49 -58.25 -17.94
N THR G 436 -50.90 -59.22 -18.61
CA THR G 436 -50.69 -59.17 -20.06
C THR G 436 -51.83 -59.91 -20.75
N PHE G 437 -52.41 -59.28 -21.75
CA PHE G 437 -53.47 -59.89 -22.56
C PHE G 437 -52.83 -60.45 -23.82
N HIS G 438 -52.59 -61.76 -23.83
CA HIS G 438 -51.88 -62.41 -24.93
C HIS G 438 -52.66 -63.64 -25.38
N ARG G 439 -53.18 -63.59 -26.60
CA ARG G 439 -53.81 -64.74 -27.25
C ARG G 439 -54.99 -65.28 -26.45
N ARG G 440 -56.00 -64.41 -26.29
CA ARG G 440 -57.27 -64.74 -25.63
C ARG G 440 -57.10 -65.10 -24.16
N ARG G 441 -55.99 -64.69 -23.54
CA ARG G 441 -55.69 -65.09 -22.17
C ARG G 441 -55.00 -63.94 -21.43
N PHE G 442 -55.34 -63.79 -20.16
CA PHE G 442 -54.67 -62.84 -19.28
C PHE G 442 -53.58 -63.57 -18.49
N TRP G 443 -52.39 -62.98 -18.44
CA TRP G 443 -51.26 -63.52 -17.70
C TRP G 443 -50.93 -62.56 -16.56
N ALA G 444 -51.25 -62.97 -15.33
CA ALA G 444 -50.85 -62.19 -14.17
C ALA G 444 -49.34 -62.13 -14.09
N ARG G 445 -48.82 -60.98 -13.67
CA ARG G 445 -47.38 -60.69 -13.73
C ARG G 445 -46.91 -60.27 -12.35
N LEU G 446 -46.04 -61.09 -11.74
CA LEU G 446 -45.59 -60.89 -10.37
C LEU G 446 -44.10 -60.60 -10.34
N SER G 447 -43.68 -59.81 -9.36
CA SER G 447 -42.29 -59.39 -9.21
C SER G 447 -41.77 -59.86 -7.87
N ALA G 448 -40.74 -60.70 -7.88
CA ALA G 448 -40.10 -61.15 -6.66
C ALA G 448 -39.15 -60.06 -6.15
N GLN G 449 -38.86 -60.12 -4.85
CA GLN G 449 -37.96 -59.14 -4.24
C GLN G 449 -37.30 -59.75 -3.01
N VAL G 450 -36.18 -59.14 -2.61
CA VAL G 450 -35.43 -59.60 -1.45
C VAL G 450 -36.23 -59.43 -0.16
N TYR G 451 -37.19 -58.52 -0.12
CA TYR G 451 -38.07 -58.39 1.03
C TYR G 451 -39.31 -59.28 0.92
N LEU G 452 -39.36 -60.16 -0.07
CA LEU G 452 -40.45 -61.11 -0.25
C LEU G 452 -39.95 -62.54 -0.01
N GLU G 453 -40.89 -63.45 0.14
CA GLU G 453 -40.59 -64.86 0.30
C GLU G 453 -41.83 -65.66 -0.11
N MET G 454 -41.76 -66.99 0.08
CA MET G 454 -42.74 -67.89 -0.50
C MET G 454 -44.15 -67.57 -0.03
N SER G 455 -44.31 -67.18 1.23
CA SER G 455 -45.63 -66.89 1.77
C SER G 455 -46.33 -65.77 1.00
N ASP G 456 -45.56 -64.83 0.46
CA ASP G 456 -46.16 -63.76 -0.33
C ASP G 456 -46.73 -64.29 -1.64
N PHE G 457 -46.10 -65.28 -2.25
CA PHE G 457 -46.61 -65.84 -3.49
C PHE G 457 -47.80 -66.75 -3.26
N GLU G 458 -47.87 -67.41 -2.10
CA GLU G 458 -49.07 -68.17 -1.77
C GLU G 458 -50.26 -67.24 -1.60
N TRP G 459 -50.05 -66.08 -0.96
CA TRP G 459 -51.13 -65.11 -0.80
C TRP G 459 -51.60 -64.58 -2.14
N ALA G 460 -50.67 -64.30 -3.06
CA ALA G 460 -51.04 -63.85 -4.39
C ALA G 460 -51.84 -64.93 -5.12
N GLY G 461 -51.43 -66.20 -4.99
CA GLY G 461 -52.16 -67.28 -5.63
C GLY G 461 -53.58 -67.41 -5.10
N LYS G 462 -53.72 -67.36 -3.78
CA LYS G 462 -55.06 -67.44 -3.18
C LYS G 462 -55.89 -66.21 -3.52
N THR G 463 -55.25 -65.03 -3.57
CA THR G 463 -55.96 -63.83 -3.98
C THR G 463 -56.47 -63.94 -5.41
N LEU G 464 -55.58 -64.29 -6.34
CA LEU G 464 -55.98 -64.41 -7.73
C LEU G 464 -57.04 -65.49 -7.92
N LYS G 465 -56.92 -66.60 -7.19
CA LYS G 465 -57.94 -67.65 -7.26
C LYS G 465 -59.30 -67.11 -6.86
N GLU G 466 -59.37 -66.46 -5.70
CA GLU G 466 -60.62 -65.82 -5.27
C GLU G 466 -61.06 -64.75 -6.28
N LEU G 467 -60.10 -64.01 -6.83
CA LEU G 467 -60.42 -62.97 -7.81
C LEU G 467 -61.03 -63.56 -9.07
N CYS G 468 -60.45 -64.65 -9.58
CA CYS G 468 -60.94 -65.23 -10.83
C CYS G 468 -62.27 -65.96 -10.63
N GLU G 469 -62.48 -66.55 -9.46
CA GLU G 469 -63.78 -67.16 -9.17
C GLU G 469 -64.89 -66.11 -9.17
N ARG G 470 -64.58 -64.89 -8.73
CA ARG G 470 -65.57 -63.82 -8.79
C ARG G 470 -65.77 -63.32 -10.21
N VAL G 471 -64.72 -63.32 -11.03
CA VAL G 471 -64.86 -62.98 -12.44
C VAL G 471 -65.74 -64.00 -13.15
N ALA G 472 -65.56 -65.27 -12.83
CA ALA G 472 -66.41 -66.32 -13.40
C ALA G 472 -67.86 -66.13 -13.02
N LYS G 473 -68.12 -65.57 -11.83
CA LYS G 473 -69.47 -65.27 -11.39
C LYS G 473 -70.06 -64.03 -12.04
N GLY G 474 -69.34 -63.40 -12.97
CA GLY G 474 -69.84 -62.21 -13.62
C GLY G 474 -69.97 -61.01 -12.71
N GLU G 475 -69.20 -60.96 -11.63
CA GLU G 475 -69.27 -59.85 -10.69
C GLU G 475 -68.80 -58.54 -11.31
N TYR G 476 -67.98 -58.61 -12.35
CA TYR G 476 -67.40 -57.42 -12.99
C TYR G 476 -68.40 -56.59 -13.76
N LYS G 477 -69.66 -57.01 -13.86
CA LYS G 477 -70.66 -56.30 -14.66
C LYS G 477 -71.55 -55.38 -13.85
N GLU G 478 -71.98 -55.81 -12.67
CA GLU G 478 -72.91 -55.04 -11.84
C GLU G 478 -72.29 -53.72 -11.40
N GLY H 29 -53.12 -12.29 8.97
CA GLY H 29 -52.07 -11.28 8.96
C GLY H 29 -50.81 -11.82 8.28
N PRO H 30 -50.47 -11.25 7.12
CA PRO H 30 -49.26 -11.70 6.42
C PRO H 30 -48.01 -11.39 7.23
N LEU H 31 -47.01 -12.26 7.08
CA LEU H 31 -45.75 -12.06 7.79
C LEU H 31 -45.00 -10.88 7.19
N PRO H 32 -44.28 -10.11 8.01
CA PRO H 32 -43.45 -9.04 7.46
C PRO H 32 -42.28 -9.61 6.68
N PHE H 33 -41.91 -8.89 5.61
CA PHE H 33 -40.79 -9.28 4.79
C PHE H 33 -39.47 -8.89 5.46
N GLY H 34 -38.37 -9.33 4.87
CA GLY H 34 -37.05 -9.05 5.38
C GLY H 34 -36.40 -10.29 5.97
N ASN H 35 -35.26 -10.06 6.65
CA ASN H 35 -34.48 -11.15 7.22
C ASN H 35 -35.29 -11.97 8.23
N SER H 36 -36.36 -11.40 8.80
CA SER H 36 -37.21 -12.16 9.71
C SER H 36 -37.82 -13.36 9.01
N LEU H 37 -38.07 -13.25 7.70
CA LEU H 37 -38.67 -14.34 6.94
C LEU H 37 -37.74 -15.53 6.75
N LEU H 38 -36.45 -15.37 7.04
CA LEU H 38 -35.51 -16.47 6.90
C LEU H 38 -35.80 -17.63 7.85
N LYS H 39 -36.58 -17.39 8.91
CA LYS H 39 -37.00 -18.49 9.77
C LYS H 39 -37.85 -19.49 9.01
N GLU H 40 -38.52 -19.05 7.95
CA GLU H 40 -39.41 -19.91 7.17
C GLU H 40 -38.70 -20.59 6.01
N PHE H 41 -37.41 -20.33 5.81
CA PHE H 41 -36.65 -20.90 4.72
C PHE H 41 -35.52 -21.77 5.26
N VAL H 42 -34.95 -22.58 4.37
CA VAL H 42 -33.91 -23.53 4.77
C VAL H 42 -32.59 -23.16 4.11
N LEU H 43 -32.34 -21.86 3.94
CA LEU H 43 -31.06 -21.40 3.42
C LEU H 43 -30.01 -21.44 4.52
N ASP H 44 -28.77 -21.66 4.11
CA ASP H 44 -27.65 -21.65 5.04
C ASP H 44 -27.45 -20.24 5.58
N PRO H 45 -27.54 -20.03 6.90
CA PRO H 45 -27.44 -18.65 7.43
C PRO H 45 -26.10 -17.98 7.13
N ALA H 46 -25.02 -18.76 7.02
CA ALA H 46 -23.73 -18.20 6.65
C ALA H 46 -23.63 -17.89 5.16
N TYR H 47 -24.59 -18.32 4.36
CA TYR H 47 -24.61 -18.05 2.92
C TYR H 47 -25.63 -16.97 2.63
N ARG H 48 -25.24 -15.99 1.83
CA ARG H 48 -26.12 -14.88 1.44
C ARG H 48 -26.59 -15.13 0.01
N ASN H 49 -27.88 -15.40 -0.14
CA ASN H 49 -28.47 -15.75 -1.43
C ASN H 49 -28.87 -14.47 -2.15
N LEU H 50 -27.93 -13.91 -2.91
CA LEU H 50 -28.18 -12.75 -3.75
C LEU H 50 -28.57 -13.12 -5.17
N ASN H 51 -28.61 -14.42 -5.49
CA ASN H 51 -28.91 -14.89 -6.84
C ASN H 51 -29.99 -15.97 -6.77
N HIS H 52 -31.17 -15.57 -6.30
CA HIS H 52 -32.32 -16.47 -6.29
C HIS H 52 -32.80 -16.79 -7.70
N GLY H 53 -32.51 -15.93 -8.67
CA GLY H 53 -33.03 -16.11 -10.02
C GLY H 53 -32.47 -17.31 -10.76
N SER H 54 -31.33 -17.84 -10.32
CA SER H 54 -30.73 -18.97 -11.02
C SER H 54 -31.52 -20.25 -10.79
N PHE H 55 -31.68 -20.65 -9.53
CA PHE H 55 -32.38 -21.88 -9.19
C PHE H 55 -33.50 -21.69 -8.17
N GLY H 56 -33.60 -20.53 -7.53
CA GLY H 56 -34.63 -20.34 -6.53
C GLY H 56 -34.38 -21.17 -5.28
N THR H 57 -35.40 -21.19 -4.42
CA THR H 57 -35.41 -22.02 -3.22
C THR H 57 -36.84 -22.01 -2.70
N ILE H 58 -37.09 -22.91 -1.75
CA ILE H 58 -38.45 -23.13 -1.26
C ILE H 58 -38.48 -22.93 0.26
N PRO H 59 -39.61 -22.52 0.83
CA PRO H 59 -39.69 -22.40 2.29
C PRO H 59 -39.73 -23.77 2.95
N SER H 60 -39.58 -23.75 4.27
CA SER H 60 -39.52 -24.99 5.04
C SER H 60 -40.79 -25.83 4.86
N ALA H 61 -41.94 -25.17 4.81
CA ALA H 61 -43.21 -25.91 4.69
C ALA H 61 -43.31 -26.62 3.35
N ILE H 62 -42.85 -25.98 2.27
CA ILE H 62 -42.93 -26.62 0.96
C ILE H 62 -41.99 -27.81 0.87
N GLN H 63 -40.83 -27.74 1.55
CA GLN H 63 -39.94 -28.89 1.58
C GLN H 63 -40.57 -30.06 2.33
N GLN H 64 -41.37 -29.78 3.36
CA GLN H 64 -42.04 -30.86 4.08
C GLN H 64 -43.17 -31.46 3.25
N LYS H 65 -43.87 -30.63 2.46
CA LYS H 65 -44.86 -31.17 1.53
C LYS H 65 -44.18 -32.01 0.44
N LEU H 66 -43.02 -31.55 -0.04
CA LEU H 66 -42.25 -32.34 -0.99
C LEU H 66 -41.95 -33.73 -0.45
N ARG H 67 -41.45 -33.79 0.77
CA ARG H 67 -41.17 -35.09 1.39
C ARG H 67 -42.44 -35.83 1.74
N SER H 68 -43.54 -35.10 1.95
CA SER H 68 -44.83 -35.75 2.17
C SER H 68 -45.25 -36.54 0.92
N TYR H 69 -45.18 -35.89 -0.25
CA TYR H 69 -45.54 -36.57 -1.49
C TYR H 69 -44.60 -37.74 -1.78
N GLN H 70 -43.33 -37.63 -1.36
CA GLN H 70 -42.38 -38.71 -1.57
C GLN H 70 -42.73 -39.93 -0.71
N THR H 71 -43.02 -39.71 0.57
CA THR H 71 -43.39 -40.81 1.45
C THR H 71 -44.62 -41.54 0.94
N ALA H 72 -45.61 -40.78 0.46
CA ALA H 72 -46.83 -41.40 -0.05
C ALA H 72 -46.56 -42.24 -1.30
N ALA H 73 -45.60 -41.82 -2.14
CA ALA H 73 -45.30 -42.56 -3.36
C ALA H 73 -44.58 -43.87 -3.06
N GLU H 74 -43.79 -43.92 -1.99
CA GLU H 74 -43.12 -45.15 -1.60
C GLU H 74 -43.98 -46.04 -0.72
N ALA H 75 -45.07 -45.51 -0.16
CA ALA H 75 -45.94 -46.32 0.68
C ALA H 75 -46.78 -47.28 -0.17
N ARG H 76 -47.36 -46.77 -1.25
CA ARG H 76 -48.17 -47.56 -2.17
C ARG H 76 -47.80 -47.16 -3.59
N PRO H 77 -46.68 -47.69 -4.12
CA PRO H 77 -46.15 -47.20 -5.40
C PRO H 77 -47.14 -47.23 -6.55
N CYS H 78 -47.60 -48.42 -6.92
CA CYS H 78 -48.53 -48.52 -8.04
C CYS H 78 -49.85 -47.78 -7.80
N PRO H 79 -50.54 -47.93 -6.66
CA PRO H 79 -51.80 -47.19 -6.49
C PRO H 79 -51.62 -45.68 -6.51
N PHE H 80 -50.53 -45.17 -5.94
CA PHE H 80 -50.33 -43.72 -5.89
C PHE H 80 -49.87 -43.17 -7.24
N LEU H 81 -48.79 -43.73 -7.79
CA LEU H 81 -48.20 -43.16 -9.00
C LEU H 81 -49.10 -43.35 -10.22
N ARG H 82 -49.97 -44.34 -10.22
CA ARG H 82 -50.85 -44.56 -11.36
C ARG H 82 -52.14 -43.75 -11.26
N TYR H 83 -52.78 -43.73 -10.09
CA TYR H 83 -54.12 -43.18 -9.95
C TYR H 83 -54.20 -41.90 -9.14
N GLN H 84 -53.22 -41.61 -8.30
CA GLN H 84 -53.17 -40.32 -7.61
C GLN H 84 -52.26 -39.32 -8.31
N THR H 85 -51.57 -39.74 -9.38
CA THR H 85 -50.79 -38.78 -10.16
C THR H 85 -51.67 -37.78 -10.88
N PRO H 86 -52.69 -38.17 -11.68
CA PRO H 86 -53.51 -37.15 -12.35
C PRO H 86 -54.24 -36.22 -11.40
N VAL H 87 -54.88 -36.75 -10.35
CA VAL H 87 -55.69 -35.90 -9.48
C VAL H 87 -54.83 -34.81 -8.83
N LEU H 88 -53.63 -35.19 -8.37
CA LEU H 88 -52.73 -34.18 -7.80
C LEU H 88 -52.24 -33.21 -8.85
N LEU H 89 -51.98 -33.70 -10.07
CA LEU H 89 -51.64 -32.81 -11.17
C LEU H 89 -52.78 -31.86 -11.49
N ASP H 90 -54.01 -32.37 -11.54
CA ASP H 90 -55.16 -31.54 -11.88
C ASP H 90 -55.35 -30.41 -10.86
N GLU H 91 -55.11 -30.70 -9.58
CA GLU H 91 -55.29 -29.66 -8.56
C GLU H 91 -54.21 -28.60 -8.67
N SER H 92 -52.96 -29.01 -8.90
CA SER H 92 -51.91 -28.02 -9.14
C SER H 92 -52.16 -27.25 -10.43
N ARG H 93 -52.70 -27.92 -11.46
CA ARG H 93 -53.04 -27.23 -12.69
C ARG H 93 -54.13 -26.19 -12.46
N ALA H 94 -55.11 -26.51 -11.61
CA ALA H 94 -56.18 -25.56 -11.34
C ALA H 94 -55.69 -24.38 -10.52
N ALA H 95 -54.74 -24.61 -9.61
CA ALA H 95 -54.23 -23.52 -8.78
C ALA H 95 -53.35 -22.57 -9.58
N VAL H 96 -52.64 -23.06 -10.58
CA VAL H 96 -51.78 -22.19 -11.38
C VAL H 96 -52.56 -21.53 -12.52
N ALA H 97 -53.57 -22.20 -13.05
CA ALA H 97 -54.43 -21.56 -14.04
C ALA H 97 -55.25 -20.44 -13.42
N ASN H 98 -55.63 -20.60 -12.14
CA ASN H 98 -56.31 -19.53 -11.43
C ASN H 98 -55.35 -18.39 -11.13
N LEU H 99 -54.11 -18.71 -10.71
CA LEU H 99 -53.10 -17.69 -10.49
C LEU H 99 -52.85 -16.87 -11.75
N LEU H 100 -52.69 -17.55 -12.90
CA LEU H 100 -52.43 -16.88 -14.16
C LEU H 100 -53.70 -16.37 -14.85
N LYS H 101 -54.88 -16.66 -14.28
CA LYS H 101 -56.17 -16.21 -14.83
C LYS H 101 -56.40 -16.79 -16.23
N VAL H 102 -55.99 -18.03 -16.45
CA VAL H 102 -56.19 -18.71 -17.73
C VAL H 102 -57.03 -19.95 -17.46
N PRO H 103 -57.69 -20.49 -18.49
CA PRO H 103 -58.47 -21.70 -18.29
C PRO H 103 -57.58 -22.87 -17.92
N VAL H 104 -58.14 -23.80 -17.15
CA VAL H 104 -57.36 -24.95 -16.69
C VAL H 104 -57.00 -25.87 -17.85
N GLU H 105 -57.77 -25.85 -18.94
CA GLU H 105 -57.51 -26.70 -20.09
C GLU H 105 -56.35 -26.20 -20.94
N THR H 106 -55.70 -25.10 -20.55
CA THR H 106 -54.63 -24.50 -21.33
C THR H 106 -53.28 -24.61 -20.64
N VAL H 107 -53.18 -25.38 -19.56
CA VAL H 107 -51.97 -25.43 -18.74
C VAL H 107 -51.64 -26.87 -18.39
N VAL H 108 -50.38 -27.25 -18.58
CA VAL H 108 -49.82 -28.51 -18.14
C VAL H 108 -48.46 -28.22 -17.50
N PHE H 109 -47.82 -29.26 -16.98
CA PHE H 109 -46.56 -29.13 -16.27
C PHE H 109 -45.48 -29.96 -16.95
N VAL H 110 -44.29 -29.38 -17.08
CA VAL H 110 -43.12 -30.04 -17.65
C VAL H 110 -41.94 -29.85 -16.68
N ALA H 111 -40.82 -30.49 -17.02
CA ALA H 111 -39.68 -30.52 -16.12
C ALA H 111 -39.13 -29.13 -15.85
N ASN H 112 -38.81 -28.38 -16.91
CA ASN H 112 -38.27 -27.04 -16.76
C ASN H 112 -38.48 -26.28 -18.06
N ALA H 113 -37.98 -25.04 -18.09
CA ALA H 113 -38.21 -24.16 -19.24
C ALA H 113 -37.42 -24.62 -20.46
N THR H 114 -36.22 -25.14 -20.25
CA THR H 114 -35.46 -25.71 -21.36
C THR H 114 -36.24 -26.86 -22.01
N MET H 115 -36.86 -27.70 -21.19
CA MET H 115 -37.73 -28.76 -21.71
C MET H 115 -38.96 -28.17 -22.40
N GLY H 116 -39.45 -27.02 -21.92
CA GLY H 116 -40.67 -26.46 -22.49
C GLY H 116 -40.46 -25.86 -23.87
N VAL H 117 -39.31 -25.23 -24.09
CA VAL H 117 -39.05 -24.65 -25.40
C VAL H 117 -38.68 -25.72 -26.41
N ASN H 118 -38.04 -26.80 -25.95
CA ASN H 118 -37.76 -27.93 -26.84
C ASN H 118 -39.04 -28.59 -27.32
N THR H 119 -40.02 -28.72 -26.43
CA THR H 119 -41.31 -29.29 -26.82
C THR H 119 -41.97 -28.46 -27.92
N VAL H 120 -41.79 -27.15 -27.87
CA VAL H 120 -42.34 -26.28 -28.92
C VAL H 120 -41.54 -26.44 -30.20
N LEU H 121 -40.22 -26.19 -30.12
CA LEU H 121 -39.40 -26.13 -31.33
C LEU H 121 -39.29 -27.48 -32.04
N ARG H 122 -39.33 -28.58 -31.30
CA ARG H 122 -39.19 -29.89 -31.92
C ARG H 122 -40.51 -30.42 -32.49
N ASN H 123 -41.63 -29.75 -32.24
CA ASN H 123 -42.93 -30.20 -32.74
C ASN H 123 -43.45 -29.39 -33.91
N ILE H 124 -42.94 -28.17 -34.12
CA ILE H 124 -43.41 -27.35 -35.23
C ILE H 124 -43.07 -28.05 -36.55
N VAL H 125 -44.05 -28.14 -37.43
CA VAL H 125 -43.85 -28.68 -38.78
C VAL H 125 -43.65 -27.50 -39.72
N TRP H 126 -42.43 -27.31 -40.18
CA TRP H 126 -42.08 -26.14 -40.97
C TRP H 126 -42.57 -26.30 -42.41
N SER H 127 -42.63 -25.17 -43.11
CA SER H 127 -43.15 -25.15 -44.47
C SER H 127 -42.29 -26.03 -45.38
N ALA H 128 -42.96 -26.75 -46.29
CA ALA H 128 -42.25 -27.67 -47.18
C ALA H 128 -41.30 -26.93 -48.12
N ASP H 129 -41.61 -25.68 -48.48
CA ASP H 129 -40.74 -24.92 -49.37
C ASP H 129 -39.41 -24.56 -48.74
N GLY H 130 -39.26 -24.72 -47.43
CA GLY H 130 -37.99 -24.49 -46.76
C GLY H 130 -37.61 -23.03 -46.61
N LYS H 131 -38.60 -22.14 -46.47
CA LYS H 131 -38.35 -20.72 -46.28
C LYS H 131 -38.64 -20.23 -44.87
N ASP H 132 -39.15 -21.10 -43.99
CA ASP H 132 -39.46 -20.70 -42.63
C ASP H 132 -38.20 -20.35 -41.85
N GLU H 133 -38.33 -19.39 -40.94
CA GLU H 133 -37.18 -18.89 -40.19
C GLU H 133 -37.61 -18.58 -38.76
N ILE H 134 -36.66 -18.74 -37.84
CA ILE H 134 -36.88 -18.51 -36.41
C ILE H 134 -36.20 -17.20 -36.03
N LEU H 135 -36.99 -16.25 -35.57
CA LEU H 135 -36.45 -14.98 -35.08
C LEU H 135 -36.19 -15.06 -33.58
N TYR H 136 -35.07 -14.48 -33.16
CA TYR H 136 -34.71 -14.47 -31.74
C TYR H 136 -33.66 -13.39 -31.53
N PHE H 137 -33.54 -12.96 -30.27
CA PHE H 137 -32.62 -11.91 -29.87
C PHE H 137 -31.36 -12.52 -29.26
N ASP H 138 -30.28 -11.72 -29.27
CA ASP H 138 -29.00 -12.21 -28.76
C ASP H 138 -28.95 -12.27 -27.25
N THR H 139 -29.99 -11.83 -26.54
CA THR H 139 -30.12 -12.06 -25.11
C THR H 139 -30.89 -13.34 -24.80
N ILE H 140 -31.06 -14.21 -25.78
CA ILE H 140 -31.76 -15.47 -25.56
C ILE H 140 -30.95 -16.33 -24.59
N PHE H 141 -31.67 -17.10 -23.76
CA PHE H 141 -31.00 -18.02 -22.85
C PHE H 141 -30.15 -19.01 -23.64
N GLY H 142 -28.99 -19.35 -23.07
CA GLY H 142 -28.03 -20.17 -23.79
C GLY H 142 -28.63 -21.44 -24.34
N ALA H 143 -29.27 -22.24 -23.47
CA ALA H 143 -29.82 -23.52 -23.91
C ALA H 143 -30.89 -23.35 -24.98
N CYS H 144 -31.66 -22.26 -24.91
CA CYS H 144 -32.71 -22.06 -25.90
C CYS H 144 -32.13 -21.70 -27.26
N GLY H 145 -31.05 -20.92 -27.29
CA GLY H 145 -30.41 -20.63 -28.55
C GLY H 145 -29.82 -21.85 -29.21
N LYS H 146 -29.17 -22.71 -28.42
CA LYS H 146 -28.64 -23.96 -28.96
C LYS H 146 -29.75 -24.89 -29.41
N THR H 147 -30.90 -24.86 -28.72
CA THR H 147 -32.04 -25.66 -29.15
C THR H 147 -32.48 -25.26 -30.55
N ILE H 148 -32.47 -23.96 -30.84
CA ILE H 148 -32.76 -23.50 -32.20
C ILE H 148 -31.72 -24.05 -33.17
N ASP H 149 -30.44 -23.99 -32.77
CA ASP H 149 -29.38 -24.46 -33.66
C ASP H 149 -29.52 -25.95 -33.96
N TYR H 150 -29.84 -26.75 -32.94
CA TYR H 150 -29.93 -28.20 -33.16
C TYR H 150 -31.13 -28.54 -34.04
N VAL H 151 -32.27 -27.87 -33.84
CA VAL H 151 -33.45 -28.17 -34.64
C VAL H 151 -33.18 -27.89 -36.11
N ILE H 152 -32.42 -26.84 -36.40
CA ILE H 152 -32.00 -26.57 -37.78
C ILE H 152 -31.16 -27.72 -38.31
N GLU H 153 -30.18 -28.17 -37.51
CA GLU H 153 -29.34 -29.30 -37.90
C GLU H 153 -30.14 -30.58 -38.01
N ASP H 154 -31.15 -30.76 -37.16
CA ASP H 154 -31.94 -32.00 -37.19
C ASP H 154 -32.87 -32.03 -38.39
N LYS H 155 -33.52 -30.90 -38.71
CA LYS H 155 -34.52 -30.84 -39.76
C LYS H 155 -33.92 -30.58 -41.15
N ARG H 156 -32.63 -30.83 -41.33
CA ARG H 156 -31.98 -30.74 -42.64
C ARG H 156 -32.13 -29.35 -43.27
N GLY H 157 -31.99 -28.31 -42.45
CA GLY H 157 -32.03 -26.96 -42.97
C GLY H 157 -33.35 -26.51 -43.55
N ILE H 158 -34.44 -27.25 -43.30
CA ILE H 158 -35.75 -26.80 -43.74
C ILE H 158 -36.17 -25.53 -43.02
N VAL H 159 -35.53 -25.22 -41.90
CA VAL H 159 -35.76 -23.99 -41.15
C VAL H 159 -34.40 -23.37 -40.87
N SER H 160 -34.39 -22.05 -40.69
CA SER H 160 -33.18 -21.31 -40.38
C SER H 160 -33.46 -20.35 -39.24
N SER H 161 -32.39 -19.78 -38.68
CA SER H 161 -32.51 -18.87 -37.55
C SER H 161 -31.84 -17.54 -37.88
N ARG H 162 -32.19 -16.53 -37.10
CA ARG H 162 -31.64 -15.18 -37.29
C ARG H 162 -31.53 -14.52 -35.93
N CYS H 163 -30.33 -14.07 -35.58
CA CYS H 163 -30.06 -13.45 -34.29
C CYS H 163 -30.20 -11.93 -34.42
N ILE H 164 -31.01 -11.34 -33.55
CA ILE H 164 -31.24 -9.91 -33.53
C ILE H 164 -30.36 -9.30 -32.44
N PRO H 165 -29.31 -8.55 -32.79
CA PRO H 165 -28.46 -7.94 -31.76
C PRO H 165 -29.19 -6.84 -31.01
N LEU H 166 -28.87 -6.73 -29.72
CA LEU H 166 -29.47 -5.72 -28.87
C LEU H 166 -28.37 -5.04 -28.05
N ILE H 167 -28.44 -3.71 -27.96
CA ILE H 167 -27.51 -2.93 -27.17
C ILE H 167 -28.23 -2.50 -25.89
N TYR H 168 -27.71 -2.95 -24.74
CA TYR H 168 -28.27 -2.55 -23.46
C TYR H 168 -27.39 -1.48 -22.79
N PRO H 169 -28.02 -0.50 -22.12
CA PRO H 169 -29.46 -0.34 -21.90
C PRO H 169 -30.25 -0.06 -23.17
N ALA H 170 -31.37 -0.74 -23.33
CA ALA H 170 -32.14 -0.72 -24.57
C ALA H 170 -33.50 -0.08 -24.33
N GLU H 171 -33.82 0.92 -25.15
CA GLU H 171 -35.16 1.49 -25.14
C GLU H 171 -36.14 0.52 -25.78
N ASP H 172 -37.38 0.55 -25.29
CA ASP H 172 -38.39 -0.39 -25.77
C ASP H 172 -38.70 -0.20 -27.24
N ASP H 173 -38.57 1.04 -27.75
CA ASP H 173 -38.83 1.29 -29.17
C ASP H 173 -37.72 0.72 -30.04
N ASP H 174 -36.47 0.78 -29.56
CA ASP H 174 -35.36 0.23 -30.33
C ASP H 174 -35.50 -1.28 -30.52
N VAL H 175 -35.93 -1.98 -29.47
CA VAL H 175 -36.14 -3.42 -29.56
C VAL H 175 -37.26 -3.72 -30.55
N VAL H 176 -38.38 -3.01 -30.44
CA VAL H 176 -39.48 -3.18 -31.37
C VAL H 176 -39.05 -2.85 -32.79
N ALA H 177 -38.28 -1.77 -32.95
CA ALA H 177 -37.80 -1.39 -34.27
C ALA H 177 -36.85 -2.43 -34.85
N ALA H 178 -35.97 -2.99 -34.02
CA ALA H 178 -35.08 -4.05 -34.48
C ALA H 178 -35.85 -5.30 -34.85
N PHE H 179 -36.95 -5.59 -34.13
CA PHE H 179 -37.78 -6.73 -34.48
C PHE H 179 -38.52 -6.50 -35.79
N ARG H 180 -39.06 -5.29 -35.99
CA ARG H 180 -39.71 -4.97 -37.25
C ARG H 180 -38.72 -4.97 -38.41
N ASP H 181 -37.44 -4.64 -38.14
CA ASP H 181 -36.45 -4.58 -39.20
C ASP H 181 -36.02 -5.96 -39.65
N ALA H 182 -35.89 -6.90 -38.72
CA ALA H 182 -35.55 -8.27 -39.10
C ALA H 182 -36.66 -8.94 -39.89
N ILE H 183 -37.92 -8.60 -39.58
CA ILE H 183 -39.04 -9.15 -40.33
C ILE H 183 -39.01 -8.69 -41.78
N LYS H 184 -38.89 -7.37 -41.98
CA LYS H 184 -38.81 -6.83 -43.34
C LYS H 184 -37.60 -7.40 -44.08
N LYS H 185 -36.50 -7.62 -43.36
CA LYS H 185 -35.32 -8.22 -43.99
C LYS H 185 -35.57 -9.67 -44.37
N SER H 186 -36.29 -10.41 -43.52
CA SER H 186 -36.50 -11.84 -43.77
C SER H 186 -37.11 -12.06 -45.14
N ARG H 187 -38.11 -11.26 -45.50
CA ARG H 187 -38.70 -11.35 -46.82
C ARG H 187 -37.79 -10.78 -47.90
N GLU H 188 -36.88 -9.88 -47.54
CA GLU H 188 -35.89 -9.38 -48.50
C GLU H 188 -35.03 -10.52 -49.04
N GLU H 189 -34.69 -11.48 -48.19
CA GLU H 189 -33.84 -12.60 -48.56
C GLU H 189 -34.63 -13.85 -48.93
N GLY H 190 -35.92 -13.70 -49.22
CA GLY H 190 -36.75 -14.81 -49.62
C GLY H 190 -37.14 -15.76 -48.51
N LYS H 191 -36.93 -15.39 -47.25
CA LYS H 191 -37.32 -16.22 -46.13
C LYS H 191 -38.73 -15.85 -45.65
N ARG H 192 -39.29 -16.71 -44.81
CA ARG H 192 -40.62 -16.48 -44.24
C ARG H 192 -40.55 -16.47 -42.72
N PRO H 193 -40.76 -15.34 -42.06
CA PRO H 193 -40.79 -15.32 -40.59
C PRO H 193 -41.93 -16.18 -40.07
N ARG H 194 -41.58 -17.26 -39.38
CA ARG H 194 -42.56 -18.25 -38.94
C ARG H 194 -42.73 -18.31 -37.43
N LEU H 195 -41.65 -18.20 -36.66
CA LEU H 195 -41.71 -18.35 -35.22
C LEU H 195 -40.67 -17.45 -34.57
N ALA H 196 -41.03 -16.87 -33.43
CA ALA H 196 -40.15 -15.99 -32.68
C ALA H 196 -40.07 -16.44 -31.23
N VAL H 197 -38.86 -16.42 -30.68
CA VAL H 197 -38.63 -16.71 -29.27
C VAL H 197 -38.53 -15.38 -28.54
N ILE H 198 -39.41 -15.16 -27.56
CA ILE H 198 -39.56 -13.87 -26.90
C ILE H 198 -39.46 -14.08 -25.40
N ASP H 199 -38.66 -13.25 -24.73
CA ASP H 199 -38.49 -13.33 -23.29
C ASP H 199 -39.52 -12.46 -22.58
N VAL H 200 -39.90 -12.88 -21.38
CA VAL H 200 -40.67 -12.04 -20.47
C VAL H 200 -39.67 -11.21 -19.66
N VAL H 201 -38.74 -11.90 -19.00
CA VAL H 201 -37.61 -11.28 -18.32
C VAL H 201 -36.37 -12.04 -18.73
N SER H 202 -35.42 -11.35 -19.37
CA SER H 202 -34.23 -12.01 -19.86
C SER H 202 -33.35 -12.51 -18.71
N SER H 203 -32.48 -13.46 -19.03
CA SER H 203 -31.61 -14.04 -18.03
C SER H 203 -30.40 -13.15 -17.76
N MET H 204 -29.56 -12.95 -18.78
CA MET H 204 -28.34 -12.16 -18.61
C MET H 204 -28.21 -11.13 -19.75
N PRO H 205 -28.39 -9.83 -19.42
CA PRO H 205 -28.70 -9.33 -18.08
C PRO H 205 -30.17 -9.49 -17.71
N GLY H 206 -30.45 -9.68 -16.42
CA GLY H 206 -31.81 -9.85 -15.95
C GLY H 206 -32.61 -8.57 -16.03
N VAL H 207 -33.28 -8.33 -17.17
CA VAL H 207 -34.07 -7.13 -17.39
C VAL H 207 -35.44 -7.52 -17.90
N ARG H 208 -36.40 -6.62 -17.68
CA ARG H 208 -37.74 -6.82 -18.21
C ARG H 208 -37.75 -6.57 -19.72
N PHE H 209 -38.27 -7.53 -20.46
CA PHE H 209 -38.33 -7.44 -21.91
C PHE H 209 -39.69 -6.94 -22.36
N PRO H 210 -39.77 -6.06 -23.42
CA PRO H 210 -41.07 -5.58 -23.90
C PRO H 210 -41.81 -6.63 -24.73
N PHE H 211 -42.14 -7.76 -24.09
CA PHE H 211 -42.78 -8.85 -24.80
C PHE H 211 -44.19 -8.51 -25.27
N GLU H 212 -44.85 -7.56 -24.60
CA GLU H 212 -46.21 -7.20 -25.01
C GLU H 212 -46.24 -6.73 -26.45
N ASP H 213 -45.29 -5.89 -26.85
CA ASP H 213 -45.27 -5.38 -28.22
C ASP H 213 -44.86 -6.45 -29.20
N ILE H 214 -43.86 -7.27 -28.86
CA ILE H 214 -43.36 -8.28 -29.78
C ILE H 214 -44.43 -9.32 -30.07
N VAL H 215 -45.18 -9.75 -29.04
CA VAL H 215 -46.22 -10.74 -29.25
C VAL H 215 -47.34 -10.18 -30.11
N LYS H 216 -47.65 -8.89 -29.96
CA LYS H 216 -48.70 -8.28 -30.77
C LYS H 216 -48.29 -8.15 -32.22
N ILE H 217 -47.02 -7.81 -32.48
CA ILE H 217 -46.53 -7.73 -33.85
C ILE H 217 -46.55 -9.10 -34.51
N CYS H 218 -46.26 -10.15 -33.73
CA CYS H 218 -46.24 -11.50 -34.27
C CYS H 218 -47.60 -11.89 -34.87
N LYS H 219 -48.69 -11.50 -34.20
CA LYS H 219 -50.01 -11.75 -34.76
C LYS H 219 -50.20 -10.96 -36.05
N GLU H 220 -49.66 -9.74 -36.12
CA GLU H 220 -49.80 -8.93 -37.32
C GLU H 220 -48.96 -9.47 -38.47
N GLU H 221 -47.81 -10.06 -38.16
CA GLU H 221 -46.90 -10.59 -39.18
C GLU H 221 -47.03 -12.09 -39.39
N GLU H 222 -48.05 -12.71 -38.78
CA GLU H 222 -48.24 -14.16 -38.83
C GLU H 222 -46.97 -14.90 -38.40
N ILE H 223 -46.51 -14.56 -37.21
CA ILE H 223 -45.34 -15.18 -36.59
C ILE H 223 -45.79 -15.88 -35.33
N ILE H 224 -45.41 -17.14 -35.18
CA ILE H 224 -45.73 -17.89 -33.97
C ILE H 224 -45.00 -17.25 -32.79
N SER H 225 -45.77 -16.82 -31.80
CA SER H 225 -45.20 -16.20 -30.60
C SER H 225 -44.87 -17.30 -29.60
N CYS H 226 -43.59 -17.58 -29.44
CA CYS H 226 -43.09 -18.59 -28.49
C CYS H 226 -42.42 -17.84 -27.36
N VAL H 227 -43.15 -17.64 -26.26
CA VAL H 227 -42.71 -16.77 -25.19
C VAL H 227 -41.94 -17.57 -24.14
N ASP H 228 -40.66 -17.24 -23.98
CA ASP H 228 -39.81 -17.82 -22.94
C ASP H 228 -39.98 -16.96 -21.69
N GLY H 229 -40.90 -17.38 -20.82
CA GLY H 229 -41.13 -16.67 -19.59
C GLY H 229 -40.56 -17.39 -18.39
N ALA H 230 -39.41 -18.06 -18.57
CA ALA H 230 -38.77 -18.78 -17.48
C ALA H 230 -38.60 -17.88 -16.25
N GLN H 231 -38.16 -16.65 -16.46
CA GLN H 231 -38.19 -15.62 -15.41
C GLN H 231 -39.55 -14.94 -15.54
N GLY H 232 -40.56 -15.50 -14.87
CA GLY H 232 -41.91 -15.00 -15.02
C GLY H 232 -42.81 -15.20 -13.82
N ILE H 233 -43.38 -16.40 -13.70
CA ILE H 233 -44.43 -16.63 -12.72
C ILE H 233 -43.87 -16.45 -11.32
N GLY H 234 -44.61 -15.71 -10.49
CA GLY H 234 -44.20 -15.41 -9.13
C GLY H 234 -43.45 -14.10 -8.98
N MET H 235 -42.71 -13.68 -10.00
CA MET H 235 -41.96 -12.43 -9.97
C MET H 235 -42.59 -11.33 -10.80
N VAL H 236 -42.96 -11.63 -12.04
CA VAL H 236 -43.64 -10.69 -12.91
C VAL H 236 -44.97 -11.32 -13.31
N ASP H 237 -45.98 -10.47 -13.52
CA ASP H 237 -47.25 -10.93 -14.05
C ASP H 237 -47.10 -11.14 -15.55
N LEU H 238 -47.39 -12.36 -16.00
CA LEU H 238 -47.22 -12.72 -17.40
C LEU H 238 -48.31 -12.12 -18.30
N LYS H 239 -49.46 -11.77 -17.73
CA LYS H 239 -50.53 -11.11 -18.47
C LYS H 239 -50.92 -11.90 -19.70
N ILE H 240 -51.26 -13.18 -19.48
CA ILE H 240 -51.45 -14.11 -20.58
C ILE H 240 -52.72 -13.76 -21.36
N THR H 241 -53.81 -13.50 -20.65
CA THR H 241 -55.06 -13.16 -21.31
C THR H 241 -54.97 -11.84 -22.06
N GLU H 242 -53.98 -11.00 -21.73
CA GLU H 242 -53.82 -9.72 -22.39
C GLU H 242 -52.95 -9.82 -23.65
N THR H 243 -51.87 -10.59 -23.59
CA THR H 243 -50.96 -10.72 -24.72
C THR H 243 -51.35 -11.86 -25.65
N ASP H 244 -52.02 -12.89 -25.13
CA ASP H 244 -52.49 -14.02 -25.91
C ASP H 244 -51.36 -14.68 -26.71
N PRO H 245 -50.34 -15.22 -26.05
CA PRO H 245 -49.23 -15.84 -26.78
C PRO H 245 -49.61 -17.23 -27.28
N ASP H 246 -48.92 -17.64 -28.35
CA ASP H 246 -49.16 -18.97 -28.90
C ASP H 246 -48.55 -20.05 -28.02
N PHE H 247 -47.45 -19.76 -27.34
CA PHE H 247 -46.82 -20.69 -26.41
C PHE H 247 -46.13 -19.88 -25.32
N LEU H 248 -46.15 -20.40 -24.09
CA LEU H 248 -45.47 -19.75 -22.98
C LEU H 248 -45.03 -20.81 -21.97
N ILE H 249 -43.79 -20.70 -21.52
CA ILE H 249 -43.22 -21.55 -20.50
C ILE H 249 -42.71 -20.66 -19.37
N SER H 250 -42.74 -21.17 -18.14
CA SER H 250 -42.33 -20.37 -17.00
C SER H 250 -41.94 -21.28 -15.85
N ASN H 251 -40.76 -21.03 -15.27
CA ASN H 251 -40.23 -21.87 -14.19
C ASN H 251 -40.92 -21.50 -12.89
N CYS H 252 -41.76 -22.42 -12.38
CA CYS H 252 -42.35 -22.21 -11.07
C CYS H 252 -41.30 -22.31 -9.97
N HIS H 253 -40.21 -23.03 -10.21
CA HIS H 253 -39.17 -23.20 -9.20
C HIS H 253 -38.24 -21.99 -9.14
N1 LLP H 254 -34.73 -18.99 -20.30
C2 LLP H 254 -34.55 -18.04 -19.37
C2' LLP H 254 -34.79 -16.55 -19.73
C3 LLP H 254 -34.14 -18.40 -18.05
O3 LLP H 254 -33.95 -17.41 -17.08
C4 LLP H 254 -33.93 -19.73 -17.72
C4' LLP H 254 -33.47 -20.05 -16.20
C5 LLP H 254 -34.12 -20.69 -18.67
C6 LLP H 254 -34.51 -20.34 -19.97
C5' LLP H 254 -33.88 -22.21 -18.35
OP4 LLP H 254 -34.68 -22.68 -17.29
P LLP H 254 -34.40 -24.09 -16.77
OP1 LLP H 254 -32.93 -24.22 -16.34
OP2 LLP H 254 -34.68 -25.07 -17.85
OP3 LLP H 254 -35.28 -24.36 -15.59
N LLP H 254 -38.47 -21.01 -10.01
CA LLP H 254 -37.58 -19.83 -10.07
CB LLP H 254 -37.46 -19.33 -11.49
CG LLP H 254 -36.18 -19.89 -12.10
CD LLP H 254 -35.89 -19.28 -13.49
CE LLP H 254 -34.62 -19.92 -14.08
NZ LLP H 254 -34.22 -19.20 -15.32
C LLP H 254 -38.07 -18.79 -9.13
O LLP H 254 -37.31 -18.34 -8.28
N TRP H 255 -39.34 -18.38 -9.25
CA TRP H 255 -39.86 -17.32 -8.40
C TRP H 255 -41.22 -17.61 -7.78
N LEU H 256 -41.64 -18.88 -7.75
CA LEU H 256 -42.92 -19.25 -7.16
C LEU H 256 -42.76 -20.20 -5.97
N PHE H 257 -41.54 -20.36 -5.44
CA PHE H 257 -41.28 -21.17 -4.26
C PHE H 257 -41.70 -22.63 -4.48
N THR H 258 -41.58 -23.10 -5.69
CA THR H 258 -41.86 -24.46 -6.11
C THR H 258 -40.57 -25.29 -6.07
N PRO H 259 -40.63 -26.54 -5.59
CA PRO H 259 -39.43 -27.37 -5.54
C PRO H 259 -38.77 -27.47 -6.92
N ARG H 260 -37.44 -27.58 -6.89
CA ARG H 260 -36.65 -27.50 -8.11
C ARG H 260 -37.05 -28.58 -9.09
N GLY H 261 -37.31 -28.16 -10.33
CA GLY H 261 -37.73 -29.08 -11.36
C GLY H 261 -39.21 -28.96 -11.69
N CYS H 262 -39.66 -27.74 -11.95
CA CYS H 262 -41.06 -27.55 -12.33
C CYS H 262 -41.19 -26.28 -13.16
N ALA H 263 -41.92 -26.40 -14.28
CA ALA H 263 -42.24 -25.26 -15.13
C ALA H 263 -43.65 -25.44 -15.66
N VAL H 264 -44.41 -24.34 -15.68
CA VAL H 264 -45.79 -24.36 -16.17
C VAL H 264 -45.78 -24.08 -17.66
N PHE H 265 -46.51 -24.91 -18.41
CA PHE H 265 -46.56 -24.83 -19.87
C PHE H 265 -47.95 -24.36 -20.29
N TYR H 266 -48.02 -23.17 -20.87
CA TYR H 266 -49.29 -22.61 -21.32
C TYR H 266 -49.40 -22.77 -22.83
N VAL H 267 -50.48 -23.39 -23.27
CA VAL H 267 -50.79 -23.54 -24.69
C VAL H 267 -52.30 -23.30 -24.87
N PRO H 268 -52.71 -22.25 -25.59
CA PRO H 268 -54.14 -22.09 -25.87
C PRO H 268 -54.67 -23.25 -26.69
N VAL H 269 -55.97 -23.52 -26.53
CA VAL H 269 -56.58 -24.71 -27.13
C VAL H 269 -56.43 -24.68 -28.65
N ARG H 270 -56.40 -23.49 -29.25
CA ARG H 270 -56.30 -23.40 -30.71
C ARG H 270 -54.97 -23.94 -31.23
N ASN H 271 -53.93 -23.93 -30.40
CA ASN H 271 -52.60 -24.34 -30.83
C ASN H 271 -52.13 -25.64 -30.20
N GLN H 272 -52.99 -26.31 -29.41
CA GLN H 272 -52.55 -27.54 -28.76
C GLN H 272 -52.35 -28.68 -29.73
N HIS H 273 -53.00 -28.65 -30.90
CA HIS H 273 -52.79 -29.69 -31.91
C HIS H 273 -51.37 -29.69 -32.45
N LEU H 274 -50.65 -28.56 -32.33
CA LEU H 274 -49.28 -28.49 -32.83
C LEU H 274 -48.31 -29.30 -31.97
N ILE H 275 -48.67 -29.60 -30.73
CA ILE H 275 -47.81 -30.42 -29.85
C ILE H 275 -48.19 -31.86 -30.13
N ARG H 276 -47.63 -32.39 -31.23
CA ARG H 276 -47.91 -33.77 -31.61
C ARG H 276 -47.46 -34.75 -30.53
N SER H 277 -46.21 -34.64 -30.10
CA SER H 277 -45.64 -35.53 -29.10
C SER H 277 -45.14 -34.73 -27.90
N THR H 278 -45.19 -35.37 -26.73
CA THR H 278 -44.55 -34.82 -25.56
C THR H 278 -43.04 -35.03 -25.64
N LEU H 279 -42.33 -34.63 -24.60
CA LEU H 279 -40.89 -34.82 -24.56
C LEU H 279 -40.49 -35.43 -23.22
N PRO H 280 -40.10 -36.72 -23.23
CA PRO H 280 -40.07 -37.59 -24.41
C PRO H 280 -41.44 -38.14 -24.80
N THR H 281 -41.49 -38.82 -25.94
CA THR H 281 -42.72 -39.47 -26.39
C THR H 281 -43.11 -40.59 -25.42
N SER H 282 -44.40 -40.73 -25.16
CA SER H 282 -44.85 -41.68 -24.16
C SER H 282 -46.22 -42.23 -24.57
N HIS H 283 -46.95 -42.75 -23.58
CA HIS H 283 -48.15 -43.53 -23.87
C HIS H 283 -49.26 -42.70 -24.52
N GLY H 284 -49.33 -41.40 -24.21
CA GLY H 284 -50.41 -40.58 -24.72
C GLY H 284 -50.27 -40.20 -26.18
N PHE H 285 -49.15 -40.52 -26.82
CA PHE H 285 -48.94 -40.11 -28.20
C PHE H 285 -49.90 -40.83 -29.14
N VAL H 286 -50.51 -40.08 -30.05
CA VAL H 286 -51.49 -40.59 -30.99
C VAL H 286 -50.90 -40.50 -32.40
N PRO H 287 -50.48 -41.61 -33.00
CA PRO H 287 -49.99 -41.58 -34.38
C PRO H 287 -51.01 -41.00 -35.35
N GLN H 288 -50.51 -40.61 -36.53
CA GLN H 288 -51.30 -40.15 -37.68
C GLN H 288 -52.53 -39.34 -37.32
N ASN H 301 -64.91 -34.39 -20.52
CA ASN H 301 -63.80 -35.21 -20.05
C ASN H 301 -62.51 -34.39 -20.04
N LYS H 302 -61.39 -35.06 -20.24
CA LYS H 302 -60.07 -34.43 -20.26
C LYS H 302 -59.48 -34.54 -21.66
N SER H 303 -58.90 -33.44 -22.14
CA SER H 303 -58.35 -33.42 -23.48
C SER H 303 -57.12 -34.32 -23.58
N ALA H 304 -56.87 -34.83 -24.79
CA ALA H 304 -55.69 -35.64 -25.02
C ALA H 304 -54.41 -34.84 -24.79
N PHE H 305 -54.45 -33.54 -25.04
CA PHE H 305 -53.29 -32.69 -24.76
C PHE H 305 -52.93 -32.73 -23.28
N VAL H 306 -53.92 -32.63 -22.41
CA VAL H 306 -53.65 -32.68 -20.97
C VAL H 306 -53.29 -34.10 -20.53
N SER H 307 -53.98 -35.09 -21.09
CA SER H 307 -53.68 -36.49 -20.77
C SER H 307 -52.25 -36.84 -21.15
N ASN H 308 -51.77 -36.30 -22.28
CA ASN H 308 -50.44 -36.64 -22.78
C ASN H 308 -49.34 -36.26 -21.80
N PHE H 309 -49.54 -35.22 -21.00
CA PHE H 309 -48.51 -34.70 -20.11
C PHE H 309 -48.55 -35.29 -18.70
N GLU H 310 -49.47 -36.24 -18.44
CA GLU H 310 -49.53 -36.83 -17.10
C GLU H 310 -48.44 -37.88 -16.89
N PHE H 311 -48.16 -38.68 -17.91
CA PHE H 311 -47.15 -39.73 -17.84
C PHE H 311 -46.27 -39.61 -19.07
N VAL H 312 -45.06 -39.12 -18.87
CA VAL H 312 -44.11 -38.95 -19.96
C VAL H 312 -42.77 -39.56 -19.54
N GLY H 313 -42.83 -40.77 -19.00
CA GLY H 313 -41.64 -41.40 -18.45
C GLY H 313 -41.59 -41.25 -16.95
N THR H 314 -41.05 -42.25 -16.28
CA THR H 314 -41.11 -42.32 -14.82
C THR H 314 -40.17 -41.30 -14.20
N VAL H 315 -40.74 -40.35 -13.46
CA VAL H 315 -39.97 -39.34 -12.73
C VAL H 315 -40.63 -39.11 -11.38
N ASP H 316 -39.92 -38.40 -10.51
CA ASP H 316 -40.48 -37.90 -9.26
C ASP H 316 -41.23 -36.61 -9.55
N ASN H 317 -42.57 -36.67 -9.52
CA ASN H 317 -43.41 -35.51 -9.79
C ASN H 317 -43.81 -34.77 -8.52
N SER H 318 -43.14 -35.03 -7.41
CA SER H 318 -43.42 -34.27 -6.19
C SER H 318 -43.28 -32.75 -6.37
N PRO H 319 -42.32 -32.22 -7.13
CA PRO H 319 -42.33 -30.77 -7.41
C PRO H 319 -43.63 -30.30 -8.04
N PHE H 320 -44.15 -31.03 -9.02
CA PHE H 320 -45.42 -30.64 -9.64
C PHE H 320 -46.53 -30.60 -8.61
N PHE H 321 -46.55 -31.56 -7.69
CA PHE H 321 -47.61 -31.63 -6.69
C PHE H 321 -47.60 -30.42 -5.76
N CYS H 322 -46.41 -29.90 -5.45
CA CYS H 322 -46.28 -28.80 -4.51
C CYS H 322 -46.69 -27.45 -5.08
N VAL H 323 -47.07 -27.38 -6.36
CA VAL H 323 -47.45 -26.10 -6.95
C VAL H 323 -48.68 -25.54 -6.26
N LYS H 324 -49.68 -26.38 -6.00
CA LYS H 324 -50.86 -25.92 -5.28
C LYS H 324 -50.53 -25.49 -3.86
N ASP H 325 -49.49 -26.09 -3.26
CA ASP H 325 -49.12 -25.75 -1.90
C ASP H 325 -48.27 -24.49 -1.84
N ALA H 326 -47.45 -24.24 -2.87
CA ALA H 326 -46.64 -23.04 -2.89
C ALA H 326 -47.52 -21.80 -3.10
N ILE H 327 -48.50 -21.90 -4.01
CA ILE H 327 -49.41 -20.78 -4.24
C ILE H 327 -50.20 -20.47 -2.97
N LYS H 328 -50.75 -21.51 -2.35
CA LYS H 328 -51.54 -21.32 -1.13
C LYS H 328 -50.69 -20.76 -0.01
N TRP H 329 -49.45 -21.24 0.13
CA TRP H 329 -48.56 -20.73 1.16
C TRP H 329 -48.21 -19.27 0.93
N ARG H 330 -47.95 -18.90 -0.33
CA ARG H 330 -47.66 -17.51 -0.65
C ARG H 330 -48.86 -16.61 -0.42
N GLU H 331 -50.07 -17.17 -0.47
CA GLU H 331 -51.28 -16.36 -0.33
C GLU H 331 -51.64 -16.12 1.13
N GLU H 332 -51.40 -17.11 2.00
CA GLU H 332 -51.90 -17.07 3.37
C GLU H 332 -50.83 -16.90 4.43
N VAL H 333 -49.59 -17.30 4.17
CA VAL H 333 -48.48 -16.96 5.05
C VAL H 333 -47.89 -15.61 4.67
N LEU H 334 -47.61 -15.41 3.39
CA LEU H 334 -47.32 -14.10 2.85
C LEU H 334 -48.63 -13.46 2.39
N GLY H 335 -48.54 -12.25 1.83
CA GLY H 335 -49.75 -11.53 1.51
C GLY H 335 -50.44 -11.92 0.23
N GLY H 336 -49.79 -12.69 -0.62
CA GLY H 336 -50.30 -12.99 -1.95
C GLY H 336 -49.37 -12.48 -3.03
N GLU H 337 -49.69 -12.90 -4.26
CA GLU H 337 -48.78 -12.66 -5.39
C GLU H 337 -48.52 -11.17 -5.61
N GLU H 338 -49.58 -10.37 -5.63
CA GLU H 338 -49.42 -8.94 -5.90
C GLU H 338 -48.63 -8.24 -4.80
N ARG H 339 -48.76 -8.68 -3.55
CA ARG H 339 -47.96 -8.11 -2.47
C ARG H 339 -46.51 -8.55 -2.57
N ILE H 340 -46.28 -9.81 -2.93
CA ILE H 340 -44.92 -10.32 -3.07
C ILE H 340 -44.21 -9.59 -4.20
N MET H 341 -44.85 -9.52 -5.38
CA MET H 341 -44.18 -8.94 -6.54
C MET H 341 -43.88 -7.46 -6.33
N GLU H 342 -44.76 -6.73 -5.64
CA GLU H 342 -44.51 -5.31 -5.41
C GLU H 342 -43.28 -5.10 -4.55
N TYR H 343 -43.10 -5.93 -3.52
CA TYR H 343 -41.95 -5.77 -2.63
C TYR H 343 -40.65 -6.04 -3.36
N MET H 344 -40.60 -7.11 -4.16
CA MET H 344 -39.34 -7.53 -4.77
C MET H 344 -38.88 -6.54 -5.84
N THR H 345 -39.82 -6.01 -6.63
CA THR H 345 -39.44 -5.02 -7.64
C THR H 345 -38.98 -3.72 -7.00
N LYS H 346 -39.68 -3.29 -5.95
CA LYS H 346 -39.28 -2.07 -5.24
C LYS H 346 -37.91 -2.25 -4.60
N LEU H 347 -37.66 -3.41 -4.00
CA LEU H 347 -36.36 -3.67 -3.40
C LEU H 347 -35.26 -3.76 -4.46
N ALA H 348 -35.60 -4.25 -5.66
CA ALA H 348 -34.61 -4.36 -6.73
C ALA H 348 -34.16 -2.98 -7.20
N ARG H 349 -35.12 -2.06 -7.40
CA ARG H 349 -34.76 -0.69 -7.77
C ARG H 349 -33.93 -0.04 -6.67
N GLU H 350 -34.47 0.02 -5.46
CA GLU H 350 -33.83 0.74 -4.38
C GLU H 350 -32.49 0.10 -4.00
N GLY H 351 -32.48 -1.21 -3.80
CA GLY H 351 -31.23 -1.88 -3.48
C GLY H 351 -30.23 -1.80 -4.61
N GLY H 352 -30.71 -1.89 -5.85
CA GLY H 352 -29.82 -1.70 -6.99
C GLY H 352 -29.29 -0.29 -7.07
N GLN H 353 -30.10 0.69 -6.70
CA GLN H 353 -29.63 2.08 -6.67
C GLN H 353 -28.59 2.27 -5.58
N LYS H 354 -28.75 1.57 -4.44
CA LYS H 354 -27.80 1.72 -3.34
C LYS H 354 -26.43 1.17 -3.72
N VAL H 355 -26.39 -0.05 -4.28
CA VAL H 355 -25.12 -0.62 -4.72
C VAL H 355 -24.53 0.18 -5.86
N ALA H 356 -25.38 0.84 -6.66
CA ALA H 356 -24.88 1.77 -7.67
C ALA H 356 -24.18 2.95 -7.02
N GLU H 357 -24.72 3.45 -5.90
CA GLU H 357 -24.07 4.54 -5.17
C GLU H 357 -22.76 4.08 -4.54
N ILE H 358 -22.77 2.90 -3.91
CA ILE H 358 -21.56 2.40 -3.25
C ILE H 358 -20.45 2.18 -4.26
N LEU H 359 -20.80 1.62 -5.43
CA LEU H 359 -19.81 1.39 -6.48
C LEU H 359 -19.44 2.65 -7.23
N GLY H 360 -20.29 3.68 -7.19
CA GLY H 360 -20.05 4.85 -8.00
C GLY H 360 -20.32 4.65 -9.47
N THR H 361 -21.12 3.64 -9.83
CA THR H 361 -21.43 3.38 -11.23
C THR H 361 -22.89 3.67 -11.52
N ARG H 362 -23.53 2.79 -12.29
CA ARG H 362 -24.87 3.04 -12.81
C ARG H 362 -25.68 1.75 -12.82
N VAL H 363 -26.98 1.90 -12.60
CA VAL H 363 -27.92 0.80 -12.74
C VAL H 363 -28.32 0.66 -14.20
N LEU H 364 -28.37 -0.57 -14.69
CA LEU H 364 -28.80 -0.82 -16.06
C LEU H 364 -30.28 -0.48 -16.20
N GLU H 365 -30.59 0.56 -16.95
CA GLU H 365 -31.94 1.08 -17.05
C GLU H 365 -32.03 2.00 -18.25
N ASN H 366 -33.19 2.01 -18.89
CA ASN H 366 -33.42 2.87 -20.04
C ASN H 366 -34.11 4.17 -19.61
N SER H 367 -34.38 5.04 -20.58
CA SER H 367 -34.93 6.35 -20.27
C SER H 367 -36.35 6.25 -19.69
N THR H 368 -37.10 5.22 -20.07
CA THR H 368 -38.47 5.06 -19.59
C THR H 368 -38.56 4.25 -18.31
N GLY H 369 -37.45 3.73 -17.81
CA GLY H 369 -37.45 3.00 -16.56
C GLY H 369 -38.21 1.68 -16.59
N THR H 370 -38.19 0.98 -17.72
CA THR H 370 -38.95 -0.26 -17.87
C THR H 370 -38.09 -1.51 -17.77
N LEU H 371 -36.77 -1.37 -17.64
CA LEU H 371 -35.93 -2.56 -17.49
C LEU H 371 -36.13 -3.22 -16.14
N ILE H 372 -36.23 -2.43 -15.07
CA ILE H 372 -36.40 -2.98 -13.73
C ILE H 372 -37.88 -3.08 -13.39
N ARG H 373 -38.62 -3.85 -14.17
CA ARG H 373 -39.99 -4.21 -13.85
C ARG H 373 -40.05 -5.68 -13.41
N CYS H 374 -39.05 -6.10 -12.65
CA CYS H 374 -38.93 -7.46 -12.15
C CYS H 374 -38.19 -7.40 -10.81
N ALA H 375 -37.84 -8.57 -10.28
CA ALA H 375 -37.12 -8.66 -9.01
C ALA H 375 -35.62 -8.75 -9.19
N MET H 376 -35.09 -8.32 -10.34
CA MET H 376 -33.67 -8.40 -10.62
C MET H 376 -33.16 -7.05 -11.10
N VAL H 377 -31.88 -6.79 -10.82
CA VAL H 377 -31.26 -5.51 -11.10
C VAL H 377 -29.83 -5.76 -11.54
N ASN H 378 -29.35 -4.95 -12.49
CA ASN H 378 -28.00 -5.08 -13.04
C ASN H 378 -27.22 -3.79 -12.78
N ILE H 379 -26.04 -3.92 -12.19
CA ILE H 379 -25.21 -2.78 -11.81
C ILE H 379 -23.82 -3.00 -12.38
N ALA H 380 -23.29 -1.98 -13.07
CA ALA H 380 -21.99 -2.09 -13.68
C ALA H 380 -20.89 -2.07 -12.63
N LEU H 381 -19.77 -2.66 -12.96
CA LEU H 381 -18.68 -2.64 -11.99
C LEU H 381 -17.63 -1.60 -12.40
N PRO H 382 -17.00 -0.94 -11.42
CA PRO H 382 -16.07 0.15 -11.74
C PRO H 382 -14.76 -0.31 -12.34
N PHE H 383 -14.81 -1.06 -13.44
CA PHE H 383 -13.63 -1.39 -14.23
C PHE H 383 -14.10 -1.83 -15.61
N VAL H 384 -13.18 -1.82 -16.57
CA VAL H 384 -13.53 -1.88 -17.98
C VAL H 384 -12.55 -2.79 -18.73
N VAL H 385 -13.08 -3.52 -19.72
CA VAL H 385 -12.30 -4.42 -20.57
C VAL H 385 -11.74 -3.64 -21.76
N GLY H 386 -10.49 -3.94 -22.11
CA GLY H 386 -9.93 -3.43 -23.35
C GLY H 386 -10.60 -4.04 -24.56
N GLU H 387 -10.50 -3.32 -25.68
CA GLU H 387 -11.17 -3.77 -26.90
C GLU H 387 -10.59 -5.09 -27.38
N ASP H 388 -11.47 -5.96 -27.87
CA ASP H 388 -11.04 -7.20 -28.49
C ASP H 388 -10.59 -6.91 -29.91
N PRO H 389 -9.32 -7.14 -30.27
CA PRO H 389 -8.90 -6.90 -31.65
C PRO H 389 -9.65 -7.76 -32.66
N LYS H 390 -10.05 -8.97 -32.28
CA LYS H 390 -10.83 -9.80 -33.20
C LYS H 390 -12.27 -9.32 -33.31
N ALA H 391 -12.80 -8.70 -32.25
CA ALA H 391 -14.18 -8.20 -32.24
C ALA H 391 -14.20 -6.84 -31.56
N PRO H 392 -13.85 -5.78 -32.29
CA PRO H 392 -13.81 -4.45 -31.68
C PRO H 392 -15.20 -3.96 -31.28
N VAL H 393 -15.26 -3.35 -30.10
CA VAL H 393 -16.50 -2.78 -29.56
C VAL H 393 -16.26 -1.29 -29.41
N LYS H 394 -16.70 -0.50 -30.39
CA LYS H 394 -16.54 0.95 -30.34
C LYS H 394 -17.78 1.57 -29.72
N LEU H 395 -17.58 2.23 -28.58
CA LEU H 395 -18.65 2.58 -27.69
C LEU H 395 -19.41 3.80 -28.17
N THR H 396 -20.68 3.87 -27.74
CA THR H 396 -21.41 5.13 -27.77
C THR H 396 -20.65 6.16 -26.93
N GLU H 397 -20.82 7.44 -27.22
CA GLU H 397 -20.04 8.38 -26.43
C GLU H 397 -20.41 8.28 -24.94
N LYS H 398 -21.72 8.29 -24.63
CA LYS H 398 -22.12 8.25 -23.23
C LYS H 398 -21.52 7.05 -22.54
N GLU H 399 -21.44 5.92 -23.24
CA GLU H 399 -20.70 4.77 -22.74
C GLU H 399 -19.27 5.15 -22.35
N GLU H 400 -18.62 6.04 -23.12
CA GLU H 400 -17.24 6.25 -22.76
C GLU H 400 -17.06 7.29 -21.67
N LYS H 401 -18.15 7.89 -21.15
CA LYS H 401 -17.94 8.79 -20.02
C LYS H 401 -17.83 8.00 -18.73
N ASP H 402 -18.61 6.92 -18.59
CA ASP H 402 -18.55 6.13 -17.37
C ASP H 402 -17.21 5.43 -17.21
N VAL H 403 -16.60 4.99 -18.32
CA VAL H 403 -15.33 4.30 -18.30
C VAL H 403 -14.19 5.25 -17.97
N GLU H 404 -14.48 6.55 -17.81
CA GLU H 404 -13.41 7.52 -17.62
C GLU H 404 -12.79 7.41 -16.23
N GLY H 405 -11.47 7.33 -16.18
CA GLY H 405 -10.76 7.20 -14.93
C GLY H 405 -10.81 5.82 -14.29
N LEU H 406 -11.59 4.90 -14.84
CA LEU H 406 -11.69 3.56 -14.27
C LEU H 406 -10.45 2.74 -14.62
N TYR H 407 -10.12 1.79 -13.73
CA TYR H 407 -9.08 0.83 -14.03
C TYR H 407 -9.51 -0.04 -15.20
N GLU H 408 -8.62 -0.20 -16.18
CA GLU H 408 -8.91 -0.99 -17.36
C GLU H 408 -8.32 -2.39 -17.20
N ILE H 409 -9.13 -3.39 -17.50
CA ILE H 409 -8.68 -4.78 -17.53
C ILE H 409 -8.44 -5.17 -18.98
N PRO H 410 -7.27 -5.72 -19.32
CA PRO H 410 -7.04 -6.16 -20.71
C PRO H 410 -7.93 -7.34 -21.05
N HIS H 411 -8.27 -7.46 -22.34
CA HIS H 411 -9.15 -8.55 -22.75
C HIS H 411 -8.52 -9.91 -22.50
N GLU H 412 -7.19 -10.01 -22.63
CA GLU H 412 -6.53 -11.28 -22.39
C GLU H 412 -6.76 -11.77 -20.96
N GLU H 413 -6.67 -10.86 -19.99
CA GLU H 413 -6.89 -11.19 -18.59
C GLU H 413 -8.34 -11.07 -18.16
N ALA H 414 -9.26 -10.87 -19.11
CA ALA H 414 -10.66 -10.63 -18.75
C ALA H 414 -11.34 -11.91 -18.29
N ASN H 415 -11.13 -13.01 -19.02
CA ASN H 415 -11.80 -14.26 -18.67
C ASN H 415 -11.33 -14.78 -17.32
N MET H 416 -10.02 -14.73 -17.06
CA MET H 416 -9.52 -15.19 -15.77
C MET H 416 -9.94 -14.25 -14.65
N ALA H 417 -10.19 -12.98 -14.95
CA ALA H 417 -10.70 -12.07 -13.94
C ALA H 417 -12.16 -12.34 -13.65
N PHE H 418 -12.96 -12.58 -14.69
CA PHE H 418 -14.37 -12.89 -14.52
C PHE H 418 -14.57 -14.09 -13.60
N LYS H 419 -13.79 -15.15 -13.81
CA LYS H 419 -13.97 -16.38 -13.05
C LYS H 419 -13.24 -16.33 -11.70
N TRP H 420 -12.20 -15.51 -11.58
CA TRP H 420 -11.57 -15.31 -10.27
C TRP H 420 -12.55 -14.68 -9.29
N MET H 421 -13.40 -13.76 -9.78
CA MET H 421 -14.38 -13.13 -8.91
C MET H 421 -15.39 -14.14 -8.40
N TYR H 422 -15.76 -15.11 -9.23
CA TYR H 422 -16.74 -16.12 -8.81
C TYR H 422 -16.21 -16.95 -7.65
N ASN H 423 -14.93 -17.34 -7.72
CA ASN H 423 -14.36 -18.20 -6.67
C ASN H 423 -14.23 -17.45 -5.35
N VAL H 424 -13.75 -16.21 -5.39
CA VAL H 424 -13.56 -15.45 -4.15
C VAL H 424 -14.89 -15.00 -3.57
N LEU H 425 -15.93 -14.87 -4.39
CA LEU H 425 -17.25 -14.52 -3.86
C LEU H 425 -17.82 -15.64 -2.98
N GLN H 426 -17.49 -16.90 -3.28
CA GLN H 426 -17.97 -18.00 -2.45
C GLN H 426 -16.96 -18.41 -1.38
N ASP H 427 -15.67 -18.47 -1.73
CA ASP H 427 -14.67 -18.92 -0.77
C ASP H 427 -14.46 -17.92 0.35
N GLU H 428 -14.51 -16.61 0.02
CA GLU H 428 -14.32 -15.56 1.01
C GLU H 428 -15.62 -14.99 1.54
N PHE H 429 -16.60 -14.75 0.66
CA PHE H 429 -17.81 -14.03 1.04
C PHE H 429 -19.04 -14.92 1.14
N ASN H 430 -18.96 -16.17 0.72
CA ASN H 430 -20.07 -17.12 0.78
C ASN H 430 -21.32 -16.55 0.14
N THR H 431 -21.18 -16.17 -1.13
CA THR H 431 -22.26 -15.65 -1.93
C THR H 431 -22.02 -16.04 -3.38
N PHE H 432 -22.96 -15.68 -4.24
CA PHE H 432 -22.80 -15.90 -5.68
C PHE H 432 -23.48 -14.76 -6.42
N VAL H 433 -22.73 -14.07 -7.27
CA VAL H 433 -23.26 -12.96 -8.05
C VAL H 433 -22.97 -13.20 -9.53
N PRO H 434 -23.97 -13.54 -10.34
CA PRO H 434 -23.73 -13.68 -11.78
C PRO H 434 -23.48 -12.33 -12.42
N MET H 435 -22.67 -12.34 -13.47
CA MET H 435 -22.23 -11.12 -14.13
C MET H 435 -22.35 -11.26 -15.63
N THR H 436 -23.06 -10.33 -16.26
CA THR H 436 -23.20 -10.29 -17.71
C THR H 436 -22.07 -9.47 -18.31
N PHE H 437 -21.45 -10.00 -19.36
CA PHE H 437 -20.41 -9.29 -20.09
C PHE H 437 -21.04 -8.66 -21.33
N HIS H 438 -21.02 -7.34 -21.39
CA HIS H 438 -21.73 -6.61 -22.44
C HIS H 438 -21.03 -5.29 -22.71
N ARG H 439 -20.50 -5.14 -23.93
CA ARG H 439 -19.87 -3.90 -24.38
C ARG H 439 -18.75 -3.46 -23.43
N ARG H 440 -17.79 -4.37 -23.24
CA ARG H 440 -16.59 -4.11 -22.45
C ARG H 440 -16.90 -3.74 -21.01
N ARG H 441 -17.98 -4.29 -20.45
CA ARG H 441 -18.40 -3.97 -19.10
C ARG H 441 -18.99 -5.22 -18.44
N PHE H 442 -18.72 -5.37 -17.14
CA PHE H 442 -19.35 -6.40 -16.33
C PHE H 442 -20.55 -5.82 -15.61
N TRP H 443 -21.69 -6.51 -15.68
CA TRP H 443 -22.91 -6.09 -15.02
C TRP H 443 -23.32 -7.16 -14.02
N ALA H 444 -23.21 -6.83 -12.72
CA ALA H 444 -23.56 -7.77 -11.67
C ALA H 444 -25.08 -7.86 -11.54
N ARG H 445 -25.61 -9.08 -11.60
CA ARG H 445 -27.04 -9.32 -11.49
C ARG H 445 -27.38 -9.71 -10.06
N LEU H 446 -28.36 -9.01 -9.48
CA LEU H 446 -28.82 -9.27 -8.14
C LEU H 446 -30.29 -9.66 -8.14
N SER H 447 -30.66 -10.54 -7.22
CA SER H 447 -32.04 -11.02 -7.10
C SER H 447 -32.55 -10.65 -5.70
N ALA H 448 -33.47 -9.70 -5.65
CA ALA H 448 -34.11 -9.34 -4.40
C ALA H 448 -35.25 -10.32 -4.10
N GLN H 449 -35.70 -10.33 -2.84
CA GLN H 449 -36.74 -11.26 -2.44
C GLN H 449 -37.32 -10.84 -1.09
N VAL H 450 -38.45 -11.47 -0.75
CA VAL H 450 -39.18 -11.22 0.48
C VAL H 450 -38.31 -11.47 1.71
N TYR H 451 -37.35 -12.37 1.62
CA TYR H 451 -36.48 -12.65 2.76
C TYR H 451 -35.20 -11.82 2.74
N LEU H 452 -35.11 -10.85 1.83
CA LEU H 452 -34.00 -9.92 1.78
C LEU H 452 -34.49 -8.51 2.11
N GLU H 453 -33.54 -7.65 2.48
CA GLU H 453 -33.81 -6.25 2.73
C GLU H 453 -32.60 -5.44 2.25
N MET H 454 -32.66 -4.12 2.39
CA MET H 454 -31.63 -3.29 1.79
C MET H 454 -30.28 -3.46 2.46
N SER H 455 -30.26 -3.85 3.74
CA SER H 455 -28.99 -4.15 4.39
C SER H 455 -28.24 -5.26 3.66
N ASP H 456 -28.97 -6.20 3.06
CA ASP H 456 -28.33 -7.20 2.20
C ASP H 456 -27.67 -6.55 0.99
N PHE H 457 -28.31 -5.51 0.44
CA PHE H 457 -27.75 -4.83 -0.73
C PHE H 457 -26.56 -3.94 -0.35
N GLU H 458 -26.57 -3.37 0.86
CA GLU H 458 -25.39 -2.63 1.31
C GLU H 458 -24.21 -3.57 1.50
N TRP H 459 -24.43 -4.72 2.13
CA TRP H 459 -23.40 -5.75 2.16
C TRP H 459 -23.03 -6.16 0.74
N ALA H 460 -24.02 -6.35 -0.13
CA ALA H 460 -23.73 -6.60 -1.54
C ALA H 460 -22.95 -5.45 -2.14
N GLY H 461 -23.36 -4.21 -1.85
CA GLY H 461 -22.62 -3.06 -2.35
C GLY H 461 -21.18 -3.06 -1.87
N LYS H 462 -20.97 -3.26 -0.57
CA LYS H 462 -19.63 -3.27 -0.02
C LYS H 462 -18.81 -4.46 -0.53
N THR H 463 -19.47 -5.61 -0.70
CA THR H 463 -18.76 -6.79 -1.16
C THR H 463 -18.18 -6.58 -2.55
N LEU H 464 -19.01 -6.14 -3.50
CA LEU H 464 -18.53 -5.90 -4.86
C LEU H 464 -17.60 -4.70 -4.92
N LYS H 465 -17.90 -3.65 -4.15
CA LYS H 465 -17.00 -2.50 -4.08
C LYS H 465 -15.63 -2.93 -3.57
N GLU H 466 -15.60 -3.78 -2.55
CA GLU H 466 -14.33 -4.31 -2.08
C GLU H 466 -13.71 -5.26 -3.09
N LEU H 467 -14.55 -6.00 -3.83
CA LEU H 467 -14.03 -6.97 -4.80
C LEU H 467 -13.39 -6.28 -6.00
N CYS H 468 -13.98 -5.16 -6.45
CA CYS H 468 -13.46 -4.48 -7.63
C CYS H 468 -12.24 -3.64 -7.34
N GLU H 469 -12.12 -3.11 -6.11
CA GLU H 469 -10.86 -2.50 -5.71
C GLU H 469 -9.74 -3.52 -5.71
N ARG H 470 -10.07 -4.80 -5.52
CA ARG H 470 -9.07 -5.85 -5.50
C ARG H 470 -8.63 -6.23 -6.92
N VAL H 471 -9.54 -6.21 -7.89
CA VAL H 471 -9.15 -6.49 -9.26
C VAL H 471 -8.35 -5.34 -9.85
N ALA H 472 -8.49 -4.13 -9.30
CA ALA H 472 -7.66 -3.01 -9.70
C ALA H 472 -6.21 -3.16 -9.24
N LYS H 473 -5.95 -4.08 -8.31
CA LYS H 473 -4.60 -4.38 -7.86
C LYS H 473 -4.05 -5.64 -8.51
N GLY H 474 -4.67 -6.10 -9.60
CA GLY H 474 -4.20 -7.29 -10.30
C GLY H 474 -4.24 -8.55 -9.48
N GLU H 475 -5.21 -8.67 -8.57
CA GLU H 475 -5.23 -9.77 -7.61
C GLU H 475 -5.59 -11.10 -8.27
N TYR H 476 -6.17 -11.08 -9.47
CA TYR H 476 -6.55 -12.31 -10.16
C TYR H 476 -5.36 -13.14 -10.62
N LYS H 477 -4.13 -12.67 -10.41
CA LYS H 477 -2.94 -13.43 -10.78
C LYS H 477 -2.24 -13.99 -9.54
C FMT I . 27.56 15.36 19.06
O1 FMT I . 26.82 15.48 20.02
O2 FMT I . 27.98 14.26 18.66
C FMT J . -29.81 21.11 29.21
O1 FMT J . -28.82 20.59 29.71
O2 FMT J . -30.96 20.91 29.60
S7 8QJ K . 30.55 17.19 16.62
O8 8QJ K . 31.76 18.44 16.62
C9 8QJ K . 31.23 15.74 17.34
N10 8QJ K . 30.47 14.77 17.84
N11 8QJ K . 32.55 15.54 17.40
C12 8QJ K . 32.65 14.33 18.00
C13 8QJ K . 31.37 13.86 18.28
C14 8QJ K . 33.94 13.62 18.33
C15 8QJ K . 35.14 14.56 18.15
C16 8QJ K . 36.05 14.38 19.33
O17 8QJ K . 36.51 13.23 19.59
O18 8QJ K . 36.33 15.37 20.03
N19 8QJ K . 35.86 14.30 16.88
C20 8QJ K . 35.20 15.01 15.77
C22 8QJ K . 35.91 12.87 16.56
C23 8QJ K . 37.23 14.80 16.99
C FMT L . 44.10 39.08 -3.29
O1 FMT L . 45.23 39.37 -2.92
O2 FMT L . 43.59 39.42 -4.35
C FMT M . -20.05 46.24 4.29
O1 FMT M . -20.07 47.27 4.96
O2 FMT M . -21.03 45.80 3.69
C FMT N . 15.92 -36.19 5.08
O1 FMT N . 14.82 -36.17 4.53
O2 FMT N . 16.73 -37.11 4.98
C FMT O . 32.36 -12.25 -18.10
O1 FMT O . 32.49 -11.34 -17.28
O2 FMT O . 31.45 -12.30 -18.92
S7 8QJ P . -44.71 -47.96 -16.22
O8 8QJ P . -43.69 -46.81 -17.04
C9 8QJ P . -46.39 -47.53 -16.47
N10 8QJ P . -47.30 -48.42 -16.82
N11 8QJ P . -46.84 -46.28 -16.32
C12 8QJ P . -48.16 -46.35 -16.61
C13 8QJ P . -48.44 -47.69 -16.91
C14 8QJ P . -49.10 -45.15 -16.56
C15 8QJ P . -50.49 -45.27 -17.22
C16 8QJ P . -50.43 -45.99 -18.55
O17 8QJ P . -49.41 -45.80 -19.26
O18 8QJ P . -51.36 -46.74 -18.95
N19 8QJ P . -51.54 -45.70 -16.25
C20 8QJ P . -51.53 -47.13 -15.97
C22 8QJ P . -52.87 -45.30 -16.73
C23 8QJ P . -51.33 -45.00 -14.97
C FMT Q . -43.44 -51.83 -16.31
O1 FMT Q . -42.54 -52.53 -16.77
O2 FMT Q . -44.41 -52.27 -15.71
C FMT R . -30.67 -17.91 -14.60
O1 FMT R . -29.71 -17.67 -13.87
O2 FMT R . -31.25 -17.06 -15.27
#